data_4PHZ
#
_entry.id   4PHZ
#
_cell.length_a   117.462
_cell.length_b   184.531
_cell.length_c   189.417
_cell.angle_alpha   90.000
_cell.angle_beta   90.000
_cell.angle_gamma   90.000
#
_symmetry.space_group_name_H-M   'P 21 21 21'
#
loop_
_entity.id
_entity.type
_entity.pdbx_description
1 polymer 'unknown peptide'
2 polymer 'Particulate methane monooxygenase subunit C'
3 polymer 'Particulate methane monooxygenase subunit B'
4 polymer 'Particulate methane monooxygenase subunit A'
5 non-polymer 'COPPER (II) ION'
6 non-polymer '(1S)-2-{[{[(2R)-2,3-DIHYDROXYPROPYL]OXY}(HYDROXY)PHOSPHORYL]OXY}-1-[(PALMITOYLOXY)METHYL]ETHYL STEARATE'
7 water water
#
loop_
_entity_poly.entity_id
_entity_poly.type
_entity_poly.pdbx_seq_one_letter_code
_entity_poly.pdbx_strand_id
1 'polypeptide(L)'
;(UNK)(UNK)(UNK)(UNK)(UNK)(UNK)(UNK)(UNK)(UNK)(UNK)(UNK)(UNK)(UNK)(UNK)(UNK)(UNK)
(UNK)(UNK)(UNK)(UNK)(UNK)(UNK)(UNK)(UNK)
;
D,H,N
2 'polypeptide(L)'
;MSSTTSAAAGAAAEVESVVDLRGMWIGLVLLNVFYLIVRIYEQVFGWRAGLDSFAPEFQTYWMSILWTEIPLELVSGLGL
AGYLWKTRDRNVDAVTPREEMRRLVVLVQWLVVYGIAIYWGASFFTEQDGTWHMTVIRDTDFTPSHIIEFYMSYPIYSVI
AVGAFFYAKTRIPYFAHGYSLAFLIVAIGPFMIIPNVGLNEWGHTFWFMEELFVAPLHWGFVFFGWMALGVFGVVLQILM
RIHALVGKEGVKLLTE
;
K,C,G
3 'polypeptide(L)'
;MKKLVKLAAFGAAAAVAATLGAVAPASAHGEKSQQAFLRMRTLNWYDVQWSKTTVNVNEEMVLSGKVHVFSAWPQAVANP
RVSFLNAGEPGPVLVRTAQFIGEQFAPRSVSLEIGKDYAFSINLRGRRAGRWHVHAQINVEGGGPIIGPGQWIEIKGDMK
DFTDPVTLLDGSTVDLEHYGISRVYAWHLPWMAVGAAWIFFWFVRKGIITSYIRVAEGKADDVIGDDDRRIGAIVLALTI
LATIVGYAVTNSTFPRTIPLQAGLQKPLTPIETEGTVGVGKENVTTELNGGVYKVPGRELTINVKVKNNTSQPLRLGEYT
AAGLRFLNPDVFTTKPDFPDYLLADRGLSVDATPIAPGEAKEIVVKIQDARWDIERLSDLAYDTDSQIGGLLFFFSPDGK
RYASEIGGPVIPKFVAGDMP
;
A,E,I
4 'polypeptide(L)'
;MSQSKSGGAVGPFNSVAEAAGCVQTVDWMLLVLLFFAVLGGYHVHFMLTAGDWDFWVDWKDRRMWPTVVPILGVTFCAAS
QAFWWVNFRLPFGAVFAALGLLIGEWINRYVNFWGWTYFPISLVFPSALIVPAIWLDVILLLSGSYVITAVVGSLGWGLL
FYPNNWPAIAAFHQATEQHGQLMTLADLIGFHFVRTSMPEYIRMVERGTLRTFGKDVVPVAAFFSGFVSMMVYFLWWFMG
RWYSTTKVIDTI
;
B,F,J
#
loop_
_chem_comp.id
_chem_comp.type
_chem_comp.name
_chem_comp.formula
CU non-polymer 'COPPER (II) ION' 'Cu 2'
PGT non-polymer '(1S)-2-{[{[(2R)-2,3-DIHYDROXYPROPYL]OXY}(HYDROXY)PHOSPHORYL]OXY}-1-[(PALMITOYLOXY)METHYL]ETHYL STEARATE' 'C40 H79 O10 P'
#
# COMPACT_ATOMS: atom_id res chain seq x y z
N UNK A 1 -43.45 -24.67 -4.21
CA UNK A 1 -44.13 -23.41 -3.75
C UNK A 1 -43.26 -22.59 -2.76
N UNK A 2 -43.72 -22.48 -1.50
CA UNK A 2 -42.93 -21.97 -0.35
C UNK A 2 -42.37 -23.14 0.53
N UNK A 3 -41.68 -24.09 -0.14
CA UNK A 3 -41.22 -25.38 0.44
C UNK A 3 -40.10 -25.24 1.45
N UNK A 4 -38.88 -24.95 0.96
CA UNK A 4 -37.69 -24.77 1.81
C UNK A 4 -37.74 -23.56 2.77
N UNK A 5 -38.89 -22.89 2.85
CA UNK A 5 -39.12 -21.87 3.84
C UNK A 5 -39.97 -22.41 4.99
N UNK A 6 -40.77 -23.45 4.71
CA UNK A 6 -41.62 -24.07 5.74
C UNK A 6 -40.89 -25.18 6.49
N UNK A 7 -40.06 -25.94 5.77
CA UNK A 7 -39.17 -26.94 6.38
C UNK A 7 -38.28 -26.37 7.50
N UNK A 8 -38.13 -25.04 7.53
CA UNK A 8 -37.54 -24.31 8.67
C UNK A 8 -38.49 -24.37 9.88
N UNK A 9 -39.58 -23.59 9.89
CA UNK A 9 -40.56 -23.59 11.01
C UNK A 9 -40.93 -25.00 11.47
N UNK A 10 -40.97 -25.92 10.50
CA UNK A 10 -41.28 -27.32 10.73
C UNK A 10 -40.18 -28.07 11.43
N UNK A 11 -38.94 -27.64 11.25
CA UNK A 11 -37.83 -28.32 11.93
C UNK A 11 -37.37 -27.55 13.18
N UNK A 12 -38.08 -26.47 13.48
CA UNK A 12 -37.91 -25.78 14.76
C UNK A 12 -39.06 -26.22 15.66
N UNK A 13 -40.17 -26.66 15.04
CA UNK A 13 -41.24 -27.35 15.75
C UNK A 13 -40.79 -28.78 16.06
N UNK A 14 -40.65 -29.63 15.04
CA UNK A 14 -40.13 -31.00 15.21
C UNK A 14 -38.90 -31.05 16.12
N UNK A 15 -38.12 -29.97 16.16
CA UNK A 15 -36.91 -29.94 17.03
C UNK A 15 -37.16 -29.61 18.51
N UNK A 16 -38.08 -28.67 18.77
CA UNK A 16 -38.41 -28.24 20.14
C UNK A 16 -39.18 -29.30 20.96
N UNK A 17 -40.00 -30.10 20.28
CA UNK A 17 -40.57 -31.32 20.86
C UNK A 17 -39.46 -32.41 20.94
N UNK A 18 -38.67 -32.28 22.01
CA UNK A 18 -37.44 -33.05 22.32
C UNK A 18 -36.66 -32.26 23.43
N UNK A 19 -37.44 -31.79 24.40
CA UNK A 19 -36.95 -31.13 25.62
C UNK A 19 -37.31 -31.98 26.85
N UNK B 1 1.21 46.69 16.97
CA UNK B 1 2.55 46.26 16.43
C UNK B 1 3.17 45.03 17.14
N UNK B 2 3.67 45.23 18.37
CA UNK B 2 4.16 44.13 19.21
C UNK B 2 3.20 43.90 20.43
N UNK B 3 1.88 43.91 20.15
CA UNK B 3 0.86 43.75 21.21
C UNK B 3 0.74 42.30 21.70
N UNK B 4 0.82 41.33 20.78
CA UNK B 4 0.66 39.89 21.11
C UNK B 4 1.96 39.27 21.66
N UNK B 5 3.08 39.73 21.16
CA UNK B 5 4.38 39.37 21.73
C UNK B 5 4.42 39.83 23.20
N UNK B 6 4.14 41.12 23.43
CA UNK B 6 4.14 41.74 24.76
C UNK B 6 3.09 41.14 25.68
N UNK B 7 1.85 41.02 25.21
CA UNK B 7 0.78 40.33 25.93
C UNK B 7 1.17 39.00 26.63
N UNK B 8 2.06 38.21 26.01
CA UNK B 8 2.52 36.93 26.61
C UNK B 8 3.46 37.13 27.81
N UNK B 9 4.54 37.92 27.66
CA UNK B 9 5.43 38.28 28.81
C UNK B 9 4.69 39.12 29.84
N UNK B 10 3.65 39.82 29.39
CA UNK B 10 2.73 40.52 30.28
C UNK B 10 2.05 39.52 31.20
N UNK B 11 1.29 38.60 30.62
CA UNK B 11 0.48 37.66 31.39
C UNK B 11 1.22 36.43 31.98
N UNK B 12 2.45 36.16 31.53
CA UNK B 12 3.27 35.16 32.21
C UNK B 12 3.74 35.81 33.52
N UNK B 13 4.48 36.92 33.42
CA UNK B 13 4.85 37.74 34.60
C UNK B 13 3.64 38.44 35.32
N UNK B 14 2.43 38.37 34.76
CA UNK B 14 1.23 38.83 35.47
C UNK B 14 0.52 37.66 36.14
N UNK B 15 1.27 36.58 36.38
CA UNK B 15 0.77 35.31 36.94
C UNK B 15 1.83 34.58 37.77
N UNK B 16 3.10 34.79 37.43
CA UNK B 16 4.21 34.41 38.32
C UNK B 16 4.15 35.28 39.59
N UNK B 17 3.98 36.60 39.42
CA UNK B 17 3.70 37.52 40.54
C UNK B 17 2.31 37.23 41.16
N UNK B 18 1.29 37.10 40.31
CA UNK B 18 -0.11 36.97 40.75
C UNK B 18 -0.54 35.65 41.40
N UNK B 19 0.35 34.64 41.44
CA UNK B 19 0.05 33.34 42.06
C UNK B 19 1.14 32.96 43.06
N UNK B 20 1.37 33.86 44.03
CA UNK B 20 2.37 33.73 45.12
C UNK B 20 3.57 32.81 44.79
N GLU C 16 43.46 -25.47 36.93
CA GLU C 16 44.53 -25.72 35.91
C GLU C 16 44.83 -24.40 35.18
N SER C 17 44.04 -24.10 34.16
CA SER C 17 43.97 -22.78 33.50
C SER C 17 42.50 -22.46 33.24
N VAL C 18 42.01 -21.36 33.83
CA VAL C 18 40.63 -20.93 33.58
C VAL C 18 40.48 -20.40 32.13
N VAL C 19 41.44 -19.58 31.73
CA VAL C 19 41.55 -19.01 30.38
C VAL C 19 42.62 -19.73 29.54
N ASP C 20 42.23 -20.49 28.53
CA ASP C 20 43.19 -21.12 27.62
C ASP C 20 43.41 -20.25 26.35
N LEU C 21 42.35 -20.05 25.57
CA LEU C 21 42.34 -19.19 24.34
C LEU C 21 42.87 -19.79 23.08
N ARG C 22 43.63 -20.88 23.18
CA ARG C 22 44.22 -21.53 21.99
C ARG C 22 43.15 -21.88 20.97
N GLY C 23 42.00 -22.38 21.44
CA GLY C 23 40.85 -22.69 20.58
C GLY C 23 40.31 -21.48 19.81
N MET C 24 40.19 -20.34 20.49
CA MET C 24 39.79 -19.12 19.83
C MET C 24 40.73 -18.78 18.68
N TRP C 25 42.00 -18.52 19.03
CA TRP C 25 43.06 -18.30 18.04
C TRP C 25 42.96 -19.25 16.90
N ILE C 26 42.98 -20.56 17.17
CA ILE C 26 42.78 -21.53 16.09
C ILE C 26 41.63 -21.10 15.15
N GLY C 27 40.43 -20.93 15.68
CA GLY C 27 39.25 -20.51 14.91
C GLY C 27 39.41 -19.18 14.18
N LEU C 28 39.83 -18.14 14.91
CA LEU C 28 40.06 -16.84 14.30
C LEU C 28 41.03 -16.89 13.12
N VAL C 29 42.21 -17.47 13.34
CA VAL C 29 43.18 -17.70 12.27
C VAL C 29 42.56 -18.53 11.13
N LEU C 30 42.05 -19.72 11.42
CA LEU C 30 41.40 -20.56 10.42
C LEU C 30 40.21 -19.94 9.68
N LEU C 31 39.77 -18.77 10.09
CA LEU C 31 38.60 -18.15 9.50
C LEU C 31 39.01 -16.96 8.65
N ASN C 32 39.57 -15.94 9.30
CA ASN C 32 40.19 -14.84 8.60
C ASN C 32 41.06 -15.29 7.43
N VAL C 33 41.90 -16.30 7.66
CA VAL C 33 42.70 -16.87 6.59
C VAL C 33 41.83 -17.43 5.45
N PHE C 34 40.84 -18.24 5.80
CA PHE C 34 40.02 -18.87 4.78
C PHE C 34 39.34 -17.83 3.91
N TYR C 35 38.77 -16.81 4.55
CA TYR C 35 38.05 -15.77 3.82
C TYR C 35 38.99 -14.94 2.96
N LEU C 36 40.19 -14.72 3.47
CA LEU C 36 41.21 -13.99 2.76
C LEU C 36 41.53 -14.72 1.47
N ILE C 37 41.76 -16.02 1.57
CA ILE C 37 41.84 -16.83 0.37
C ILE C 37 40.65 -16.53 -0.53
N VAL C 38 39.43 -16.66 0.00
CA VAL C 38 38.20 -16.56 -0.80
C VAL C 38 38.08 -15.20 -1.50
N ARG C 39 38.37 -14.16 -0.74
CA ARG C 39 38.32 -12.83 -1.28
C ARG C 39 39.35 -12.68 -2.39
N ILE C 40 40.60 -13.05 -2.10
CA ILE C 40 41.69 -13.04 -3.06
C ILE C 40 41.31 -13.85 -4.30
N TYR C 41 40.77 -15.04 -4.08
CA TYR C 41 40.39 -15.88 -5.19
C TYR C 41 39.33 -15.22 -6.05
N GLU C 42 38.40 -14.49 -5.44
CA GLU C 42 37.32 -13.90 -6.24
C GLU C 42 37.82 -12.66 -7.00
N GLN C 43 38.85 -12.01 -6.47
CA GLN C 43 39.57 -10.99 -7.23
C GLN C 43 40.02 -11.62 -8.56
N VAL C 44 40.68 -12.77 -8.46
CA VAL C 44 41.26 -13.49 -9.61
C VAL C 44 40.19 -14.08 -10.54
N PHE C 45 39.32 -14.95 -10.04
CA PHE C 45 38.32 -15.60 -10.90
C PHE C 45 36.99 -14.88 -10.94
N GLY C 46 36.92 -13.69 -10.36
CA GLY C 46 35.74 -12.84 -10.49
C GLY C 46 35.74 -12.28 -11.91
N TRP C 47 36.74 -11.46 -12.20
CA TRP C 47 36.99 -10.98 -13.55
C TRP C 47 37.60 -12.01 -14.43
N ARG C 48 36.88 -12.35 -15.49
CA ARG C 48 37.27 -13.40 -16.43
C ARG C 48 37.20 -14.74 -15.72
N ALA C 49 35.98 -15.30 -15.71
CA ALA C 49 35.55 -16.57 -15.07
C ALA C 49 34.11 -16.45 -14.50
N GLY C 50 33.81 -15.31 -13.88
CA GLY C 50 32.52 -15.12 -13.23
C GLY C 50 31.62 -14.06 -13.82
N LEU C 51 31.73 -13.82 -15.13
CA LEU C 51 30.90 -12.82 -15.81
C LEU C 51 29.87 -13.45 -16.75
N ASP C 52 30.25 -14.56 -17.38
CA ASP C 52 29.28 -15.32 -18.16
C ASP C 52 29.01 -16.63 -17.45
N SER C 53 27.77 -16.77 -16.98
CA SER C 53 27.37 -17.96 -16.24
C SER C 53 26.93 -19.10 -17.18
N PHE C 54 26.94 -18.82 -18.48
CA PHE C 54 26.67 -19.83 -19.50
C PHE C 54 27.93 -20.46 -20.11
N ALA C 55 29.09 -19.86 -19.82
CA ALA C 55 30.40 -20.39 -20.22
C ALA C 55 30.79 -21.59 -19.36
N PRO C 56 31.60 -22.53 -19.90
CA PRO C 56 32.04 -23.67 -19.09
C PRO C 56 33.10 -23.35 -18.03
N GLU C 57 33.73 -22.17 -18.12
CA GLU C 57 34.66 -21.70 -17.08
C GLU C 57 33.92 -21.34 -15.80
N PHE C 58 32.61 -21.12 -15.93
CA PHE C 58 31.81 -20.79 -14.76
C PHE C 58 31.61 -22.04 -13.91
N GLN C 59 31.37 -23.15 -14.60
CA GLN C 59 31.21 -24.46 -13.97
C GLN C 59 32.47 -24.83 -13.20
N THR C 60 33.64 -24.60 -13.82
CA THR C 60 34.88 -25.09 -13.27
C THR C 60 35.42 -24.20 -12.12
N TYR C 61 35.02 -22.93 -12.07
CA TYR C 61 35.54 -22.03 -11.04
C TYR C 61 34.55 -21.51 -10.01
N TRP C 62 33.25 -21.60 -10.32
CA TRP C 62 32.23 -21.06 -9.40
C TRP C 62 31.18 -22.04 -9.00
N MET C 63 30.68 -22.82 -9.95
CA MET C 63 29.70 -23.86 -9.63
C MET C 63 30.33 -25.08 -8.93
N SER C 64 31.67 -25.16 -8.94
CA SER C 64 32.38 -26.21 -8.23
C SER C 64 32.24 -25.91 -6.74
N ILE C 65 32.42 -24.65 -6.39
CA ILE C 65 32.31 -24.18 -5.02
C ILE C 65 30.90 -24.40 -4.45
N LEU C 66 29.88 -24.09 -5.25
CA LEU C 66 28.50 -24.23 -4.78
C LEU C 66 28.18 -25.66 -4.47
N TRP C 67 28.56 -26.56 -5.37
CA TRP C 67 28.31 -27.99 -5.20
C TRP C 67 29.11 -28.62 -4.08
N THR C 68 30.30 -28.10 -3.81
CA THR C 68 31.14 -28.51 -2.71
C THR C 68 30.60 -28.07 -1.33
N GLU C 69 30.44 -26.76 -1.18
CA GLU C 69 30.23 -26.14 0.13
C GLU C 69 28.92 -26.54 0.81
N ILE C 70 27.82 -26.58 0.06
CA ILE C 70 26.52 -26.92 0.66
C ILE C 70 26.49 -28.31 1.36
N PRO C 71 26.82 -29.41 0.64
CA PRO C 71 26.86 -30.69 1.36
C PRO C 71 27.91 -30.69 2.49
N LEU C 72 29.08 -30.10 2.23
CA LEU C 72 30.14 -30.02 3.22
C LEU C 72 29.72 -29.20 4.47
N GLU C 73 28.91 -28.18 4.27
CA GLU C 73 28.46 -27.34 5.39
C GLU C 73 27.43 -28.08 6.23
N LEU C 74 26.52 -28.78 5.57
CA LEU C 74 25.47 -29.52 6.23
C LEU C 74 26.02 -30.68 7.08
N VAL C 75 27.13 -31.26 6.63
CA VAL C 75 27.82 -32.30 7.38
C VAL C 75 28.58 -31.67 8.56
N SER C 76 29.39 -30.63 8.33
CA SER C 76 30.00 -29.90 9.48
C SER C 76 29.01 -29.49 10.57
N GLY C 77 27.79 -29.10 10.17
CA GLY C 77 26.77 -28.61 11.07
C GLY C 77 26.27 -29.72 11.98
N LEU C 78 25.76 -30.79 11.38
CA LEU C 78 25.32 -31.96 12.15
C LEU C 78 26.50 -32.61 12.87
N GLY C 79 27.69 -32.54 12.29
CA GLY C 79 28.87 -33.15 12.89
C GLY C 79 29.16 -32.47 14.20
N LEU C 80 29.44 -31.17 14.11
CA LEU C 80 29.65 -30.31 15.28
C LEU C 80 28.51 -30.49 16.27
N ALA C 81 27.32 -30.68 15.74
CA ALA C 81 26.17 -30.93 16.55
C ALA C 81 26.30 -32.22 17.38
N GLY C 82 26.14 -33.35 16.72
CA GLY C 82 26.26 -34.66 17.36
C GLY C 82 27.44 -34.73 18.30
N TYR C 83 28.62 -34.39 17.82
CA TYR C 83 29.81 -34.48 18.64
C TYR C 83 29.64 -33.83 20.00
N LEU C 84 29.09 -32.64 20.02
CA LEU C 84 28.90 -31.93 21.28
C LEU C 84 27.79 -32.43 22.18
N TRP C 85 26.76 -33.02 21.60
CA TRP C 85 25.80 -33.74 22.39
C TRP C 85 26.43 -34.96 23.01
N LYS C 86 27.16 -35.73 22.21
CA LYS C 86 27.79 -36.94 22.72
C LYS C 86 28.77 -36.66 23.84
N THR C 87 29.65 -35.70 23.65
CA THR C 87 30.59 -35.38 24.72
C THR C 87 29.97 -34.47 25.78
N ARG C 88 28.64 -34.40 25.78
CA ARG C 88 27.97 -33.59 26.76
C ARG C 88 28.28 -34.11 28.18
N ASP C 89 28.48 -33.16 29.11
CA ASP C 89 28.61 -33.45 30.53
C ASP C 89 27.33 -34.07 31.18
N ARG C 90 27.37 -35.40 31.36
CA ARG C 90 26.23 -36.21 31.81
C ARG C 90 25.84 -35.96 33.25
N ASN C 91 26.74 -35.33 33.99
CA ASN C 91 26.47 -34.93 35.34
C ASN C 91 26.82 -33.45 35.54
N VAL C 92 26.03 -32.59 34.88
CA VAL C 92 26.41 -31.18 34.69
C VAL C 92 26.26 -30.32 35.94
N ASP C 93 25.36 -30.73 36.85
CA ASP C 93 25.08 -29.94 38.05
C ASP C 93 26.20 -30.10 39.07
N ALA C 94 26.98 -31.16 38.88
CA ALA C 94 28.13 -31.40 39.73
C ALA C 94 29.31 -30.44 39.48
N VAL C 95 29.39 -29.88 38.28
CA VAL C 95 30.47 -28.92 37.90
C VAL C 95 30.85 -27.90 38.99
N THR C 96 32.15 -27.77 39.25
CA THR C 96 32.66 -26.91 40.31
C THR C 96 32.84 -25.49 39.81
N PRO C 97 32.81 -24.48 40.72
CA PRO C 97 33.06 -23.06 40.35
C PRO C 97 34.25 -22.79 39.43
N ARG C 98 35.34 -23.52 39.56
CA ARG C 98 36.50 -23.28 38.70
C ARG C 98 36.28 -23.91 37.34
N GLU C 99 35.59 -25.04 37.30
CA GLU C 99 35.35 -25.71 36.05
C GLU C 99 34.23 -25.02 35.28
N GLU C 100 33.30 -24.37 36.00
CA GLU C 100 32.24 -23.64 35.33
C GLU C 100 32.84 -22.39 34.76
N MET C 101 33.61 -21.67 35.59
CA MET C 101 34.30 -20.48 35.13
C MET C 101 35.14 -20.75 33.90
N ARG C 102 35.81 -21.89 33.84
CA ARG C 102 36.53 -22.24 32.62
C ARG C 102 35.57 -22.40 31.44
N ARG C 103 34.52 -23.21 31.61
CA ARG C 103 33.53 -23.44 30.55
C ARG C 103 32.86 -22.13 30.00
N LEU C 104 32.52 -21.20 30.90
CA LEU C 104 32.01 -19.91 30.50
C LEU C 104 33.00 -19.17 29.60
N VAL C 105 34.28 -19.18 29.98
CA VAL C 105 35.29 -18.58 29.16
C VAL C 105 35.44 -19.31 27.81
N VAL C 106 35.23 -20.61 27.75
CA VAL C 106 35.22 -21.27 26.42
C VAL C 106 33.98 -20.85 25.63
N LEU C 107 32.87 -20.63 26.35
CA LEU C 107 31.66 -20.14 25.70
C LEU C 107 31.87 -18.73 25.11
N VAL C 108 32.48 -17.82 25.88
CA VAL C 108 32.81 -16.53 25.32
C VAL C 108 33.73 -16.67 24.12
N GLN C 109 34.62 -17.65 24.14
CA GLN C 109 35.43 -17.93 22.95
C GLN C 109 34.60 -18.26 21.75
N TRP C 110 33.76 -19.28 21.84
CA TRP C 110 32.81 -19.57 20.80
C TRP C 110 32.09 -18.35 20.28
N LEU C 111 31.71 -17.45 21.17
CA LEU C 111 30.95 -16.27 20.77
C LEU C 111 31.81 -15.27 20.03
N VAL C 112 33.06 -15.15 20.46
CA VAL C 112 33.99 -14.26 19.73
C VAL C 112 34.13 -14.70 18.30
N VAL C 113 34.35 -16.00 18.05
CA VAL C 113 34.33 -16.57 16.69
C VAL C 113 33.00 -16.31 15.99
N TYR C 114 31.87 -16.65 16.60
CA TYR C 114 30.57 -16.16 16.09
C TYR C 114 30.56 -14.69 15.64
N GLY C 115 31.02 -13.76 16.48
CA GLY C 115 31.11 -12.34 16.07
C GLY C 115 31.81 -12.16 14.72
N ILE C 116 33.02 -12.71 14.60
CA ILE C 116 33.77 -12.60 13.37
C ILE C 116 33.06 -13.27 12.20
N ALA C 117 32.46 -14.43 12.39
CA ALA C 117 31.72 -15.03 11.30
C ALA C 117 30.53 -14.15 10.85
N ILE C 118 29.90 -13.46 11.80
CA ILE C 118 28.80 -12.54 11.54
C ILE C 118 29.36 -11.34 10.78
N TYR C 119 30.47 -10.77 11.25
CA TYR C 119 31.12 -9.71 10.48
C TYR C 119 31.33 -10.05 8.99
N TRP C 120 31.85 -11.24 8.68
CA TRP C 120 32.11 -11.60 7.30
C TRP C 120 30.87 -11.87 6.52
N GLY C 121 29.99 -12.69 7.07
CA GLY C 121 28.76 -13.07 6.38
C GLY C 121 27.74 -11.95 6.23
N ALA C 122 27.59 -11.14 7.28
CA ALA C 122 26.54 -10.09 7.34
C ALA C 122 27.04 -8.71 6.97
N SER C 123 28.33 -8.46 7.11
CA SER C 123 28.82 -7.20 6.61
C SER C 123 29.53 -7.36 5.26
N PHE C 124 30.71 -7.98 5.28
CA PHE C 124 31.63 -8.01 4.15
C PHE C 124 31.08 -8.62 2.90
N PHE C 125 30.65 -9.87 2.93
CA PHE C 125 30.14 -10.52 1.70
C PHE C 125 28.73 -10.14 1.38
N THR C 126 28.10 -9.38 2.28
CA THR C 126 26.73 -8.94 2.04
C THR C 126 26.71 -7.61 1.30
N GLU C 127 27.55 -6.67 1.74
CA GLU C 127 27.58 -5.39 1.09
C GLU C 127 28.41 -5.48 -0.18
N GLN C 128 29.19 -6.54 -0.30
CA GLN C 128 30.03 -6.79 -1.46
C GLN C 128 29.12 -7.06 -2.63
N ASP C 129 28.13 -7.91 -2.42
CA ASP C 129 27.11 -8.21 -3.45
C ASP C 129 26.46 -6.95 -4.06
N GLY C 130 26.39 -5.89 -3.24
CA GLY C 130 25.86 -4.59 -3.69
C GLY C 130 26.61 -4.05 -4.88
N THR C 131 27.94 -4.23 -4.87
CA THR C 131 28.84 -3.74 -5.93
C THR C 131 28.95 -4.68 -7.13
N TRP C 132 28.89 -5.98 -6.90
CA TRP C 132 28.78 -6.92 -8.00
C TRP C 132 27.50 -6.80 -8.83
N HIS C 133 26.43 -6.26 -8.25
CA HIS C 133 25.19 -6.06 -9.00
C HIS C 133 25.35 -4.95 -10.00
N MET C 134 26.30 -4.06 -9.74
CA MET C 134 26.61 -2.93 -10.62
C MET C 134 27.67 -3.29 -11.66
N THR C 135 27.95 -4.58 -11.76
CA THR C 135 29.02 -5.12 -12.57
C THR C 135 28.49 -6.25 -13.46
N VAL C 136 27.24 -6.64 -13.25
CA VAL C 136 26.58 -7.63 -14.11
C VAL C 136 25.11 -7.33 -14.29
N ILE C 137 24.50 -8.04 -15.23
CA ILE C 137 23.06 -8.05 -15.41
C ILE C 137 22.48 -9.45 -15.08
N ARG C 138 23.36 -10.38 -14.72
CA ARG C 138 23.03 -11.67 -14.07
C ARG C 138 22.40 -12.74 -15.01
N ASP C 139 23.14 -13.85 -15.22
CA ASP C 139 22.64 -15.01 -15.99
C ASP C 139 21.83 -15.97 -15.11
N THR C 140 21.91 -15.78 -13.79
CA THR C 140 21.27 -16.65 -12.78
C THR C 140 21.33 -15.97 -11.39
N ASP C 141 20.86 -16.66 -10.35
CA ASP C 141 21.06 -16.18 -8.96
C ASP C 141 22.26 -16.84 -8.28
N PHE C 142 22.87 -17.81 -8.96
CA PHE C 142 24.18 -18.29 -8.57
C PHE C 142 25.25 -17.45 -9.30
N THR C 143 25.42 -16.19 -8.88
CA THR C 143 26.57 -15.38 -9.29
C THR C 143 27.77 -15.72 -8.37
N PRO C 144 28.99 -15.21 -8.68
CA PRO C 144 30.09 -15.40 -7.72
C PRO C 144 29.75 -14.91 -6.31
N SER C 145 29.23 -13.69 -6.18
CA SER C 145 28.94 -13.12 -4.89
C SER C 145 27.87 -13.88 -4.09
N HIS C 146 26.80 -14.30 -4.76
CA HIS C 146 25.76 -15.12 -4.13
C HIS C 146 26.26 -16.46 -3.66
N ILE C 147 27.17 -17.04 -4.43
CA ILE C 147 27.78 -18.31 -4.07
C ILE C 147 28.50 -18.14 -2.74
N ILE C 148 29.34 -17.12 -2.63
CA ILE C 148 30.04 -16.83 -1.38
C ILE C 148 29.08 -16.36 -0.27
N GLU C 149 28.26 -15.35 -0.56
CA GLU C 149 27.38 -14.74 0.44
C GLU C 149 26.32 -15.71 0.94
N PHE C 150 25.32 -16.02 0.14
CA PHE C 150 24.23 -16.84 0.66
C PHE C 150 24.64 -18.26 0.97
N TYR C 151 25.55 -18.82 0.20
CA TYR C 151 25.76 -20.26 0.29
C TYR C 151 27.05 -20.63 0.98
N MET C 152 27.80 -19.65 1.45
CA MET C 152 29.00 -19.96 2.17
C MET C 152 29.07 -19.19 3.46
N SER C 153 29.41 -17.91 3.38
CA SER C 153 29.58 -17.09 4.59
C SER C 153 28.39 -17.17 5.55
N TYR C 154 27.18 -17.28 5.00
CA TYR C 154 25.99 -17.35 5.82
C TYR C 154 25.86 -18.68 6.52
N PRO C 155 25.82 -19.80 5.77
CA PRO C 155 25.87 -21.10 6.44
C PRO C 155 27.01 -21.25 7.47
N ILE C 156 28.20 -20.75 7.15
CA ILE C 156 29.30 -20.82 8.12
C ILE C 156 28.93 -20.17 9.44
N TYR C 157 28.49 -18.92 9.46
CA TYR C 157 28.21 -18.31 10.77
C TYR C 157 27.01 -18.97 11.42
N SER C 158 26.19 -19.62 10.61
CA SER C 158 25.06 -20.37 11.11
C SER C 158 25.50 -21.62 11.88
N VAL C 159 26.41 -22.39 11.28
CA VAL C 159 27.04 -23.52 11.95
C VAL C 159 27.66 -23.11 13.28
N ILE C 160 28.46 -22.06 13.26
CA ILE C 160 29.11 -21.60 14.50
C ILE C 160 28.15 -21.18 15.61
N ALA C 161 27.05 -20.50 15.25
CA ALA C 161 25.92 -20.18 16.14
C ALA C 161 25.37 -21.41 16.86
N VAL C 162 25.07 -22.46 16.10
CA VAL C 162 24.64 -23.74 16.62
C VAL C 162 25.71 -24.35 17.56
N GLY C 163 26.97 -24.31 17.14
CA GLY C 163 28.09 -24.80 17.96
C GLY C 163 28.02 -24.18 19.33
N ALA C 164 28.10 -22.86 19.38
CA ALA C 164 28.10 -22.11 20.63
C ALA C 164 26.86 -22.45 21.48
N PHE C 165 25.73 -22.61 20.82
CA PHE C 165 24.50 -22.92 21.50
C PHE C 165 24.62 -24.27 22.17
N PHE C 166 25.04 -25.28 21.44
CA PHE C 166 25.19 -26.61 22.03
C PHE C 166 26.32 -26.74 23.03
N TYR C 167 27.36 -25.95 22.88
CA TYR C 167 28.39 -25.96 23.89
C TYR C 167 27.73 -25.62 25.19
N ALA C 168 27.16 -24.43 25.27
CA ALA C 168 26.45 -23.97 26.45
C ALA C 168 25.39 -24.97 26.92
N LYS C 169 24.61 -25.51 25.99
CA LYS C 169 23.61 -26.53 26.36
C LYS C 169 24.22 -27.75 27.07
N THR C 170 25.43 -28.15 26.64
CA THR C 170 25.99 -29.44 27.04
C THR C 170 27.12 -29.29 28.09
N ARG C 171 27.43 -28.07 28.49
CA ARG C 171 28.51 -27.87 29.43
C ARG C 171 28.14 -26.92 30.56
N ILE C 172 27.06 -26.17 30.42
CA ILE C 172 26.78 -25.16 31.47
C ILE C 172 25.39 -25.40 32.03
N PRO C 173 25.28 -25.58 33.36
CA PRO C 173 24.02 -26.05 33.94
C PRO C 173 22.88 -25.06 33.62
N TYR C 174 23.15 -23.76 33.79
CA TYR C 174 22.16 -22.76 33.41
C TYR C 174 21.59 -22.99 32.01
N PHE C 175 22.47 -23.31 31.07
CA PHE C 175 22.04 -23.61 29.71
C PHE C 175 21.54 -25.03 29.50
N ALA C 176 21.86 -25.90 30.44
CA ALA C 176 21.59 -27.30 30.28
C ALA C 176 20.13 -27.59 30.52
N HIS C 177 19.50 -26.87 31.45
CA HIS C 177 18.07 -27.10 31.63
C HIS C 177 17.21 -25.92 31.37
N GLY C 178 16.26 -26.16 30.48
CA GLY C 178 15.54 -25.13 29.79
C GLY C 178 16.32 -24.68 28.57
N TYR C 179 15.76 -23.72 27.84
CA TYR C 179 16.44 -23.11 26.70
C TYR C 179 16.50 -21.62 26.91
N SER C 180 17.72 -21.08 26.84
CA SER C 180 17.87 -19.64 26.88
C SER C 180 17.15 -19.15 25.62
N LEU C 181 16.24 -18.19 25.80
CA LEU C 181 15.44 -17.67 24.69
C LEU C 181 16.32 -16.83 23.78
N ALA C 182 17.08 -15.90 24.37
CA ALA C 182 18.07 -15.15 23.63
C ALA C 182 18.95 -16.05 22.76
N PHE C 183 19.40 -17.18 23.31
CA PHE C 183 20.31 -18.07 22.58
C PHE C 183 19.56 -18.84 21.51
N LEU C 184 18.31 -19.16 21.78
CA LEU C 184 17.48 -19.87 20.85
C LEU C 184 17.30 -19.05 19.59
N ILE C 185 17.02 -17.77 19.83
CA ILE C 185 16.81 -16.79 18.78
C ILE C 185 18.09 -16.59 18.02
N VAL C 186 19.22 -16.59 18.72
CA VAL C 186 20.53 -16.42 18.10
C VAL C 186 20.87 -17.57 17.16
N ALA C 187 20.52 -18.78 17.54
CA ALA C 187 20.91 -19.95 16.77
C ALA C 187 19.93 -20.30 15.67
N ILE C 188 18.69 -19.83 15.81
CA ILE C 188 17.63 -20.17 14.84
C ILE C 188 17.27 -18.96 13.99
N GLY C 189 17.40 -17.78 14.57
CA GLY C 189 17.39 -16.53 13.81
C GLY C 189 17.95 -16.72 12.41
N PRO C 190 19.24 -17.06 12.27
CA PRO C 190 19.90 -17.39 10.99
C PRO C 190 19.02 -18.03 9.91
N PHE C 191 18.24 -19.05 10.25
CA PHE C 191 17.40 -19.76 9.25
C PHE C 191 16.15 -18.97 8.82
N MET C 192 16.01 -17.74 9.31
CA MET C 192 14.94 -16.84 8.87
C MET C 192 15.54 -15.55 8.30
N ILE C 193 16.86 -15.53 8.09
CA ILE C 193 17.52 -14.45 7.35
C ILE C 193 17.42 -14.70 5.84
N ILE C 194 17.16 -15.94 5.46
CA ILE C 194 16.95 -16.27 4.05
C ILE C 194 15.70 -15.59 3.42
N PRO C 195 14.57 -15.39 4.18
CA PRO C 195 13.58 -14.38 3.75
C PRO C 195 14.09 -12.93 3.81
N ASN C 196 13.54 -12.08 2.95
CA ASN C 196 14.05 -10.71 2.70
C ASN C 196 15.50 -10.77 2.26
N VAL C 197 15.65 -10.91 0.93
CA VAL C 197 16.93 -11.05 0.24
C VAL C 197 16.71 -11.07 -1.28
N TRP C 226 12.89 -9.46 11.34
CA TRP C 226 13.60 -9.45 12.62
C TRP C 226 15.08 -9.48 12.50
N MET C 227 15.76 -9.09 13.58
CA MET C 227 17.20 -9.17 13.63
C MET C 227 17.69 -9.89 14.90
N ALA C 228 18.82 -10.60 14.77
CA ALA C 228 19.43 -11.35 15.87
C ALA C 228 20.49 -10.51 16.62
N LEU C 229 19.99 -9.52 17.36
CA LEU C 229 20.71 -8.90 18.46
C LEU C 229 20.45 -9.72 19.74
N GLY C 230 20.09 -10.98 19.56
CA GLY C 230 19.85 -11.86 20.71
C GLY C 230 21.11 -12.18 21.53
N VAL C 231 22.24 -11.62 21.11
CA VAL C 231 23.50 -11.86 21.77
C VAL C 231 23.54 -10.95 22.97
N PHE C 232 22.70 -9.95 22.95
CA PHE C 232 22.53 -9.11 24.12
C PHE C 232 22.19 -9.91 25.37
N GLY C 233 21.18 -10.77 25.21
CA GLY C 233 20.67 -11.57 26.30
C GLY C 233 21.60 -12.71 26.69
N VAL C 234 22.20 -13.36 25.70
CA VAL C 234 23.23 -14.34 25.99
C VAL C 234 24.42 -13.74 26.74
N VAL C 235 24.98 -12.61 26.35
CA VAL C 235 26.03 -12.13 27.26
C VAL C 235 25.52 -11.70 28.64
N LEU C 236 24.26 -11.29 28.79
CA LEU C 236 23.78 -10.99 30.15
C LEU C 236 23.70 -12.29 30.98
N GLN C 237 23.33 -13.37 30.30
CA GLN C 237 23.22 -14.66 30.94
C GLN C 237 24.60 -15.11 31.40
N ILE C 238 25.58 -15.09 30.51
CA ILE C 238 26.99 -15.30 30.91
C ILE C 238 27.45 -14.38 32.04
N LEU C 239 27.13 -13.10 31.98
CA LEU C 239 27.53 -12.17 33.04
C LEU C 239 26.89 -12.45 34.40
N MET C 240 25.70 -13.06 34.42
CA MET C 240 25.02 -13.42 35.67
C MET C 240 25.78 -14.53 36.39
N ARG C 241 26.12 -15.57 35.63
CA ARG C 241 26.91 -16.66 36.12
C ARG C 241 28.23 -16.12 36.67
N ILE C 242 28.97 -15.39 35.88
CA ILE C 242 30.20 -14.81 36.36
C ILE C 242 29.98 -14.09 37.68
N HIS C 243 28.98 -13.23 37.79
CA HIS C 243 28.69 -12.50 39.04
C HIS C 243 28.54 -13.42 40.20
N ALA C 244 27.79 -14.51 40.00
CA ALA C 244 27.53 -15.46 41.06
C ALA C 244 28.79 -16.22 41.45
N LEU C 245 29.55 -16.70 40.47
CA LEU C 245 30.74 -17.52 40.71
C LEU C 245 31.89 -16.78 41.34
N VAL C 246 31.90 -15.46 41.23
CA VAL C 246 32.81 -14.66 42.01
C VAL C 246 32.18 -14.50 43.41
N GLY C 247 32.96 -14.76 44.44
CA GLY C 247 32.42 -14.70 45.81
C GLY C 247 31.99 -13.29 46.17
N LYS C 248 31.25 -13.15 47.26
CA LYS C 248 30.95 -11.84 47.84
C LYS C 248 32.25 -11.03 47.99
N GLU C 249 33.37 -11.76 47.98
CA GLU C 249 34.69 -11.17 48.19
C GLU C 249 35.28 -10.63 46.91
N GLY C 250 35.49 -11.50 45.92
CA GLY C 250 35.84 -11.06 44.58
C GLY C 250 34.95 -9.90 44.11
N VAL C 251 33.66 -10.04 44.34
CA VAL C 251 32.66 -9.04 43.96
C VAL C 251 32.84 -7.73 44.72
N LYS C 252 31.94 -7.48 45.67
CA LYS C 252 31.82 -6.23 46.41
C LYS C 252 33.18 -5.65 46.78
N LEU C 253 34.07 -6.52 47.27
CA LEU C 253 35.38 -6.07 47.69
C LEU C 253 36.33 -5.86 46.52
N LEU C 254 36.76 -6.94 45.87
CA LEU C 254 37.97 -6.88 45.04
C LEU C 254 37.90 -6.04 43.79
N THR C 255 36.87 -6.27 42.97
CA THR C 255 36.65 -5.44 41.79
C THR C 255 35.89 -4.15 42.18
N GLU C 256 35.46 -4.09 43.44
CA GLU C 256 34.80 -2.91 44.03
C GLU C 256 33.39 -2.75 43.49
N UNK D 1 42.93 -25.26 -11.77
CA UNK D 1 43.17 -24.99 -10.31
C UNK D 1 41.95 -25.29 -9.45
N UNK D 2 40.88 -24.51 -9.61
CA UNK D 2 39.81 -24.44 -8.60
C UNK D 2 38.81 -25.60 -8.43
N UNK D 3 38.88 -26.59 -9.35
CA UNK D 3 38.12 -27.87 -9.25
C UNK D 3 38.33 -28.51 -7.88
N UNK D 4 39.17 -27.84 -7.10
CA UNK D 4 39.51 -28.16 -5.72
C UNK D 4 40.13 -26.97 -4.96
N UNK D 5 40.45 -25.85 -5.63
CA UNK D 5 41.25 -24.80 -4.93
C UNK D 5 40.51 -23.98 -3.86
N UNK D 6 39.18 -23.99 -3.92
CA UNK D 6 38.31 -23.39 -2.90
C UNK D 6 37.41 -24.48 -2.38
N UNK D 7 36.83 -25.26 -3.29
CA UNK D 7 36.08 -26.43 -2.88
C UNK D 7 36.80 -27.12 -1.73
N UNK D 8 38.14 -27.16 -1.81
CA UNK D 8 38.93 -27.97 -0.90
C UNK D 8 39.94 -27.21 -0.03
N UNK D 9 39.87 -25.88 0.03
CA UNK D 9 40.49 -25.16 1.16
C UNK D 9 39.54 -25.31 2.35
N UNK D 10 38.36 -25.85 2.04
CA UNK D 10 37.28 -26.04 3.00
C UNK D 10 37.40 -27.35 3.80
N UNK D 11 37.63 -28.50 3.14
CA UNK D 11 37.96 -29.75 3.89
C UNK D 11 39.22 -29.50 4.70
N UNK D 12 40.19 -28.76 4.17
CA UNK D 12 41.40 -28.41 4.93
C UNK D 12 41.05 -27.65 6.23
N UNK D 13 40.43 -26.48 6.11
CA UNK D 13 40.15 -25.64 7.28
C UNK D 13 39.25 -26.29 8.37
N UNK D 14 38.42 -27.26 7.95
CA UNK D 14 37.49 -28.02 8.85
C UNK D 14 38.08 -29.32 9.45
N UNK D 15 38.90 -30.06 8.68
CA UNK D 15 39.61 -31.22 9.23
C UNK D 15 40.76 -30.72 10.12
N UNK D 16 41.46 -29.68 9.69
CA UNK D 16 42.54 -29.08 10.51
C UNK D 16 42.00 -28.36 11.76
N UNK D 17 40.75 -28.64 12.14
CA UNK D 17 40.05 -27.97 13.25
C UNK D 17 39.38 -29.01 14.16
N UNK D 18 38.73 -29.97 13.49
CA UNK D 18 38.31 -31.21 14.11
C UNK D 18 39.51 -31.96 14.73
N UNK D 19 40.72 -31.71 14.23
CA UNK D 19 41.98 -32.15 14.87
C UNK D 19 42.41 -31.17 15.99
N UNK D 20 42.88 -29.96 15.63
CA UNK D 20 43.35 -28.94 16.63
C UNK D 20 42.53 -28.81 17.95
N UNK D 21 41.20 -28.69 17.80
CA UNK D 21 40.28 -28.36 18.90
C UNK D 21 39.71 -29.60 19.62
N UNK D 22 39.81 -30.77 18.98
CA UNK D 22 39.45 -32.07 19.62
C UNK D 22 40.44 -32.48 20.74
N UNK D 23 41.54 -31.74 20.86
CA UNK D 23 42.33 -31.70 22.11
C UNK D 23 41.72 -30.64 23.06
N UNK D 24 42.38 -29.48 23.23
CA UNK D 24 41.79 -28.28 23.86
C UNK D 24 42.63 -27.01 23.57
N HIS E 29 -28.10 -10.64 -17.59
CA HIS E 29 -29.46 -10.12 -17.23
C HIS E 29 -29.43 -8.97 -16.28
N GLY E 30 -28.29 -8.81 -15.60
CA GLY E 30 -28.11 -7.77 -14.59
C GLY E 30 -28.24 -6.34 -15.09
N GLU E 31 -27.97 -6.12 -16.37
CA GLU E 31 -27.83 -4.79 -16.97
C GLU E 31 -28.80 -3.72 -16.47
N LYS E 32 -30.07 -4.07 -16.23
CA LYS E 32 -31.08 -3.13 -15.71
C LYS E 32 -30.63 -2.44 -14.43
N SER E 33 -29.93 -3.17 -13.57
CA SER E 33 -29.50 -2.64 -12.29
C SER E 33 -28.29 -1.71 -12.39
N GLN E 34 -27.50 -1.85 -13.46
CA GLN E 34 -26.31 -1.01 -13.63
C GLN E 34 -26.72 0.44 -13.82
N GLN E 35 -25.80 1.34 -13.51
CA GLN E 35 -26.07 2.78 -13.52
C GLN E 35 -26.35 3.27 -14.94
N ALA E 36 -27.50 3.91 -15.10
CA ALA E 36 -27.96 4.35 -16.44
C ALA E 36 -26.90 5.14 -17.23
N PHE E 37 -26.34 6.18 -16.65
CA PHE E 37 -25.35 7.00 -17.38
C PHE E 37 -24.09 6.23 -17.81
N LEU E 38 -23.59 5.33 -16.97
CA LEU E 38 -22.42 4.48 -17.38
C LEU E 38 -22.72 3.58 -18.58
N ARG E 39 -23.97 3.15 -18.65
CA ARG E 39 -24.39 2.24 -19.66
C ARG E 39 -24.42 2.90 -21.03
N MET E 40 -24.79 4.17 -21.02
CA MET E 40 -24.95 4.95 -22.26
C MET E 40 -23.64 5.50 -22.76
N ARG E 41 -22.74 5.84 -21.82
CA ARG E 41 -21.50 6.58 -22.14
C ARG E 41 -20.25 5.67 -22.13
N THR E 42 -20.42 4.38 -22.39
CA THR E 42 -19.23 3.52 -22.48
C THR E 42 -19.14 2.83 -23.83
N LEU E 43 -19.73 1.65 -23.92
CA LEU E 43 -19.83 0.94 -25.18
C LEU E 43 -21.20 1.15 -25.82
N ASN E 44 -21.15 1.45 -27.12
CA ASN E 44 -22.31 1.68 -27.94
C ASN E 44 -22.38 0.54 -28.95
N TRP E 45 -23.39 -0.31 -28.76
CA TRP E 45 -23.51 -1.57 -29.49
C TRP E 45 -24.40 -1.40 -30.70
N TYR E 46 -23.96 -1.89 -31.84
CA TYR E 46 -24.83 -1.90 -33.00
C TYR E 46 -24.62 -3.12 -33.88
N ASP E 47 -25.63 -3.43 -34.69
CA ASP E 47 -25.59 -4.50 -35.65
C ASP E 47 -25.35 -5.85 -35.00
N VAL E 48 -25.86 -5.99 -33.77
CA VAL E 48 -25.75 -7.25 -33.05
C VAL E 48 -26.68 -8.28 -33.72
N GLN E 49 -26.13 -9.47 -33.97
CA GLN E 49 -26.81 -10.55 -34.70
C GLN E 49 -26.51 -11.94 -34.20
N TRP E 50 -27.56 -12.75 -34.07
CA TRP E 50 -27.42 -14.16 -33.72
C TRP E 50 -27.74 -15.03 -34.90
N SER E 51 -26.68 -15.61 -35.47
CA SER E 51 -26.78 -16.59 -36.55
C SER E 51 -28.04 -17.47 -36.45
N LYS E 52 -28.26 -18.11 -35.30
CA LYS E 52 -29.50 -18.89 -35.04
C LYS E 52 -30.20 -18.48 -33.75
N THR E 53 -31.48 -18.85 -33.58
CA THR E 53 -32.10 -18.71 -32.26
C THR E 53 -32.63 -20.05 -31.78
N THR E 54 -32.26 -21.12 -32.48
CA THR E 54 -32.54 -22.49 -32.07
C THR E 54 -31.37 -23.31 -32.48
N VAL E 55 -30.93 -24.22 -31.61
CA VAL E 55 -29.77 -25.01 -31.93
C VAL E 55 -29.80 -26.38 -31.24
N ASN E 56 -29.13 -27.36 -31.86
CA ASN E 56 -28.96 -28.68 -31.27
C ASN E 56 -27.67 -28.74 -30.48
N VAL E 57 -27.68 -29.51 -29.42
CA VAL E 57 -26.44 -29.88 -28.74
C VAL E 57 -25.39 -30.29 -29.81
N ASN E 58 -24.25 -29.58 -29.82
CA ASN E 58 -23.12 -29.76 -30.75
C ASN E 58 -23.20 -28.94 -32.04
N GLU E 59 -24.34 -28.28 -32.24
CA GLU E 59 -24.51 -27.44 -33.42
C GLU E 59 -23.98 -26.02 -33.12
N GLU E 60 -23.21 -25.46 -34.05
CA GLU E 60 -22.58 -24.12 -33.93
C GLU E 60 -23.58 -22.96 -34.13
N MET E 61 -23.19 -21.76 -33.67
CA MET E 61 -23.91 -20.52 -33.98
C MET E 61 -22.92 -19.36 -33.82
N VAL E 62 -23.21 -18.20 -34.40
CA VAL E 62 -22.35 -17.04 -34.15
C VAL E 62 -23.10 -15.81 -33.65
N LEU E 63 -22.64 -15.30 -32.52
CA LEU E 63 -23.06 -13.99 -32.08
C LEU E 63 -22.01 -13.04 -32.63
N SER E 64 -22.47 -12.02 -33.35
CA SER E 64 -21.57 -11.03 -33.93
C SER E 64 -22.14 -9.64 -33.78
N GLY E 65 -21.30 -8.65 -34.02
CA GLY E 65 -21.76 -7.29 -33.91
C GLY E 65 -20.65 -6.30 -34.05
N LYS E 66 -20.95 -5.06 -33.71
CA LYS E 66 -19.93 -4.04 -33.73
C LYS E 66 -20.13 -3.21 -32.46
N VAL E 67 -19.07 -2.54 -32.03
CA VAL E 67 -19.15 -1.66 -30.85
C VAL E 67 -18.37 -0.34 -31.00
N HIS E 68 -18.92 0.74 -30.46
CA HIS E 68 -18.25 2.05 -30.51
C HIS E 68 -17.89 2.56 -29.14
N VAL E 69 -16.60 2.79 -29.00
CA VAL E 69 -16.02 3.22 -27.75
C VAL E 69 -16.28 4.70 -27.56
N PHE E 70 -17.29 5.04 -26.77
CA PHE E 70 -17.65 6.43 -26.52
C PHE E 70 -16.45 7.38 -26.25
N SER E 71 -16.57 8.61 -26.70
CA SER E 71 -15.40 9.46 -26.79
C SER E 71 -15.12 10.19 -25.47
N ALA E 72 -16.17 10.41 -24.67
CA ALA E 72 -16.02 11.04 -23.35
C ALA E 72 -16.12 10.02 -22.19
N TRP E 73 -15.14 9.13 -22.14
CA TRP E 73 -15.15 7.99 -21.21
C TRP E 73 -15.20 8.38 -19.76
N PRO E 74 -16.13 7.77 -19.01
CA PRO E 74 -16.39 8.25 -17.64
C PRO E 74 -15.28 7.88 -16.68
N GLN E 75 -14.96 8.79 -15.77
CA GLN E 75 -13.92 8.62 -14.75
C GLN E 75 -14.04 7.29 -14.01
N ALA E 76 -15.27 7.02 -13.58
CA ALA E 76 -15.68 5.83 -12.82
C ALA E 76 -15.23 4.50 -13.43
N VAL E 77 -14.91 4.50 -14.72
CA VAL E 77 -14.51 3.28 -15.37
C VAL E 77 -13.10 3.44 -15.90
N ALA E 78 -12.23 2.53 -15.54
CA ALA E 78 -10.89 2.61 -16.09
C ALA E 78 -10.89 2.70 -17.62
N ASN E 79 -9.86 3.34 -18.17
CA ASN E 79 -9.57 3.28 -19.60
C ASN E 79 -9.62 1.84 -20.10
N PRO E 80 -10.30 1.61 -21.27
CA PRO E 80 -10.50 0.26 -21.79
C PRO E 80 -9.30 -0.28 -22.53
N ARG E 81 -8.14 0.26 -22.20
CA ARG E 81 -6.84 -0.24 -22.64
C ARG E 81 -6.66 -1.76 -22.41
N VAL E 82 -7.32 -2.30 -21.38
CA VAL E 82 -7.35 -3.73 -21.10
C VAL E 82 -8.81 -4.21 -20.92
N SER E 83 -9.26 -5.08 -21.82
CA SER E 83 -10.65 -5.47 -21.87
C SER E 83 -10.73 -6.89 -22.35
N PHE E 84 -11.90 -7.50 -22.22
CA PHE E 84 -12.09 -8.88 -22.64
C PHE E 84 -13.50 -9.09 -23.20
N LEU E 85 -13.53 -9.61 -24.44
CA LEU E 85 -14.76 -10.01 -25.15
C LEU E 85 -15.33 -11.26 -24.54
N ASN E 86 -16.64 -11.31 -24.33
CA ASN E 86 -17.25 -12.45 -23.70
C ASN E 86 -18.71 -12.68 -24.10
N ALA E 87 -19.17 -13.93 -23.97
CA ALA E 87 -20.57 -14.29 -24.19
C ALA E 87 -21.33 -14.20 -22.87
N GLY E 88 -22.16 -13.19 -22.74
CA GLY E 88 -22.92 -13.00 -21.52
C GLY E 88 -23.94 -14.10 -21.41
N GLU E 89 -23.64 -15.13 -20.62
CA GLU E 89 -24.43 -16.35 -20.64
C GLU E 89 -24.32 -17.14 -19.32
N PRO E 90 -25.47 -17.65 -18.78
CA PRO E 90 -25.57 -18.38 -17.49
C PRO E 90 -24.78 -19.73 -17.41
N GLY E 91 -23.46 -19.64 -17.28
CA GLY E 91 -22.60 -20.82 -17.25
C GLY E 91 -22.49 -21.35 -18.65
N PRO E 92 -21.71 -22.44 -18.85
CA PRO E 92 -21.52 -22.94 -20.21
C PRO E 92 -22.71 -23.76 -20.75
N VAL E 93 -23.85 -23.08 -21.00
CA VAL E 93 -24.96 -23.68 -21.74
C VAL E 93 -24.64 -23.76 -23.24
N LEU E 94 -23.74 -22.88 -23.68
CA LEU E 94 -23.10 -22.94 -24.97
C LEU E 94 -21.59 -22.84 -24.77
N VAL E 95 -20.86 -23.74 -25.40
CA VAL E 95 -19.42 -23.64 -25.36
C VAL E 95 -18.82 -22.68 -26.40
N ARG E 96 -18.14 -21.65 -25.94
CA ARG E 96 -17.41 -20.75 -26.85
C ARG E 96 -16.29 -21.48 -27.54
N THR E 97 -16.23 -21.35 -28.85
CA THR E 97 -15.31 -22.12 -29.67
C THR E 97 -14.18 -21.27 -30.24
N ALA E 98 -14.52 -20.00 -30.49
CA ALA E 98 -13.56 -18.96 -30.81
C ALA E 98 -14.29 -17.64 -30.72
N GLN E 99 -13.51 -16.57 -30.67
CA GLN E 99 -14.08 -15.23 -30.70
C GLN E 99 -13.04 -14.28 -31.29
N PHE E 100 -13.54 -13.17 -31.82
CA PHE E 100 -12.72 -12.27 -32.59
C PHE E 100 -13.19 -10.87 -32.31
N ILE E 101 -12.26 -9.93 -32.35
CA ILE E 101 -12.59 -8.52 -32.23
C ILE E 101 -11.40 -7.75 -32.76
N GLY E 102 -11.69 -6.62 -33.41
CA GLY E 102 -10.65 -5.77 -33.99
C GLY E 102 -9.86 -6.59 -34.98
N GLU E 103 -10.55 -7.53 -35.63
CA GLU E 103 -9.99 -8.41 -36.65
C GLU E 103 -8.91 -9.29 -36.08
N GLN E 104 -9.03 -9.59 -34.79
CA GLN E 104 -8.12 -10.50 -34.10
C GLN E 104 -8.86 -11.60 -33.35
N PHE E 105 -8.23 -12.77 -33.35
CA PHE E 105 -8.66 -13.90 -32.55
C PHE E 105 -8.34 -13.49 -31.13
N ALA E 106 -9.36 -13.47 -30.27
CA ALA E 106 -9.20 -12.88 -28.96
C ALA E 106 -9.55 -13.80 -27.80
N PRO E 107 -8.69 -14.81 -27.54
CA PRO E 107 -8.83 -15.58 -26.28
C PRO E 107 -8.32 -14.82 -25.03
N ARG E 108 -7.50 -13.80 -25.24
CA ARG E 108 -6.86 -13.08 -24.15
C ARG E 108 -7.27 -11.63 -24.19
N SER E 109 -6.85 -10.83 -23.22
CA SER E 109 -7.28 -9.45 -23.15
C SER E 109 -6.80 -8.60 -24.36
N VAL E 110 -7.48 -7.48 -24.60
CA VAL E 110 -7.29 -6.67 -25.83
C VAL E 110 -7.47 -5.19 -25.47
N SER E 111 -6.82 -4.29 -26.23
CA SER E 111 -7.04 -2.86 -26.06
C SER E 111 -8.09 -2.28 -26.99
N LEU E 112 -8.93 -1.43 -26.40
CA LEU E 112 -9.92 -0.70 -27.16
C LEU E 112 -9.56 0.73 -27.03
N GLU E 113 -9.44 1.43 -28.17
CA GLU E 113 -9.17 2.86 -28.15
C GLU E 113 -10.46 3.65 -28.06
N ILE E 114 -10.46 4.66 -27.17
CA ILE E 114 -11.57 5.62 -27.07
C ILE E 114 -11.83 6.32 -28.42
N GLY E 115 -13.10 6.33 -28.81
CA GLY E 115 -13.53 6.90 -30.09
C GLY E 115 -13.63 5.90 -31.23
N LYS E 116 -12.93 4.76 -31.18
CA LYS E 116 -12.99 3.83 -32.30
C LYS E 116 -14.16 2.85 -32.23
N ASP E 117 -14.33 2.11 -33.32
CA ASP E 117 -15.37 1.11 -33.45
C ASP E 117 -14.61 -0.14 -33.74
N TYR E 118 -15.19 -1.25 -33.32
CA TYR E 118 -14.59 -2.55 -33.49
C TYR E 118 -15.75 -3.46 -33.75
N ALA E 119 -15.46 -4.50 -34.54
CA ALA E 119 -16.44 -5.52 -34.87
C ALA E 119 -15.93 -6.77 -34.23
N PHE E 120 -16.87 -7.53 -33.69
CA PHE E 120 -16.54 -8.76 -32.98
C PHE E 120 -17.50 -9.87 -33.36
N SER E 121 -17.07 -11.10 -33.16
CA SER E 121 -17.98 -12.22 -33.23
C SER E 121 -17.47 -13.38 -32.38
N ILE E 122 -18.42 -14.19 -31.94
CA ILE E 122 -18.19 -15.24 -30.99
C ILE E 122 -18.88 -16.48 -31.53
N ASN E 123 -18.12 -17.55 -31.71
CA ASN E 123 -18.67 -18.82 -32.13
C ASN E 123 -19.13 -19.63 -30.92
N LEU E 124 -20.44 -19.79 -30.78
CA LEU E 124 -21.00 -20.63 -29.72
C LEU E 124 -21.51 -22.00 -30.17
N ARG E 125 -21.23 -23.04 -29.38
CA ARG E 125 -21.68 -24.42 -29.63
C ARG E 125 -22.65 -24.90 -28.54
N GLY E 126 -23.82 -25.38 -28.95
CA GLY E 126 -24.89 -25.81 -28.02
C GLY E 126 -24.45 -26.94 -27.09
N ARG E 127 -24.76 -26.78 -25.81
CA ARG E 127 -24.37 -27.76 -24.79
C ARG E 127 -25.49 -28.17 -23.84
N ARG E 128 -26.33 -27.24 -23.41
CA ARG E 128 -27.32 -27.56 -22.40
C ARG E 128 -28.72 -27.22 -22.81
N ALA E 129 -29.56 -28.24 -22.96
CA ALA E 129 -30.96 -28.07 -23.36
C ALA E 129 -31.73 -27.07 -22.47
N GLY E 130 -32.39 -26.09 -23.12
CA GLY E 130 -33.17 -25.09 -22.40
C GLY E 130 -33.31 -23.82 -23.21
N ARG E 131 -33.94 -22.83 -22.59
CA ARG E 131 -34.13 -21.51 -23.20
C ARG E 131 -33.32 -20.39 -22.47
N TRP E 132 -32.12 -20.13 -22.98
CA TRP E 132 -31.15 -19.21 -22.38
C TRP E 132 -31.06 -17.87 -23.07
N HIS E 133 -30.84 -16.80 -22.30
CA HIS E 133 -30.68 -15.45 -22.86
C HIS E 133 -29.23 -15.06 -22.96
N VAL E 134 -28.73 -14.95 -24.18
CA VAL E 134 -27.29 -14.91 -24.44
C VAL E 134 -26.78 -13.55 -24.96
N HIS E 135 -25.89 -12.91 -24.21
CA HIS E 135 -25.47 -11.54 -24.49
C HIS E 135 -24.11 -11.38 -25.10
N ALA E 136 -23.92 -10.26 -25.77
CA ALA E 136 -22.59 -9.76 -26.11
C ALA E 136 -22.10 -9.00 -24.87
N GLN E 137 -20.84 -9.21 -24.53
CA GLN E 137 -20.33 -8.68 -23.30
C GLN E 137 -18.89 -8.31 -23.48
N ILE E 138 -18.53 -7.17 -22.88
CA ILE E 138 -17.14 -6.75 -22.73
C ILE E 138 -16.91 -6.31 -21.28
N ASN E 139 -15.75 -6.71 -20.76
CA ASN E 139 -15.33 -6.34 -19.42
C ASN E 139 -14.11 -5.52 -19.49
N VAL E 140 -14.15 -4.38 -18.80
CA VAL E 140 -12.99 -3.50 -18.72
C VAL E 140 -12.26 -3.70 -17.40
N GLU E 141 -10.93 -3.78 -17.47
CA GLU E 141 -10.14 -4.12 -16.30
C GLU E 141 -10.40 -3.14 -15.17
N GLY E 142 -10.27 -1.86 -15.43
CA GLY E 142 -10.55 -0.93 -14.36
C GLY E 142 -11.96 -1.04 -13.78
N GLY E 143 -12.94 -1.37 -14.63
CA GLY E 143 -14.32 -1.04 -14.33
C GLY E 143 -15.34 -2.13 -14.22
N GLY E 144 -15.17 -3.25 -14.90
CA GLY E 144 -16.14 -4.34 -14.75
C GLY E 144 -16.90 -4.70 -16.01
N PRO E 145 -18.08 -5.35 -15.85
CA PRO E 145 -18.85 -5.85 -17.00
C PRO E 145 -19.71 -4.78 -17.66
N ILE E 146 -19.67 -4.78 -18.99
CA ILE E 146 -20.56 -3.98 -19.81
C ILE E 146 -21.36 -4.96 -20.68
N ILE E 147 -22.68 -4.90 -20.52
CA ILE E 147 -23.55 -5.92 -21.10
C ILE E 147 -24.18 -5.43 -22.41
N GLY E 148 -23.95 -6.19 -23.49
CA GLY E 148 -24.53 -5.89 -24.78
C GLY E 148 -25.96 -6.37 -24.88
N PRO E 149 -26.54 -6.26 -26.09
CA PRO E 149 -27.80 -6.93 -26.40
C PRO E 149 -27.73 -8.45 -26.20
N GLY E 150 -28.84 -9.02 -25.72
CA GLY E 150 -28.94 -10.46 -25.54
C GLY E 150 -30.20 -10.94 -26.18
N GLN E 151 -30.16 -12.19 -26.64
CA GLN E 151 -31.27 -12.83 -27.35
C GLN E 151 -31.50 -14.23 -26.79
N TRP E 152 -32.77 -14.63 -26.68
CA TRP E 152 -33.09 -16.02 -26.35
C TRP E 152 -32.62 -17.01 -27.39
N ILE E 153 -32.00 -18.08 -26.95
CA ILE E 153 -31.50 -19.10 -27.84
C ILE E 153 -31.95 -20.44 -27.26
N GLU E 154 -32.83 -21.14 -27.97
CA GLU E 154 -33.31 -22.45 -27.55
C GLU E 154 -32.28 -23.52 -27.90
N ILE E 155 -32.05 -24.44 -26.97
CA ILE E 155 -31.14 -25.53 -27.28
C ILE E 155 -31.89 -26.85 -27.13
N LYS E 156 -31.72 -27.72 -28.14
CA LYS E 156 -32.37 -29.03 -28.21
C LYS E 156 -31.33 -30.13 -28.18
N GLY E 157 -31.68 -31.24 -27.54
CA GLY E 157 -30.79 -32.39 -27.37
C GLY E 157 -30.62 -32.83 -25.92
N ASP E 158 -29.62 -33.67 -25.70
CA ASP E 158 -29.29 -34.20 -24.38
C ASP E 158 -27.80 -33.96 -24.13
N MET E 159 -27.49 -33.31 -23.01
CA MET E 159 -26.10 -32.93 -22.69
C MET E 159 -25.13 -34.11 -22.74
N LYS E 160 -25.66 -35.31 -22.48
CA LYS E 160 -24.92 -36.57 -22.63
C LYS E 160 -24.24 -36.66 -23.98
N ASP E 161 -24.90 -36.12 -25.02
CA ASP E 161 -24.42 -36.22 -26.41
C ASP E 161 -23.36 -35.19 -26.77
N PHE E 162 -23.28 -34.13 -25.97
CA PHE E 162 -22.28 -33.08 -26.15
C PHE E 162 -20.82 -33.57 -26.12
N THR E 163 -20.07 -33.17 -27.13
CA THR E 163 -18.64 -33.37 -27.13
C THR E 163 -17.97 -32.06 -27.57
N ASP E 164 -16.65 -32.10 -27.74
CA ASP E 164 -15.97 -30.98 -28.38
C ASP E 164 -15.76 -31.16 -29.89
N PRO E 165 -14.68 -31.79 -30.35
CA PRO E 165 -13.45 -32.18 -29.70
C PRO E 165 -12.41 -31.10 -29.99
N VAL E 166 -11.13 -31.48 -29.97
CA VAL E 166 -10.04 -30.53 -30.09
C VAL E 166 -8.80 -31.29 -30.55
N THR E 167 -7.99 -30.67 -31.39
CA THR E 167 -6.81 -31.33 -31.92
C THR E 167 -5.53 -30.83 -31.29
N LEU E 168 -4.76 -31.74 -30.71
CA LEU E 168 -3.46 -31.39 -30.14
C LEU E 168 -2.43 -31.14 -31.25
N LEU E 169 -1.27 -30.61 -30.88
CA LEU E 169 -0.15 -30.37 -31.82
C LEU E 169 0.45 -31.64 -32.44
N ASP E 170 0.46 -32.73 -31.66
CA ASP E 170 0.98 -34.02 -32.12
C ASP E 170 0.03 -34.69 -33.13
N GLY E 171 -1.17 -34.13 -33.27
CA GLY E 171 -2.14 -34.61 -34.25
C GLY E 171 -3.41 -35.19 -33.67
N SER E 172 -3.31 -35.79 -32.49
CA SER E 172 -4.43 -36.51 -31.88
C SER E 172 -5.62 -35.63 -31.46
N THR E 173 -6.80 -36.21 -31.48
CA THR E 173 -7.97 -35.55 -30.92
C THR E 173 -8.23 -35.96 -29.49
N VAL E 174 -8.85 -35.05 -28.73
CA VAL E 174 -9.37 -35.31 -27.38
C VAL E 174 -10.73 -34.65 -27.26
N ASP E 175 -11.58 -35.16 -26.40
CA ASP E 175 -12.85 -34.50 -26.15
C ASP E 175 -12.73 -33.72 -24.85
N LEU E 176 -12.73 -32.38 -24.93
CA LEU E 176 -12.49 -31.58 -23.73
C LEU E 176 -13.55 -31.73 -22.66
N GLU E 177 -14.76 -32.13 -23.06
CA GLU E 177 -15.82 -32.41 -22.10
C GLU E 177 -15.39 -33.41 -20.99
N HIS E 178 -14.46 -34.31 -21.33
CA HIS E 178 -14.04 -35.43 -20.47
C HIS E 178 -12.55 -35.58 -20.38
N TYR E 179 -11.82 -34.98 -21.30
CA TYR E 179 -10.37 -35.21 -21.32
C TYR E 179 -9.73 -34.74 -20.02
N GLY E 180 -8.85 -35.60 -19.51
CA GLY E 180 -7.99 -35.34 -18.34
C GLY E 180 -8.61 -35.68 -17.00
N ILE E 181 -9.94 -35.69 -16.94
CA ILE E 181 -10.68 -35.85 -15.69
C ILE E 181 -10.42 -37.17 -14.96
N SER E 182 -10.15 -38.25 -15.72
CA SER E 182 -9.84 -39.54 -15.08
C SER E 182 -8.53 -39.50 -14.34
N ARG E 183 -7.50 -39.00 -15.00
CA ARG E 183 -6.16 -38.85 -14.44
C ARG E 183 -6.15 -38.07 -13.11
N VAL E 184 -7.00 -37.03 -13.05
CA VAL E 184 -7.15 -36.17 -11.87
C VAL E 184 -7.65 -36.98 -10.67
N TYR E 185 -8.82 -37.61 -10.80
CA TYR E 185 -9.35 -38.55 -9.81
C TYR E 185 -8.38 -39.67 -9.46
N ALA E 186 -7.74 -40.25 -10.49
CA ALA E 186 -6.73 -41.29 -10.28
C ALA E 186 -5.65 -40.86 -9.29
N TRP E 187 -5.28 -39.58 -9.31
CA TRP E 187 -4.27 -39.05 -8.41
C TRP E 187 -4.83 -38.46 -7.13
N HIS E 188 -6.00 -37.86 -7.21
CA HIS E 188 -6.58 -37.18 -6.05
C HIS E 188 -7.16 -38.10 -5.02
N LEU E 189 -7.92 -39.10 -5.46
CA LEU E 189 -8.65 -39.94 -4.50
C LEU E 189 -7.76 -40.91 -3.70
N PRO E 190 -6.78 -41.57 -4.38
CA PRO E 190 -5.77 -42.31 -3.58
C PRO E 190 -5.20 -41.50 -2.41
N TRP E 191 -4.71 -40.30 -2.69
CA TRP E 191 -4.10 -39.46 -1.66
C TRP E 191 -5.03 -39.03 -0.57
N MET E 192 -6.27 -38.74 -0.93
CA MET E 192 -7.26 -38.50 0.10
C MET E 192 -7.48 -39.72 0.98
N ALA E 193 -7.62 -40.89 0.36
CA ALA E 193 -7.76 -42.16 1.11
C ALA E 193 -6.53 -42.39 2.01
N VAL E 194 -5.32 -42.31 1.42
CA VAL E 194 -4.07 -42.41 2.19
C VAL E 194 -4.04 -41.46 3.38
N GLY E 195 -4.43 -40.21 3.15
CA GLY E 195 -4.52 -39.22 4.22
C GLY E 195 -5.46 -39.63 5.34
N ALA E 196 -6.65 -40.15 4.99
CA ALA E 196 -7.65 -40.67 5.96
C ALA E 196 -7.09 -41.86 6.72
N ALA E 197 -6.58 -42.84 5.98
CA ALA E 197 -5.92 -43.99 6.58
C ALA E 197 -5.01 -43.53 7.74
N TRP E 198 -4.13 -42.56 7.45
CA TRP E 198 -3.15 -42.05 8.39
C TRP E 198 -3.79 -41.46 9.60
N ILE E 199 -4.79 -40.61 9.40
CA ILE E 199 -5.54 -40.10 10.53
C ILE E 199 -6.09 -41.26 11.37
N PHE E 200 -6.83 -42.19 10.73
CA PHE E 200 -7.53 -43.27 11.46
C PHE E 200 -6.56 -44.17 12.21
N PHE E 201 -5.43 -44.46 11.56
CA PHE E 201 -4.37 -45.21 12.19
C PHE E 201 -4.03 -44.68 13.59
N TRP E 202 -3.58 -43.44 13.68
CA TRP E 202 -3.25 -42.86 14.99
C TRP E 202 -4.42 -42.72 15.89
N PHE E 203 -5.59 -42.43 15.32
CA PHE E 203 -6.79 -42.31 16.14
C PHE E 203 -7.11 -43.58 16.90
N VAL E 204 -6.77 -44.71 16.29
CA VAL E 204 -7.10 -46.03 16.82
C VAL E 204 -5.99 -46.51 17.77
N ARG E 205 -4.75 -46.57 17.25
CA ARG E 205 -3.58 -47.01 18.02
C ARG E 205 -3.32 -46.22 19.30
N LYS E 206 -3.88 -45.00 19.40
CA LYS E 206 -3.88 -44.20 20.63
C LYS E 206 -5.27 -43.58 20.72
N GLY E 207 -5.74 -43.24 21.91
CA GLY E 207 -7.05 -42.58 21.95
C GLY E 207 -6.95 -41.08 21.72
N ILE E 208 -8.07 -40.39 21.66
CA ILE E 208 -8.00 -38.95 21.83
C ILE E 208 -7.85 -38.77 23.35
N ILE E 209 -8.89 -39.18 24.08
CA ILE E 209 -8.98 -39.12 25.54
C ILE E 209 -7.80 -39.79 26.25
N THR E 210 -7.44 -41.00 25.82
CA THR E 210 -6.29 -41.68 26.39
C THR E 210 -5.04 -40.82 26.28
N SER E 211 -4.76 -40.37 25.05
CA SER E 211 -3.55 -39.61 24.76
C SER E 211 -3.53 -38.31 25.52
N TYR E 212 -4.70 -37.68 25.67
CA TYR E 212 -4.79 -36.39 26.39
C TYR E 212 -4.30 -36.61 27.82
N ILE E 213 -4.99 -37.56 28.45
CA ILE E 213 -4.68 -38.01 29.80
C ILE E 213 -3.19 -38.37 29.93
N ARG E 214 -2.69 -39.27 29.09
CA ARG E 214 -1.28 -39.61 29.15
C ARG E 214 -0.38 -38.35 29.18
N VAL E 215 -0.54 -37.53 28.16
CA VAL E 215 0.25 -36.29 28.02
C VAL E 215 0.09 -35.40 29.25
N ALA E 216 -1.17 -35.18 29.66
CA ALA E 216 -1.45 -34.35 30.83
C ALA E 216 -0.83 -34.90 32.13
N GLU E 217 -0.82 -36.22 32.29
CA GLU E 217 -0.26 -36.87 33.51
C GLU E 217 1.24 -36.66 33.62
N GLY E 218 1.92 -36.72 32.50
CA GLY E 218 3.36 -36.73 32.54
C GLY E 218 3.96 -37.41 31.34
N LYS E 219 3.43 -38.57 30.97
CA LYS E 219 3.95 -39.26 29.80
C LYS E 219 2.81 -39.59 28.84
N ALA E 220 2.77 -39.05 27.61
CA ALA E 220 3.80 -38.25 26.87
C ALA E 220 4.72 -39.14 26.03
N ASP E 221 5.54 -39.95 26.67
CA ASP E 221 6.37 -40.88 25.92
C ASP E 221 5.71 -42.23 25.77
N ASP E 222 4.60 -42.36 26.48
CA ASP E 222 3.76 -43.54 26.40
C ASP E 222 2.92 -43.45 25.14
N VAL E 223 2.69 -42.21 24.69
CA VAL E 223 1.93 -41.98 23.46
C VAL E 223 2.81 -42.28 22.25
N ILE E 224 4.00 -41.69 22.24
CA ILE E 224 4.88 -41.78 21.10
C ILE E 224 6.28 -42.10 21.58
N GLY E 225 6.73 -43.28 21.19
CA GLY E 225 8.15 -43.59 21.20
C GLY E 225 8.37 -44.25 19.87
N ASP E 226 9.58 -44.21 19.34
CA ASP E 226 9.93 -45.13 18.26
C ASP E 226 9.57 -46.45 18.88
N ASP E 227 8.94 -47.36 18.16
CA ASP E 227 8.86 -47.41 16.72
C ASP E 227 7.58 -46.80 16.12
N ASP E 228 6.99 -45.82 16.80
CA ASP E 228 5.95 -45.00 16.17
C ASP E 228 6.68 -44.15 15.14
N ARG E 229 7.85 -43.67 15.57
CA ARG E 229 8.81 -43.01 14.70
C ARG E 229 9.27 -43.84 13.52
N ARG E 230 9.38 -45.16 13.69
CA ARG E 230 9.70 -46.03 12.55
C ARG E 230 8.57 -46.06 11.51
N ILE E 231 7.32 -46.11 11.99
CA ILE E 231 6.17 -46.17 11.10
C ILE E 231 6.10 -44.87 10.29
N GLY E 232 6.34 -43.75 10.98
CA GLY E 232 6.43 -42.44 10.34
C GLY E 232 7.48 -42.42 9.26
N ALA E 233 8.72 -42.77 9.64
CA ALA E 233 9.86 -42.79 8.71
C ALA E 233 9.58 -43.65 7.49
N ILE E 234 8.80 -44.70 7.67
CA ILE E 234 8.46 -45.54 6.54
C ILE E 234 7.38 -44.88 5.68
N VAL E 235 6.28 -44.43 6.30
CA VAL E 235 5.21 -43.80 5.53
C VAL E 235 5.80 -42.65 4.69
N LEU E 236 6.63 -41.82 5.32
CA LEU E 236 7.35 -40.74 4.62
C LEU E 236 8.22 -41.21 3.45
N ALA E 237 9.00 -42.27 3.64
CA ALA E 237 9.78 -42.82 2.53
C ALA E 237 8.89 -43.36 1.42
N LEU E 238 7.77 -43.96 1.78
CA LEU E 238 6.80 -44.43 0.77
C LEU E 238 6.15 -43.27 0.03
N THR E 239 5.85 -42.21 0.76
CA THR E 239 5.20 -41.00 0.19
C THR E 239 6.09 -40.27 -0.83
N ILE E 240 7.33 -39.93 -0.43
CA ILE E 240 8.33 -39.38 -1.35
C ILE E 240 8.52 -40.27 -2.57
N LEU E 241 8.54 -41.58 -2.36
CA LEU E 241 8.75 -42.53 -3.44
C LEU E 241 7.61 -42.46 -4.46
N ALA E 242 6.39 -42.68 -4.00
CA ALA E 242 5.17 -42.51 -4.79
C ALA E 242 5.13 -41.17 -5.55
N THR E 243 5.68 -40.14 -4.93
CA THR E 243 5.74 -38.79 -5.50
C THR E 243 6.79 -38.65 -6.59
N ILE E 244 7.97 -39.24 -6.40
CA ILE E 244 8.98 -39.32 -7.46
C ILE E 244 8.49 -40.16 -8.64
N VAL E 245 7.93 -41.33 -8.33
CA VAL E 245 7.33 -42.20 -9.34
C VAL E 245 6.28 -41.45 -10.16
N GLY E 246 5.20 -41.02 -9.49
CA GLY E 246 4.07 -40.39 -10.15
C GLY E 246 4.51 -39.26 -11.08
N TYR E 247 5.52 -38.53 -10.63
CA TYR E 247 6.09 -37.45 -11.40
C TYR E 247 6.72 -37.98 -12.68
N ALA E 248 7.76 -38.82 -12.54
CA ALA E 248 8.46 -39.42 -13.68
C ALA E 248 7.53 -40.12 -14.68
N VAL E 249 6.49 -40.79 -14.19
CA VAL E 249 5.50 -41.40 -15.08
C VAL E 249 4.76 -40.35 -15.92
N THR E 250 4.05 -39.43 -15.24
CA THR E 250 3.30 -38.37 -15.95
C THR E 250 4.22 -37.55 -16.85
N ASN E 251 5.53 -37.60 -16.57
CA ASN E 251 6.56 -37.00 -17.39
C ASN E 251 6.83 -37.78 -18.68
N SER E 252 6.52 -39.08 -18.68
CA SER E 252 6.70 -39.97 -19.86
C SER E 252 5.48 -39.89 -20.75
N THR E 253 4.29 -40.19 -20.22
CA THR E 253 3.08 -39.73 -20.86
C THR E 253 3.43 -38.26 -20.91
N PHE E 254 2.85 -37.46 -21.81
CA PHE E 254 3.13 -35.98 -21.81
C PHE E 254 4.60 -35.50 -21.64
N PRO E 255 5.50 -35.84 -22.58
CA PRO E 255 6.87 -35.35 -22.38
C PRO E 255 7.14 -33.95 -22.95
N ARG E 256 6.16 -33.34 -23.64
CA ARG E 256 6.31 -31.98 -24.18
C ARG E 256 5.12 -31.10 -23.80
N THR E 257 5.37 -30.19 -22.86
CA THR E 257 4.34 -29.31 -22.31
C THR E 257 4.76 -27.84 -22.35
N ILE E 258 3.77 -26.95 -22.36
CA ILE E 258 4.01 -25.51 -22.44
C ILE E 258 3.37 -24.78 -21.25
N PRO E 259 3.93 -23.63 -20.85
CA PRO E 259 3.27 -22.86 -19.81
C PRO E 259 2.00 -22.23 -20.35
N LEU E 260 1.01 -21.98 -19.47
CA LEU E 260 -0.17 -21.20 -19.83
C LEU E 260 0.26 -19.96 -20.63
N GLN E 261 -0.48 -19.71 -21.70
CA GLN E 261 -0.23 -18.60 -22.60
C GLN E 261 -1.10 -17.44 -22.14
N ALA E 262 -0.41 -16.36 -21.79
CA ALA E 262 -1.06 -15.21 -21.11
C ALA E 262 -0.48 -13.87 -21.55
N GLY E 263 -1.34 -12.85 -21.55
CA GLY E 263 -0.88 -11.50 -21.84
C GLY E 263 -1.78 -10.75 -22.78
N LEU E 264 -1.61 -9.42 -22.77
CA LEU E 264 -2.37 -8.53 -23.65
C LEU E 264 -1.98 -8.75 -25.11
N GLN E 265 -2.98 -8.72 -25.98
CA GLN E 265 -2.77 -8.86 -27.42
C GLN E 265 -2.35 -7.54 -28.07
N LYS E 266 -1.57 -7.63 -29.16
CA LYS E 266 -1.22 -6.48 -30.03
C LYS E 266 -2.47 -5.60 -30.38
N PRO E 267 -2.26 -4.29 -30.64
CA PRO E 267 -3.40 -3.41 -30.85
C PRO E 267 -4.37 -3.87 -31.93
N LEU E 268 -5.66 -3.70 -31.67
CA LEU E 268 -6.69 -4.13 -32.61
C LEU E 268 -6.69 -3.25 -33.88
N THR E 269 -7.44 -3.66 -34.91
CA THR E 269 -7.71 -2.75 -36.03
C THR E 269 -9.19 -2.34 -36.01
N PRO E 270 -9.45 -1.05 -35.86
CA PRO E 270 -10.82 -0.53 -35.83
C PRO E 270 -11.52 -0.70 -37.18
N ILE E 271 -12.85 -0.61 -37.16
CA ILE E 271 -13.70 -0.56 -38.35
C ILE E 271 -13.36 0.70 -39.16
N GLU E 272 -13.23 0.57 -40.49
CA GLU E 272 -12.91 1.72 -41.33
C GLU E 272 -14.00 1.97 -42.40
N THR E 273 -14.76 0.92 -42.71
CA THR E 273 -15.98 1.03 -43.49
C THR E 273 -16.95 1.81 -42.61
N GLU E 274 -17.61 2.88 -43.08
CA GLU E 274 -17.48 3.49 -44.40
C GLU E 274 -18.42 4.68 -44.60
N GLY E 275 -19.17 5.17 -43.60
CA GLY E 275 -18.88 5.00 -42.18
C GLY E 275 -20.02 5.49 -41.29
N THR E 276 -19.93 5.34 -39.96
CA THR E 276 -18.75 4.92 -39.14
C THR E 276 -17.96 6.12 -38.67
N VAL E 277 -18.09 6.35 -37.36
CA VAL E 277 -17.83 7.66 -36.74
C VAL E 277 -16.42 8.17 -37.03
N GLY E 278 -16.34 9.45 -37.39
CA GLY E 278 -15.09 10.14 -37.74
C GLY E 278 -14.20 9.32 -38.66
N VAL E 279 -14.81 8.74 -39.69
CA VAL E 279 -14.06 8.00 -40.71
C VAL E 279 -14.55 8.33 -42.13
N GLY E 280 -13.58 8.54 -43.03
CA GLY E 280 -13.85 8.85 -44.43
C GLY E 280 -14.04 10.35 -44.68
N LYS E 281 -14.27 10.69 -45.94
CA LYS E 281 -14.45 12.09 -46.32
C LYS E 281 -15.83 12.62 -45.92
N GLU E 282 -16.84 11.77 -46.04
CA GLU E 282 -18.23 12.19 -45.79
C GLU E 282 -18.75 11.69 -44.46
N ASN E 283 -19.42 12.57 -43.71
CA ASN E 283 -19.97 12.22 -42.39
C ASN E 283 -21.10 13.13 -41.90
N VAL E 284 -21.75 12.74 -40.81
CA VAL E 284 -22.64 13.63 -40.09
C VAL E 284 -21.94 13.93 -38.77
N THR E 285 -22.19 15.11 -38.21
CA THR E 285 -21.72 15.37 -36.87
C THR E 285 -22.86 15.97 -36.06
N THR E 286 -23.11 15.42 -34.88
CA THR E 286 -24.11 15.95 -33.97
C THR E 286 -23.51 16.52 -32.67
N GLU E 287 -24.11 17.59 -32.18
CA GLU E 287 -23.73 18.16 -30.92
C GLU E 287 -25.00 18.22 -30.14
N LEU E 288 -25.03 17.59 -28.97
CA LEU E 288 -26.19 17.75 -28.10
C LEU E 288 -26.21 19.18 -27.61
N ASN E 289 -27.40 19.74 -27.46
CA ASN E 289 -27.54 21.12 -27.06
C ASN E 289 -28.80 21.28 -26.26
N GLY E 290 -28.79 20.81 -25.01
CA GLY E 290 -30.00 20.78 -24.19
C GLY E 290 -30.79 19.49 -24.38
N GLY E 291 -31.38 19.01 -23.29
CA GLY E 291 -32.11 17.74 -23.23
C GLY E 291 -33.03 17.77 -22.02
N VAL E 292 -34.18 17.12 -22.13
CA VAL E 292 -35.07 17.00 -20.99
C VAL E 292 -35.63 15.57 -20.92
N TYR E 293 -35.64 14.99 -19.72
CA TYR E 293 -36.26 13.69 -19.48
C TYR E 293 -37.22 13.81 -18.32
N LYS E 294 -38.29 13.02 -18.40
CA LYS E 294 -39.33 13.07 -17.38
C LYS E 294 -39.12 12.01 -16.31
N VAL E 295 -39.28 12.47 -15.08
CA VAL E 295 -39.08 11.68 -13.88
C VAL E 295 -40.35 11.86 -13.05
N PRO E 296 -41.15 10.78 -12.88
CA PRO E 296 -40.95 9.50 -13.59
C PRO E 296 -41.38 9.64 -15.04
N GLY E 297 -41.02 8.68 -15.89
CA GLY E 297 -41.43 8.79 -17.26
C GLY E 297 -40.90 7.78 -18.26
N ARG E 298 -41.10 8.14 -19.53
CA ARG E 298 -40.96 7.28 -20.70
C ARG E 298 -40.29 8.12 -21.79
N GLU E 299 -40.07 9.40 -21.49
CA GLU E 299 -39.76 10.46 -22.46
C GLU E 299 -38.37 11.10 -22.35
N LEU E 300 -37.74 11.33 -23.50
CA LEU E 300 -36.55 12.18 -23.57
C LEU E 300 -36.55 13.07 -24.82
N THR E 301 -36.43 14.37 -24.60
CA THR E 301 -36.41 15.34 -25.68
C THR E 301 -35.05 16.00 -25.78
N ILE E 302 -34.42 15.87 -26.94
CA ILE E 302 -33.11 16.46 -27.17
C ILE E 302 -33.02 17.35 -28.42
N ASN E 303 -32.31 18.47 -28.28
CA ASN E 303 -32.00 19.32 -29.42
C ASN E 303 -30.65 18.95 -29.94
N VAL E 304 -30.58 18.66 -31.23
CA VAL E 304 -29.33 18.19 -31.86
C VAL E 304 -28.81 19.10 -32.98
N LYS E 305 -27.64 19.72 -32.82
CA LYS E 305 -27.04 20.45 -33.92
C LYS E 305 -26.46 19.43 -34.86
N VAL E 306 -27.14 19.20 -35.97
CA VAL E 306 -26.58 18.37 -37.03
C VAL E 306 -25.82 19.18 -38.07
N LYS E 307 -24.80 18.55 -38.64
CA LYS E 307 -24.08 19.05 -39.78
C LYS E 307 -23.79 17.84 -40.67
N ASN E 308 -23.74 18.09 -41.97
CA ASN E 308 -23.76 17.06 -43.00
C ASN E 308 -23.34 17.81 -44.24
N ASN E 309 -22.11 17.74 -44.76
CA ASN E 309 -20.96 16.91 -44.40
C ASN E 309 -20.82 15.67 -45.26
N THR E 310 -21.96 15.10 -45.64
CA THR E 310 -22.02 14.20 -46.78
C THR E 310 -22.47 14.99 -47.99
N SER E 311 -22.56 14.29 -49.11
CA SER E 311 -23.07 14.83 -50.35
C SER E 311 -24.47 14.28 -50.60
N GLN E 312 -25.14 13.87 -49.53
CA GLN E 312 -26.50 13.34 -49.62
C GLN E 312 -27.45 14.01 -48.65
N PRO E 313 -28.74 14.00 -48.99
CA PRO E 313 -29.71 14.49 -48.02
C PRO E 313 -29.96 13.36 -47.01
N LEU E 314 -30.02 13.71 -45.72
CA LEU E 314 -30.10 12.67 -44.68
C LEU E 314 -31.31 12.76 -43.75
N ARG E 315 -32.01 11.65 -43.56
CA ARG E 315 -32.99 11.59 -42.47
C ARG E 315 -32.45 10.73 -41.30
N LEU E 316 -32.72 11.21 -40.08
CA LEU E 316 -32.40 10.49 -38.85
C LEU E 316 -33.36 9.31 -38.64
N GLY E 317 -32.83 8.10 -38.72
CA GLY E 317 -33.68 6.91 -38.58
C GLY E 317 -33.62 6.18 -37.25
N GLU E 318 -32.49 6.32 -36.54
CA GLU E 318 -32.21 5.54 -35.32
C GLU E 318 -31.36 6.24 -34.25
N TYR E 319 -31.72 5.97 -33.00
CA TYR E 319 -30.92 6.32 -31.84
C TYR E 319 -30.68 5.09 -30.96
N THR E 320 -29.43 4.61 -30.88
CA THR E 320 -29.07 3.50 -29.98
C THR E 320 -28.41 3.99 -28.69
N ALA E 321 -28.91 3.50 -27.54
CA ALA E 321 -28.32 3.85 -26.24
C ALA E 321 -27.56 2.68 -25.60
N ALA E 322 -28.26 1.78 -24.91
CA ALA E 322 -27.57 0.78 -24.11
C ALA E 322 -27.77 -0.61 -24.71
N GLY E 323 -27.70 -0.68 -26.04
CA GLY E 323 -28.26 -1.81 -26.78
C GLY E 323 -29.68 -1.53 -27.28
N LEU E 324 -30.45 -0.73 -26.53
CA LEU E 324 -31.77 -0.22 -26.95
C LEU E 324 -31.76 0.51 -28.28
N ARG E 325 -32.77 0.24 -29.09
CA ARG E 325 -32.88 0.88 -30.39
C ARG E 325 -34.15 1.73 -30.42
N PHE E 326 -34.00 3.01 -30.65
CA PHE E 326 -35.15 3.84 -30.84
C PHE E 326 -35.27 4.22 -32.33
N LEU E 327 -36.32 3.72 -32.98
CA LEU E 327 -36.46 3.87 -34.45
C LEU E 327 -37.45 4.94 -34.88
N ASN E 328 -37.07 5.70 -35.91
CA ASN E 328 -38.00 6.54 -36.68
C ASN E 328 -38.72 5.61 -37.66
N PRO E 329 -40.07 5.48 -37.51
CA PRO E 329 -40.82 4.58 -38.37
C PRO E 329 -41.03 5.18 -39.78
N ASP E 330 -40.68 6.45 -39.95
CA ASP E 330 -40.60 7.07 -41.27
C ASP E 330 -39.46 6.47 -42.06
N VAL E 331 -38.37 6.12 -41.40
CA VAL E 331 -37.26 5.47 -42.07
C VAL E 331 -37.38 3.95 -42.00
N PHE E 332 -37.66 3.43 -40.81
CA PHE E 332 -37.87 2.01 -40.62
C PHE E 332 -39.36 1.74 -40.75
N THR E 333 -39.83 1.70 -41.99
CA THR E 333 -41.23 1.35 -42.32
C THR E 333 -41.41 -0.18 -42.14
N THR E 334 -40.40 -0.92 -42.55
CA THR E 334 -40.03 -2.15 -41.88
C THR E 334 -38.56 -1.96 -41.54
N LYS E 335 -38.10 -2.26 -40.31
CA LYS E 335 -38.80 -2.79 -39.10
C LYS E 335 -38.16 -4.13 -38.70
N PRO E 336 -36.94 -4.04 -38.12
CA PRO E 336 -35.93 -5.10 -38.21
C PRO E 336 -36.09 -6.26 -37.23
N ASP E 337 -35.35 -7.32 -37.52
CA ASP E 337 -35.24 -8.48 -36.62
C ASP E 337 -34.23 -8.22 -35.49
N PHE E 338 -34.77 -8.08 -34.28
CA PHE E 338 -34.00 -7.65 -33.11
C PHE E 338 -34.81 -7.81 -31.82
N PRO E 339 -34.21 -8.41 -30.77
CA PRO E 339 -34.84 -8.72 -29.50
C PRO E 339 -35.91 -7.72 -29.07
N ASP E 340 -37.09 -8.27 -28.74
CA ASP E 340 -38.22 -7.44 -28.40
C ASP E 340 -37.97 -6.42 -27.27
N TYR E 341 -37.43 -6.88 -26.13
CA TYR E 341 -37.19 -6.01 -24.92
C TYR E 341 -36.45 -4.72 -25.25
N LEU E 342 -35.78 -4.74 -26.39
CA LEU E 342 -34.77 -3.77 -26.74
C LEU E 342 -35.11 -2.98 -28.03
N LEU E 343 -36.26 -3.28 -28.66
CA LEU E 343 -36.63 -2.65 -29.94
C LEU E 343 -37.81 -1.67 -29.88
N ALA E 344 -37.52 -0.38 -30.00
CA ALA E 344 -38.57 0.65 -29.88
C ALA E 344 -38.87 1.32 -31.25
N ASP E 345 -40.15 1.57 -31.53
CA ASP E 345 -40.55 2.31 -32.73
C ASP E 345 -41.16 3.65 -32.40
N ARG E 346 -40.45 4.37 -31.54
CA ARG E 346 -40.70 5.80 -31.32
C ARG E 346 -39.40 6.52 -30.97
N GLY E 347 -38.52 6.59 -31.97
CA GLY E 347 -37.27 7.35 -31.89
C GLY E 347 -37.42 8.57 -32.77
N LEU E 348 -38.63 9.12 -32.73
CA LEU E 348 -39.17 10.06 -33.72
C LEU E 348 -39.50 11.47 -33.17
N SER E 349 -39.20 12.53 -33.92
CA SER E 349 -38.91 12.45 -35.35
C SER E 349 -38.05 13.61 -35.84
N VAL E 350 -37.55 13.48 -37.07
CA VAL E 350 -37.19 14.66 -37.88
C VAL E 350 -38.52 15.35 -38.21
N ASP E 351 -38.55 16.07 -39.33
CA ASP E 351 -39.80 16.40 -39.97
C ASP E 351 -39.84 15.58 -41.26
N ALA E 352 -38.83 14.72 -41.41
CA ALA E 352 -38.49 14.02 -42.67
C ALA E 352 -37.77 14.95 -43.64
N THR E 353 -37.61 16.22 -43.26
CA THR E 353 -36.87 17.23 -44.02
C THR E 353 -35.36 16.94 -44.00
N PRO E 354 -34.87 16.20 -45.03
CA PRO E 354 -33.55 15.53 -45.08
C PRO E 354 -32.25 16.38 -44.92
N ILE E 355 -32.37 17.57 -44.34
CA ILE E 355 -31.17 18.32 -43.98
C ILE E 355 -30.42 18.78 -45.24
N ALA E 356 -29.29 18.15 -45.52
CA ALA E 356 -28.30 18.78 -46.38
C ALA E 356 -28.33 18.22 -47.80
N PRO E 357 -27.18 18.03 -48.47
CA PRO E 357 -25.73 18.11 -48.13
C PRO E 357 -25.29 19.50 -47.72
N GLY E 358 -24.11 19.58 -47.10
CA GLY E 358 -23.57 20.84 -46.54
C GLY E 358 -24.39 21.61 -45.49
N GLU E 359 -25.67 21.25 -45.29
CA GLU E 359 -26.53 21.98 -44.36
C GLU E 359 -26.23 21.68 -42.87
N ALA E 360 -26.34 22.73 -42.04
CA ALA E 360 -26.23 22.62 -40.60
C ALA E 360 -27.59 22.94 -39.99
N LYS E 361 -28.17 22.02 -39.23
CA LYS E 361 -29.52 22.21 -38.75
C LYS E 361 -29.73 21.70 -37.31
N GLU E 362 -30.24 22.57 -36.42
CA GLU E 362 -30.68 22.15 -35.09
C GLU E 362 -32.09 21.56 -35.09
N ILE E 363 -32.20 20.28 -34.77
CA ILE E 363 -33.46 19.55 -34.81
C ILE E 363 -33.82 19.04 -33.43
N VAL E 364 -35.12 19.06 -33.12
CA VAL E 364 -35.65 18.58 -31.86
C VAL E 364 -35.92 17.11 -32.06
N VAL E 365 -35.42 16.25 -31.18
CA VAL E 365 -35.67 14.82 -31.28
C VAL E 365 -36.36 14.31 -30.02
N LYS E 366 -37.52 13.71 -30.19
CA LYS E 366 -38.32 13.29 -29.06
C LYS E 366 -38.28 11.76 -28.97
N ILE E 367 -37.66 11.27 -27.91
CA ILE E 367 -37.61 9.83 -27.64
C ILE E 367 -38.69 9.48 -26.64
N GLN E 368 -39.56 8.56 -27.04
CA GLN E 368 -40.57 8.06 -26.13
C GLN E 368 -40.77 6.58 -26.33
N ASP E 369 -40.71 5.82 -25.24
CA ASP E 369 -41.05 4.41 -25.28
C ASP E 369 -41.03 3.88 -23.86
N ALA E 370 -41.83 2.82 -23.64
CA ALA E 370 -41.90 2.11 -22.36
C ALA E 370 -40.53 1.53 -21.97
N ARG E 371 -39.79 1.00 -22.97
CA ARG E 371 -38.47 0.41 -22.77
C ARG E 371 -37.40 1.32 -22.14
N TRP E 372 -37.55 2.62 -22.30
CA TRP E 372 -36.69 3.59 -21.63
C TRP E 372 -36.90 3.48 -20.14
N ASP E 373 -38.14 3.34 -19.72
CA ASP E 373 -38.41 3.10 -18.32
C ASP E 373 -38.08 1.67 -17.88
N ILE E 374 -38.41 0.70 -18.72
CA ILE E 374 -38.24 -0.73 -18.40
C ILE E 374 -36.75 -1.12 -18.23
N GLU E 375 -35.90 -0.55 -19.08
CA GLU E 375 -34.47 -0.82 -18.94
C GLU E 375 -33.82 0.19 -17.99
N ARG E 376 -34.64 0.76 -17.12
CA ARG E 376 -34.20 1.61 -16.03
C ARG E 376 -33.31 2.79 -16.49
N LEU E 377 -33.44 3.19 -17.75
CA LEU E 377 -32.71 4.36 -18.22
C LEU E 377 -33.32 5.64 -17.71
N SER E 378 -34.50 5.54 -17.11
CA SER E 378 -35.13 6.68 -16.39
C SER E 378 -34.47 6.95 -15.01
N ASP E 379 -33.72 5.96 -14.51
CA ASP E 379 -33.04 6.02 -13.20
C ASP E 379 -31.69 6.73 -13.37
N LEU E 380 -31.64 7.60 -14.36
CA LEU E 380 -30.55 8.51 -14.56
C LEU E 380 -30.67 9.68 -13.54
N ALA E 381 -31.89 9.86 -13.02
CA ALA E 381 -32.11 10.82 -11.96
C ALA E 381 -31.36 10.42 -10.69
N TYR E 382 -31.22 9.11 -10.47
CA TYR E 382 -30.48 8.53 -9.35
C TYR E 382 -28.94 8.62 -9.53
N ASP E 383 -28.48 8.73 -10.77
CA ASP E 383 -27.05 8.80 -11.05
C ASP E 383 -26.39 10.10 -10.66
N THR E 384 -25.08 9.98 -10.55
CA THR E 384 -24.24 11.01 -9.98
C THR E 384 -23.62 11.93 -11.07
N ASP E 385 -23.97 11.59 -12.34
CA ASP E 385 -23.72 12.39 -13.53
C ASP E 385 -24.88 12.27 -14.52
N SER E 386 -25.75 13.27 -14.52
CA SER E 386 -26.98 13.30 -15.38
C SER E 386 -26.68 13.66 -16.84
N GLN E 387 -26.52 12.63 -17.65
CA GLN E 387 -25.82 12.79 -18.89
C GLN E 387 -26.13 11.62 -19.78
N ILE E 388 -26.42 11.93 -21.03
CA ILE E 388 -26.83 10.94 -22.03
C ILE E 388 -25.68 10.59 -22.95
N GLY E 389 -25.75 9.44 -23.60
CA GLY E 389 -24.75 9.03 -24.59
C GLY E 389 -25.34 8.12 -25.67
N GLY E 390 -24.64 7.95 -26.79
CA GLY E 390 -25.07 7.01 -27.82
C GLY E 390 -24.75 7.32 -29.28
N LEU E 391 -25.22 6.47 -30.17
CA LEU E 391 -25.13 6.73 -31.60
C LEU E 391 -26.48 7.22 -32.17
N LEU E 392 -26.40 8.28 -33.00
CA LEU E 392 -27.44 8.62 -33.98
C LEU E 392 -27.12 8.00 -35.36
N PHE E 393 -28.13 7.37 -35.96
CA PHE E 393 -28.01 6.81 -37.32
C PHE E 393 -28.84 7.60 -38.37
N PHE E 394 -28.13 8.26 -39.27
CA PHE E 394 -28.77 8.97 -40.38
C PHE E 394 -28.73 8.14 -41.65
N PHE E 395 -29.80 8.30 -42.45
CA PHE E 395 -29.98 7.55 -43.68
C PHE E 395 -30.25 8.45 -44.87
N SER E 396 -29.67 8.05 -46.01
CA SER E 396 -29.90 8.67 -47.31
C SER E 396 -31.21 8.15 -47.96
N PRO E 397 -31.60 8.74 -49.12
CA PRO E 397 -32.62 8.20 -50.03
C PRO E 397 -32.53 6.67 -50.23
N ASP E 398 -31.37 6.22 -50.66
CA ASP E 398 -31.05 4.80 -50.77
C ASP E 398 -30.71 4.19 -49.40
N GLY E 399 -29.94 3.10 -49.38
CA GLY E 399 -29.57 2.43 -48.12
C GLY E 399 -28.69 3.23 -47.18
N LYS E 400 -27.56 3.72 -47.71
CA LYS E 400 -26.44 4.32 -46.95
C LYS E 400 -26.72 4.97 -45.59
N ARG E 401 -26.04 4.42 -44.58
CA ARG E 401 -26.21 4.79 -43.17
C ARG E 401 -24.98 5.53 -42.69
N TYR E 402 -25.20 6.65 -42.00
CA TYR E 402 -24.11 7.52 -41.50
C TYR E 402 -24.32 7.77 -40.03
N ALA E 403 -23.37 7.26 -39.24
CA ALA E 403 -23.48 7.20 -37.78
C ALA E 403 -22.75 8.34 -37.11
N SER E 404 -23.40 8.98 -36.16
CA SER E 404 -22.69 9.99 -35.40
C SER E 404 -22.90 9.80 -33.89
N GLU E 405 -21.88 10.18 -33.10
CA GLU E 405 -21.97 10.07 -31.66
C GLU E 405 -22.68 11.28 -31.02
N ILE E 406 -23.67 10.98 -30.20
CA ILE E 406 -24.37 11.99 -29.46
C ILE E 406 -24.12 11.81 -27.95
N GLY E 407 -23.99 12.93 -27.21
CA GLY E 407 -23.84 12.85 -25.76
C GLY E 407 -23.69 14.16 -25.02
N GLY E 408 -24.19 14.21 -23.80
CA GLY E 408 -24.04 15.43 -23.05
C GLY E 408 -25.08 15.56 -21.98
N PRO E 409 -25.03 16.70 -21.25
CA PRO E 409 -25.89 16.82 -20.08
C PRO E 409 -27.35 16.80 -20.46
N VAL E 410 -28.17 16.04 -19.77
CA VAL E 410 -29.62 16.29 -19.83
C VAL E 410 -30.22 16.74 -18.48
N ILE E 411 -31.39 17.35 -18.50
CA ILE E 411 -32.02 17.85 -17.27
C ILE E 411 -33.32 17.08 -17.05
N PRO E 412 -33.62 16.70 -15.80
CA PRO E 412 -34.87 16.00 -15.57
C PRO E 412 -36.06 16.97 -15.37
N LYS E 413 -37.24 16.54 -15.77
CA LYS E 413 -38.45 17.30 -15.51
C LYS E 413 -39.16 16.50 -14.44
N PHE E 414 -39.38 17.12 -13.28
CA PHE E 414 -40.00 16.39 -12.16
C PHE E 414 -41.51 16.52 -12.23
N VAL E 415 -42.12 15.47 -12.74
CA VAL E 415 -43.56 15.43 -12.97
C VAL E 415 -44.29 14.80 -11.77
N ALA E 416 -45.63 14.92 -11.76
CA ALA E 416 -46.49 14.33 -10.71
C ALA E 416 -46.32 12.80 -10.54
N ALA F 9 -17.22 -51.94 38.73
CA ALA F 9 -17.55 -50.55 39.15
C ALA F 9 -16.32 -49.61 39.13
N VAL F 10 -16.46 -48.48 38.42
CA VAL F 10 -15.49 -47.38 38.45
C VAL F 10 -16.21 -46.02 38.30
N GLY F 11 -16.81 -45.56 39.40
CA GLY F 11 -17.52 -44.28 39.47
C GLY F 11 -16.78 -43.17 38.75
N PRO F 12 -17.51 -42.34 37.99
CA PRO F 12 -18.97 -42.29 37.88
C PRO F 12 -19.58 -43.28 36.88
N PHE F 13 -18.79 -44.25 36.43
CA PHE F 13 -19.29 -45.32 35.58
C PHE F 13 -19.65 -46.55 36.39
N ASN F 14 -20.81 -47.14 36.09
CA ASN F 14 -21.27 -48.33 36.78
C ASN F 14 -20.34 -49.50 36.57
N SER F 15 -19.93 -49.73 35.33
CA SER F 15 -19.07 -50.86 35.00
C SER F 15 -17.79 -50.45 34.27
N VAL F 16 -16.95 -51.44 34.00
CA VAL F 16 -15.77 -51.26 33.16
C VAL F 16 -16.17 -51.18 31.68
N ALA F 17 -17.25 -51.88 31.33
CA ALA F 17 -17.86 -51.69 30.01
C ALA F 17 -18.34 -50.25 29.82
N GLU F 18 -19.11 -49.72 30.78
CA GLU F 18 -19.63 -48.36 30.66
C GLU F 18 -18.53 -47.29 30.58
N ALA F 19 -17.42 -47.52 31.28
CA ALA F 19 -16.26 -46.63 31.20
C ALA F 19 -15.69 -46.65 29.80
N ALA F 20 -15.24 -47.83 29.38
CA ALA F 20 -14.54 -48.01 28.09
C ALA F 20 -15.43 -47.66 26.90
N GLY F 21 -16.73 -47.95 27.01
CA GLY F 21 -17.70 -47.65 25.96
C GLY F 21 -17.93 -46.16 25.78
N CYS F 22 -18.01 -45.43 26.89
CA CYS F 22 -18.17 -43.97 26.89
C CYS F 22 -16.94 -43.24 26.36
N VAL F 23 -15.78 -43.58 26.88
CA VAL F 23 -14.49 -43.21 26.27
C VAL F 23 -14.44 -43.46 24.75
N GLN F 24 -14.92 -44.61 24.28
CA GLN F 24 -14.85 -44.89 22.86
C GLN F 24 -15.83 -44.07 22.00
N THR F 25 -17.00 -43.71 22.54
CA THR F 25 -17.87 -42.90 21.69
C THR F 25 -17.52 -41.41 21.74
N VAL F 26 -17.00 -40.94 22.87
CA VAL F 26 -16.60 -39.53 22.98
C VAL F 26 -15.35 -39.29 22.14
N ASP F 27 -14.49 -40.29 22.04
CA ASP F 27 -13.36 -40.25 21.12
C ASP F 27 -13.81 -39.97 19.68
N TRP F 28 -14.82 -40.71 19.22
CA TRP F 28 -15.38 -40.48 17.87
C TRP F 28 -15.96 -39.11 17.73
N MET F 29 -16.74 -38.67 18.72
CA MET F 29 -17.37 -37.37 18.65
C MET F 29 -16.36 -36.25 18.61
N LEU F 30 -15.21 -36.42 19.25
CA LEU F 30 -14.23 -35.33 19.26
C LEU F 30 -13.55 -35.20 17.91
N LEU F 31 -12.96 -36.29 17.44
CA LEU F 31 -12.44 -36.41 16.09
C LEU F 31 -13.27 -35.71 15.05
N VAL F 32 -14.52 -36.16 14.94
CA VAL F 32 -15.49 -35.66 13.98
C VAL F 32 -15.76 -34.16 14.18
N LEU F 33 -16.15 -33.78 15.39
CA LEU F 33 -16.48 -32.39 15.66
C LEU F 33 -15.29 -31.51 15.35
N LEU F 34 -14.08 -31.93 15.72
CA LEU F 34 -12.87 -31.19 15.40
C LEU F 34 -12.50 -31.32 13.94
N PHE F 35 -12.91 -32.40 13.30
CA PHE F 35 -12.57 -32.54 11.90
C PHE F 35 -13.19 -31.43 11.08
N PHE F 36 -14.37 -30.96 11.45
CA PHE F 36 -14.93 -29.92 10.67
C PHE F 36 -16.02 -29.07 11.29
N ALA F 37 -15.76 -27.86 11.83
CA ALA F 37 -14.63 -27.41 12.65
C ALA F 37 -13.40 -26.75 12.03
N VAL F 38 -12.31 -27.50 11.89
CA VAL F 38 -11.11 -26.91 11.31
C VAL F 38 -11.32 -26.80 9.82
N LEU F 39 -12.02 -27.76 9.22
CA LEU F 39 -12.35 -27.70 7.79
C LEU F 39 -13.10 -26.40 7.43
N GLY F 40 -14.21 -26.11 8.12
CA GLY F 40 -14.93 -24.85 7.94
C GLY F 40 -14.09 -23.57 8.02
N GLY F 41 -13.27 -23.47 9.06
CA GLY F 41 -12.37 -22.34 9.24
C GLY F 41 -11.24 -22.32 8.22
N TYR F 42 -10.66 -23.50 7.97
CA TYR F 42 -9.59 -23.64 6.98
C TYR F 42 -10.06 -23.25 5.59
N HIS F 43 -11.27 -23.69 5.25
CA HIS F 43 -11.79 -23.49 3.92
C HIS F 43 -12.09 -22.04 3.64
N VAL F 44 -12.90 -21.42 4.49
CA VAL F 44 -13.20 -19.99 4.37
C VAL F 44 -11.92 -19.15 4.24
N HIS F 45 -10.98 -19.33 5.15
CA HIS F 45 -9.74 -18.57 5.14
C HIS F 45 -9.05 -18.74 3.84
N PHE F 46 -8.90 -20.00 3.43
CA PHE F 46 -8.15 -20.38 2.25
C PHE F 46 -8.84 -19.86 1.00
N MET F 47 -10.15 -20.07 0.97
CA MET F 47 -10.96 -19.74 -0.17
C MET F 47 -10.90 -18.22 -0.46
N LEU F 48 -11.09 -17.42 0.59
CA LEU F 48 -10.90 -15.96 0.53
C LEU F 48 -9.52 -15.45 0.11
N THR F 49 -8.48 -16.24 0.21
CA THR F 49 -7.17 -15.70 -0.01
C THR F 49 -6.55 -16.43 -1.19
N ALA F 50 -6.30 -17.72 -1.03
CA ALA F 50 -5.71 -18.53 -2.10
C ALA F 50 -6.78 -18.89 -3.13
N GLY F 51 -8.00 -18.41 -2.88
CA GLY F 51 -8.98 -18.23 -3.94
C GLY F 51 -9.36 -19.51 -4.64
N ASP F 52 -9.46 -19.56 -5.97
CA ASP F 52 -9.21 -18.48 -6.96
C ASP F 52 -8.05 -18.87 -7.85
N TRP F 53 -6.92 -19.25 -7.29
CA TRP F 53 -5.95 -20.05 -8.02
C TRP F 53 -6.32 -21.49 -7.84
N ASP F 54 -7.11 -21.77 -6.81
CA ASP F 54 -7.48 -23.15 -6.50
C ASP F 54 -8.69 -23.60 -7.33
N PHE F 55 -9.62 -22.67 -7.53
CA PHE F 55 -10.82 -22.91 -8.35
C PHE F 55 -10.58 -23.34 -9.80
N TRP F 56 -9.58 -22.74 -10.48
CA TRP F 56 -9.51 -22.67 -11.97
C TRP F 56 -8.23 -23.16 -12.54
N VAL F 57 -8.33 -24.22 -13.36
CA VAL F 57 -7.15 -24.80 -14.00
C VAL F 57 -6.31 -23.81 -14.81
N ASP F 58 -6.93 -22.79 -15.36
CA ASP F 58 -6.19 -21.73 -16.07
C ASP F 58 -5.59 -20.62 -15.16
N TRP F 59 -5.62 -20.82 -13.83
CA TRP F 59 -4.72 -20.04 -12.95
C TRP F 59 -3.55 -20.84 -12.46
N LYS F 60 -3.59 -22.15 -12.67
CA LYS F 60 -2.54 -22.99 -12.12
C LYS F 60 -1.25 -22.83 -12.92
N ASP F 61 -0.61 -21.68 -12.73
CA ASP F 61 0.57 -21.28 -13.51
C ASP F 61 1.83 -21.75 -12.81
N ARG F 62 2.98 -21.20 -13.19
CA ARG F 62 4.27 -21.64 -12.66
C ARG F 62 4.83 -20.76 -11.56
N ARG F 63 4.28 -19.57 -11.37
CA ARG F 63 4.83 -18.62 -10.41
C ARG F 63 3.87 -18.25 -9.28
N MET F 64 2.66 -17.79 -9.61
CA MET F 64 1.75 -17.30 -8.57
C MET F 64 1.22 -18.41 -7.70
N TRP F 65 0.70 -19.42 -8.37
CA TRP F 65 0.01 -20.51 -7.71
C TRP F 65 0.87 -21.30 -6.76
N PRO F 66 2.02 -21.86 -7.24
CA PRO F 66 2.94 -22.52 -6.32
C PRO F 66 3.62 -21.59 -5.31
N THR F 67 3.26 -20.31 -5.33
CA THR F 67 3.68 -19.39 -4.28
C THR F 67 2.53 -19.20 -3.28
N VAL F 68 1.41 -18.65 -3.72
CA VAL F 68 0.38 -18.28 -2.76
C VAL F 68 -0.24 -19.49 -2.04
N VAL F 69 -0.25 -20.66 -2.68
CA VAL F 69 -0.96 -21.78 -2.07
C VAL F 69 -0.18 -22.43 -0.91
N PRO F 70 1.03 -22.94 -1.17
CA PRO F 70 1.84 -23.35 -0.02
C PRO F 70 1.77 -22.35 1.13
N ILE F 71 2.08 -21.08 0.87
CA ILE F 71 2.16 -20.08 1.93
C ILE F 71 0.85 -19.90 2.69
N LEU F 72 -0.26 -19.87 1.98
CA LEU F 72 -1.55 -19.70 2.62
C LEU F 72 -2.08 -21.03 3.12
N GLY F 73 -1.50 -22.10 2.56
CA GLY F 73 -1.87 -23.49 2.91
C GLY F 73 -1.39 -23.91 4.28
N VAL F 74 -0.12 -23.64 4.57
CA VAL F 74 0.55 -24.04 5.81
C VAL F 74 -0.11 -23.47 7.09
N THR F 75 -0.79 -22.34 7.00
CA THR F 75 -1.43 -21.71 8.18
C THR F 75 -2.21 -22.67 9.09
N PHE F 76 -3.27 -23.28 8.57
CA PHE F 76 -4.09 -24.10 9.42
C PHE F 76 -3.45 -25.44 9.71
N CYS F 77 -2.50 -25.85 8.88
CA CYS F 77 -1.70 -27.02 9.22
C CYS F 77 -0.88 -26.76 10.46
N ALA F 78 -0.18 -25.64 10.49
CA ALA F 78 0.62 -25.25 11.65
C ALA F 78 -0.25 -25.17 12.90
N ALA F 79 -1.41 -24.56 12.80
CA ALA F 79 -2.23 -24.41 13.98
C ALA F 79 -2.76 -25.79 14.41
N SER F 80 -3.23 -26.57 13.44
CA SER F 80 -3.71 -27.92 13.72
C SER F 80 -2.65 -28.79 14.42
N GLN F 81 -1.40 -28.70 13.99
CA GLN F 81 -0.31 -29.39 14.69
C GLN F 81 -0.21 -28.88 16.14
N ALA F 82 -0.09 -27.57 16.34
CA ALA F 82 0.01 -26.98 17.68
C ALA F 82 -1.01 -27.56 18.65
N PHE F 83 -2.20 -27.88 18.12
CA PHE F 83 -3.21 -28.51 18.95
C PHE F 83 -2.97 -30.01 19.14
N TRP F 84 -2.82 -30.78 18.05
CA TRP F 84 -2.83 -32.25 18.18
C TRP F 84 -1.64 -32.76 18.83
N TRP F 85 -0.52 -32.12 18.56
CA TRP F 85 0.75 -32.62 19.03
C TRP F 85 1.09 -32.22 20.44
N VAL F 86 1.02 -30.93 20.74
CA VAL F 86 1.20 -30.48 22.12
C VAL F 86 0.32 -31.28 23.10
N ASN F 87 -0.99 -31.26 22.93
CA ASN F 87 -1.85 -31.90 23.92
C ASN F 87 -2.11 -33.42 23.82
N PHE F 88 -1.72 -34.06 22.72
CA PHE F 88 -2.07 -35.47 22.53
C PHE F 88 -0.94 -36.24 21.91
N ARG F 89 0.18 -35.58 21.63
CA ARG F 89 1.28 -36.23 20.95
C ARG F 89 0.84 -37.04 19.70
N LEU F 90 -0.34 -36.74 19.16
CA LEU F 90 -0.88 -37.35 17.94
C LEU F 90 -0.30 -36.66 16.69
N PRO F 91 0.35 -37.45 15.79
CA PRO F 91 1.17 -36.87 14.73
C PRO F 91 0.42 -36.63 13.40
N PHE F 92 -0.81 -36.12 13.47
CA PHE F 92 -1.58 -35.97 12.25
C PHE F 92 -2.24 -34.58 12.03
N GLY F 93 -1.75 -33.56 12.74
CA GLY F 93 -2.31 -32.19 12.64
C GLY F 93 -2.37 -31.61 11.22
N ALA F 94 -1.23 -31.55 10.54
CA ALA F 94 -1.20 -31.13 9.14
C ALA F 94 -2.16 -31.95 8.24
N VAL F 95 -2.13 -33.29 8.38
CA VAL F 95 -2.96 -34.14 7.51
C VAL F 95 -4.44 -34.04 7.89
N PHE F 96 -4.72 -33.86 9.16
CA PHE F 96 -6.08 -33.56 9.59
C PHE F 96 -6.62 -32.30 8.88
N ALA F 97 -5.76 -31.31 8.68
CA ALA F 97 -6.18 -30.01 8.14
C ALA F 97 -6.26 -30.06 6.62
N ALA F 98 -5.18 -30.52 6.02
CA ALA F 98 -5.07 -30.62 4.58
C ALA F 98 -6.11 -31.56 3.95
N LEU F 99 -6.42 -32.68 4.61
CA LEU F 99 -7.48 -33.58 4.15
C LEU F 99 -8.86 -32.94 4.29
N GLY F 100 -9.11 -32.29 5.41
CA GLY F 100 -10.40 -31.61 5.60
C GLY F 100 -10.66 -30.63 4.47
N LEU F 101 -9.67 -29.81 4.16
CA LEU F 101 -9.79 -28.83 3.09
C LEU F 101 -10.14 -29.53 1.78
N LEU F 102 -9.28 -30.50 1.37
CA LEU F 102 -9.50 -31.29 0.14
C LEU F 102 -10.89 -31.89 0.00
N ILE F 103 -11.35 -32.60 1.02
CA ILE F 103 -12.74 -33.09 1.08
C ILE F 103 -13.78 -31.98 0.88
N GLY F 104 -13.62 -30.84 1.57
CA GLY F 104 -14.61 -29.76 1.55
C GLY F 104 -14.68 -29.10 0.18
N GLU F 105 -13.52 -29.01 -0.47
CA GLU F 105 -13.41 -28.50 -1.84
C GLU F 105 -13.97 -29.50 -2.87
N TRP F 106 -13.49 -30.74 -2.81
CA TRP F 106 -13.93 -31.76 -3.74
C TRP F 106 -15.40 -31.95 -3.72
N ILE F 107 -15.97 -32.02 -2.51
CA ILE F 107 -17.43 -32.11 -2.39
C ILE F 107 -18.07 -30.99 -3.19
N ASN F 108 -17.54 -29.78 -3.03
CA ASN F 108 -18.11 -28.60 -3.60
C ASN F 108 -17.94 -28.53 -5.12
N ARG F 109 -16.71 -28.70 -5.57
CA ARG F 109 -16.40 -28.74 -6.97
C ARG F 109 -17.39 -29.67 -7.63
N TYR F 110 -17.52 -30.88 -7.09
CA TYR F 110 -18.40 -31.90 -7.67
C TYR F 110 -19.89 -31.61 -7.50
N VAL F 111 -20.35 -31.46 -6.28
CA VAL F 111 -21.77 -31.21 -6.05
C VAL F 111 -22.26 -29.86 -6.58
N ASN F 112 -21.38 -28.88 -6.65
CA ASN F 112 -21.80 -27.52 -7.00
C ASN F 112 -21.23 -26.96 -8.29
N PHE F 113 -19.91 -26.92 -8.42
CA PHE F 113 -19.33 -26.29 -9.60
C PHE F 113 -19.84 -27.02 -10.82
N TRP F 114 -19.99 -28.31 -10.64
CA TRP F 114 -20.36 -29.22 -11.69
C TRP F 114 -21.80 -29.63 -11.54
N GLY F 115 -22.12 -30.28 -10.44
CA GLY F 115 -23.49 -30.65 -10.14
C GLY F 115 -24.50 -29.53 -10.32
N TRP F 116 -24.15 -28.31 -9.88
CA TRP F 116 -25.07 -27.17 -10.01
C TRP F 116 -24.87 -26.41 -11.28
N THR F 117 -23.67 -25.93 -11.56
CA THR F 117 -23.45 -24.98 -12.64
C THR F 117 -22.76 -25.55 -13.89
N TYR F 118 -22.53 -26.84 -13.88
CA TYR F 118 -21.99 -27.55 -15.04
C TYR F 118 -20.66 -27.11 -15.60
N PHE F 119 -19.72 -26.76 -14.73
CA PHE F 119 -18.34 -26.65 -15.18
C PHE F 119 -17.68 -28.01 -15.10
N PRO F 120 -17.00 -28.43 -16.17
CA PRO F 120 -16.23 -29.66 -16.09
C PRO F 120 -15.24 -29.67 -14.93
N ILE F 121 -15.18 -30.82 -14.26
CA ILE F 121 -14.18 -31.07 -13.24
C ILE F 121 -12.75 -30.66 -13.67
N SER F 122 -12.43 -30.72 -14.97
CA SER F 122 -11.09 -30.36 -15.43
C SER F 122 -10.83 -28.85 -15.30
N LEU F 123 -11.90 -28.08 -15.20
CA LEU F 123 -11.78 -26.65 -15.00
C LEU F 123 -11.52 -26.34 -13.53
N VAL F 124 -12.14 -27.14 -12.65
CA VAL F 124 -12.37 -26.74 -11.26
C VAL F 124 -11.77 -27.66 -10.18
N PHE F 125 -10.87 -28.54 -10.57
CA PHE F 125 -10.29 -29.42 -9.57
C PHE F 125 -9.30 -28.65 -8.70
N PRO F 126 -9.25 -28.96 -7.37
CA PRO F 126 -8.42 -28.32 -6.35
C PRO F 126 -6.92 -28.68 -6.39
N SER F 127 -6.12 -27.92 -5.65
CA SER F 127 -4.68 -28.14 -5.58
C SER F 127 -4.40 -29.30 -4.63
N ALA F 128 -3.37 -30.08 -4.93
CA ALA F 128 -3.12 -31.27 -4.12
C ALA F 128 -2.18 -30.94 -2.96
N LEU F 129 -2.64 -31.19 -1.75
CA LEU F 129 -1.85 -30.85 -0.54
C LEU F 129 -1.37 -32.03 0.34
N ILE F 130 -1.91 -33.21 0.10
CA ILE F 130 -1.72 -34.30 1.03
C ILE F 130 -0.27 -34.75 1.18
N VAL F 131 0.44 -34.99 0.08
CA VAL F 131 1.90 -35.17 0.22
C VAL F 131 2.57 -34.07 1.11
N PRO F 132 2.51 -32.78 0.74
CA PRO F 132 3.26 -31.86 1.62
C PRO F 132 2.82 -31.90 3.10
N ALA F 133 1.52 -32.14 3.33
CA ALA F 133 0.92 -32.32 4.66
C ALA F 133 1.62 -33.42 5.48
N ILE F 134 1.95 -34.50 4.77
CA ILE F 134 2.57 -35.67 5.34
C ILE F 134 3.98 -35.27 5.73
N TRP F 135 4.73 -34.74 4.79
CA TRP F 135 6.10 -34.36 5.09
C TRP F 135 6.13 -33.49 6.34
N LEU F 136 5.15 -32.60 6.45
CA LEU F 136 5.04 -31.71 7.59
C LEU F 136 4.81 -32.49 8.91
N ASP F 137 3.89 -33.46 8.86
CA ASP F 137 3.54 -34.26 10.02
C ASP F 137 4.62 -35.20 10.50
N VAL F 138 5.37 -35.77 9.55
CA VAL F 138 6.42 -36.70 9.88
C VAL F 138 7.64 -35.95 10.44
N ILE F 139 8.03 -34.85 9.83
CA ILE F 139 9.06 -34.03 10.46
C ILE F 139 8.71 -33.70 11.92
N LEU F 140 7.43 -33.57 12.24
CA LEU F 140 7.08 -33.30 13.63
C LEU F 140 7.19 -34.57 14.44
N LEU F 141 6.84 -35.70 13.83
CA LEU F 141 6.97 -37.00 14.48
C LEU F 141 8.43 -37.38 14.77
N LEU F 142 9.27 -37.42 13.72
CA LEU F 142 10.70 -37.77 13.86
C LEU F 142 11.47 -36.85 14.83
N SER F 143 11.87 -35.66 14.40
CA SER F 143 12.22 -34.60 15.36
C SER F 143 10.98 -34.52 16.24
N GLY F 144 11.11 -34.03 17.46
CA GLY F 144 9.90 -33.90 18.26
C GLY F 144 9.51 -32.45 18.33
N SER F 145 10.12 -31.64 17.47
CA SER F 145 10.24 -30.19 17.66
C SER F 145 9.47 -29.38 16.60
N TYR F 146 8.82 -28.30 17.03
CA TYR F 146 8.11 -27.44 16.08
C TYR F 146 9.09 -26.51 15.42
N VAL F 147 10.16 -26.19 16.12
CA VAL F 147 11.22 -25.37 15.53
C VAL F 147 11.81 -26.09 14.30
N ILE F 148 12.21 -27.35 14.42
CA ILE F 148 12.72 -28.06 13.23
C ILE F 148 11.65 -28.22 12.16
N THR F 149 10.39 -28.44 12.57
CA THR F 149 9.28 -28.55 11.61
C THR F 149 9.14 -27.24 10.87
N ALA F 150 8.96 -26.16 11.63
CA ALA F 150 9.03 -24.81 11.13
C ALA F 150 10.12 -24.63 10.06
N VAL F 151 11.32 -25.14 10.29
CA VAL F 151 12.38 -25.02 9.28
C VAL F 151 12.31 -26.08 8.17
N VAL F 152 12.69 -27.32 8.45
CA VAL F 152 12.81 -28.33 7.38
C VAL F 152 11.44 -28.92 7.01
N GLY F 153 10.49 -28.78 7.94
CA GLY F 153 9.15 -29.25 7.69
C GLY F 153 8.51 -28.36 6.64
N SER F 154 8.50 -27.05 6.90
CA SER F 154 7.79 -26.17 6.00
C SER F 154 8.53 -25.96 4.67
N LEU F 155 9.85 -26.06 4.69
CA LEU F 155 10.64 -26.08 3.44
C LEU F 155 10.29 -27.24 2.49
N GLY F 156 10.10 -28.44 3.02
CA GLY F 156 9.70 -29.60 2.19
C GLY F 156 8.29 -29.40 1.65
N TRP F 157 7.40 -28.97 2.52
CA TRP F 157 6.03 -28.58 2.20
C TRP F 157 5.98 -27.67 0.98
N GLY F 158 6.81 -26.63 1.00
CA GLY F 158 6.98 -25.74 -0.13
C GLY F 158 7.43 -26.52 -1.34
N LEU F 159 8.66 -27.04 -1.29
CA LEU F 159 9.29 -27.72 -2.43
C LEU F 159 8.46 -28.79 -3.09
N LEU F 160 7.69 -29.53 -2.29
CA LEU F 160 6.92 -30.65 -2.80
C LEU F 160 5.58 -30.25 -3.46
N PHE F 161 5.26 -28.98 -3.45
CA PHE F 161 3.92 -28.57 -3.87
C PHE F 161 3.66 -28.81 -5.38
N TYR F 162 4.59 -28.33 -6.20
CA TYR F 162 4.46 -28.48 -7.64
C TYR F 162 4.62 -29.95 -8.06
N PRO F 163 5.68 -30.63 -7.59
CA PRO F 163 5.78 -32.05 -7.85
C PRO F 163 4.54 -32.88 -7.51
N ASN F 164 3.93 -32.67 -6.35
CA ASN F 164 2.75 -33.48 -6.02
C ASN F 164 1.48 -33.06 -6.78
N ASN F 165 1.63 -31.99 -7.57
CA ASN F 165 0.51 -31.51 -8.37
C ASN F 165 0.70 -31.86 -9.82
N TRP F 166 1.95 -31.87 -10.26
CA TRP F 166 2.28 -32.19 -11.66
C TRP F 166 1.44 -33.28 -12.30
N PRO F 167 1.37 -34.49 -11.68
CA PRO F 167 0.55 -35.59 -12.17
C PRO F 167 -0.89 -35.22 -12.57
N ALA F 168 -1.49 -34.32 -11.79
CA ALA F 168 -2.86 -33.84 -12.03
C ALA F 168 -2.91 -32.72 -13.08
N ILE F 169 -1.79 -32.05 -13.31
CA ILE F 169 -1.77 -30.79 -14.06
C ILE F 169 -1.18 -30.92 -15.47
N ALA F 170 -0.31 -31.93 -15.66
CA ALA F 170 0.47 -32.11 -16.91
C ALA F 170 -0.41 -32.35 -18.12
N ALA F 171 -1.44 -33.17 -17.98
CA ALA F 171 -2.41 -33.39 -19.08
C ALA F 171 -2.76 -32.09 -19.80
N PHE F 172 -3.09 -31.07 -19.01
CA PHE F 172 -3.60 -29.82 -19.54
C PHE F 172 -2.53 -28.85 -20.01
N HIS F 173 -1.28 -29.24 -19.97
CA HIS F 173 -0.26 -28.35 -20.49
C HIS F 173 0.28 -28.81 -21.80
N GLN F 174 -0.45 -29.76 -22.38
CA GLN F 174 -0.25 -30.17 -23.78
C GLN F 174 -0.67 -29.02 -24.68
N ALA F 175 0.13 -28.80 -25.72
CA ALA F 175 -0.08 -27.71 -26.66
C ALA F 175 -1.19 -27.96 -27.69
N THR F 176 -1.83 -26.90 -28.13
CA THR F 176 -2.78 -26.95 -29.22
C THR F 176 -2.66 -25.63 -30.01
N GLU F 177 -2.91 -25.69 -31.31
CA GLU F 177 -3.01 -24.50 -32.15
C GLU F 177 -4.47 -24.13 -32.46
N GLN F 178 -4.91 -23.00 -31.93
CA GLN F 178 -6.21 -22.45 -32.31
C GLN F 178 -5.93 -21.21 -33.10
N HIS F 179 -6.68 -21.05 -34.19
CA HIS F 179 -6.59 -19.89 -35.07
C HIS F 179 -5.25 -19.22 -35.06
N GLY F 180 -4.21 -19.97 -35.40
CA GLY F 180 -2.85 -19.43 -35.57
C GLY F 180 -2.05 -19.18 -34.30
N GLN F 181 -2.71 -19.34 -33.14
CA GLN F 181 -2.10 -19.11 -31.83
C GLN F 181 -1.84 -20.42 -31.12
N LEU F 182 -0.77 -20.42 -30.34
CA LEU F 182 -0.51 -21.51 -29.41
C LEU F 182 -1.31 -21.34 -28.11
N MET F 183 -1.94 -22.42 -27.66
CA MET F 183 -2.68 -22.42 -26.41
C MET F 183 -2.40 -23.73 -25.66
N THR F 184 -2.38 -23.70 -24.33
CA THR F 184 -2.45 -24.93 -23.55
C THR F 184 -3.92 -25.38 -23.50
N LEU F 185 -4.10 -26.69 -23.34
CA LEU F 185 -5.43 -27.26 -23.09
C LEU F 185 -6.14 -26.55 -21.93
N ALA F 186 -5.33 -26.12 -20.96
CA ALA F 186 -5.82 -25.44 -19.78
C ALA F 186 -6.42 -24.07 -20.14
N ASP F 187 -5.74 -23.30 -20.99
CA ASP F 187 -6.28 -22.00 -21.44
C ASP F 187 -7.60 -22.22 -22.16
N LEU F 188 -7.59 -23.24 -23.02
CA LEU F 188 -8.69 -23.59 -23.88
C LEU F 188 -9.92 -24.07 -23.14
N ILE F 189 -9.71 -24.83 -22.05
CA ILE F 189 -10.80 -25.26 -21.18
C ILE F 189 -11.49 -24.06 -20.53
N GLY F 190 -10.69 -23.20 -19.92
CA GLY F 190 -11.18 -21.93 -19.39
C GLY F 190 -11.90 -21.14 -20.45
N PHE F 191 -11.31 -21.06 -21.63
CA PHE F 191 -11.88 -20.35 -22.77
C PHE F 191 -13.25 -20.86 -23.23
N HIS F 192 -13.35 -22.18 -23.40
CA HIS F 192 -14.57 -22.85 -23.84
C HIS F 192 -15.71 -22.74 -22.87
N PHE F 193 -15.45 -23.05 -21.60
CA PHE F 193 -16.55 -23.14 -20.64
C PHE F 193 -16.83 -21.82 -19.94
N VAL F 194 -17.64 -21.01 -20.60
CA VAL F 194 -17.85 -19.60 -20.26
C VAL F 194 -18.32 -19.23 -18.84
N ARG F 195 -17.41 -18.58 -18.12
CA ARG F 195 -17.65 -17.93 -16.84
C ARG F 195 -18.05 -16.45 -17.03
N THR F 196 -19.19 -16.06 -16.46
CA THR F 196 -19.65 -14.66 -16.58
C THR F 196 -18.65 -13.61 -16.10
N SER F 197 -17.93 -13.89 -15.02
CA SER F 197 -17.06 -12.88 -14.42
C SER F 197 -15.59 -13.28 -14.34
N MET F 198 -15.04 -13.85 -15.41
CA MET F 198 -13.65 -14.26 -15.35
C MET F 198 -12.82 -13.86 -16.56
N PRO F 199 -12.64 -12.54 -16.76
CA PRO F 199 -11.90 -12.02 -17.92
C PRO F 199 -10.45 -12.49 -17.89
N GLU F 200 -9.90 -12.93 -19.01
CA GLU F 200 -8.47 -13.38 -19.00
C GLU F 200 -7.48 -12.43 -18.30
N TYR F 201 -7.73 -11.12 -18.30
CA TYR F 201 -6.79 -10.18 -17.69
C TYR F 201 -6.66 -10.25 -16.16
N ILE F 202 -7.64 -10.89 -15.54
CA ILE F 202 -7.84 -10.84 -14.11
C ILE F 202 -6.96 -11.91 -13.46
N ARG F 203 -6.47 -12.85 -14.26
CA ARG F 203 -5.77 -14.03 -13.81
C ARG F 203 -4.72 -13.90 -12.72
N MET F 204 -3.70 -13.09 -12.91
CA MET F 204 -2.57 -13.14 -11.95
C MET F 204 -1.87 -14.46 -12.04
N VAL F 205 -1.24 -14.68 -13.17
CA VAL F 205 -0.41 -15.81 -13.44
C VAL F 205 0.84 -15.20 -14.06
N GLU F 206 1.92 -15.96 -14.11
CA GLU F 206 3.15 -15.52 -14.74
C GLU F 206 2.91 -15.08 -16.19
N ARG F 207 3.42 -13.89 -16.53
CA ARG F 207 3.33 -13.34 -17.89
C ARG F 207 4.71 -12.89 -18.37
N GLY F 208 5.77 -13.24 -17.65
CA GLY F 208 7.11 -13.03 -18.16
C GLY F 208 7.71 -11.77 -17.58
N THR F 209 9.04 -11.69 -17.56
CA THR F 209 9.72 -10.51 -17.07
C THR F 209 11.15 -10.48 -17.61
N LEU F 210 11.78 -9.31 -17.53
CA LEU F 210 13.10 -9.14 -18.07
C LEU F 210 14.14 -9.57 -17.05
N ARG F 211 13.67 -10.24 -16.00
CA ARG F 211 14.57 -10.69 -14.95
C ARG F 211 14.55 -12.18 -14.69
N THR F 212 13.63 -12.89 -15.31
CA THR F 212 13.67 -14.33 -15.38
C THR F 212 14.89 -14.71 -16.21
N PHE F 213 15.67 -15.66 -15.68
CA PHE F 213 16.95 -16.07 -16.27
C PHE F 213 17.05 -17.62 -16.30
N GLY F 214 16.44 -18.22 -17.31
CA GLY F 214 15.98 -19.60 -17.23
C GLY F 214 14.46 -19.52 -17.47
N LYS F 215 13.73 -20.65 -17.50
CA LYS F 215 14.11 -22.04 -17.14
C LYS F 215 14.08 -22.30 -15.61
N ASP F 216 14.04 -21.23 -14.83
CA ASP F 216 14.08 -21.31 -13.37
C ASP F 216 12.74 -20.98 -12.67
N VAL F 217 11.68 -20.79 -13.44
CA VAL F 217 10.43 -20.26 -12.85
C VAL F 217 9.90 -21.08 -11.68
N VAL F 218 9.67 -22.37 -11.89
CA VAL F 218 9.12 -23.24 -10.83
C VAL F 218 10.07 -23.44 -9.66
N PRO F 219 11.35 -23.79 -9.92
CA PRO F 219 12.26 -23.96 -8.78
C PRO F 219 12.39 -22.73 -7.89
N VAL F 220 12.50 -21.53 -8.45
CA VAL F 220 12.61 -20.36 -7.55
C VAL F 220 11.32 -20.16 -6.78
N ALA F 221 10.18 -20.40 -7.43
CA ALA F 221 8.89 -20.22 -6.80
C ALA F 221 8.75 -21.20 -5.63
N ALA F 222 9.10 -22.45 -5.88
CA ALA F 222 9.02 -23.51 -4.87
C ALA F 222 9.86 -23.19 -3.63
N PHE F 223 11.11 -22.77 -3.85
CA PHE F 223 12.00 -22.34 -2.74
C PHE F 223 11.49 -21.10 -2.05
N PHE F 224 11.08 -20.10 -2.81
CA PHE F 224 10.47 -18.92 -2.24
C PHE F 224 9.28 -19.27 -1.33
N SER F 225 8.44 -20.23 -1.75
CA SER F 225 7.29 -20.59 -0.94
C SER F 225 7.77 -21.30 0.34
N GLY F 226 8.76 -22.20 0.14
CA GLY F 226 9.44 -22.89 1.22
C GLY F 226 9.89 -21.93 2.28
N PHE F 227 10.78 -21.00 1.92
CA PHE F 227 11.32 -20.02 2.89
C PHE F 227 10.28 -19.15 3.57
N VAL F 228 9.25 -18.73 2.84
CA VAL F 228 8.22 -17.89 3.41
C VAL F 228 7.29 -18.71 4.29
N SER F 229 7.11 -19.98 3.96
CA SER F 229 6.25 -20.83 4.79
C SER F 229 6.81 -21.02 6.21
N MET F 230 8.14 -20.95 6.35
CA MET F 230 8.77 -21.03 7.66
C MET F 230 8.22 -19.99 8.62
N MET F 231 8.14 -18.75 8.15
CA MET F 231 7.66 -17.66 8.97
C MET F 231 6.22 -17.90 9.28
N VAL F 232 5.40 -18.14 8.27
CA VAL F 232 3.97 -18.35 8.51
C VAL F 232 3.76 -19.51 9.46
N TYR F 233 4.53 -20.57 9.28
CA TYR F 233 4.40 -21.73 10.17
C TYR F 233 4.57 -21.32 11.65
N PHE F 234 5.70 -20.69 11.98
CA PHE F 234 5.91 -20.12 13.29
C PHE F 234 4.69 -19.38 13.78
N LEU F 235 4.29 -18.37 13.02
CA LEU F 235 3.19 -17.55 13.46
C LEU F 235 1.94 -18.38 13.74
N TRP F 236 1.65 -19.32 12.87
CA TRP F 236 0.41 -20.09 13.01
C TRP F 236 0.45 -21.20 14.04
N TRP F 237 1.65 -21.69 14.29
CA TRP F 237 1.88 -22.60 15.39
C TRP F 237 1.46 -21.94 16.65
N PHE F 238 1.96 -20.72 16.86
CA PHE F 238 1.76 -20.05 18.13
C PHE F 238 0.35 -19.60 18.31
N MET F 239 -0.32 -19.40 17.20
CA MET F 239 -1.71 -19.05 17.18
C MET F 239 -2.57 -20.28 17.45
N GLY F 240 -2.15 -21.43 16.94
CA GLY F 240 -2.71 -22.71 17.36
C GLY F 240 -2.74 -22.81 18.89
N ARG F 241 -1.60 -22.50 19.51
CA ARG F 241 -1.49 -22.38 20.97
C ARG F 241 -2.47 -21.38 21.57
N TRP F 242 -2.46 -20.16 21.06
CA TRP F 242 -3.37 -19.16 21.59
C TRP F 242 -4.78 -19.64 21.54
N TYR F 243 -5.16 -20.27 20.43
CA TYR F 243 -6.53 -20.75 20.28
C TYR F 243 -6.86 -21.95 21.17
N SER F 244 -5.82 -22.71 21.53
CA SER F 244 -5.93 -23.80 22.50
C SER F 244 -6.03 -23.30 23.94
N THR F 245 -6.12 -21.98 24.13
CA THR F 245 -6.24 -21.37 25.50
C THR F 245 -7.42 -21.92 26.29
N THR F 246 -7.16 -22.22 27.56
CA THR F 246 -8.21 -22.68 28.47
C THR F 246 -8.49 -21.63 29.52
N LYS F 247 -8.04 -20.40 29.27
CA LYS F 247 -8.21 -19.31 30.19
C LYS F 247 -9.72 -19.08 30.46
N VAL F 248 -10.05 -18.89 31.73
CA VAL F 248 -11.39 -18.44 32.10
C VAL F 248 -11.27 -17.02 32.61
N ILE F 249 -12.08 -16.13 32.07
CA ILE F 249 -12.08 -14.73 32.48
C ILE F 249 -13.26 -14.54 33.40
N ASP F 250 -13.53 -13.30 33.81
CA ASP F 250 -14.53 -13.07 34.86
C ASP F 250 -15.70 -12.18 34.50
N THR F 251 -15.56 -11.35 33.48
CA THR F 251 -16.69 -10.52 32.97
C THR F 251 -16.67 -10.12 31.47
N ILE F 252 -17.81 -9.63 31.01
CA ILE F 252 -18.02 -9.16 29.64
C ILE F 252 -18.71 -7.76 29.66
N HIS G 29 -0.99 34.64 -3.89
CA HIS G 29 0.16 35.51 -3.61
C HIS G 29 1.40 34.69 -3.40
N GLY G 30 1.19 33.41 -3.13
CA GLY G 30 2.29 32.49 -2.81
C GLY G 30 3.35 32.33 -3.89
N GLU G 31 2.95 32.55 -5.14
CA GLU G 31 3.75 32.21 -6.31
C GLU G 31 5.25 32.45 -6.20
N LYS G 32 5.67 33.51 -5.49
CA LYS G 32 7.10 33.86 -5.36
C LYS G 32 7.86 32.73 -4.71
N SER G 33 7.22 32.02 -3.79
CA SER G 33 7.90 30.99 -3.04
C SER G 33 7.99 29.66 -3.80
N GLN G 34 7.16 29.49 -4.81
CA GLN G 34 7.20 28.28 -5.62
C GLN G 34 8.47 28.18 -6.46
N GLN G 35 8.84 26.95 -6.78
CA GLN G 35 10.06 26.70 -7.53
C GLN G 35 10.07 27.35 -8.92
N ALA G 36 11.04 28.24 -9.13
CA ALA G 36 11.16 28.99 -10.37
C ALA G 36 11.00 28.15 -11.64
N PHE G 37 11.75 27.07 -11.79
CA PHE G 37 11.65 26.24 -12.99
C PHE G 37 10.30 25.59 -13.24
N LEU G 38 9.57 25.23 -12.18
CA LEU G 38 8.24 24.62 -12.38
C LEU G 38 7.25 25.66 -12.84
N ARG G 39 7.41 26.88 -12.34
CA ARG G 39 6.55 27.97 -12.71
C ARG G 39 6.66 28.30 -14.22
N MET G 40 7.88 28.31 -14.74
CA MET G 40 8.12 28.55 -16.16
C MET G 40 7.78 27.36 -17.06
N ARG G 41 7.91 26.13 -16.56
CA ARG G 41 7.78 24.98 -17.47
C ARG G 41 6.47 24.19 -17.32
N THR G 42 5.42 24.83 -16.81
CA THR G 42 4.12 24.17 -16.76
C THR G 42 3.03 24.91 -17.55
N LEU G 43 2.36 25.86 -16.91
CA LEU G 43 1.39 26.68 -17.61
C LEU G 43 1.97 28.03 -17.98
N ASN G 44 1.69 28.44 -19.21
CA ASN G 44 2.19 29.66 -19.81
C ASN G 44 0.97 30.54 -20.06
N TRP G 45 0.87 31.60 -19.27
CA TRP G 45 -0.35 32.38 -19.25
C TRP G 45 -0.23 33.56 -20.16
N TYR G 46 -1.25 33.83 -20.98
CA TYR G 46 -1.19 35.03 -21.81
C TYR G 46 -2.57 35.62 -21.98
N ASP G 47 -2.61 36.90 -22.35
CA ASP G 47 -3.87 37.60 -22.62
C ASP G 47 -4.80 37.65 -21.38
N VAL G 48 -4.22 37.61 -20.19
CA VAL G 48 -5.05 37.67 -18.99
C VAL G 48 -5.63 39.08 -18.86
N GLN G 49 -6.93 39.15 -18.54
CA GLN G 49 -7.69 40.40 -18.48
C GLN G 49 -8.77 40.37 -17.41
N TRP G 50 -8.92 41.51 -16.74
CA TRP G 50 -9.97 41.71 -15.75
C TRP G 50 -10.94 42.74 -16.24
N SER G 51 -12.12 42.27 -16.65
CA SER G 51 -13.25 43.12 -17.08
C SER G 51 -13.29 44.44 -16.36
N LYS G 52 -13.20 44.44 -15.02
CA LYS G 52 -13.15 45.68 -14.19
C LYS G 52 -12.07 45.61 -13.14
N THR G 53 -11.74 46.74 -12.52
CA THR G 53 -10.79 46.70 -11.42
C THR G 53 -11.42 47.41 -10.26
N THR G 54 -12.70 47.72 -10.39
CA THR G 54 -13.45 48.28 -9.28
C THR G 54 -14.81 47.74 -9.47
N VAL G 55 -15.45 47.33 -8.38
CA VAL G 55 -16.78 46.76 -8.47
C VAL G 55 -17.63 47.01 -7.19
N ASN G 56 -18.94 47.06 -7.34
CA ASN G 56 -19.83 47.12 -6.20
C ASN G 56 -20.21 45.72 -5.75
N VAL G 57 -20.44 45.60 -4.45
CA VAL G 57 -21.08 44.41 -3.95
C VAL G 57 -22.26 44.08 -4.87
N ASN G 58 -22.27 42.87 -5.42
CA ASN G 58 -23.32 42.34 -6.32
C ASN G 58 -23.05 42.62 -7.79
N GLU G 59 -22.07 43.46 -8.07
CA GLU G 59 -21.74 43.73 -9.46
C GLU G 59 -20.80 42.65 -10.03
N GLU G 60 -21.06 42.19 -11.25
CA GLU G 60 -20.25 41.14 -11.89
C GLU G 60 -18.91 41.67 -12.44
N MET G 61 -18.04 40.75 -12.84
CA MET G 61 -16.80 41.07 -13.56
C MET G 61 -16.28 39.78 -14.16
N VAL G 62 -15.46 39.87 -15.20
CA VAL G 62 -14.88 38.61 -15.68
C VAL G 62 -13.38 38.63 -15.78
N LEU G 63 -12.77 37.67 -15.11
CA LEU G 63 -11.37 37.37 -15.32
C LEU G 63 -11.28 36.40 -16.50
N SER G 64 -10.42 36.71 -17.46
CA SER G 64 -10.34 35.82 -18.62
C SER G 64 -8.91 35.75 -19.13
N GLY G 65 -8.63 34.76 -19.95
CA GLY G 65 -7.30 34.68 -20.52
C GLY G 65 -7.10 33.40 -21.29
N LYS G 66 -5.86 33.15 -21.65
CA LYS G 66 -5.50 31.94 -22.36
C LYS G 66 -4.30 31.34 -21.64
N VAL G 67 -4.07 30.04 -21.88
CA VAL G 67 -2.95 29.36 -21.25
C VAL G 67 -2.39 28.32 -22.21
N HIS G 68 -1.06 28.13 -22.14
CA HIS G 68 -0.37 27.13 -22.96
C HIS G 68 0.31 26.11 -22.09
N VAL G 69 -0.09 24.85 -22.33
CA VAL G 69 0.45 23.72 -21.65
C VAL G 69 1.81 23.35 -22.21
N PHE G 70 2.87 23.70 -21.47
CA PHE G 70 4.25 23.46 -21.87
C PHE G 70 4.52 22.06 -22.38
N SER G 71 5.25 21.95 -23.48
CA SER G 71 5.35 20.67 -24.19
C SER G 71 6.25 19.62 -23.51
N ALA G 72 7.20 20.07 -22.67
CA ALA G 72 8.11 19.20 -21.88
C ALA G 72 7.76 19.27 -20.39
N TRP G 73 6.69 18.58 -20.04
CA TRP G 73 6.08 18.73 -18.73
C TRP G 73 6.96 18.09 -17.69
N PRO G 74 7.25 18.79 -16.59
CA PRO G 74 8.18 18.27 -15.57
C PRO G 74 7.65 17.08 -14.74
N GLN G 75 8.53 16.08 -14.54
CA GLN G 75 8.24 14.82 -13.80
C GLN G 75 7.52 15.08 -12.48
N ALA G 76 8.13 15.98 -11.72
CA ALA G 76 7.65 16.51 -10.47
C ALA G 76 6.16 16.85 -10.39
N VAL G 77 5.54 17.10 -11.54
CA VAL G 77 4.15 17.47 -11.53
C VAL G 77 3.38 16.50 -12.38
N ALA G 78 2.37 15.84 -11.80
CA ALA G 78 1.62 14.85 -12.54
C ALA G 78 1.10 15.45 -13.83
N ASN G 79 0.93 14.59 -14.83
CA ASN G 79 0.22 14.93 -16.04
C ASN G 79 -1.06 15.70 -15.72
N PRO G 80 -1.34 16.78 -16.50
CA PRO G 80 -2.51 17.62 -16.19
C PRO G 80 -3.84 17.09 -16.79
N ARG G 81 -3.87 15.77 -17.00
CA ARG G 81 -5.05 15.06 -17.41
C ARG G 81 -6.23 15.32 -16.44
N VAL G 82 -5.93 15.65 -15.21
CA VAL G 82 -6.96 16.03 -14.26
C VAL G 82 -6.59 17.39 -13.65
N SER G 83 -7.36 18.41 -13.93
CA SER G 83 -7.06 19.78 -13.51
C SER G 83 -8.32 20.56 -13.13
N PHE G 84 -8.14 21.72 -12.52
CA PHE G 84 -9.27 22.51 -12.09
C PHE G 84 -8.98 24.01 -12.18
N LEU G 85 -9.76 24.73 -13.03
CA LEU G 85 -9.72 26.19 -13.10
C LEU G 85 -10.21 26.82 -11.83
N ASN G 86 -9.56 27.89 -11.39
CA ASN G 86 -9.99 28.53 -10.18
C ASN G 86 -9.65 29.98 -10.09
N ALA G 87 -10.33 30.72 -9.21
CA ALA G 87 -10.02 32.13 -8.99
C ALA G 87 -9.13 32.25 -7.81
N GLY G 88 -7.84 32.47 -8.06
CA GLY G 88 -6.87 32.70 -6.98
C GLY G 88 -7.26 33.92 -6.14
N GLU G 89 -7.88 33.69 -5.00
CA GLU G 89 -8.45 34.77 -4.23
C GLU G 89 -8.63 34.44 -2.71
N PRO G 90 -8.26 35.38 -1.81
CA PRO G 90 -8.36 35.23 -0.34
C PRO G 90 -9.79 35.00 0.22
N GLY G 91 -10.34 33.81 -0.04
CA GLY G 91 -11.68 33.45 0.45
C GLY G 91 -12.67 34.02 -0.50
N PRO G 92 -13.96 33.79 -0.26
CA PRO G 92 -14.95 34.33 -1.20
C PRO G 92 -15.17 35.84 -1.03
N VAL G 93 -14.18 36.68 -1.36
CA VAL G 93 -14.40 38.16 -1.45
C VAL G 93 -15.23 38.52 -2.70
N LEU G 94 -15.18 37.61 -3.66
CA LEU G 94 -15.91 37.63 -4.88
C LEU G 94 -16.45 36.26 -5.06
N VAL G 95 -17.73 36.16 -5.30
CA VAL G 95 -18.32 34.87 -5.56
C VAL G 95 -18.20 34.52 -7.01
N ARG G 96 -17.62 33.35 -7.31
CA ARG G 96 -17.61 32.81 -8.67
C ARG G 96 -19.01 32.36 -9.12
N THR G 97 -19.42 32.79 -10.29
CA THR G 97 -20.79 32.58 -10.73
C THR G 97 -20.84 31.63 -11.94
N ALA G 98 -19.76 31.63 -12.71
CA ALA G 98 -19.50 30.53 -13.61
C ALA G 98 -18.06 30.62 -14.07
N GLN G 99 -17.59 29.57 -14.73
CA GLN G 99 -16.27 29.62 -15.34
C GLN G 99 -16.25 28.68 -16.51
N PHE G 100 -15.28 28.86 -17.38
CA PHE G 100 -15.26 28.19 -18.65
C PHE G 100 -13.81 28.01 -19.00
N ILE G 101 -13.53 26.94 -19.72
CA ILE G 101 -12.18 26.69 -20.24
C ILE G 101 -12.36 25.62 -21.32
N GLY G 102 -11.53 25.69 -22.36
CA GLY G 102 -11.60 24.74 -23.45
C GLY G 102 -12.97 24.78 -24.08
N GLU G 103 -13.64 25.93 -23.94
CA GLU G 103 -14.97 26.14 -24.53
C GLU G 103 -16.05 25.31 -23.82
N GLN G 104 -15.78 24.93 -22.56
CA GLN G 104 -16.75 24.26 -21.70
C GLN G 104 -16.97 25.03 -20.40
N PHE G 105 -18.23 24.97 -19.95
CA PHE G 105 -18.53 25.35 -18.59
C PHE G 105 -17.82 24.33 -17.67
N ALA G 106 -17.03 24.85 -16.73
CA ALA G 106 -16.13 24.01 -15.98
C ALA G 106 -16.30 24.15 -14.46
N PRO G 107 -17.43 23.68 -13.90
CA PRO G 107 -17.49 23.53 -12.43
C PRO G 107 -16.72 22.31 -11.87
N ARG G 108 -16.37 21.37 -12.74
CA ARG G 108 -15.70 20.15 -12.31
C ARG G 108 -14.34 20.02 -12.95
N SER G 109 -13.64 18.92 -12.70
CA SER G 109 -12.29 18.82 -13.20
C SER G 109 -12.26 18.59 -14.73
N VAL G 110 -11.16 18.97 -15.37
CA VAL G 110 -11.03 18.98 -16.84
C VAL G 110 -9.67 18.45 -17.26
N SER G 111 -9.54 17.93 -18.49
CA SER G 111 -8.21 17.50 -19.00
C SER G 111 -7.52 18.55 -19.88
N LEU G 112 -6.24 18.78 -19.63
CA LEU G 112 -5.47 19.65 -20.44
C LEU G 112 -4.45 18.77 -21.13
N GLU G 113 -4.34 18.91 -22.44
CA GLU G 113 -3.32 18.19 -23.20
C GLU G 113 -2.02 18.95 -23.28
N ILE G 114 -0.93 18.23 -23.12
CA ILE G 114 0.40 18.81 -23.17
C ILE G 114 0.64 19.32 -24.57
N GLY G 115 0.99 20.61 -24.64
CA GLY G 115 1.25 21.22 -25.93
C GLY G 115 0.14 22.14 -26.40
N LYS G 116 -1.08 21.97 -25.91
CA LYS G 116 -2.19 22.77 -26.41
C LYS G 116 -2.43 24.05 -25.62
N ASP G 117 -3.25 24.92 -26.20
CA ASP G 117 -3.65 26.15 -25.56
C ASP G 117 -5.13 26.10 -25.30
N TYR G 118 -5.54 26.78 -24.26
CA TYR G 118 -6.94 26.79 -23.86
C TYR G 118 -7.24 28.20 -23.44
N ALA G 119 -8.48 28.59 -23.66
CA ALA G 119 -8.91 29.91 -23.30
C ALA G 119 -9.83 29.66 -22.15
N PHE G 120 -9.84 30.55 -21.18
CA PHE G 120 -10.70 30.38 -20.03
C PHE G 120 -11.29 31.70 -19.61
N SER G 121 -12.38 31.61 -18.84
CA SER G 121 -12.86 32.82 -18.15
C SER G 121 -13.75 32.51 -16.98
N ILE G 122 -13.78 33.44 -16.03
CA ILE G 122 -14.37 33.18 -14.75
C ILE G 122 -15.17 34.41 -14.45
N ASN G 123 -16.48 34.24 -14.28
CA ASN G 123 -17.37 35.32 -13.87
C ASN G 123 -17.38 35.54 -12.36
N LEU G 124 -16.81 36.64 -11.90
CA LEU G 124 -16.83 36.93 -10.45
C LEU G 124 -17.84 37.99 -10.05
N ARG G 125 -18.46 37.84 -8.88
CA ARG G 125 -19.45 38.82 -8.34
C ARG G 125 -19.05 39.38 -6.98
N GLY G 126 -18.95 40.68 -6.86
CA GLY G 126 -18.34 41.30 -5.67
C GLY G 126 -19.15 40.99 -4.45
N ARG G 127 -18.45 40.66 -3.37
CA ARG G 127 -19.05 40.29 -2.06
C ARG G 127 -18.47 41.07 -0.86
N ARG G 128 -17.15 41.23 -0.81
CA ARG G 128 -16.57 41.77 0.40
C ARG G 128 -15.74 43.02 0.17
N ALA G 129 -16.20 44.13 0.74
CA ALA G 129 -15.56 45.41 0.50
C ALA G 129 -14.10 45.39 0.90
N GLY G 130 -13.21 45.81 0.01
CA GLY G 130 -11.77 45.86 0.28
C GLY G 130 -10.97 45.89 -1.01
N ARG G 131 -9.65 45.81 -0.87
CA ARG G 131 -8.76 45.80 -2.02
C ARG G 131 -8.02 44.47 -2.10
N TRP G 132 -8.61 43.53 -2.84
CA TRP G 132 -8.13 42.14 -2.99
C TRP G 132 -7.30 41.90 -4.22
N HIS G 133 -6.29 41.03 -4.13
CA HIS G 133 -5.48 40.65 -5.30
C HIS G 133 -5.93 39.33 -5.91
N VAL G 134 -6.55 39.36 -7.09
CA VAL G 134 -7.29 38.20 -7.64
C VAL G 134 -6.65 37.54 -8.86
N HIS G 135 -6.30 36.27 -8.70
CA HIS G 135 -5.48 35.54 -9.72
C HIS G 135 -6.25 34.57 -10.55
N ALA G 136 -5.70 34.26 -11.71
CA ALA G 136 -6.10 33.09 -12.49
C ALA G 136 -5.31 31.94 -11.91
N GLN G 137 -6.00 30.84 -11.69
CA GLN G 137 -5.40 29.69 -11.08
C GLN G 137 -5.85 28.36 -11.71
N ILE G 138 -4.91 27.44 -11.85
CA ILE G 138 -5.21 26.08 -12.24
C ILE G 138 -4.41 25.19 -11.30
N ASN G 139 -5.08 24.14 -10.81
CA ASN G 139 -4.53 23.07 -9.96
C ASN G 139 -4.48 21.77 -10.72
N VAL G 140 -3.34 21.10 -10.67
CA VAL G 140 -3.23 19.79 -11.31
C VAL G 140 -3.23 18.72 -10.20
N GLU G 141 -3.88 17.61 -10.46
CA GLU G 141 -4.14 16.65 -9.41
C GLU G 141 -2.86 16.00 -8.91
N GLY G 142 -2.01 15.62 -9.84
CA GLY G 142 -0.74 15.11 -9.36
C GLY G 142 0.13 16.13 -8.64
N GLY G 143 -0.04 17.42 -8.93
CA GLY G 143 0.98 18.38 -8.59
C GLY G 143 0.67 19.55 -7.67
N GLY G 144 -0.54 20.09 -7.71
CA GLY G 144 -0.85 21.25 -6.88
C GLY G 144 -1.20 22.53 -7.61
N PRO G 145 -1.15 23.68 -6.91
CA PRO G 145 -1.54 24.96 -7.52
C PRO G 145 -0.50 25.52 -8.49
N ILE G 146 -0.97 26.01 -9.63
CA ILE G 146 -0.20 26.86 -10.54
C ILE G 146 -0.90 28.26 -10.64
N ILE G 147 -0.20 29.27 -10.20
CA ILE G 147 -0.80 30.59 -10.03
C ILE G 147 -0.53 31.48 -11.26
N GLY G 148 -1.61 31.93 -11.92
CA GLY G 148 -1.45 32.89 -12.99
C GLY G 148 -1.32 34.33 -12.49
N PRO G 149 -1.37 35.29 -13.43
CA PRO G 149 -1.35 36.71 -13.14
C PRO G 149 -2.51 37.07 -12.25
N GLY G 150 -2.27 38.01 -11.34
CA GLY G 150 -3.32 38.52 -10.47
C GLY G 150 -3.37 40.00 -10.56
N GLN G 151 -4.51 40.59 -10.24
CA GLN G 151 -4.70 42.03 -10.33
C GLN G 151 -5.48 42.52 -9.11
N TRP G 152 -5.13 43.67 -8.55
CA TRP G 152 -5.98 44.26 -7.50
C TRP G 152 -7.37 44.61 -8.00
N ILE G 153 -8.39 44.34 -7.20
CA ILE G 153 -9.75 44.61 -7.60
C ILE G 153 -10.40 45.17 -6.37
N GLU G 154 -10.76 46.44 -6.42
CA GLU G 154 -11.41 47.14 -5.33
C GLU G 154 -12.90 46.75 -5.28
N ILE G 155 -13.44 46.51 -4.10
CA ILE G 155 -14.88 46.26 -3.98
C ILE G 155 -15.48 47.27 -3.04
N LYS G 156 -16.64 47.79 -3.41
CA LYS G 156 -17.33 48.88 -2.69
C LYS G 156 -18.70 48.37 -2.33
N GLY G 157 -19.19 48.83 -1.19
CA GLY G 157 -20.47 48.39 -0.67
C GLY G 157 -20.34 47.77 0.71
N ASP G 158 -21.42 47.11 1.13
CA ASP G 158 -21.50 46.53 2.46
C ASP G 158 -22.02 45.11 2.25
N MET G 159 -21.29 44.15 2.83
CA MET G 159 -21.56 42.73 2.63
C MET G 159 -22.99 42.32 3.02
N LYS G 160 -23.59 43.08 3.95
CA LYS G 160 -25.00 42.96 4.30
C LYS G 160 -25.89 42.96 3.06
N ASP G 161 -25.48 43.74 2.05
CA ASP G 161 -26.28 43.92 0.85
C ASP G 161 -26.10 42.82 -0.19
N PHE G 162 -25.00 42.07 -0.09
CA PHE G 162 -24.73 40.95 -0.98
C PHE G 162 -25.82 39.89 -1.00
N THR G 163 -26.24 39.49 -2.20
CA THR G 163 -27.15 38.37 -2.36
C THR G 163 -26.61 37.51 -3.49
N ASP G 164 -27.28 36.39 -3.79
CA ASP G 164 -27.00 35.69 -5.03
C ASP G 164 -27.78 36.19 -6.27
N PRO G 165 -28.97 35.65 -6.55
CA PRO G 165 -29.65 34.46 -6.08
C PRO G 165 -29.44 33.37 -7.11
N VAL G 166 -30.29 32.35 -7.10
CA VAL G 166 -30.11 31.15 -7.90
C VAL G 166 -31.50 30.55 -8.15
N THR G 167 -31.72 30.00 -9.34
CA THR G 167 -33.01 29.42 -9.68
C THR G 167 -33.01 27.91 -9.64
N LEU G 168 -33.90 27.35 -8.84
CA LEU G 168 -34.12 25.90 -8.78
C LEU G 168 -34.81 25.38 -10.04
N LEU G 169 -34.85 24.06 -10.22
CA LEU G 169 -35.49 23.44 -11.37
C LEU G 169 -37.00 23.62 -11.36
N ASP G 170 -37.58 23.64 -10.17
CA ASP G 170 -39.01 23.86 -10.00
C ASP G 170 -39.43 25.31 -10.34
N GLY G 171 -38.45 26.18 -10.62
CA GLY G 171 -38.71 27.56 -11.01
C GLY G 171 -38.42 28.61 -9.94
N SER G 172 -38.55 28.24 -8.66
CA SER G 172 -38.35 29.18 -7.55
C SER G 172 -36.91 29.68 -7.36
N THR G 173 -36.78 30.86 -6.76
CA THR G 173 -35.48 31.43 -6.47
C THR G 173 -35.12 31.29 -5.01
N VAL G 174 -33.82 31.20 -4.74
CA VAL G 174 -33.28 31.15 -3.37
C VAL G 174 -32.06 32.04 -3.36
N ASP G 175 -31.71 32.61 -2.21
CA ASP G 175 -30.50 33.39 -2.10
C ASP G 175 -29.50 32.46 -1.43
N LEU G 176 -28.40 32.10 -2.11
CA LEU G 176 -27.44 31.13 -1.53
C LEU G 176 -26.68 31.66 -0.34
N GLU G 177 -26.62 32.98 -0.23
CA GLU G 177 -26.00 33.59 0.93
C GLU G 177 -26.56 33.10 2.27
N HIS G 178 -27.84 32.70 2.27
CA HIS G 178 -28.62 32.41 3.47
C HIS G 178 -29.44 31.16 3.32
N TYR G 179 -29.62 30.70 2.09
CA TYR G 179 -30.52 29.57 1.90
C TYR G 179 -30.06 28.33 2.65
N GLY G 180 -30.97 27.74 3.42
CA GLY G 180 -30.80 26.42 4.06
C GLY G 180 -30.22 26.44 5.47
N ILE G 181 -29.46 27.50 5.77
CA ILE G 181 -28.84 27.73 7.06
C ILE G 181 -29.79 27.70 8.26
N SER G 182 -31.03 28.16 8.10
CA SER G 182 -32.00 28.11 9.22
C SER G 182 -32.31 26.71 9.61
N ARG G 183 -32.64 25.91 8.61
CA ARG G 183 -33.06 24.56 8.77
C ARG G 183 -31.96 23.80 9.52
N VAL G 184 -30.70 24.15 9.19
CA VAL G 184 -29.51 23.47 9.73
C VAL G 184 -29.48 23.67 11.24
N TYR G 185 -29.44 24.93 11.67
CA TYR G 185 -29.60 25.29 13.09
C TYR G 185 -30.82 24.70 13.74
N ALA G 186 -31.96 24.74 13.05
CA ALA G 186 -33.20 24.18 13.58
C ALA G 186 -33.05 22.70 13.97
N TRP G 187 -32.22 21.96 13.24
CA TRP G 187 -31.97 20.57 13.57
C TRP G 187 -30.81 20.39 14.53
N HIS G 188 -29.70 21.07 14.28
CA HIS G 188 -28.51 20.89 15.07
C HIS G 188 -28.62 21.35 16.47
N LEU G 189 -29.15 22.54 16.71
CA LEU G 189 -29.10 23.08 18.09
C LEU G 189 -30.03 22.32 19.09
N PRO G 190 -31.27 22.03 18.69
CA PRO G 190 -32.06 21.12 19.52
C PRO G 190 -31.31 19.85 19.97
N TRP G 191 -30.73 19.10 19.02
CA TRP G 191 -29.98 17.92 19.38
C TRP G 191 -28.83 18.15 20.33
N MET G 192 -28.04 19.17 20.11
CA MET G 192 -26.99 19.48 21.06
C MET G 192 -27.57 19.82 22.42
N ALA G 193 -28.66 20.60 22.47
CA ALA G 193 -29.39 20.84 23.71
C ALA G 193 -29.82 19.53 24.39
N VAL G 194 -30.52 18.65 23.65
CA VAL G 194 -30.92 17.32 24.13
C VAL G 194 -29.72 16.58 24.71
N GLY G 195 -28.63 16.53 23.94
CA GLY G 195 -27.40 15.85 24.36
C GLY G 195 -26.92 16.40 25.69
N ALA G 196 -26.80 17.71 25.82
CA ALA G 196 -26.38 18.32 27.09
C ALA G 196 -27.36 17.97 28.23
N ALA G 197 -28.66 18.09 27.97
CA ALA G 197 -29.64 17.78 28.99
C ALA G 197 -29.33 16.40 29.57
N TRP G 198 -29.14 15.39 28.69
CA TRP G 198 -28.89 13.98 29.07
C TRP G 198 -27.66 13.79 29.88
N ILE G 199 -26.57 14.43 29.49
CA ILE G 199 -25.39 14.49 30.33
C ILE G 199 -25.76 15.05 31.71
N PHE G 200 -26.31 16.27 31.76
CA PHE G 200 -26.58 16.91 33.06
C PHE G 200 -27.55 16.10 33.91
N PHE G 201 -28.49 15.42 33.28
CA PHE G 201 -29.40 14.59 34.02
C PHE G 201 -28.61 13.61 34.89
N TRP G 202 -27.90 12.65 34.26
CA TRP G 202 -27.09 11.70 34.97
C TRP G 202 -26.08 12.31 35.89
N PHE G 203 -25.47 13.41 35.53
CA PHE G 203 -24.48 14.04 36.39
C PHE G 203 -25.09 14.52 37.69
N VAL G 204 -26.39 14.78 37.67
CA VAL G 204 -27.06 15.35 38.83
C VAL G 204 -27.63 14.20 39.65
N ARG G 205 -28.50 13.38 39.05
CA ARG G 205 -29.12 12.24 39.71
C ARG G 205 -28.16 11.22 40.39
N LYS G 206 -26.87 11.27 40.05
CA LYS G 206 -25.81 10.43 40.59
C LYS G 206 -24.60 11.37 40.60
N GLY G 207 -23.66 11.25 41.51
CA GLY G 207 -22.56 12.20 41.35
C GLY G 207 -21.53 11.71 40.35
N ILE G 208 -20.39 12.38 40.31
CA ILE G 208 -19.20 11.74 39.74
C ILE G 208 -18.51 10.94 40.86
N ILE G 209 -18.04 11.67 41.88
CA ILE G 209 -17.49 11.14 43.12
C ILE G 209 -18.37 10.09 43.83
N THR G 210 -19.65 10.37 44.04
CA THR G 210 -20.56 9.38 44.61
C THR G 210 -20.56 8.08 43.79
N SER G 211 -20.68 8.21 42.49
CA SER G 211 -20.82 7.04 41.66
C SER G 211 -19.52 6.25 41.61
N TYR G 212 -18.38 6.95 41.67
CA TYR G 212 -17.11 6.28 41.61
C TYR G 212 -16.99 5.37 42.83
N ILE G 213 -17.11 6.01 43.99
CA ILE G 213 -17.16 5.39 45.27
C ILE G 213 -18.13 4.21 45.27
N ARG G 214 -19.38 4.44 44.88
CA ARG G 214 -20.34 3.37 44.92
C ARG G 214 -19.80 2.20 44.15
N VAL G 215 -19.39 2.46 42.91
CA VAL G 215 -18.94 1.39 42.01
C VAL G 215 -17.74 0.69 42.63
N ALA G 216 -16.81 1.50 43.18
CA ALA G 216 -15.59 0.96 43.78
C ALA G 216 -15.84 0.11 45.05
N GLU G 217 -16.83 0.51 45.87
CA GLU G 217 -17.17 -0.21 47.10
C GLU G 217 -17.77 -1.55 46.80
N GLY G 218 -18.45 -1.69 45.68
CA GLY G 218 -19.11 -2.94 45.42
C GLY G 218 -20.39 -2.79 44.68
N LYS G 219 -21.20 -1.79 45.04
CA LYS G 219 -22.44 -1.50 44.32
C LYS G 219 -22.53 -0.03 43.90
N ALA G 220 -22.55 0.33 42.61
CA ALA G 220 -22.64 -0.50 41.39
C ALA G 220 -24.07 -0.65 40.93
N ASP G 221 -24.90 -1.37 41.69
CA ASP G 221 -26.35 -1.48 41.39
C ASP G 221 -27.15 -0.40 42.10
N ASP G 222 -26.47 0.33 42.97
CA ASP G 222 -27.02 1.50 43.60
C ASP G 222 -26.97 2.68 42.64
N VAL G 223 -26.06 2.63 41.67
CA VAL G 223 -25.90 3.72 40.70
C VAL G 223 -26.94 3.56 39.61
N ILE G 224 -27.06 2.35 39.09
CA ILE G 224 -28.01 2.06 38.02
C ILE G 224 -28.81 0.78 38.31
N GLY G 225 -30.09 0.95 38.55
CA GLY G 225 -31.03 -0.15 38.41
C GLY G 225 -32.15 0.40 37.59
N ASP G 226 -32.91 -0.45 36.89
CA ASP G 226 -34.20 0.02 36.34
C ASP G 226 -34.86 0.53 37.61
N ASP G 227 -35.49 1.70 37.60
CA ASP G 227 -36.00 2.38 36.45
C ASP G 227 -35.12 3.49 35.89
N ASP G 228 -33.80 3.37 36.06
CA ASP G 228 -32.88 4.21 35.31
C ASP G 228 -32.89 3.70 33.89
N ARG G 229 -32.97 2.38 33.75
CA ARG G 229 -33.17 1.72 32.49
C ARG G 229 -34.52 2.03 31.86
N ARG G 230 -35.56 2.27 32.66
CA ARG G 230 -36.81 2.77 32.10
C ARG G 230 -36.62 4.13 31.42
N ILE G 231 -35.94 5.06 32.12
CA ILE G 231 -35.72 6.39 31.60
C ILE G 231 -34.97 6.33 30.27
N GLY G 232 -33.93 5.51 30.21
CA GLY G 232 -33.18 5.29 28.98
C GLY G 232 -34.01 4.70 27.87
N ALA G 233 -34.81 3.69 28.17
CA ALA G 233 -35.66 3.03 27.17
C ALA G 233 -36.67 4.00 26.62
N ILE G 234 -37.08 4.97 27.44
CA ILE G 234 -37.99 6.02 26.96
C ILE G 234 -37.25 7.07 26.12
N VAL G 235 -36.15 7.62 26.63
CA VAL G 235 -35.39 8.58 25.87
C VAL G 235 -35.06 8.03 24.49
N LEU G 236 -34.55 6.80 24.44
CA LEU G 236 -34.26 6.18 23.17
C LEU G 236 -35.48 6.10 22.31
N ALA G 237 -36.64 5.70 22.85
CA ALA G 237 -37.87 5.63 22.04
C ALA G 237 -38.26 7.02 21.45
N LEU G 238 -38.19 8.05 22.30
CA LEU G 238 -38.39 9.41 21.87
C LEU G 238 -37.42 9.82 20.76
N THR G 239 -36.15 9.41 20.90
CA THR G 239 -35.09 9.78 19.95
C THR G 239 -35.35 9.18 18.59
N ILE G 240 -35.53 7.86 18.53
CA ILE G 240 -35.89 7.18 17.27
C ILE G 240 -37.11 7.81 16.66
N LEU G 241 -38.09 8.13 17.49
CA LEU G 241 -39.31 8.71 16.99
C LEU G 241 -39.02 10.04 16.32
N ALA G 242 -38.44 10.97 17.09
CA ALA G 242 -38.05 12.28 16.58
C ALA G 242 -37.23 12.17 15.28
N THR G 243 -36.49 11.07 15.14
CA THR G 243 -35.66 10.84 13.97
C THR G 243 -36.46 10.38 12.78
N ILE G 244 -37.42 9.47 13.00
CA ILE G 244 -38.36 9.05 11.94
C ILE G 244 -39.21 10.24 11.48
N VAL G 245 -39.81 10.95 12.43
CA VAL G 245 -40.55 12.19 12.13
C VAL G 245 -39.76 13.19 11.27
N GLY G 246 -38.62 13.64 11.81
CA GLY G 246 -37.74 14.63 11.17
C GLY G 246 -37.39 14.21 9.76
N TYR G 247 -37.20 12.91 9.56
CA TYR G 247 -36.86 12.39 8.26
C TYR G 247 -38.01 12.55 7.32
N ALA G 248 -39.15 11.92 7.64
CA ALA G 248 -40.39 12.02 6.85
C ALA G 248 -40.83 13.46 6.52
N VAL G 249 -40.80 14.37 7.49
CA VAL G 249 -41.08 15.79 7.22
C VAL G 249 -40.15 16.31 6.13
N THR G 250 -38.84 16.32 6.40
CA THR G 250 -37.88 16.85 5.41
C THR G 250 -38.03 16.15 4.05
N ASN G 251 -38.64 14.96 4.05
CA ASN G 251 -38.92 14.24 2.83
C ASN G 251 -40.11 14.81 2.08
N SER G 252 -41.01 15.48 2.80
CA SER G 252 -42.22 16.11 2.25
C SER G 252 -41.90 17.49 1.71
N THR G 253 -41.37 18.39 2.57
CA THR G 253 -40.61 19.52 2.00
C THR G 253 -39.69 18.74 1.09
N PHE G 254 -39.10 19.32 0.07
CA PHE G 254 -38.04 18.58 -0.67
C PHE G 254 -38.30 17.13 -1.07
N PRO G 255 -39.36 16.84 -1.84
CA PRO G 255 -39.56 15.44 -2.26
C PRO G 255 -38.75 14.98 -3.50
N ARG G 256 -38.04 15.88 -4.16
CA ARG G 256 -37.21 15.50 -5.32
C ARG G 256 -35.78 16.05 -5.21
N THR G 257 -34.84 15.17 -4.94
CA THR G 257 -33.45 15.56 -4.72
C THR G 257 -32.51 14.69 -5.56
N ILE G 258 -31.32 15.20 -5.81
CA ILE G 258 -30.36 14.50 -6.66
C ILE G 258 -29.06 14.30 -5.85
N PRO G 259 -28.24 13.29 -6.22
CA PRO G 259 -26.93 13.12 -5.61
C PRO G 259 -25.95 14.20 -6.09
N LEU G 260 -24.97 14.59 -5.28
CA LEU G 260 -23.90 15.46 -5.78
C LEU G 260 -23.42 15.02 -7.19
N GLN G 261 -23.29 16.03 -8.04
CA GLN G 261 -22.82 15.82 -9.38
C GLN G 261 -21.29 15.92 -9.41
N ALA G 262 -20.62 14.86 -9.83
CA ALA G 262 -19.17 14.74 -9.69
C ALA G 262 -18.58 13.95 -10.85
N GLY G 263 -17.35 14.31 -11.24
CA GLY G 263 -16.64 13.56 -12.27
C GLY G 263 -15.93 14.45 -13.28
N LEU G 264 -14.94 13.85 -13.94
CA LEU G 264 -14.12 14.53 -14.93
C LEU G 264 -15.01 14.88 -16.14
N GLN G 265 -14.79 16.05 -16.73
CA GLN G 265 -15.53 16.55 -17.89
C GLN G 265 -14.97 16.02 -19.21
N LYS G 266 -15.82 15.92 -20.24
CA LYS G 266 -15.42 15.43 -21.56
C LYS G 266 -14.25 16.25 -22.08
N PRO G 267 -13.46 15.71 -23.05
CA PRO G 267 -12.26 16.46 -23.45
C PRO G 267 -12.51 17.89 -23.89
N LEU G 268 -11.58 18.80 -23.55
CA LEU G 268 -11.72 20.22 -23.92
C LEU G 268 -11.44 20.41 -25.42
N THR G 269 -11.82 21.60 -25.95
CA THR G 269 -11.36 22.02 -27.28
C THR G 269 -10.33 23.13 -27.17
N PRO G 270 -9.12 22.87 -27.68
CA PRO G 270 -8.02 23.82 -27.66
C PRO G 270 -8.30 25.03 -28.57
N ILE G 271 -7.60 26.13 -28.31
CA ILE G 271 -7.50 27.26 -29.18
C ILE G 271 -6.92 26.82 -30.54
N GLU G 272 -7.50 27.32 -31.64
CA GLU G 272 -7.07 27.00 -33.01
C GLU G 272 -6.79 28.29 -33.84
N THR G 273 -7.37 29.39 -33.39
CA THR G 273 -6.99 30.70 -33.87
C THR G 273 -5.60 30.97 -33.34
N GLU G 274 -4.60 31.35 -34.15
CA GLU G 274 -4.64 31.47 -35.59
C GLU G 274 -3.31 31.95 -36.13
N GLY G 275 -2.24 32.08 -35.35
CA GLY G 275 -1.86 31.17 -34.28
C GLY G 275 -0.67 31.71 -33.50
N THR G 276 -0.41 31.21 -32.29
CA THR G 276 -1.01 29.99 -31.66
C THR G 276 -0.22 28.75 -32.01
N VAL G 277 0.56 28.30 -31.00
CA VAL G 277 1.66 27.35 -31.13
C VAL G 277 1.31 26.05 -31.90
N GLY G 278 2.15 25.69 -32.87
CA GLY G 278 1.90 24.52 -33.73
C GLY G 278 0.48 24.39 -34.29
N VAL G 279 -0.07 25.51 -34.77
CA VAL G 279 -1.39 25.53 -35.40
C VAL G 279 -1.37 26.36 -36.67
N GLY G 280 -2.02 25.86 -37.70
CA GLY G 280 -2.12 26.57 -38.97
C GLY G 280 -0.93 26.31 -39.87
N LYS G 281 -0.99 26.84 -41.09
CA LYS G 281 0.06 26.64 -42.07
C LYS G 281 1.29 27.49 -41.77
N GLU G 282 1.07 28.69 -41.24
CA GLU G 282 2.15 29.63 -40.96
C GLU G 282 2.51 29.71 -39.47
N ASN G 283 3.80 29.66 -39.16
CA ASN G 283 4.26 29.73 -37.77
C ASN G 283 5.73 30.16 -37.60
N VAL G 284 6.14 30.44 -36.37
CA VAL G 284 7.53 30.60 -36.01
C VAL G 284 7.88 29.41 -35.14
N THR G 285 9.11 28.93 -35.25
CA THR G 285 9.61 27.89 -34.34
C THR G 285 10.91 28.37 -33.73
N THR G 286 11.01 28.29 -32.42
CA THR G 286 12.25 28.65 -31.72
C THR G 286 12.85 27.43 -31.01
N GLU G 287 14.17 27.26 -31.13
CA GLU G 287 14.96 26.32 -30.35
C GLU G 287 15.88 27.12 -29.44
N LEU G 288 15.86 26.86 -28.13
CA LEU G 288 16.85 27.49 -27.25
C LEU G 288 18.18 26.84 -27.56
N ASN G 289 19.27 27.60 -27.47
CA ASN G 289 20.57 27.07 -27.81
C ASN G 289 21.63 27.75 -26.97
N GLY G 290 21.60 27.50 -25.68
CA GLY G 290 22.47 28.15 -24.72
C GLY G 290 21.76 29.33 -24.03
N GLY G 291 22.05 29.50 -22.75
CA GLY G 291 21.51 30.61 -22.00
C GLY G 291 22.37 30.81 -20.79
N VAL G 292 22.34 32.01 -20.24
CA VAL G 292 23.14 32.33 -19.08
C VAL G 292 22.35 33.30 -18.19
N TYR G 293 22.31 33.05 -16.88
CA TYR G 293 21.64 33.98 -15.97
C TYR G 293 22.56 34.29 -14.82
N LYS G 294 22.44 35.49 -14.31
CA LYS G 294 23.38 35.97 -13.30
C LYS G 294 22.86 35.76 -11.90
N VAL G 295 23.74 35.22 -11.08
CA VAL G 295 23.44 34.82 -9.72
C VAL G 295 24.49 35.47 -8.83
N PRO G 296 24.06 36.46 -8.01
CA PRO G 296 22.71 37.01 -8.00
C PRO G 296 22.53 37.93 -9.20
N GLY G 297 21.29 38.32 -9.51
CA GLY G 297 21.09 39.15 -10.68
C GLY G 297 19.68 39.39 -11.15
N ARG G 298 19.60 39.95 -12.34
CA ARG G 298 18.45 40.61 -12.89
C ARG G 298 18.39 40.20 -14.37
N GLU G 299 19.38 39.44 -14.82
CA GLU G 299 19.66 39.26 -16.25
C GLU G 299 19.48 37.83 -16.72
N LEU G 300 19.02 37.64 -17.95
CA LEU G 300 19.14 36.34 -18.59
C LEU G 300 19.45 36.54 -20.07
N THR G 301 20.46 35.85 -20.58
CA THR G 301 20.81 35.98 -21.98
C THR G 301 20.59 34.66 -22.63
N ILE G 302 19.83 34.63 -23.72
CA ILE G 302 19.57 33.39 -24.44
C ILE G 302 19.78 33.47 -25.95
N ASN G 303 20.29 32.41 -26.55
CA ASN G 303 20.38 32.36 -28.00
C ASN G 303 19.24 31.53 -28.51
N VAL G 304 18.55 32.01 -29.52
CA VAL G 304 17.38 31.35 -30.01
C VAL G 304 17.53 31.11 -31.50
N LYS G 305 17.47 29.85 -31.90
CA LYS G 305 17.32 29.55 -33.32
C LYS G 305 15.86 29.81 -33.70
N VAL G 306 15.61 30.92 -34.39
CA VAL G 306 14.29 31.17 -35.01
C VAL G 306 14.17 30.62 -36.44
N LYS G 307 13.00 30.11 -36.77
CA LYS G 307 12.62 29.78 -38.14
C LYS G 307 11.20 30.31 -38.37
N ASN G 308 10.95 30.83 -39.57
CA ASN G 308 9.75 31.57 -39.92
C ASN G 308 9.70 31.42 -41.41
N ASN G 309 8.86 30.60 -42.03
CA ASN G 309 7.73 29.80 -41.54
C ASN G 309 6.36 30.48 -41.72
N THR G 310 6.33 31.78 -41.46
CA THR G 310 5.27 32.60 -41.99
C THR G 310 5.70 33.18 -43.36
N SER G 311 4.77 33.90 -43.98
CA SER G 311 5.04 34.64 -45.17
C SER G 311 5.18 36.11 -44.82
N GLN G 312 5.53 36.39 -43.56
CA GLN G 312 5.75 37.76 -43.13
C GLN G 312 7.09 37.98 -42.46
N PRO G 313 7.63 39.21 -42.53
CA PRO G 313 8.82 39.50 -41.73
C PRO G 313 8.42 39.73 -40.25
N LEU G 314 9.12 39.07 -39.33
CA LEU G 314 8.73 39.14 -37.92
C LEU G 314 9.77 39.80 -37.00
N ARG G 315 9.32 40.68 -36.13
CA ARG G 315 10.18 41.08 -35.03
C ARG G 315 9.66 40.47 -33.73
N LEU G 316 10.59 40.06 -32.87
CA LEU G 316 10.28 39.54 -31.54
C LEU G 316 9.92 40.69 -30.57
N GLY G 317 8.67 40.67 -30.11
CA GLY G 317 8.16 41.71 -29.24
C GLY G 317 8.07 41.36 -27.77
N GLU G 318 7.83 40.06 -27.49
CA GLU G 318 7.52 39.62 -26.12
C GLU G 318 8.05 38.27 -25.71
N TYR G 319 8.40 38.17 -24.44
CA TYR G 319 8.71 36.89 -23.78
C TYR G 319 7.95 36.79 -22.47
N THR G 320 6.98 35.85 -22.40
CA THR G 320 6.26 35.56 -21.14
C THR G 320 6.81 34.30 -20.43
N ALA G 321 7.02 34.42 -19.12
CA ALA G 321 7.52 33.29 -18.30
C ALA G 321 6.48 32.77 -17.30
N ALA G 322 6.31 33.47 -16.18
CA ALA G 322 5.47 32.88 -15.13
C ALA G 322 4.24 33.71 -14.91
N GLY G 323 3.76 34.30 -16.01
CA GLY G 323 2.84 35.44 -15.95
C GLY G 323 3.54 36.75 -16.23
N LEU G 324 4.84 36.80 -15.90
CA LEU G 324 5.74 37.90 -16.24
C LEU G 324 5.84 38.20 -17.74
N ARG G 325 5.84 39.48 -18.06
CA ARG G 325 5.92 39.90 -19.45
C ARG G 325 7.18 40.71 -19.64
N PHE G 326 8.01 40.23 -20.55
CA PHE G 326 9.21 40.98 -20.90
C PHE G 326 9.07 41.53 -22.31
N LEU G 327 8.96 42.87 -22.39
CA LEU G 327 8.58 43.55 -23.66
C LEU G 327 9.75 44.19 -24.41
N ASN G 328 9.86 43.91 -25.72
CA ASN G 328 10.69 44.73 -26.61
C ASN G 328 9.99 46.05 -26.84
N PRO G 329 10.59 47.17 -26.40
CA PRO G 329 9.91 48.48 -26.52
C PRO G 329 9.99 49.05 -27.96
N ASP G 330 10.72 48.35 -28.85
CA ASP G 330 10.70 48.60 -30.31
C ASP G 330 9.42 48.12 -30.89
N VAL G 331 8.85 47.08 -30.30
CA VAL G 331 7.52 46.65 -30.72
C VAL G 331 6.40 47.25 -29.84
N PHE G 332 6.55 47.15 -28.54
CA PHE G 332 5.58 47.76 -27.66
C PHE G 332 5.97 49.20 -27.39
N THR G 333 5.74 50.08 -28.37
CA THR G 333 6.04 51.52 -28.21
C THR G 333 5.00 52.15 -27.27
N THR G 334 3.75 51.70 -27.42
CA THR G 334 2.87 51.55 -26.26
C THR G 334 2.41 50.10 -26.35
N LYS G 335 2.38 49.33 -25.25
CA LYS G 335 2.70 49.67 -23.82
C LYS G 335 1.50 49.39 -22.89
N PRO G 336 1.19 48.09 -22.68
CA PRO G 336 -0.13 47.61 -22.40
C PRO G 336 -0.62 47.84 -20.98
N ASP G 337 -1.94 47.64 -20.83
CA ASP G 337 -2.57 47.64 -19.54
C ASP G 337 -2.45 46.24 -18.98
N PHE G 338 -1.67 46.11 -17.90
CA PHE G 338 -1.35 44.84 -17.30
C PHE G 338 -0.59 45.06 -15.98
N PRO G 339 -0.96 44.31 -14.92
CA PRO G 339 -0.43 44.43 -13.54
C PRO G 339 1.03 44.87 -13.43
N ASP G 340 1.26 45.87 -12.59
CA ASP G 340 2.56 46.48 -12.53
C ASP G 340 3.67 45.47 -12.16
N TYR G 341 3.42 44.67 -11.10
CA TYR G 341 4.41 43.71 -10.59
C TYR G 341 5.01 42.76 -11.63
N LEU G 342 4.31 42.67 -12.75
CA LEU G 342 4.47 41.60 -13.70
C LEU G 342 4.80 42.13 -15.10
N LEU G 343 4.84 43.46 -15.25
CA LEU G 343 5.09 44.10 -16.57
C LEU G 343 6.48 44.71 -16.77
N ALA G 344 7.29 44.06 -17.60
CA ALA G 344 8.64 44.56 -17.85
C ALA G 344 8.85 45.12 -19.28
N ASP G 345 9.50 46.28 -19.37
CA ASP G 345 9.94 46.83 -20.66
C ASP G 345 11.43 46.75 -20.91
N ARG G 346 11.97 45.54 -20.72
CA ARG G 346 13.29 45.18 -21.22
C ARG G 346 13.35 43.68 -21.56
N GLY G 347 12.61 43.31 -22.60
CA GLY G 347 12.63 41.95 -23.13
C GLY G 347 13.37 41.96 -24.44
N LEU G 348 14.41 42.82 -24.46
CA LEU G 348 15.07 43.36 -25.64
C LEU G 348 16.57 42.98 -25.84
N SER G 349 16.99 42.59 -27.04
CA SER G 349 16.32 42.96 -28.29
C SER G 349 16.65 42.04 -29.45
N VAL G 350 15.85 42.11 -30.50
CA VAL G 350 16.31 41.75 -31.85
C VAL G 350 17.41 42.78 -32.21
N ASP G 351 17.58 43.01 -33.51
CA ASP G 351 18.19 44.23 -34.02
C ASP G 351 17.10 45.04 -34.69
N ALA G 352 15.87 44.55 -34.56
CA ALA G 352 14.69 44.99 -35.31
C ALA G 352 14.72 44.41 -36.73
N THR G 353 15.80 43.70 -37.05
CA THR G 353 15.96 43.01 -38.35
C THR G 353 14.99 41.81 -38.51
N PRO G 354 13.81 42.06 -39.10
CA PRO G 354 12.63 41.20 -39.04
C PRO G 354 12.73 39.74 -39.58
N ILE G 355 13.93 39.22 -39.71
CA ILE G 355 14.03 37.78 -40.00
C ILE G 355 13.55 37.44 -41.43
N ALA G 356 12.38 36.85 -41.57
CA ALA G 356 12.13 36.10 -42.77
C ALA G 356 11.24 36.89 -43.66
N PRO G 357 10.24 36.28 -44.31
CA PRO G 357 9.72 34.90 -44.34
C PRO G 357 10.76 33.89 -44.80
N GLY G 358 10.48 32.60 -44.53
CA GLY G 358 11.39 31.48 -44.79
C GLY G 358 12.76 31.49 -44.10
N GLU G 359 13.21 32.63 -43.57
CA GLU G 359 14.58 32.71 -43.05
C GLU G 359 14.71 32.00 -41.70
N ALA G 360 15.92 31.50 -41.43
CA ALA G 360 16.24 30.80 -40.19
C ALA G 360 17.40 31.51 -39.53
N LYS G 361 17.25 31.95 -38.30
CA LYS G 361 18.23 32.90 -37.80
C LYS G 361 18.46 32.79 -36.30
N GLU G 362 19.70 32.53 -35.92
CA GLU G 362 20.01 32.51 -34.50
C GLU G 362 20.18 33.92 -33.98
N ILE G 363 19.33 34.32 -33.05
CA ILE G 363 19.41 35.64 -32.43
C ILE G 363 19.75 35.58 -30.95
N VAL G 364 20.52 36.53 -30.46
CA VAL G 364 20.78 36.65 -29.04
C VAL G 364 19.67 37.48 -28.43
N VAL G 365 19.01 36.98 -27.40
CA VAL G 365 18.00 37.78 -26.68
C VAL G 365 18.45 38.07 -25.26
N LYS G 366 18.42 39.32 -24.88
CA LYS G 366 18.91 39.65 -23.56
C LYS G 366 17.72 40.13 -22.69
N ILE G 367 17.37 39.33 -21.68
CA ILE G 367 16.30 39.69 -20.74
C ILE G 367 16.91 40.35 -19.52
N GLN G 368 16.42 41.53 -19.18
CA GLN G 368 16.87 42.19 -17.97
C GLN G 368 15.75 42.98 -17.33
N ASP G 369 15.46 42.71 -16.07
CA ASP G 369 14.51 43.52 -15.32
C ASP G 369 14.55 43.16 -13.84
N ALA G 370 14.20 44.14 -13.00
CA ALA G 370 14.10 43.94 -11.57
C ALA G 370 13.12 42.82 -11.19
N ARG G 371 12.01 42.73 -11.90
CA ARG G 371 10.98 41.72 -11.65
C ARG G 371 11.45 40.27 -11.79
N TRP G 372 12.48 40.01 -12.60
CA TRP G 372 13.06 38.68 -12.69
C TRP G 372 13.58 38.25 -11.34
N ASP G 373 14.28 39.16 -10.67
CA ASP G 373 14.70 38.93 -9.31
C ASP G 373 13.53 38.98 -8.29
N ILE G 374 12.68 39.99 -8.41
CA ILE G 374 11.60 40.21 -7.44
C ILE G 374 10.62 39.05 -7.39
N GLU G 375 10.33 38.45 -8.53
CA GLU G 375 9.48 37.25 -8.60
C GLU G 375 10.31 35.98 -8.43
N ARG G 376 11.47 36.13 -7.80
CA ARG G 376 12.28 34.99 -7.40
C ARG G 376 12.56 33.99 -8.53
N LEU G 377 12.55 34.46 -9.78
CA LEU G 377 12.94 33.62 -10.91
C LEU G 377 14.47 33.46 -11.00
N SER G 378 15.18 34.33 -10.28
CA SER G 378 16.63 34.22 -10.10
C SER G 378 17.01 33.04 -9.18
N ASP G 379 16.03 32.53 -8.44
CA ASP G 379 16.25 31.43 -7.52
C ASP G 379 16.16 30.09 -8.23
N LEU G 380 16.37 30.14 -9.53
CA LEU G 380 16.48 28.95 -10.34
C LEU G 380 17.82 28.24 -10.04
N ALA G 381 18.71 28.97 -9.36
CA ALA G 381 20.01 28.47 -8.93
C ALA G 381 19.79 27.41 -7.84
N TYR G 382 18.80 27.69 -6.99
CA TYR G 382 18.34 26.77 -5.95
C TYR G 382 17.60 25.51 -6.47
N ASP G 383 17.09 25.55 -7.68
CA ASP G 383 16.27 24.47 -8.16
C ASP G 383 17.10 23.31 -8.64
N THR G 384 16.39 22.21 -8.79
CA THR G 384 16.97 20.91 -8.99
C THR G 384 17.01 20.58 -10.48
N ASP G 385 16.47 21.51 -11.27
CA ASP G 385 16.54 21.45 -12.73
C ASP G 385 16.72 22.87 -13.26
N SER G 386 17.93 23.18 -13.74
CA SER G 386 18.28 24.56 -14.15
C SER G 386 17.87 24.76 -15.60
N GLN G 387 16.64 25.24 -15.77
CA GLN G 387 15.98 25.11 -17.03
C GLN G 387 14.85 26.14 -17.14
N ILE G 388 14.84 26.84 -18.30
CA ILE G 388 13.94 27.93 -18.59
C ILE G 388 12.77 27.42 -19.44
N GLY G 389 11.62 28.08 -19.28
CA GLY G 389 10.42 27.79 -20.10
C GLY G 389 9.63 29.04 -20.50
N GLY G 390 8.80 28.92 -21.53
CA GLY G 390 7.89 30.03 -21.87
C GLY G 390 7.53 30.25 -23.32
N LEU G 391 6.82 31.36 -23.55
CA LEU G 391 6.39 31.70 -24.91
C LEU G 391 7.13 32.92 -25.39
N LEU G 392 7.55 32.83 -26.65
CA LEU G 392 8.03 34.00 -27.39
C LEU G 392 6.94 34.47 -28.33
N PHE G 393 6.71 35.80 -28.32
CA PHE G 393 5.72 36.44 -29.19
C PHE G 393 6.38 37.30 -30.28
N PHE G 394 6.21 36.85 -31.52
CA PHE G 394 6.72 37.55 -32.68
C PHE G 394 5.61 38.32 -33.38
N PHE G 395 5.94 39.49 -33.92
CA PHE G 395 4.97 40.38 -34.58
C PHE G 395 5.36 40.79 -35.99
N SER G 396 4.35 40.87 -36.85
CA SER G 396 4.49 41.41 -38.21
C SER G 396 4.51 42.97 -38.23
N PRO G 397 4.77 43.57 -39.43
CA PRO G 397 4.54 44.99 -39.73
C PRO G 397 3.22 45.52 -39.14
N ASP G 398 2.12 44.86 -39.51
CA ASP G 398 0.80 45.11 -38.94
C ASP G 398 0.64 44.49 -37.55
N GLY G 399 -0.60 44.23 -37.16
CA GLY G 399 -0.86 43.61 -35.84
C GLY G 399 -0.29 42.20 -35.61
N LYS G 400 -0.56 41.30 -36.55
CA LYS G 400 -0.44 39.83 -36.42
C LYS G 400 0.67 39.33 -35.55
N ARG G 401 0.26 38.55 -34.54
CA ARG G 401 1.14 38.00 -33.48
C ARG G 401 1.28 36.51 -33.70
N TYR G 402 2.52 36.05 -33.74
CA TYR G 402 2.85 34.62 -33.87
C TYR G 402 3.68 34.14 -32.66
N ALA G 403 3.13 33.12 -31.97
CA ALA G 403 3.65 32.65 -30.67
C ALA G 403 4.45 31.37 -30.80
N SER G 404 5.66 31.34 -30.24
CA SER G 404 6.37 30.07 -30.21
C SER G 404 6.87 29.76 -28.80
N GLU G 405 6.97 28.47 -28.47
CA GLU G 405 7.40 28.02 -27.13
C GLU G 405 8.90 27.93 -27.06
N ILE G 406 9.47 28.54 -26.03
CA ILE G 406 10.89 28.46 -25.84
C ILE G 406 11.19 27.73 -24.53
N GLY G 407 12.24 26.88 -24.53
CA GLY G 407 12.64 26.23 -23.29
C GLY G 407 13.87 25.34 -23.35
N GLY G 408 14.54 25.22 -22.22
CA GLY G 408 15.66 24.31 -22.15
C GLY G 408 16.66 24.73 -21.10
N PRO G 409 17.84 24.08 -21.11
CA PRO G 409 18.82 24.29 -20.02
C PRO G 409 19.46 25.65 -20.09
N VAL G 410 19.52 26.35 -18.95
CA VAL G 410 20.37 27.54 -18.88
C VAL G 410 21.42 27.40 -17.78
N ILE G 411 22.53 28.10 -17.91
CA ILE G 411 23.66 28.01 -17.00
C ILE G 411 23.79 29.28 -16.15
N PRO G 412 24.14 29.15 -14.86
CA PRO G 412 24.29 30.37 -14.07
C PRO G 412 25.69 30.97 -14.18
N LYS G 413 25.80 32.26 -13.98
CA LYS G 413 27.08 32.91 -13.99
C LYS G 413 27.11 33.36 -12.55
N PHE G 414 28.10 32.90 -11.82
CA PHE G 414 28.21 33.26 -10.42
C PHE G 414 29.02 34.53 -10.24
N VAL G 415 28.31 35.64 -9.99
CA VAL G 415 28.96 36.93 -9.94
C VAL G 415 29.21 37.34 -8.49
N ALA G 416 29.89 38.48 -8.29
CA ALA G 416 30.23 38.99 -6.94
C ALA G 416 29.02 39.24 -6.02
N HIS H 29 26.36 -9.46 -20.39
CA HIS H 29 26.52 -10.87 -20.88
C HIS H 29 25.31 -11.71 -20.60
N GLY H 30 24.41 -11.17 -19.76
CA GLY H 30 23.25 -11.90 -19.24
C GLY H 30 22.24 -12.32 -20.29
N GLU H 31 22.18 -11.55 -21.37
CA GLU H 31 21.12 -11.66 -22.35
C GLU H 31 20.61 -13.08 -22.64
N LYS H 32 21.49 -14.09 -22.68
CA LYS H 32 21.08 -15.45 -23.04
C LYS H 32 20.03 -15.99 -22.10
N SER H 33 20.16 -15.63 -20.81
CA SER H 33 19.25 -16.12 -19.80
C SER H 33 17.89 -15.45 -19.84
N GLN H 34 17.84 -14.22 -20.37
CA GLN H 34 16.59 -13.48 -20.52
C GLN H 34 15.58 -14.16 -21.41
N GLN H 35 14.29 -13.90 -21.16
CA GLN H 35 13.23 -14.59 -21.86
C GLN H 35 13.22 -14.23 -23.35
N ALA H 36 13.33 -15.25 -24.19
CA ALA H 36 13.43 -15.07 -25.65
C ALA H 36 12.39 -14.07 -26.24
N PHE H 37 11.12 -14.28 -25.95
CA PHE H 37 10.08 -13.48 -26.59
C PHE H 37 10.15 -12.02 -26.18
N LEU H 38 10.63 -11.74 -24.97
CA LEU H 38 10.74 -10.34 -24.55
C LEU H 38 11.91 -9.65 -25.23
N ARG H 39 12.92 -10.43 -25.59
CA ARG H 39 14.11 -9.89 -26.20
C ARG H 39 13.86 -9.51 -27.65
N MET H 40 13.05 -10.32 -28.34
CA MET H 40 12.59 -10.03 -29.69
C MET H 40 11.53 -8.93 -29.78
N ARG H 41 10.56 -8.90 -28.86
CA ARG H 41 9.45 -7.95 -29.00
C ARG H 41 9.52 -6.63 -28.21
N THR H 42 10.71 -6.10 -27.95
CA THR H 42 10.86 -4.83 -27.23
C THR H 42 11.72 -3.87 -28.04
N LEU H 43 13.02 -3.85 -27.77
CA LEU H 43 13.95 -3.06 -28.59
C LEU H 43 14.56 -3.93 -29.70
N ASN H 44 14.58 -3.36 -30.91
CA ASN H 44 15.11 -4.00 -32.10
C ASN H 44 16.30 -3.16 -32.50
N TRP H 45 17.49 -3.74 -32.38
CA TRP H 45 18.76 -3.02 -32.51
C TRP H 45 19.30 -3.16 -33.90
N TYR H 46 19.65 -2.03 -34.52
CA TYR H 46 20.35 -2.10 -35.81
C TYR H 46 21.49 -1.07 -35.95
N ASP H 47 22.40 -1.37 -36.87
CA ASP H 47 23.48 -0.47 -37.22
C ASP H 47 24.41 -0.15 -36.03
N VAL H 48 24.51 -1.09 -35.10
CA VAL H 48 25.38 -0.89 -33.93
C VAL H 48 26.85 -0.92 -34.40
N GLN H 49 27.68 -0.08 -33.81
CA GLN H 49 29.05 0.13 -34.29
C GLN H 49 29.95 0.66 -33.18
N TRP H 50 31.16 0.12 -33.16
CA TRP H 50 32.22 0.50 -32.19
C TRP H 50 33.33 1.24 -32.91
N SER H 51 33.40 2.53 -32.66
CA SER H 51 34.44 3.37 -33.24
C SER H 51 35.74 2.57 -33.44
N LYS H 52 36.23 1.96 -32.36
CA LYS H 52 37.44 1.13 -32.32
C LYS H 52 37.18 -0.22 -31.61
N THR H 53 38.11 -1.15 -31.73
CA THR H 53 38.05 -2.40 -30.93
C THR H 53 39.31 -2.59 -30.10
N THR H 54 40.15 -1.55 -30.05
CA THR H 54 41.35 -1.56 -29.26
C THR H 54 41.55 -0.13 -28.91
N VAL H 55 42.04 0.13 -27.71
CA VAL H 55 42.16 1.50 -27.25
C VAL H 55 43.13 1.59 -26.08
N ASN H 56 43.87 2.69 -26.01
CA ASN H 56 44.73 2.96 -24.85
C ASN H 56 43.94 3.60 -23.75
N VAL H 57 44.38 3.34 -22.53
CA VAL H 57 43.95 4.10 -21.38
C VAL H 57 43.98 5.59 -21.76
N ASN H 58 42.86 6.27 -21.51
CA ASN H 58 42.63 7.69 -21.86
C ASN H 58 42.18 7.99 -23.28
N GLU H 59 42.23 7.00 -24.16
CA GLU H 59 41.84 7.21 -25.55
C GLU H 59 40.35 6.99 -25.70
N GLU H 60 39.68 7.84 -26.49
CA GLU H 60 38.22 7.79 -26.67
C GLU H 60 37.77 6.73 -27.65
N MET H 61 36.48 6.43 -27.66
CA MET H 61 35.83 5.57 -28.66
C MET H 61 34.33 5.79 -28.57
N VAL H 62 33.60 5.55 -29.65
CA VAL H 62 32.15 5.68 -29.56
C VAL H 62 31.39 4.41 -29.91
N LEU H 63 30.45 4.10 -29.04
CA LEU H 63 29.53 3.04 -29.36
C LEU H 63 28.31 3.76 -29.84
N SER H 64 27.73 3.26 -30.94
CA SER H 64 26.63 3.96 -31.59
C SER H 64 25.71 2.98 -32.29
N GLY H 65 24.52 3.47 -32.64
CA GLY H 65 23.56 2.63 -33.32
C GLY H 65 22.13 3.16 -33.31
N LYS H 66 21.23 2.33 -33.81
CA LYS H 66 19.84 2.74 -33.88
C LYS H 66 19.00 1.69 -33.19
N VAL H 67 17.80 2.05 -32.77
CA VAL H 67 16.91 1.11 -32.10
C VAL H 67 15.44 1.33 -32.45
N HIS H 68 14.69 0.26 -32.64
CA HIS H 68 13.26 0.42 -32.98
C HIS H 68 12.37 -0.14 -31.90
N VAL H 69 11.54 0.74 -31.33
CA VAL H 69 10.65 0.38 -30.24
C VAL H 69 9.44 -0.40 -30.76
N PHE H 70 9.52 -1.74 -30.70
CA PHE H 70 8.46 -2.64 -31.17
C PHE H 70 7.03 -2.13 -30.93
N SER H 71 6.20 -2.24 -31.95
CA SER H 71 4.88 -1.61 -31.91
C SER H 71 3.84 -2.32 -31.00
N ALA H 72 4.06 -3.61 -30.72
CA ALA H 72 3.17 -4.41 -29.82
C ALA H 72 3.95 -4.77 -28.56
N TRP H 73 4.05 -3.79 -27.67
CA TRP H 73 4.91 -3.84 -26.51
C TRP H 73 4.32 -4.75 -25.46
N PRO H 74 5.13 -5.68 -24.92
CA PRO H 74 4.56 -6.71 -24.06
C PRO H 74 4.17 -6.22 -22.64
N GLN H 75 2.98 -6.64 -22.21
CA GLN H 75 2.41 -6.38 -20.86
C GLN H 75 3.43 -6.41 -19.72
N ALA H 76 4.20 -7.48 -19.70
CA ALA H 76 5.26 -7.73 -18.73
C ALA H 76 6.30 -6.60 -18.54
N VAL H 77 6.42 -5.72 -19.51
CA VAL H 77 7.42 -4.68 -19.43
C VAL H 77 6.70 -3.34 -19.42
N ALA H 78 6.98 -2.50 -18.44
CA ALA H 78 6.30 -1.21 -18.41
C ALA H 78 6.57 -0.46 -19.69
N ASN H 79 5.57 0.32 -20.12
CA ASN H 79 5.77 1.32 -21.16
C ASN H 79 7.10 2.02 -21.06
N PRO H 80 7.81 2.20 -22.21
CA PRO H 80 9.19 2.76 -22.13
C PRO H 80 9.20 4.27 -22.03
N ARG H 81 8.09 4.80 -21.55
CA ARG H 81 7.95 6.20 -21.22
C ARG H 81 9.06 6.72 -20.33
N VAL H 82 9.62 5.87 -19.47
CA VAL H 82 10.80 6.24 -18.64
C VAL H 82 11.95 5.23 -18.86
N SER H 83 13.02 5.63 -19.55
CA SER H 83 14.11 4.69 -19.91
C SER H 83 15.45 5.34 -19.71
N PHE H 84 16.52 4.55 -19.87
CA PHE H 84 17.88 5.08 -19.71
C PHE H 84 18.89 4.33 -20.57
N LEU H 85 19.61 5.10 -21.39
CA LEU H 85 20.71 4.60 -22.22
C LEU H 85 21.92 4.32 -21.37
N ASN H 86 22.55 3.18 -21.65
CA ASN H 86 23.71 2.76 -20.89
C ASN H 86 24.74 1.94 -21.72
N ALA H 87 26.01 2.01 -21.28
CA ALA H 87 27.05 1.06 -21.69
C ALA H 87 27.01 -0.24 -20.88
N GLY H 88 26.46 -1.30 -21.49
CA GLY H 88 26.52 -2.65 -20.92
C GLY H 88 27.98 -3.05 -20.81
N GLU H 89 28.55 -2.92 -19.62
CA GLU H 89 29.97 -3.16 -19.38
C GLU H 89 30.32 -3.48 -17.89
N PRO H 90 31.18 -4.52 -17.65
CA PRO H 90 31.62 -4.98 -16.29
C PRO H 90 32.33 -3.91 -15.44
N GLY H 91 31.57 -2.90 -14.99
CA GLY H 91 32.09 -1.82 -14.12
C GLY H 91 32.83 -0.85 -15.00
N PRO H 92 33.39 0.23 -14.40
CA PRO H 92 34.01 1.27 -15.23
C PRO H 92 35.38 0.91 -15.83
N VAL H 93 35.39 -0.09 -16.74
CA VAL H 93 36.60 -0.43 -17.50
C VAL H 93 36.85 0.66 -18.54
N LEU H 94 35.74 1.28 -18.96
CA LEU H 94 35.70 2.44 -19.84
C LEU H 94 34.81 3.47 -19.18
N VAL H 95 35.34 4.67 -18.99
CA VAL H 95 34.50 5.74 -18.52
C VAL H 95 33.64 6.32 -19.65
N ARG H 96 32.31 6.37 -19.44
CA ARG H 96 31.41 7.17 -20.26
C ARG H 96 31.62 8.69 -20.05
N THR H 97 31.67 9.39 -21.19
CA THR H 97 32.11 10.77 -21.25
C THR H 97 30.93 11.61 -21.70
N ALA H 98 30.15 11.04 -22.60
CA ALA H 98 28.84 11.55 -22.90
C ALA H 98 28.02 10.49 -23.64
N GLN H 99 26.73 10.75 -23.74
CA GLN H 99 25.88 9.89 -24.56
C GLN H 99 24.70 10.71 -25.08
N PHE H 100 24.03 10.16 -26.08
CA PHE H 100 23.03 10.86 -26.83
C PHE H 100 22.08 9.82 -27.34
N ILE H 101 20.79 10.17 -27.32
CA ILE H 101 19.77 9.36 -27.95
C ILE H 101 18.66 10.31 -28.31
N GLY H 102 17.88 9.99 -29.35
CA GLY H 102 16.83 10.89 -29.86
C GLY H 102 17.32 12.31 -30.09
N GLU H 103 18.62 12.41 -30.40
CA GLU H 103 19.27 13.67 -30.79
C GLU H 103 19.45 14.60 -29.60
N GLN H 104 19.34 14.02 -28.40
CA GLN H 104 19.63 14.74 -27.16
C GLN H 104 20.75 14.09 -26.39
N PHE H 105 21.48 14.93 -25.66
CA PHE H 105 22.44 14.54 -24.64
C PHE H 105 21.59 13.96 -23.54
N ALA H 106 21.91 12.70 -23.15
CA ALA H 106 21.05 11.88 -22.30
C ALA H 106 21.76 11.40 -21.04
N PRO H 107 22.09 12.34 -20.12
CA PRO H 107 22.61 11.83 -18.85
C PRO H 107 21.50 11.39 -17.88
N ARG H 108 20.23 11.59 -18.25
CA ARG H 108 19.08 11.34 -17.34
C ARG H 108 18.08 10.57 -18.15
N SER H 109 16.90 10.33 -17.59
CA SER H 109 16.02 9.36 -18.20
C SER H 109 15.27 10.00 -19.33
N VAL H 110 14.91 9.19 -20.32
CA VAL H 110 14.29 9.68 -21.55
C VAL H 110 13.01 8.91 -21.89
N SER H 111 12.14 9.46 -22.73
CA SER H 111 10.96 8.70 -23.17
C SER H 111 11.13 8.06 -24.51
N LEU H 112 10.74 6.81 -24.66
CA LEU H 112 10.71 6.22 -25.98
C LEU H 112 9.27 5.96 -26.34
N GLU H 113 8.88 6.42 -27.53
CA GLU H 113 7.55 6.12 -28.02
C GLU H 113 7.52 4.78 -28.73
N ILE H 114 6.43 4.06 -28.55
CA ILE H 114 6.24 2.73 -29.13
C ILE H 114 6.00 2.88 -30.62
N GLY H 115 6.80 2.17 -31.40
CA GLY H 115 6.72 2.31 -32.85
C GLY H 115 7.83 3.13 -33.49
N LYS H 116 8.47 4.01 -32.75
CA LYS H 116 9.44 4.91 -33.36
C LYS H 116 10.84 4.36 -33.32
N ASP H 117 11.76 4.99 -34.04
CA ASP H 117 13.18 4.63 -34.04
C ASP H 117 14.02 5.72 -33.44
N TYR H 118 15.12 5.35 -32.81
CA TYR H 118 15.94 6.39 -32.25
C TYR H 118 17.34 5.98 -32.54
N ALA H 119 18.20 6.97 -32.60
CA ALA H 119 19.59 6.74 -32.87
C ALA H 119 20.22 7.19 -31.59
N PHE H 120 21.34 6.57 -31.23
CA PHE H 120 22.02 6.85 -29.97
C PHE H 120 23.53 6.71 -30.20
N SER H 121 24.30 7.33 -29.30
CA SER H 121 25.71 7.06 -29.21
C SER H 121 26.32 7.43 -27.83
N ILE H 122 27.39 6.71 -27.48
CA ILE H 122 27.99 6.77 -26.18
C ILE H 122 29.47 6.91 -26.44
N ASN H 123 30.04 7.97 -25.88
CA ASN H 123 31.48 8.19 -25.92
C ASN H 123 32.17 7.52 -24.74
N LEU H 124 32.91 6.45 -25.00
CA LEU H 124 33.67 5.77 -23.97
C LEU H 124 35.17 6.10 -24.06
N ARG H 125 35.83 6.17 -22.90
CA ARG H 125 37.26 6.49 -22.75
C ARG H 125 37.94 5.38 -21.90
N GLY H 126 38.95 4.72 -22.46
CA GLY H 126 39.59 3.56 -21.81
C GLY H 126 40.19 3.80 -20.43
N ARG H 127 39.96 2.85 -19.54
CA ARG H 127 40.38 2.95 -18.13
C ARG H 127 41.16 1.73 -17.64
N ARG H 128 40.64 0.54 -17.88
CA ARG H 128 41.26 -0.62 -17.26
C ARG H 128 41.66 -1.64 -18.27
N ALA H 129 42.98 -1.89 -18.31
CA ALA H 129 43.59 -2.78 -19.28
C ALA H 129 42.99 -4.19 -19.29
N GLY H 130 42.58 -4.69 -20.44
CA GLY H 130 42.01 -6.04 -20.51
C GLY H 130 41.15 -6.24 -21.74
N ARG H 131 40.48 -7.37 -21.83
CA ARG H 131 39.62 -7.64 -22.97
C ARG H 131 38.15 -7.78 -22.54
N TRP H 132 37.44 -6.65 -22.58
CA TRP H 132 36.07 -6.50 -22.11
C TRP H 132 35.06 -6.58 -23.21
N HIS H 133 33.86 -7.08 -22.89
CA HIS H 133 32.76 -7.19 -23.85
C HIS H 133 31.71 -6.14 -23.57
N VAL H 134 31.64 -5.14 -24.47
CA VAL H 134 30.91 -3.89 -24.25
C VAL H 134 29.62 -3.80 -25.09
N HIS H 135 28.48 -3.72 -24.40
CA HIS H 135 27.16 -3.70 -25.01
C HIS H 135 26.52 -2.33 -25.04
N ALA H 136 25.53 -2.21 -25.93
CA ALA H 136 24.59 -1.10 -25.89
C ALA H 136 23.43 -1.58 -25.06
N GLN H 137 22.94 -0.68 -24.20
CA GLN H 137 21.96 -1.07 -23.22
C GLN H 137 20.94 0.01 -22.98
N ILE H 138 19.70 -0.42 -22.83
CA ILE H 138 18.63 0.47 -22.42
C ILE H 138 17.81 -0.24 -21.34
N ASN H 139 17.58 0.49 -20.25
CA ASN H 139 16.75 0.00 -19.15
C ASN H 139 15.43 0.71 -19.14
N VAL H 140 14.34 -0.02 -19.04
CA VAL H 140 13.02 0.58 -18.91
C VAL H 140 12.61 0.51 -17.45
N GLU H 141 12.04 1.60 -16.94
CA GLU H 141 11.66 1.70 -15.54
C GLU H 141 10.68 0.61 -15.08
N GLY H 142 9.58 0.44 -15.78
CA GLY H 142 8.74 -0.66 -15.34
C GLY H 142 9.37 -2.05 -15.42
N GLY H 143 10.38 -2.26 -16.27
CA GLY H 143 10.73 -3.57 -16.77
C GLY H 143 12.12 -4.15 -16.58
N GLY H 144 13.16 -3.32 -16.54
CA GLY H 144 14.52 -3.83 -16.37
C GLY H 144 15.48 -3.60 -17.53
N PRO H 145 16.63 -4.29 -17.55
CA PRO H 145 17.64 -4.13 -18.61
C PRO H 145 17.26 -4.81 -19.92
N ILE H 146 17.45 -4.10 -21.04
CA ILE H 146 17.38 -4.69 -22.38
C ILE H 146 18.76 -4.51 -23.03
N ILE H 147 19.37 -5.65 -23.36
CA ILE H 147 20.79 -5.72 -23.75
C ILE H 147 20.94 -5.79 -25.26
N GLY H 148 21.64 -4.79 -25.80
CA GLY H 148 21.92 -4.76 -27.23
C GLY H 148 23.17 -5.56 -27.57
N PRO H 149 23.62 -5.47 -28.83
CA PRO H 149 24.84 -6.11 -29.28
C PRO H 149 26.02 -5.61 -28.49
N GLY H 150 26.96 -6.52 -28.22
CA GLY H 150 28.21 -6.16 -27.55
C GLY H 150 29.38 -6.62 -28.38
N GLN H 151 30.55 -6.06 -28.07
CA GLN H 151 31.75 -6.30 -28.85
C GLN H 151 32.93 -6.27 -27.93
N TRP H 152 33.86 -7.20 -28.11
CA TRP H 152 35.15 -7.12 -27.43
C TRP H 152 35.92 -5.87 -27.72
N ILE H 153 36.46 -5.26 -26.67
CA ILE H 153 37.21 -4.03 -26.80
C ILE H 153 38.44 -4.21 -25.94
N GLU H 154 39.59 -4.40 -26.59
CA GLU H 154 40.86 -4.48 -25.85
C GLU H 154 41.26 -3.11 -25.33
N ILE H 155 41.81 -3.04 -24.13
CA ILE H 155 42.34 -1.79 -23.63
C ILE H 155 43.78 -2.03 -23.21
N LYS H 156 44.67 -1.12 -23.59
CA LYS H 156 46.10 -1.23 -23.30
C LYS H 156 46.53 -0.05 -22.45
N GLY H 157 47.52 -0.28 -21.60
CA GLY H 157 48.02 0.77 -20.73
C GLY H 157 47.91 0.34 -19.28
N ASP H 158 48.09 1.29 -18.38
CA ASP H 158 48.12 1.02 -16.97
C ASP H 158 47.19 2.05 -16.33
N MET H 159 46.24 1.55 -15.55
CA MET H 159 45.21 2.37 -14.94
C MET H 159 45.76 3.52 -14.09
N LYS H 160 47.01 3.40 -13.61
CA LYS H 160 47.73 4.50 -12.92
C LYS H 160 47.73 5.77 -13.74
N ASP H 161 47.79 5.57 -15.06
CA ASP H 161 47.91 6.64 -16.04
C ASP H 161 46.58 7.34 -16.36
N PHE H 162 45.46 6.61 -16.26
CA PHE H 162 44.11 7.15 -16.45
C PHE H 162 43.81 8.44 -15.67
N THR H 163 43.31 9.42 -16.42
CA THR H 163 42.77 10.64 -15.86
C THR H 163 41.44 10.95 -16.54
N ASP H 164 40.79 12.03 -16.07
CA ASP H 164 39.63 12.55 -16.79
C ASP H 164 39.96 13.55 -17.91
N PRO H 165 40.05 14.84 -17.63
CA PRO H 165 39.60 15.64 -16.50
C PRO H 165 38.28 16.32 -16.89
N VAL H 166 37.95 17.40 -16.19
CA VAL H 166 36.61 17.94 -16.26
C VAL H 166 36.75 19.39 -15.87
N THR H 167 36.00 20.27 -16.56
CA THR H 167 36.05 21.69 -16.29
C THR H 167 34.87 22.19 -15.46
N LEU H 168 35.16 22.80 -14.33
CA LEU H 168 34.14 23.45 -13.52
C LEU H 168 33.62 24.71 -14.21
N LEU H 169 32.54 25.27 -13.68
CA LEU H 169 31.94 26.51 -14.20
C LEU H 169 32.83 27.70 -13.90
N ASP H 170 33.57 27.65 -12.80
CA ASP H 170 34.50 28.72 -12.48
C ASP H 170 35.75 28.72 -13.39
N GLY H 171 35.83 27.73 -14.30
CA GLY H 171 36.91 27.65 -15.29
C GLY H 171 38.02 26.65 -15.00
N SER H 172 38.25 26.37 -13.71
CA SER H 172 39.26 25.39 -13.28
C SER H 172 39.02 23.93 -13.67
N THR H 173 40.10 23.17 -13.77
CA THR H 173 40.01 21.74 -14.06
C THR H 173 40.21 20.86 -12.83
N VAL H 174 39.63 19.67 -12.86
CA VAL H 174 39.79 18.72 -11.80
C VAL H 174 39.87 17.37 -12.48
N ASP H 175 40.58 16.43 -11.86
CA ASP H 175 40.60 15.08 -12.37
C ASP H 175 39.59 14.29 -11.56
N LEU H 176 38.58 13.73 -12.21
CA LEU H 176 37.52 13.07 -11.46
C LEU H 176 37.94 11.77 -10.81
N GLU H 177 38.99 11.15 -11.36
CA GLU H 177 39.53 9.90 -10.86
C GLU H 177 39.95 10.02 -9.40
N HIS H 178 40.29 11.23 -8.97
CA HIS H 178 40.84 11.50 -7.63
C HIS H 178 40.18 12.63 -6.94
N TYR H 179 39.44 13.45 -7.68
CA TYR H 179 38.97 14.71 -7.11
C TYR H 179 38.07 14.45 -5.92
N GLY H 180 38.35 15.16 -4.83
CA GLY H 180 37.49 15.19 -3.64
C GLY H 180 37.78 14.12 -2.59
N ILE H 181 38.32 12.99 -3.04
CA ILE H 181 38.59 11.84 -2.20
C ILE H 181 39.44 12.13 -0.94
N SER H 182 40.40 13.05 -1.02
CA SER H 182 41.20 13.44 0.13
C SER H 182 40.36 14.07 1.23
N ARG H 183 39.54 15.03 0.81
CA ARG H 183 38.74 15.80 1.69
C ARG H 183 37.77 14.87 2.43
N VAL H 184 37.33 13.81 1.72
CA VAL H 184 36.41 12.81 2.31
C VAL H 184 37.05 12.14 3.52
N TYR H 185 38.16 11.42 3.26
CA TYR H 185 39.05 10.83 4.27
C TYR H 185 39.39 11.80 5.38
N ALA H 186 39.72 13.04 5.03
CA ALA H 186 40.12 14.05 6.02
C ALA H 186 39.02 14.30 7.01
N TRP H 187 37.77 14.21 6.56
CA TRP H 187 36.63 14.31 7.46
C TRP H 187 36.27 13.00 8.15
N HIS H 188 36.13 11.91 7.38
CA HIS H 188 35.72 10.61 7.93
C HIS H 188 36.68 9.99 8.89
N LEU H 189 37.96 9.90 8.55
CA LEU H 189 38.82 9.15 9.44
C LEU H 189 38.94 9.78 10.84
N PRO H 190 39.23 11.09 10.93
CA PRO H 190 39.29 11.72 12.27
C PRO H 190 38.08 11.41 13.12
N TRP H 191 36.87 11.46 12.54
CA TRP H 191 35.67 11.13 13.30
C TRP H 191 35.59 9.71 13.79
N MET H 192 35.79 8.73 12.91
CA MET H 192 35.96 7.33 13.35
C MET H 192 37.01 7.17 14.44
N ALA H 193 38.19 7.77 14.27
CA ALA H 193 39.16 7.81 15.36
C ALA H 193 38.55 8.43 16.65
N VAL H 194 37.90 9.59 16.56
CA VAL H 194 37.25 10.17 17.75
C VAL H 194 36.24 9.17 18.35
N GLY H 195 35.49 8.51 17.48
CA GLY H 195 34.49 7.53 17.92
C GLY H 195 35.11 6.42 18.75
N ALA H 196 36.12 5.77 18.14
CA ALA H 196 36.95 4.76 18.82
C ALA H 196 37.54 5.28 20.12
N ALA H 197 38.11 6.49 20.14
CA ALA H 197 38.69 7.01 21.40
C ALA H 197 37.68 6.93 22.55
N TRP H 198 36.50 7.49 22.33
CA TRP H 198 35.40 7.59 23.32
C TRP H 198 34.94 6.27 23.84
N ILE H 199 34.80 5.27 22.97
CA ILE H 199 34.47 3.93 23.37
C ILE H 199 35.57 3.42 24.27
N PHE H 200 36.82 3.48 23.80
CA PHE H 200 37.95 3.01 24.62
C PHE H 200 38.03 3.75 25.94
N PHE H 201 37.88 5.06 25.92
CA PHE H 201 37.84 5.80 27.16
C PHE H 201 36.97 5.14 28.24
N TRP H 202 35.67 5.03 27.99
CA TRP H 202 34.75 4.42 28.96
C TRP H 202 35.05 3.00 29.27
N PHE H 203 35.53 2.23 28.28
CA PHE H 203 35.77 0.81 28.47
C PHE H 203 36.92 0.57 29.43
N VAL H 204 37.76 1.59 29.57
CA VAL H 204 38.95 1.53 30.39
C VAL H 204 38.58 2.10 31.75
N ARG H 205 38.25 3.40 31.83
CA ARG H 205 37.86 4.03 33.09
C ARG H 205 36.84 3.28 33.97
N LYS H 206 36.07 2.37 33.36
CA LYS H 206 35.06 1.53 34.05
C LYS H 206 35.18 0.22 33.31
N GLY H 207 34.88 -0.90 33.95
CA GLY H 207 35.07 -2.12 33.18
C GLY H 207 33.81 -2.46 32.40
N ILE H 208 33.78 -3.62 31.76
CA ILE H 208 32.50 -4.18 31.35
C ILE H 208 31.94 -4.90 32.57
N ILE H 209 32.64 -5.98 32.96
CA ILE H 209 32.35 -6.79 34.16
C ILE H 209 32.19 -5.98 35.47
N THR H 210 33.16 -5.14 35.80
CA THR H 210 33.05 -4.26 36.99
C THR H 210 31.78 -3.47 36.94
N SER H 211 31.51 -2.87 35.77
CA SER H 211 30.33 -2.01 35.58
C SER H 211 29.05 -2.79 35.69
N TYR H 212 28.99 -3.93 35.01
CA TYR H 212 27.84 -4.80 35.10
C TYR H 212 27.50 -5.07 36.54
N ILE H 213 28.52 -5.62 37.25
CA ILE H 213 28.45 -5.94 38.68
C ILE H 213 27.98 -4.74 39.48
N ARG H 214 28.69 -3.61 39.38
CA ARG H 214 28.30 -2.47 40.17
C ARG H 214 26.84 -2.18 39.99
N VAL H 215 26.40 -2.03 38.73
CA VAL H 215 25.00 -1.77 38.38
C VAL H 215 24.06 -2.80 39.00
N ALA H 216 24.34 -4.09 38.75
CA ALA H 216 23.60 -5.22 39.34
C ALA H 216 23.53 -5.25 40.88
N GLU H 217 24.59 -4.83 41.56
CA GLU H 217 24.64 -4.80 43.02
C GLU H 217 23.76 -3.72 43.59
N GLY H 218 23.56 -2.63 42.87
CA GLY H 218 22.80 -1.55 43.43
C GLY H 218 23.30 -0.22 42.97
N LYS H 219 24.62 -0.04 42.93
CA LYS H 219 25.24 1.21 42.46
C LYS H 219 26.29 0.91 41.38
N ALA H 220 26.14 1.36 40.13
CA ALA H 220 25.12 2.26 39.55
C ALA H 220 25.61 3.69 39.54
N ASP H 221 25.67 4.32 40.71
CA ASP H 221 26.19 5.67 40.81
C ASP H 221 27.67 5.66 41.00
N ASP H 222 28.20 4.46 41.16
CA ASP H 222 29.63 4.29 41.27
C ASP H 222 30.22 4.28 39.88
N VAL H 223 29.38 3.89 38.92
CA VAL H 223 29.81 3.82 37.52
C VAL H 223 29.88 5.20 36.90
N ILE H 224 28.80 5.96 37.07
CA ILE H 224 28.66 7.29 36.53
C ILE H 224 28.16 8.28 37.59
N GLY H 225 29.04 9.20 37.96
CA GLY H 225 28.60 10.42 38.62
C GLY H 225 29.26 11.53 37.83
N ASP H 226 28.73 12.75 37.89
CA ASP H 226 29.51 13.91 37.44
C ASP H 226 30.69 13.79 38.38
N ASP H 227 31.92 13.91 37.90
CA ASP H 227 32.31 14.55 36.67
C ASP H 227 32.57 13.60 35.50
N ASP H 228 31.86 12.50 35.42
CA ASP H 228 31.82 11.74 34.16
C ASP H 228 30.95 12.52 33.18
N ARG H 229 29.86 13.05 33.73
CA ARG H 229 29.01 14.03 33.06
C ARG H 229 29.73 15.31 32.64
N ARG H 230 30.66 15.82 33.45
CA ARG H 230 31.50 16.93 33.00
C ARG H 230 32.28 16.57 31.72
N ILE H 231 32.87 15.38 31.69
CA ILE H 231 33.62 14.94 30.53
C ILE H 231 32.73 14.84 29.27
N GLY H 232 31.54 14.27 29.45
CA GLY H 232 30.56 14.17 28.37
C GLY H 232 30.13 15.53 27.88
N ALA H 233 29.76 16.41 28.83
CA ALA H 233 29.38 17.80 28.53
C ALA H 233 30.45 18.52 27.74
N ILE H 234 31.71 18.25 28.04
CA ILE H 234 32.81 18.87 27.30
C ILE H 234 33.03 18.23 25.93
N VAL H 235 33.00 16.90 25.87
CA VAL H 235 33.19 16.26 24.56
C VAL H 235 32.12 16.72 23.60
N LEU H 236 30.88 16.83 24.10
CA LEU H 236 29.79 17.30 23.26
C LEU H 236 30.00 18.74 22.81
N ALA H 237 30.37 19.63 23.73
CA ALA H 237 30.71 21.00 23.31
C ALA H 237 31.76 20.97 22.20
N LEU H 238 32.83 20.20 22.40
CA LEU H 238 33.90 20.10 21.41
C LEU H 238 33.41 19.56 20.07
N THR H 239 32.53 18.57 20.12
CA THR H 239 31.95 18.00 18.92
C THR H 239 31.10 19.01 18.11
N ILE H 240 30.11 19.63 18.77
CA ILE H 240 29.32 20.68 18.14
C ILE H 240 30.20 21.75 17.54
N LEU H 241 31.21 22.16 18.29
CA LEU H 241 32.11 23.21 17.85
C LEU H 241 32.85 22.79 16.60
N ALA H 242 33.45 21.61 16.63
CA ALA H 242 34.13 21.07 15.48
C ALA H 242 33.18 20.94 14.30
N THR H 243 31.91 20.71 14.56
CA THR H 243 30.93 20.61 13.47
C THR H 243 30.63 21.98 12.82
N ILE H 244 30.30 22.98 13.65
CA ILE H 244 30.13 24.36 13.20
C ILE H 244 31.32 24.84 12.39
N VAL H 245 32.52 24.82 12.98
CA VAL H 245 33.77 25.12 12.26
C VAL H 245 33.87 24.41 10.89
N GLY H 246 33.80 23.09 10.87
CA GLY H 246 34.05 22.34 9.63
C GLY H 246 33.01 22.65 8.57
N TYR H 247 31.82 23.03 9.04
CA TYR H 247 30.75 23.45 8.17
C TYR H 247 31.14 24.76 7.48
N ALA H 248 31.34 25.79 8.33
CA ALA H 248 31.77 27.15 7.91
C ALA H 248 32.94 27.12 6.96
N VAL H 249 34.01 26.42 7.31
CA VAL H 249 35.18 26.27 6.43
C VAL H 249 34.80 25.71 5.08
N THR H 250 34.12 24.58 5.02
CA THR H 250 33.76 23.95 3.72
C THR H 250 32.82 24.85 2.95
N ASN H 251 32.18 25.77 3.68
CA ASN H 251 31.34 26.80 3.08
C ASN H 251 32.11 27.92 2.38
N SER H 252 33.34 28.17 2.86
CA SER H 252 34.28 29.17 2.31
C SER H 252 35.04 28.63 1.12
N THR H 253 35.76 27.52 1.26
CA THR H 253 36.05 26.73 0.08
C THR H 253 34.64 26.58 -0.50
N PHE H 254 34.50 26.33 -1.79
CA PHE H 254 33.13 25.97 -2.32
C PHE H 254 31.94 26.87 -1.88
N PRO H 255 31.93 28.18 -2.24
CA PRO H 255 30.83 28.96 -1.69
C PRO H 255 29.62 28.96 -2.64
N ARG H 256 29.73 28.27 -3.78
CA ARG H 256 28.64 28.21 -4.78
C ARG H 256 28.39 26.81 -5.30
N THR H 257 27.35 26.18 -4.75
CA THR H 257 27.01 24.79 -5.09
C THR H 257 25.55 24.68 -5.52
N ILE H 258 25.29 23.68 -6.34
CA ILE H 258 23.94 23.39 -6.83
C ILE H 258 23.44 22.04 -6.30
N PRO H 259 22.10 21.85 -6.25
CA PRO H 259 21.55 20.51 -5.94
C PRO H 259 21.74 19.53 -7.11
N LEU H 260 21.76 18.22 -6.83
CA LEU H 260 21.82 17.23 -7.90
C LEU H 260 20.75 17.59 -8.90
N GLN H 261 21.10 17.38 -10.15
CA GLN H 261 20.24 17.71 -11.26
C GLN H 261 19.55 16.45 -11.70
N ALA H 262 18.22 16.45 -11.57
CA ALA H 262 17.44 15.22 -11.75
C ALA H 262 16.16 15.44 -12.51
N GLY H 263 15.69 14.42 -13.22
CA GLY H 263 14.34 14.42 -13.77
C GLY H 263 14.33 13.90 -15.17
N LEU H 264 13.15 13.42 -15.59
CA LEU H 264 12.95 13.01 -17.00
C LEU H 264 13.26 14.15 -18.02
N GLN H 265 13.80 13.78 -19.18
CA GLN H 265 14.16 14.71 -20.24
C GLN H 265 13.01 14.99 -21.24
N LYS H 266 12.99 16.18 -21.84
CA LYS H 266 11.97 16.54 -22.83
C LYS H 266 11.88 15.50 -23.94
N PRO H 267 10.73 15.40 -24.62
CA PRO H 267 10.58 14.27 -25.56
C PRO H 267 11.69 14.19 -26.61
N LEU H 268 12.03 12.99 -27.04
CA LEU H 268 13.11 12.77 -28.00
C LEU H 268 12.59 13.01 -29.42
N THR H 269 13.52 13.29 -30.36
CA THR H 269 13.17 13.28 -31.81
C THR H 269 13.60 11.98 -32.48
N PRO H 270 12.60 11.27 -33.02
CA PRO H 270 12.81 9.99 -33.69
C PRO H 270 13.51 10.16 -35.00
N ILE H 271 14.18 9.10 -35.43
CA ILE H 271 14.74 8.96 -36.78
C ILE H 271 13.64 9.13 -37.83
N GLU H 272 13.93 9.94 -38.85
CA GLU H 272 12.97 10.25 -39.95
C GLU H 272 13.54 9.91 -41.34
N THR H 273 14.87 9.83 -41.40
CA THR H 273 15.57 9.30 -42.56
C THR H 273 15.31 7.81 -42.55
N GLU H 274 14.95 7.21 -43.69
CA GLU H 274 14.51 7.84 -44.91
C GLU H 274 13.81 6.70 -45.62
N GLY H 275 13.99 5.53 -45.03
CA GLY H 275 12.89 4.69 -44.59
C GLY H 275 13.37 3.33 -44.14
N THR H 276 13.43 2.95 -42.85
CA THR H 276 12.84 3.57 -41.61
C THR H 276 11.33 3.39 -41.44
N VAL H 277 10.96 2.49 -40.53
CA VAL H 277 9.61 1.95 -40.38
C VAL H 277 8.54 3.04 -40.35
N GLY H 278 7.46 2.86 -41.12
CA GLY H 278 6.35 3.82 -41.18
C GLY H 278 6.74 5.30 -41.27
N VAL H 279 7.72 5.59 -42.12
CA VAL H 279 8.15 6.97 -42.41
C VAL H 279 8.37 7.14 -43.94
N GLY H 280 8.01 8.32 -44.43
CA GLY H 280 8.20 8.65 -45.84
C GLY H 280 7.04 8.14 -46.67
N LYS H 281 7.04 8.50 -47.94
CA LYS H 281 5.97 8.09 -48.85
C LYS H 281 6.11 6.63 -49.27
N GLU H 282 7.37 6.18 -49.39
CA GLU H 282 7.67 4.84 -49.85
C GLU H 282 8.08 3.91 -48.71
N ASN H 283 7.60 2.67 -48.74
CA ASN H 283 7.87 1.71 -47.68
C ASN H 283 7.57 0.25 -48.04
N VAL H 284 7.98 -0.67 -47.18
CA VAL H 284 7.50 -2.06 -47.20
C VAL H 284 6.65 -2.28 -45.95
N THR H 285 5.61 -3.10 -46.08
CA THR H 285 4.88 -3.55 -44.91
C THR H 285 4.80 -5.08 -44.90
N THR H 286 5.19 -5.66 -43.77
CA THR H 286 5.12 -7.10 -43.60
C THR H 286 4.12 -7.49 -42.52
N GLU H 287 3.32 -8.51 -42.83
CA GLU H 287 2.44 -9.18 -41.88
C GLU H 287 2.96 -10.60 -41.70
N LEU H 288 3.17 -11.03 -40.45
CA LEU H 288 3.44 -12.45 -40.21
C LEU H 288 2.15 -13.26 -40.39
N ASN H 289 2.27 -14.44 -40.98
CA ASN H 289 1.09 -15.26 -41.29
C ASN H 289 1.38 -16.75 -41.13
N GLY H 290 1.70 -17.14 -39.91
CA GLY H 290 2.12 -18.50 -39.61
C GLY H 290 3.62 -18.61 -39.43
N GLY H 291 4.03 -19.36 -38.42
CA GLY H 291 5.44 -19.59 -38.15
C GLY H 291 5.63 -20.93 -37.46
N VAL H 292 6.79 -21.54 -37.64
CA VAL H 292 7.10 -22.83 -37.04
C VAL H 292 8.58 -22.86 -36.69
N TYR H 293 8.89 -23.20 -35.44
CA TYR H 293 10.27 -23.35 -34.98
C TYR H 293 10.45 -24.74 -34.40
N LYS H 294 11.66 -25.28 -34.51
CA LYS H 294 11.91 -26.65 -34.11
C LYS H 294 12.45 -26.71 -32.70
N VAL H 295 11.84 -27.62 -31.93
CA VAL H 295 12.14 -27.83 -30.52
C VAL H 295 12.49 -29.30 -30.28
N PRO H 296 13.78 -29.61 -30.00
CA PRO H 296 14.88 -28.63 -29.97
C PRO H 296 15.30 -28.28 -31.41
N GLY H 297 16.10 -27.24 -31.59
CA GLY H 297 16.44 -26.86 -32.95
C GLY H 297 17.13 -25.54 -33.21
N ARG H 298 17.25 -25.26 -34.51
CA ARG H 298 18.14 -24.27 -35.07
C ARG H 298 17.35 -23.46 -36.09
N GLU H 299 16.09 -23.85 -36.28
CA GLU H 299 15.26 -23.45 -37.42
C GLU H 299 14.04 -22.61 -37.06
N LEU H 300 13.70 -21.68 -37.94
CA LEU H 300 12.40 -21.01 -37.89
C LEU H 300 11.90 -20.72 -39.30
N THR H 301 10.68 -21.12 -39.59
CA THR H 301 10.09 -20.93 -40.90
C THR H 301 8.87 -20.05 -40.77
N ILE H 302 8.88 -18.94 -41.49
CA ILE H 302 7.77 -17.98 -41.39
C ILE H 302 7.22 -17.56 -42.76
N ASN H 303 5.89 -17.45 -42.83
CA ASN H 303 5.26 -16.86 -44.00
C ASN H 303 5.02 -15.38 -43.76
N VAL H 304 5.39 -14.57 -44.73
CA VAL H 304 5.26 -13.12 -44.63
C VAL H 304 4.47 -12.58 -45.81
N LYS H 305 3.39 -11.88 -45.50
CA LYS H 305 2.69 -11.04 -46.49
C LYS H 305 3.44 -9.72 -46.70
N VAL H 306 4.17 -9.61 -47.80
CA VAL H 306 4.86 -8.37 -48.13
C VAL H 306 3.95 -7.47 -48.96
N LYS H 307 4.14 -6.16 -48.80
CA LYS H 307 3.54 -5.16 -49.68
C LYS H 307 4.58 -4.06 -49.85
N ASN H 308 4.67 -3.54 -51.06
CA ASN H 308 5.73 -2.66 -51.50
C ASN H 308 5.10 -1.97 -52.69
N ASN H 309 4.65 -0.71 -52.64
CA ASN H 309 4.77 0.32 -51.60
C ASN H 309 5.95 1.29 -51.76
N THR H 310 7.08 0.74 -52.21
CA THR H 310 8.08 1.60 -52.84
C THR H 310 7.85 1.60 -54.34
N SER H 311 8.66 2.40 -55.03
CA SER H 311 8.69 2.43 -56.48
C SER H 311 9.91 1.65 -56.96
N GLN H 312 10.37 0.71 -56.14
CA GLN H 312 11.53 -0.12 -56.49
C GLN H 312 11.27 -1.62 -56.28
N PRO H 313 12.00 -2.47 -57.03
CA PRO H 313 11.92 -3.91 -56.76
C PRO H 313 12.81 -4.25 -55.57
N LEU H 314 12.27 -5.01 -54.61
CA LEU H 314 13.00 -5.26 -53.37
C LEU H 314 13.29 -6.72 -53.15
N ARG H 315 14.53 -7.02 -52.76
CA ARG H 315 14.86 -8.33 -52.23
C ARG H 315 15.10 -8.23 -50.72
N LEU H 316 14.65 -9.24 -49.99
CA LEU H 316 14.84 -9.36 -48.54
C LEU H 316 16.26 -9.82 -48.21
N GLY H 317 17.04 -8.94 -47.58
CA GLY H 317 18.43 -9.20 -47.27
C GLY H 317 18.74 -9.59 -45.82
N GLU H 318 17.90 -9.13 -44.89
CA GLU H 318 18.20 -9.30 -43.47
C GLU H 318 16.98 -9.45 -42.59
N TYR H 319 17.20 -10.18 -41.50
CA TYR H 319 16.28 -10.27 -40.36
C TYR H 319 17.04 -10.08 -39.04
N THR H 320 16.77 -9.00 -38.31
CA THR H 320 17.34 -8.81 -36.96
C THR H 320 16.32 -9.10 -35.86
N ALA H 321 16.77 -9.84 -34.84
CA ALA H 321 15.92 -10.26 -33.74
C ALA H 321 16.32 -9.65 -32.40
N ALA H 322 17.33 -10.24 -31.76
CA ALA H 322 17.72 -9.78 -30.43
C ALA H 322 19.10 -9.15 -30.44
N GLY H 323 19.37 -8.42 -31.53
CA GLY H 323 20.75 -8.03 -31.89
C GLY H 323 21.32 -9.00 -32.93
N LEU H 324 20.73 -10.19 -32.99
CA LEU H 324 21.12 -11.24 -33.93
C LEU H 324 20.78 -10.86 -35.35
N ARG H 325 21.71 -11.10 -36.27
CA ARG H 325 21.51 -10.75 -37.67
C ARG H 325 21.49 -11.99 -38.56
N PHE H 326 20.36 -12.21 -39.21
CA PHE H 326 20.23 -13.31 -40.14
C PHE H 326 20.24 -12.76 -41.56
N LEU H 327 21.32 -13.04 -42.29
CA LEU H 327 21.55 -12.46 -43.60
C LEU H 327 21.23 -13.41 -44.78
N ASN H 328 20.56 -12.87 -45.79
CA ASN H 328 20.49 -13.48 -47.12
C ASN H 328 21.84 -13.23 -47.81
N PRO H 329 22.55 -14.31 -48.17
CA PRO H 329 23.87 -14.13 -48.76
C PRO H 329 23.81 -13.79 -50.26
N ASP H 330 22.60 -13.91 -50.84
CA ASP H 330 22.29 -13.38 -52.18
C ASP H 330 22.37 -11.86 -52.18
N VAL H 331 21.96 -11.24 -51.07
CA VAL H 331 22.08 -9.80 -50.92
C VAL H 331 23.41 -9.42 -50.25
N PHE H 332 23.76 -10.09 -49.16
CA PHE H 332 25.04 -9.82 -48.50
C PHE H 332 26.08 -10.80 -49.04
N THR H 333 26.53 -10.54 -50.27
CA THR H 333 27.57 -11.33 -50.91
C THR H 333 28.89 -11.06 -50.16
N THR H 334 29.12 -9.80 -49.83
CA THR H 334 29.84 -9.44 -48.61
C THR H 334 28.89 -8.51 -47.86
N LYS H 335 28.66 -8.70 -46.55
CA LYS H 335 29.28 -9.66 -45.60
C LYS H 335 30.01 -8.86 -44.52
N PRO H 336 29.24 -8.24 -43.61
CA PRO H 336 29.63 -7.07 -42.84
C PRO H 336 30.55 -7.33 -41.66
N ASP H 337 31.07 -6.24 -41.11
CA ASP H 337 31.85 -6.26 -39.90
C ASP H 337 30.90 -6.12 -38.70
N PHE H 338 30.79 -7.18 -37.92
CA PHE H 338 29.83 -7.27 -36.83
C PHE H 338 30.12 -8.51 -35.98
N PRO H 339 30.10 -8.36 -34.63
CA PRO H 339 30.42 -9.40 -33.66
C PRO H 339 30.03 -10.79 -34.11
N ASP H 340 30.99 -11.71 -33.98
CA ASP H 340 30.86 -13.08 -34.47
C ASP H 340 29.68 -13.85 -33.88
N TYR H 341 29.53 -13.78 -32.55
CA TYR H 341 28.45 -14.49 -31.83
C TYR H 341 27.03 -14.24 -32.38
N LEU H 342 26.90 -13.13 -33.10
CA LEU H 342 25.66 -12.47 -33.42
C LEU H 342 25.38 -12.39 -34.95
N LEU H 343 26.39 -12.74 -35.74
CA LEU H 343 26.31 -12.66 -37.21
C LEU H 343 26.05 -13.98 -37.95
N ALA H 344 24.84 -14.16 -38.47
CA ALA H 344 24.48 -15.36 -39.21
C ALA H 344 24.30 -15.08 -40.72
N ASP H 345 24.82 -16.01 -41.55
CA ASP H 345 24.59 -15.99 -43.00
C ASP H 345 23.66 -17.08 -43.48
N ARG H 346 22.53 -17.21 -42.80
CA ARG H 346 21.42 -18.02 -43.27
C ARG H 346 20.08 -17.43 -42.81
N GLY H 347 19.78 -16.24 -43.32
CA GLY H 347 18.47 -15.62 -43.12
C GLY H 347 17.67 -15.76 -44.39
N LEU H 348 17.87 -16.92 -45.06
CA LEU H 348 17.54 -17.13 -46.48
C LEU H 348 16.40 -18.16 -46.70
N SER H 349 15.51 -17.93 -47.67
CA SER H 349 15.70 -16.98 -48.77
C SER H 349 14.38 -16.48 -49.35
N VAL H 350 14.47 -15.41 -50.16
CA VAL H 350 13.45 -15.08 -51.16
C VAL H 350 13.61 -16.17 -52.24
N ASP H 351 13.24 -15.87 -53.47
CA ASP H 351 13.72 -16.62 -54.61
C ASP H 351 14.68 -15.70 -55.35
N ALA H 352 14.97 -14.56 -54.73
CA ALA H 352 15.62 -13.40 -55.35
C ALA H 352 14.67 -12.64 -56.29
N THR H 353 13.43 -13.14 -56.41
CA THR H 353 12.35 -12.52 -57.20
C THR H 353 11.84 -11.23 -56.54
N PRO H 354 12.40 -10.08 -56.95
CA PRO H 354 12.33 -8.81 -56.19
C PRO H 354 10.95 -8.16 -55.94
N ILE H 355 9.87 -8.94 -55.99
CA ILE H 355 8.56 -8.45 -55.54
C ILE H 355 7.99 -7.37 -56.48
N ALA H 356 8.06 -6.12 -56.06
CA ALA H 356 7.20 -5.10 -56.62
C ALA H 356 8.00 -4.22 -57.56
N PRO H 357 7.72 -2.91 -57.65
CA PRO H 357 6.85 -1.99 -56.90
C PRO H 357 5.37 -2.36 -56.97
N GLY H 358 4.58 -1.80 -56.06
CA GLY H 358 3.14 -2.07 -55.98
C GLY H 358 2.71 -3.50 -55.66
N GLU H 359 3.57 -4.48 -55.93
CA GLU H 359 3.20 -5.89 -55.71
C GLU H 359 3.07 -6.30 -54.23
N ALA H 360 2.09 -7.18 -53.97
CA ALA H 360 1.82 -7.73 -52.65
C ALA H 360 2.01 -9.25 -52.71
N LYS H 361 2.93 -9.77 -51.92
CA LYS H 361 3.38 -11.14 -52.11
C LYS H 361 3.66 -11.89 -50.80
N GLU H 362 2.96 -13.01 -50.58
CA GLU H 362 3.28 -13.90 -49.47
C GLU H 362 4.49 -14.80 -49.78
N ILE H 363 5.58 -14.56 -49.06
CA ILE H 363 6.79 -15.33 -49.27
C ILE H 363 7.11 -16.19 -48.05
N VAL H 364 7.70 -17.36 -48.26
CA VAL H 364 8.16 -18.21 -47.17
C VAL H 364 9.61 -17.85 -46.84
N VAL H 365 9.88 -17.52 -45.58
CA VAL H 365 11.26 -17.27 -45.14
C VAL H 365 11.69 -18.36 -44.18
N LYS H 366 12.91 -18.84 -44.38
CA LYS H 366 13.43 -19.92 -43.57
C LYS H 366 14.70 -19.44 -42.87
N ILE H 367 14.59 -19.26 -41.56
CA ILE H 367 15.74 -18.88 -40.72
C ILE H 367 16.36 -20.15 -40.17
N GLN H 368 17.67 -20.30 -40.36
CA GLN H 368 18.40 -21.42 -39.80
C GLN H 368 19.82 -20.99 -39.42
N ASP H 369 20.18 -21.16 -38.16
CA ASP H 369 21.54 -20.90 -37.74
C ASP H 369 21.74 -21.40 -36.32
N ALA H 370 22.97 -21.85 -36.07
CA ALA H 370 23.40 -22.29 -34.74
C ALA H 370 23.09 -21.24 -33.67
N ARG H 371 23.28 -19.96 -34.03
CA ARG H 371 23.12 -18.85 -33.09
C ARG H 371 21.69 -18.65 -32.54
N TRP H 372 20.70 -19.05 -33.32
CA TRP H 372 19.33 -19.10 -32.85
C TRP H 372 19.25 -19.92 -31.59
N ASP H 373 19.88 -21.09 -31.60
CA ASP H 373 19.92 -21.95 -30.45
C ASP H 373 20.86 -21.42 -29.40
N ILE H 374 22.09 -21.10 -29.80
CA ILE H 374 23.15 -20.63 -28.87
C ILE H 374 22.71 -19.42 -28.06
N GLU H 375 22.00 -18.48 -28.68
CA GLU H 375 21.42 -17.33 -27.98
C GLU H 375 20.06 -17.65 -27.38
N ARG H 376 19.80 -18.93 -27.15
CA ARG H 376 18.63 -19.38 -26.40
C ARG H 376 17.30 -18.81 -26.91
N LEU H 377 17.24 -18.46 -28.18
CA LEU H 377 15.99 -18.03 -28.79
C LEU H 377 15.09 -19.22 -29.07
N SER H 378 15.70 -20.40 -29.13
CA SER H 378 14.97 -21.66 -29.19
C SER H 378 14.17 -21.95 -27.89
N ASP H 379 14.53 -21.24 -26.82
CA ASP H 379 13.90 -21.41 -25.50
C ASP H 379 12.61 -20.60 -25.39
N LEU H 380 12.06 -20.26 -26.55
CA LEU H 380 10.77 -19.61 -26.65
C LEU H 380 9.70 -20.64 -26.33
N ALA H 381 10.10 -21.90 -26.35
CA ALA H 381 9.22 -23.01 -25.98
C ALA H 381 8.85 -22.90 -24.50
N TYR H 382 9.84 -22.43 -23.73
CA TYR H 382 9.70 -22.21 -22.30
C TYR H 382 8.83 -20.98 -22.00
N ASP H 383 8.73 -20.06 -22.94
CA ASP H 383 8.03 -18.80 -22.68
C ASP H 383 6.50 -18.90 -22.63
N THR H 384 5.95 -17.85 -22.06
CA THR H 384 4.57 -17.77 -21.64
C THR H 384 3.74 -17.08 -22.74
N ASP H 385 4.46 -16.64 -23.78
CA ASP H 385 3.88 -16.06 -24.98
C ASP H 385 4.71 -16.46 -26.18
N SER H 386 4.25 -17.46 -26.93
CA SER H 386 5.00 -18.04 -28.07
C SER H 386 4.82 -17.17 -29.29
N GLN H 387 5.79 -16.28 -29.49
CA GLN H 387 5.58 -15.10 -30.30
C GLN H 387 6.91 -14.50 -30.72
N ILE H 388 7.01 -14.19 -32.01
CA ILE H 388 8.23 -13.70 -32.61
C ILE H 388 8.12 -12.18 -32.78
N GLY H 389 9.28 -11.49 -32.81
CA GLY H 389 9.33 -10.07 -33.15
C GLY H 389 10.60 -9.65 -33.86
N GLY H 390 10.59 -8.47 -34.47
CA GLY H 390 11.80 -7.88 -35.05
C GLY H 390 11.63 -7.16 -36.36
N LEU H 391 12.76 -6.83 -36.98
CA LEU H 391 12.80 -6.04 -38.22
C LEU H 391 13.22 -6.90 -39.39
N LEU H 392 12.56 -6.68 -40.54
CA LEU H 392 13.01 -7.21 -41.84
C LEU H 392 13.64 -6.10 -42.67
N PHE H 393 14.83 -6.37 -43.19
CA PHE H 393 15.50 -5.42 -44.05
C PHE H 393 15.46 -5.82 -45.54
N PHE H 394 14.72 -5.03 -46.34
CA PHE H 394 14.64 -5.20 -47.79
C PHE H 394 15.56 -4.21 -48.53
N PHE H 395 16.13 -4.67 -49.63
CA PHE H 395 17.07 -3.86 -50.42
C PHE H 395 16.69 -3.77 -51.90
N SER H 396 16.95 -2.61 -52.48
CA SER H 396 16.80 -2.37 -53.90
C SER H 396 17.97 -2.96 -54.72
N PRO H 397 17.93 -2.83 -56.06
CA PRO H 397 19.08 -2.99 -56.96
C PRO H 397 20.34 -2.29 -56.46
N ASP H 398 20.24 -0.99 -56.22
CA ASP H 398 21.32 -0.18 -55.64
C ASP H 398 21.40 -0.40 -54.13
N GLY H 399 21.92 0.61 -53.41
CA GLY H 399 22.07 0.52 -51.96
C GLY H 399 20.77 0.43 -51.17
N LYS H 400 19.86 1.35 -51.45
CA LYS H 400 18.67 1.65 -50.62
C LYS H 400 18.04 0.48 -49.85
N ARG H 401 17.99 0.68 -48.52
CA ARG H 401 17.49 -0.30 -47.56
C ARG H 401 16.16 0.15 -47.04
N TYR H 402 15.18 -0.74 -47.03
CA TYR H 402 13.83 -0.44 -46.54
C TYR H 402 13.43 -1.40 -45.40
N ALA H 403 13.13 -0.83 -44.22
CA ALA H 403 12.96 -1.63 -42.98
C ALA H 403 11.50 -1.83 -42.57
N SER H 404 11.09 -3.07 -42.36
CA SER H 404 9.75 -3.33 -41.87
C SER H 404 9.72 -4.24 -40.61
N GLU H 405 8.76 -3.98 -39.71
CA GLU H 405 8.62 -4.72 -38.48
C GLU H 405 7.73 -5.95 -38.67
N ILE H 406 8.23 -7.08 -38.19
CA ILE H 406 7.57 -8.37 -38.32
C ILE H 406 7.37 -8.92 -36.91
N GLY H 407 6.25 -9.61 -36.69
CA GLY H 407 6.03 -10.22 -35.40
C GLY H 407 4.66 -10.79 -35.20
N GLY H 408 4.57 -11.72 -34.24
CA GLY H 408 3.32 -12.39 -33.96
C GLY H 408 3.55 -13.85 -33.62
N PRO H 409 2.45 -14.61 -33.46
CA PRO H 409 2.52 -15.97 -32.94
C PRO H 409 3.23 -16.96 -33.87
N VAL H 410 4.14 -17.74 -33.30
CA VAL H 410 4.72 -18.89 -33.99
C VAL H 410 4.50 -20.17 -33.18
N ILE H 411 4.47 -21.29 -33.88
CA ILE H 411 4.13 -22.58 -33.30
C ILE H 411 5.38 -23.45 -33.23
N PRO H 412 5.54 -24.24 -32.14
CA PRO H 412 6.69 -25.14 -32.12
C PRO H 412 6.42 -26.47 -32.81
N LYS H 413 7.48 -27.06 -33.36
CA LYS H 413 7.42 -28.40 -33.89
C LYS H 413 8.26 -29.23 -32.92
N PHE H 414 7.61 -30.19 -32.26
CA PHE H 414 8.31 -31.01 -31.28
C PHE H 414 9.00 -32.22 -31.90
N VAL H 415 10.29 -32.05 -32.17
CA VAL H 415 11.05 -33.06 -32.89
C VAL H 415 11.77 -34.00 -31.92
N ALA H 416 12.44 -35.03 -32.46
CA ALA H 416 13.14 -36.06 -31.67
C ALA H 416 14.22 -35.50 -30.74
N ALA I 9 -18.45 17.50 62.22
CA ALA I 9 -17.04 17.12 61.92
C ALA I 9 -16.93 15.78 61.18
N VAL I 10 -16.24 15.78 60.04
CA VAL I 10 -15.83 14.57 59.31
C VAL I 10 -14.47 14.77 58.62
N GLY I 11 -13.40 14.68 59.43
CA GLY I 11 -12.01 14.83 58.98
C GLY I 11 -11.75 14.09 57.68
N PRO I 12 -11.01 14.73 56.75
CA PRO I 12 -10.29 15.99 56.90
C PRO I 12 -11.15 17.25 56.68
N PHE I 13 -12.47 17.09 56.65
CA PHE I 13 -13.38 18.23 56.56
C PHE I 13 -13.87 18.62 57.93
N ASN I 14 -13.85 19.93 58.20
CA ASN I 14 -14.34 20.47 59.46
C ASN I 14 -15.81 20.19 59.70
N SER I 15 -16.66 20.41 58.69
CA SER I 15 -18.10 20.19 58.84
C SER I 15 -18.64 19.26 57.77
N VAL I 16 -19.93 18.95 57.90
CA VAL I 16 -20.68 18.21 56.87
C VAL I 16 -20.95 19.11 55.64
N ALA I 17 -21.07 20.42 55.88
CA ALA I 17 -21.15 21.40 54.80
C ALA I 17 -19.86 21.40 53.98
N GLU I 18 -18.72 21.50 54.67
CA GLU I 18 -17.42 21.51 53.98
C GLU I 18 -17.18 20.23 53.20
N ALA I 19 -17.66 19.09 53.71
CA ALA I 19 -17.55 17.84 52.98
C ALA I 19 -18.34 17.90 51.68
N ALA I 20 -19.65 18.04 51.80
CA ALA I 20 -20.57 18.02 50.65
C ALA I 20 -20.30 19.17 49.69
N GLY I 21 -19.89 20.32 50.23
CA GLY I 21 -19.55 21.47 49.42
C GLY I 21 -18.31 21.26 48.56
N CYS I 22 -17.34 20.53 49.07
CA CYS I 22 -16.10 20.23 48.35
C CYS I 22 -16.30 19.16 47.29
N VAL I 23 -16.97 18.07 47.68
CA VAL I 23 -17.48 17.09 46.73
C VAL I 23 -18.23 17.73 45.53
N GLN I 24 -19.13 18.68 45.81
CA GLN I 24 -19.90 19.30 44.74
C GLN I 24 -19.09 20.19 43.81
N THR I 25 -18.04 20.85 44.30
CA THR I 25 -17.27 21.63 43.36
C THR I 25 -16.22 20.78 42.60
N VAL I 26 -15.67 19.76 43.23
CA VAL I 26 -14.71 18.88 42.53
C VAL I 26 -15.47 18.05 41.48
N ASP I 27 -16.75 17.75 41.75
CA ASP I 27 -17.60 17.12 40.76
C ASP I 27 -17.69 17.96 39.46
N TRP I 28 -17.91 19.27 39.60
CA TRP I 28 -17.95 20.18 38.45
C TRP I 28 -16.64 20.27 37.74
N MET I 29 -15.55 20.45 38.48
CA MET I 29 -14.22 20.54 37.88
C MET I 29 -13.81 19.28 37.14
N LEU I 30 -14.36 18.14 37.52
CA LEU I 30 -13.96 16.92 36.83
C LEU I 30 -14.66 16.87 35.48
N LEU I 31 -15.98 17.02 35.53
CA LEU I 31 -16.85 17.02 34.37
C LEU I 31 -16.28 17.91 33.25
N VAL I 32 -15.96 19.14 33.65
CA VAL I 32 -15.53 20.17 32.76
C VAL I 32 -14.18 19.77 32.20
N LEU I 33 -13.24 19.49 33.09
CA LEU I 33 -11.89 19.20 32.65
C LEU I 33 -11.85 17.97 31.73
N LEU I 34 -12.72 16.99 31.97
CA LEU I 34 -12.74 15.78 31.18
C LEU I 34 -13.54 16.07 29.95
N PHE I 35 -14.42 17.05 30.04
CA PHE I 35 -15.23 17.38 28.88
C PHE I 35 -14.35 17.83 27.76
N PHE I 36 -13.26 18.52 28.06
CA PHE I 36 -12.46 18.95 26.97
C PHE I 36 -11.04 19.34 27.19
N ALA I 37 -10.04 18.48 27.02
CA ALA I 37 -9.95 17.02 27.30
C ALA I 37 -10.26 16.04 26.21
N VAL I 38 -11.39 15.35 26.31
CA VAL I 38 -11.73 14.39 25.26
C VAL I 38 -12.08 15.15 23.97
N LEU I 39 -12.69 16.33 24.10
CA LEU I 39 -13.01 17.14 22.93
C LEU I 39 -11.76 17.51 22.10
N GLY I 40 -10.76 18.11 22.75
CA GLY I 40 -9.45 18.35 22.13
C GLY I 40 -8.85 17.11 21.47
N GLY I 41 -8.84 15.98 22.15
CA GLY I 41 -8.34 14.77 21.56
C GLY I 41 -9.20 14.26 20.43
N TYR I 42 -10.52 14.21 20.69
CA TYR I 42 -11.47 13.70 19.71
C TYR I 42 -11.40 14.51 18.43
N HIS I 43 -11.36 15.83 18.60
CA HIS I 43 -11.44 16.74 17.49
C HIS I 43 -10.25 16.53 16.59
N VAL I 44 -9.03 16.76 17.09
CA VAL I 44 -7.80 16.57 16.34
C VAL I 44 -7.78 15.24 15.57
N HIS I 45 -8.13 14.14 16.25
CA HIS I 45 -8.14 12.83 15.61
C HIS I 45 -9.08 12.78 14.46
N PHE I 46 -10.29 13.23 14.74
CA PHE I 46 -11.37 13.18 13.80
C PHE I 46 -11.07 14.09 12.61
N MET I 47 -10.57 15.28 12.92
CA MET I 47 -10.38 16.32 11.95
C MET I 47 -9.28 15.94 10.97
N LEU I 48 -8.25 15.26 11.45
CA LEU I 48 -7.18 14.69 10.60
C LEU I 48 -7.59 13.52 9.73
N THR I 49 -8.64 12.81 10.07
CA THR I 49 -8.97 11.60 9.32
C THR I 49 -10.29 11.79 8.58
N ALA I 50 -11.38 11.99 9.34
CA ALA I 50 -12.72 12.19 8.79
C ALA I 50 -12.89 13.64 8.36
N GLY I 51 -11.83 14.43 8.48
CA GLY I 51 -11.60 15.56 7.55
C GLY I 51 -12.61 16.69 7.73
N ASP I 52 -13.05 17.35 6.67
CA ASP I 52 -12.72 17.09 5.26
C ASP I 52 -13.85 16.49 4.48
N TRP I 53 -14.55 15.51 5.03
CA TRP I 53 -15.91 15.24 4.60
C TRP I 53 -16.81 16.00 5.53
N ASP I 54 -16.30 16.32 6.70
CA ASP I 54 -17.09 16.97 7.68
C ASP I 54 -17.15 18.49 7.49
N PHE I 55 -16.02 19.07 7.06
CA PHE I 55 -15.92 20.51 6.68
C PHE I 55 -16.92 20.99 5.60
N TRP I 56 -17.13 20.18 4.55
CA TRP I 56 -17.67 20.66 3.26
C TRP I 56 -18.94 20.03 2.80
N VAL I 57 -19.95 20.88 2.58
CA VAL I 57 -21.25 20.36 2.14
C VAL I 57 -21.17 19.57 0.83
N ASP I 58 -20.19 19.91 -0.01
CA ASP I 58 -20.05 19.25 -1.30
C ASP I 58 -19.18 18.00 -1.23
N TRP I 59 -18.81 17.54 -0.02
CA TRP I 59 -18.31 16.16 0.19
C TRP I 59 -19.31 15.23 0.86
N LYS I 60 -20.35 15.78 1.44
CA LYS I 60 -21.37 14.96 2.07
C LYS I 60 -22.15 14.11 1.07
N ASP I 61 -21.47 13.10 0.53
CA ASP I 61 -22.02 12.32 -0.55
C ASP I 61 -22.89 11.19 -0.05
N ARG I 62 -23.04 10.10 -0.83
CA ARG I 62 -23.87 9.00 -0.40
C ARG I 62 -23.05 7.80 0.00
N ARG I 63 -21.79 7.74 -0.44
CA ARG I 63 -20.98 6.54 -0.22
C ARG I 63 -19.85 6.77 0.77
N MET I 64 -18.93 7.69 0.48
CA MET I 64 -17.73 7.89 1.33
C MET I 64 -18.09 8.42 2.68
N TRP I 65 -18.94 9.44 2.70
CA TRP I 65 -19.20 10.19 3.91
C TRP I 65 -19.91 9.40 4.98
N PRO I 66 -21.02 8.75 4.63
CA PRO I 66 -21.64 7.84 5.61
C PRO I 66 -20.84 6.54 5.82
N THR I 67 -19.64 6.47 5.27
CA THR I 67 -18.74 5.37 5.61
C THR I 67 -17.65 5.84 6.56
N VAL I 68 -16.77 6.72 6.11
CA VAL I 68 -15.67 7.12 6.95
C VAL I 68 -16.11 7.85 8.22
N VAL I 69 -17.24 8.55 8.23
CA VAL I 69 -17.57 9.30 9.46
C VAL I 69 -18.05 8.42 10.62
N PRO I 70 -19.08 7.56 10.40
CA PRO I 70 -19.41 6.61 11.47
C PRO I 70 -18.17 5.82 11.97
N ILE I 71 -17.39 5.25 11.06
CA ILE I 71 -16.30 4.41 11.45
C ILE I 71 -15.30 5.23 12.25
N LEU I 72 -14.91 6.40 11.77
CA LEU I 72 -13.93 7.20 12.50
C LEU I 72 -14.52 7.86 13.71
N GLY I 73 -15.84 7.96 13.75
CA GLY I 73 -16.52 8.66 14.82
C GLY I 73 -16.62 7.83 16.08
N VAL I 74 -16.96 6.57 15.91
CA VAL I 74 -17.18 5.65 17.06
C VAL I 74 -15.98 5.54 18.04
N THR I 75 -14.76 5.71 17.52
CA THR I 75 -13.50 5.64 18.27
C THR I 75 -13.60 6.26 19.61
N PHE I 76 -13.64 7.57 19.71
CA PHE I 76 -13.65 8.18 21.03
C PHE I 76 -14.97 8.05 21.76
N CYS I 77 -16.02 7.60 21.09
CA CYS I 77 -17.24 7.31 21.83
C CYS I 77 -17.04 6.03 22.60
N ALA I 78 -16.58 4.98 21.92
CA ALA I 78 -16.21 3.72 22.57
C ALA I 78 -15.23 3.97 23.78
N ALA I 79 -14.12 4.69 23.57
CA ALA I 79 -13.15 4.91 24.63
C ALA I 79 -13.83 5.67 25.77
N SER I 80 -14.57 6.72 25.45
CA SER I 80 -15.25 7.50 26.46
C SER I 80 -16.25 6.64 27.28
N GLN I 81 -16.91 5.68 26.65
CA GLN I 81 -17.77 4.77 27.39
C GLN I 81 -16.93 3.90 28.33
N ALA I 82 -15.93 3.19 27.78
CA ALA I 82 -15.00 2.42 28.59
C ALA I 82 -14.67 3.18 29.87
N PHE I 83 -14.50 4.49 29.82
CA PHE I 83 -14.16 5.22 31.03
C PHE I 83 -15.35 5.51 31.93
N TRP I 84 -16.40 6.13 31.42
CA TRP I 84 -17.55 6.51 32.28
C TRP I 84 -18.26 5.37 32.86
N TRP I 85 -18.36 4.30 32.11
CA TRP I 85 -19.27 3.27 32.50
C TRP I 85 -18.61 2.31 33.46
N VAL I 86 -17.55 1.64 33.02
CA VAL I 86 -16.70 0.85 33.93
C VAL I 86 -16.54 1.58 35.27
N ASN I 87 -15.86 2.71 35.33
CA ASN I 87 -15.62 3.27 36.63
C ASN I 87 -16.76 4.00 37.32
N PHE I 88 -17.83 4.41 36.62
CA PHE I 88 -18.85 5.27 37.32
C PHE I 88 -20.27 4.81 37.06
N ARG I 89 -20.38 3.83 36.17
CA ARG I 89 -21.68 3.33 35.78
C ARG I 89 -22.58 4.45 35.17
N LEU I 90 -21.96 5.59 34.79
CA LEU I 90 -22.62 6.76 34.20
C LEU I 90 -22.79 6.60 32.68
N PRO I 91 -24.07 6.56 32.22
CA PRO I 91 -24.40 6.02 30.89
C PRO I 91 -24.35 7.09 29.75
N PHE I 92 -23.37 7.99 29.82
CA PHE I 92 -23.28 9.05 28.88
C PHE I 92 -21.92 9.20 28.18
N GLY I 93 -21.21 8.10 28.05
CA GLY I 93 -19.89 8.10 27.38
C GLY I 93 -19.92 8.62 25.96
N ALA I 94 -20.84 8.04 25.17
CA ALA I 94 -20.86 8.25 23.73
C ALA I 94 -21.28 9.70 23.50
N VAL I 95 -22.25 10.15 24.30
CA VAL I 95 -22.83 11.47 24.13
C VAL I 95 -21.86 12.54 24.68
N PHE I 96 -21.16 12.23 25.76
CA PHE I 96 -20.07 13.10 26.25
C PHE I 96 -19.05 13.42 25.14
N ALA I 97 -18.71 12.40 24.35
CA ALA I 97 -17.69 12.48 23.28
C ALA I 97 -18.23 13.19 22.02
N ALA I 98 -19.38 12.71 21.54
CA ALA I 98 -20.05 13.25 20.36
C ALA I 98 -20.48 14.72 20.56
N LEU I 99 -21.03 15.07 21.73
CA LEU I 99 -21.40 16.46 22.00
C LEU I 99 -20.18 17.37 22.01
N GLY I 100 -19.10 16.88 22.62
CA GLY I 100 -17.87 17.62 22.75
C GLY I 100 -17.40 17.99 21.39
N LEU I 101 -17.45 17.02 20.45
CA LEU I 101 -16.96 17.24 19.09
C LEU I 101 -17.84 18.27 18.38
N LEU I 102 -19.17 18.06 18.45
CA LEU I 102 -20.13 18.98 17.85
C LEU I 102 -19.97 20.41 18.31
N ILE I 103 -19.87 20.64 19.62
CA ILE I 103 -19.59 21.99 20.10
C ILE I 103 -18.27 22.55 19.60
N GLY I 104 -17.23 21.73 19.54
CA GLY I 104 -15.91 22.21 19.15
C GLY I 104 -15.85 22.55 17.67
N GLU I 105 -16.64 21.84 16.87
CA GLU I 105 -16.73 22.10 15.45
C GLU I 105 -17.57 23.36 15.19
N TRP I 106 -18.83 23.34 15.66
CA TRP I 106 -19.71 24.48 15.54
C TRP I 106 -19.09 25.77 16.01
N ILE I 107 -18.44 25.80 17.16
CA ILE I 107 -17.79 27.05 17.54
C ILE I 107 -16.85 27.51 16.44
N ASN I 108 -16.13 26.56 15.83
CA ASN I 108 -15.10 26.88 14.87
C ASN I 108 -15.68 27.26 13.47
N ARG I 109 -16.63 26.46 13.00
CA ARG I 109 -17.30 26.76 11.78
C ARG I 109 -17.79 28.20 11.88
N TYR I 110 -18.38 28.53 13.04
CA TYR I 110 -19.06 29.81 13.20
C TYR I 110 -18.04 30.91 13.46
N VAL I 111 -17.27 30.81 14.51
CA VAL I 111 -16.30 31.87 14.80
C VAL I 111 -15.22 32.00 13.72
N ASN I 112 -14.84 30.89 13.05
CA ASN I 112 -13.67 30.93 12.15
C ASN I 112 -13.94 30.74 10.67
N PHE I 113 -14.60 29.65 10.28
CA PHE I 113 -14.80 29.44 8.87
C PHE I 113 -15.59 30.61 8.34
N TRP I 114 -16.52 31.08 9.15
CA TRP I 114 -17.44 32.12 8.78
C TRP I 114 -16.97 33.41 9.34
N GLY I 115 -16.93 33.51 10.66
CA GLY I 115 -16.49 34.73 11.31
C GLY I 115 -15.16 35.28 10.81
N TRP I 116 -14.21 34.39 10.52
CA TRP I 116 -12.90 34.81 10.03
C TRP I 116 -12.87 34.90 8.53
N THR I 117 -13.20 33.82 7.81
CA THR I 117 -12.94 33.74 6.37
C THR I 117 -14.21 33.77 5.51
N TYR I 118 -15.33 34.03 6.14
CA TYR I 118 -16.59 34.27 5.46
C TYR I 118 -17.13 33.19 4.55
N PHE I 119 -16.94 31.94 4.91
CA PHE I 119 -17.66 30.92 4.20
C PHE I 119 -19.08 30.81 4.79
N PRO I 120 -20.10 30.75 3.93
CA PRO I 120 -21.41 30.49 4.51
C PRO I 120 -21.46 29.19 5.35
N ILE I 121 -22.22 29.26 6.44
CA ILE I 121 -22.58 28.12 7.26
C ILE I 121 -23.23 27.01 6.45
N SER I 122 -23.68 27.30 5.23
CA SER I 122 -24.25 26.20 4.46
C SER I 122 -23.16 25.37 3.83
N LEU I 123 -21.98 25.97 3.64
CA LEU I 123 -20.87 25.26 3.06
C LEU I 123 -20.19 24.35 4.12
N VAL I 124 -20.18 24.86 5.36
CA VAL I 124 -19.26 24.36 6.37
C VAL I 124 -19.89 23.75 7.63
N PHE I 125 -21.18 23.42 7.59
CA PHE I 125 -21.80 22.88 8.80
C PHE I 125 -21.33 21.42 8.99
N PRO I 126 -21.08 20.98 10.25
CA PRO I 126 -20.62 19.63 10.65
C PRO I 126 -21.65 18.51 10.53
N SER I 127 -21.20 17.25 10.58
CA SER I 127 -22.05 16.07 10.40
C SER I 127 -22.76 15.89 11.71
N ALA I 128 -23.95 15.28 11.68
CA ALA I 128 -24.72 15.14 12.92
C ALA I 128 -24.48 13.76 13.57
N LEU I 129 -24.09 13.75 14.86
CA LEU I 129 -23.77 12.46 15.57
C LEU I 129 -24.62 12.11 16.80
N ILE I 130 -25.22 13.14 17.43
CA ILE I 130 -25.88 12.96 18.71
C ILE I 130 -26.93 11.87 18.75
N VAL I 131 -27.78 11.75 17.74
CA VAL I 131 -28.65 10.57 17.71
C VAL I 131 -27.84 9.22 17.80
N PRO I 132 -26.95 8.92 16.82
CA PRO I 132 -26.23 7.63 16.96
C PRO I 132 -25.46 7.47 18.30
N ALA I 133 -25.03 8.59 18.91
CA ALA I 133 -24.38 8.58 20.20
C ALA I 133 -25.32 8.12 21.29
N ILE I 134 -26.59 8.55 21.19
CA ILE I 134 -27.62 8.14 22.17
C ILE I 134 -27.93 6.66 22.03
N TRP I 135 -28.26 6.22 20.82
CA TRP I 135 -28.41 4.78 20.64
C TRP I 135 -27.27 4.01 21.21
N LEU I 136 -26.03 4.43 20.96
CA LEU I 136 -24.86 3.78 21.56
C LEU I 136 -24.88 3.76 23.10
N ASP I 137 -25.22 4.90 23.71
CA ASP I 137 -25.24 5.02 25.17
C ASP I 137 -26.38 4.30 25.88
N VAL I 138 -27.51 4.13 25.22
CA VAL I 138 -28.64 3.47 25.82
C VAL I 138 -28.49 1.97 25.63
N ILE I 139 -27.97 1.51 24.48
CA ILE I 139 -27.63 0.09 24.38
C ILE I 139 -26.66 -0.36 25.50
N LEU I 140 -25.76 0.53 25.95
CA LEU I 140 -24.90 0.20 27.10
C LEU I 140 -25.64 0.30 28.41
N LEU I 141 -26.63 1.17 28.49
CA LEU I 141 -27.42 1.23 29.71
C LEU I 141 -28.34 0.02 29.81
N LEU I 142 -29.15 -0.24 28.80
CA LEU I 142 -30.08 -1.38 28.85
C LEU I 142 -29.38 -2.73 29.05
N SER I 143 -28.82 -3.34 28.01
CA SER I 143 -27.85 -4.41 28.22
C SER I 143 -26.85 -3.71 29.11
N GLY I 144 -26.09 -4.44 29.93
CA GLY I 144 -25.08 -3.77 30.75
C GLY I 144 -23.70 -4.04 30.19
N SER I 145 -23.68 -4.56 28.95
CA SER I 145 -22.51 -5.19 28.36
C SER I 145 -21.88 -4.41 27.19
N TYR I 146 -20.55 -4.37 27.13
CA TYR I 146 -19.87 -3.70 26.03
C TYR I 146 -19.82 -4.60 24.87
N VAL I 147 -19.91 -5.90 25.08
CA VAL I 147 -19.97 -6.86 23.96
C VAL I 147 -21.26 -6.65 23.16
N ILE I 148 -22.42 -6.62 23.83
CA ILE I 148 -23.66 -6.25 23.12
C ILE I 148 -23.62 -4.84 22.45
N THR I 149 -23.07 -3.83 23.15
CA THR I 149 -22.98 -2.48 22.58
C THR I 149 -22.12 -2.54 21.32
N ALA I 150 -20.90 -3.04 21.47
CA ALA I 150 -20.07 -3.41 20.29
C ALA I 150 -20.86 -4.00 19.13
N VAL I 151 -21.83 -4.85 19.39
CA VAL I 151 -22.57 -5.44 18.27
C VAL I 151 -23.77 -4.62 17.81
N VAL I 152 -24.83 -4.56 18.61
CA VAL I 152 -26.06 -3.87 18.20
C VAL I 152 -25.93 -2.37 18.38
N GLY I 153 -25.07 -2.01 19.32
CA GLY I 153 -24.88 -0.62 19.64
C GLY I 153 -24.23 0.06 18.45
N SER I 154 -23.13 -0.53 17.97
CA SER I 154 -22.40 0.12 16.89
C SER I 154 -23.07 -0.10 15.53
N LEU I 155 -23.80 -1.20 15.39
CA LEU I 155 -24.67 -1.34 14.20
C LEU I 155 -25.81 -0.27 14.11
N GLY I 156 -26.48 0.05 15.20
CA GLY I 156 -27.46 1.16 15.17
C GLY I 156 -26.76 2.47 14.85
N TRP I 157 -25.60 2.66 15.49
CA TRP I 157 -24.77 3.87 15.27
C TRP I 157 -24.52 4.12 13.78
N GLY I 158 -24.04 3.08 13.07
CA GLY I 158 -23.84 3.11 11.62
C GLY I 158 -25.13 3.43 10.88
N LEU I 159 -26.17 2.57 11.06
CA LEU I 159 -27.47 2.74 10.34
C LEU I 159 -28.10 4.12 10.45
N LEU I 160 -28.05 4.72 11.63
CA LEU I 160 -28.73 5.97 11.92
C LEU I 160 -27.98 7.21 11.48
N PHE I 161 -26.80 7.03 10.90
CA PHE I 161 -26.01 8.20 10.56
C PHE I 161 -26.67 9.06 9.49
N TYR I 162 -26.93 8.44 8.33
CA TYR I 162 -27.52 9.18 7.22
C TYR I 162 -28.93 9.72 7.55
N PRO I 163 -29.85 8.90 8.13
CA PRO I 163 -31.12 9.45 8.54
C PRO I 163 -31.01 10.63 9.49
N ASN I 164 -30.21 10.56 10.54
CA ASN I 164 -30.15 11.70 11.46
C ASN I 164 -29.50 12.92 10.84
N ASN I 165 -28.89 12.72 9.66
CA ASN I 165 -28.29 13.82 8.88
C ASN I 165 -29.19 14.39 7.75
N TRP I 166 -30.02 13.54 7.19
CA TRP I 166 -30.89 13.90 6.10
C TRP I 166 -31.59 15.21 6.23
N PRO I 167 -32.28 15.44 7.38
CA PRO I 167 -32.92 16.74 7.65
C PRO I 167 -32.06 17.96 7.40
N ALA I 168 -30.79 17.90 7.78
CA ALA I 168 -29.83 19.00 7.58
C ALA I 168 -29.27 19.05 6.14
N ILE I 169 -29.37 17.94 5.41
CA ILE I 169 -28.70 17.80 4.12
C ILE I 169 -29.63 17.82 2.89
N ALA I 170 -30.92 17.56 3.09
CA ALA I 170 -31.87 17.46 1.97
C ALA I 170 -32.11 18.78 1.20
N ALA I 171 -32.18 19.92 1.91
CA ALA I 171 -32.34 21.20 1.26
C ALA I 171 -31.30 21.36 0.12
N PHE I 172 -30.04 21.01 0.37
CA PHE I 172 -28.97 21.22 -0.62
C PHE I 172 -28.89 20.12 -1.70
N HIS I 173 -29.82 19.20 -1.66
CA HIS I 173 -29.85 18.21 -2.72
C HIS I 173 -30.92 18.49 -3.77
N GLN I 174 -31.59 19.64 -3.59
CA GLN I 174 -32.46 20.18 -4.64
C GLN I 174 -31.66 20.48 -5.93
N ALA I 175 -32.27 20.11 -7.06
CA ALA I 175 -31.65 20.26 -8.38
C ALA I 175 -31.73 21.69 -8.89
N THR I 176 -30.75 22.05 -9.70
CA THR I 176 -30.70 23.33 -10.42
C THR I 176 -30.00 23.06 -11.76
N GLU I 177 -30.41 23.80 -12.80
CA GLU I 177 -29.71 23.80 -14.08
C GLU I 177 -28.84 25.05 -14.19
N GLN I 178 -27.53 24.85 -14.32
CA GLN I 178 -26.59 25.93 -14.64
C GLN I 178 -25.97 25.58 -15.98
N HIS I 179 -25.90 26.58 -16.85
CA HIS I 179 -25.31 26.45 -18.16
C HIS I 179 -25.47 25.08 -18.77
N GLY I 180 -26.73 24.62 -18.87
CA GLY I 180 -27.04 23.37 -19.54
C GLY I 180 -26.73 22.08 -18.77
N GLN I 181 -26.18 22.23 -17.56
CA GLN I 181 -25.76 21.09 -16.70
C GLN I 181 -26.62 21.09 -15.47
N LEU I 182 -26.90 19.88 -14.96
CA LEU I 182 -27.57 19.69 -13.71
C LEU I 182 -26.55 19.79 -12.57
N MET I 183 -26.92 20.54 -11.52
CA MET I 183 -26.11 20.65 -10.32
C MET I 183 -27.01 20.56 -9.08
N THR I 184 -26.49 20.03 -7.97
CA THR I 184 -27.23 20.14 -6.72
C THR I 184 -26.93 21.53 -6.15
N LEU I 185 -27.75 21.99 -5.23
CA LEU I 185 -27.42 23.25 -4.53
C LEU I 185 -26.10 23.19 -3.80
N ALA I 186 -25.80 21.98 -3.29
CA ALA I 186 -24.59 21.72 -2.54
C ALA I 186 -23.37 21.94 -3.44
N ASP I 187 -23.37 21.32 -4.64
CA ASP I 187 -22.29 21.48 -5.61
C ASP I 187 -22.07 22.97 -5.87
N LEU I 188 -23.20 23.67 -6.03
CA LEU I 188 -23.19 25.07 -6.45
C LEU I 188 -22.69 25.99 -5.34
N ILE I 189 -22.99 25.66 -4.10
CA ILE I 189 -22.46 26.41 -2.98
C ILE I 189 -20.93 26.30 -2.96
N GLY I 190 -20.46 25.06 -3.04
CA GLY I 190 -19.04 24.79 -3.14
C GLY I 190 -18.40 25.64 -4.23
N PHE I 191 -19.02 25.57 -5.39
CA PHE I 191 -18.59 26.26 -6.61
C PHE I 191 -18.52 27.78 -6.53
N HIS I 192 -19.58 28.40 -6.02
CA HIS I 192 -19.65 29.82 -5.76
C HIS I 192 -18.68 30.38 -4.77
N PHE I 193 -18.60 29.76 -3.59
CA PHE I 193 -17.82 30.37 -2.51
C PHE I 193 -16.37 29.93 -2.52
N VAL I 194 -15.54 30.62 -3.31
CA VAL I 194 -14.23 30.08 -3.73
C VAL I 194 -13.20 29.75 -2.61
N ARG I 195 -12.85 28.45 -2.56
CA ARG I 195 -11.72 27.93 -1.75
C ARG I 195 -10.42 27.82 -2.59
N THR I 196 -9.33 28.38 -2.09
CA THR I 196 -8.07 28.41 -2.83
C THR I 196 -7.52 27.04 -3.15
N SER I 197 -7.79 26.07 -2.28
CA SER I 197 -7.16 24.76 -2.35
C SER I 197 -8.16 23.61 -2.35
N MET I 198 -9.24 23.71 -3.12
CA MET I 198 -10.24 22.66 -3.12
C MET I 198 -10.73 22.32 -4.54
N PRO I 199 -9.83 21.78 -5.38
CA PRO I 199 -10.23 21.39 -6.73
C PRO I 199 -11.29 20.30 -6.72
N GLU I 200 -12.35 20.44 -7.52
CA GLU I 200 -13.40 19.40 -7.56
C GLU I 200 -12.86 17.97 -7.61
N TYR I 201 -11.67 17.76 -8.18
CA TYR I 201 -11.22 16.39 -8.39
C TYR I 201 -10.75 15.68 -7.12
N ILE I 202 -10.54 16.47 -6.07
CA ILE I 202 -9.93 16.06 -4.81
C ILE I 202 -10.96 15.43 -3.88
N ARG I 203 -12.24 15.71 -4.16
CA ARG I 203 -13.40 15.33 -3.34
C ARG I 203 -13.45 13.96 -2.71
N MET I 204 -13.29 12.87 -3.46
CA MET I 204 -13.54 11.55 -2.80
C MET I 204 -15.00 11.43 -2.34
N VAL I 205 -15.88 11.37 -3.32
CA VAL I 205 -17.28 11.21 -3.15
C VAL I 205 -17.65 10.21 -4.24
N GLU I 206 -18.79 9.55 -4.09
CA GLU I 206 -19.26 8.61 -5.07
C GLU I 206 -19.32 9.24 -6.48
N ARG I 207 -18.85 8.51 -7.47
CA ARG I 207 -18.81 8.99 -8.85
C ARG I 207 -19.34 7.88 -9.78
N GLY I 208 -19.87 6.81 -9.19
CA GLY I 208 -20.53 5.75 -9.96
C GLY I 208 -19.61 4.58 -10.25
N THR I 209 -20.19 3.40 -10.48
CA THR I 209 -19.39 2.22 -10.81
C THR I 209 -20.26 1.22 -11.58
N LEU I 210 -19.61 0.32 -12.32
CA LEU I 210 -20.34 -0.72 -13.01
C LEU I 210 -20.79 -1.85 -12.08
N ARG I 211 -20.72 -1.62 -10.77
CA ARG I 211 -21.12 -2.65 -9.80
C ARG I 211 -22.17 -2.21 -8.81
N THR I 212 -22.54 -0.93 -8.88
CA THR I 212 -23.73 -0.49 -8.20
C THR I 212 -24.92 -1.08 -8.95
N PHE I 213 -25.85 -1.67 -8.18
CA PHE I 213 -27.04 -2.35 -8.70
C PHE I 213 -28.29 -1.86 -7.92
N GLY I 214 -28.82 -0.71 -8.34
CA GLY I 214 -29.70 0.11 -7.51
C GLY I 214 -29.05 1.49 -7.51
N LYS I 215 -29.58 2.50 -6.81
CA LYS I 215 -30.72 2.49 -5.84
C LYS I 215 -30.36 2.02 -4.41
N ASP I 216 -29.22 1.35 -4.26
CA ASP I 216 -28.79 0.77 -3.00
C ASP I 216 -27.63 1.51 -2.32
N VAL I 217 -27.20 2.66 -2.84
CA VAL I 217 -25.92 3.25 -2.40
C VAL I 217 -25.88 3.57 -0.93
N VAL I 218 -26.91 4.28 -0.43
CA VAL I 218 -26.88 4.68 0.96
C VAL I 218 -27.04 3.47 1.90
N PRO I 219 -28.06 2.59 1.65
CA PRO I 219 -28.21 1.47 2.60
C PRO I 219 -26.99 0.57 2.62
N VAL I 220 -26.32 0.31 1.49
CA VAL I 220 -25.14 -0.55 1.63
C VAL I 220 -24.03 0.19 2.38
N ALA I 221 -23.91 1.51 2.18
CA ALA I 221 -22.87 2.24 2.88
C ALA I 221 -23.14 2.23 4.35
N ALA I 222 -24.42 2.39 4.71
CA ALA I 222 -24.90 2.45 6.12
C ALA I 222 -24.60 1.15 6.93
N PHE I 223 -24.85 0.00 6.29
CA PHE I 223 -24.59 -1.31 6.85
C PHE I 223 -23.12 -1.55 6.91
N PHE I 224 -22.42 -1.19 5.85
CA PHE I 224 -20.98 -1.35 5.86
C PHE I 224 -20.35 -0.58 7.01
N SER I 225 -20.79 0.65 7.26
CA SER I 225 -20.22 1.43 8.37
C SER I 225 -20.59 0.81 9.70
N GLY I 226 -21.84 0.32 9.79
CA GLY I 226 -22.33 -0.40 10.96
C GLY I 226 -21.45 -1.58 11.32
N PHE I 227 -21.25 -2.50 10.36
CA PHE I 227 -20.43 -3.70 10.57
C PHE I 227 -18.98 -3.35 10.91
N VAL I 228 -18.39 -2.40 10.21
CA VAL I 228 -16.99 -2.08 10.49
C VAL I 228 -16.87 -1.37 11.82
N SER I 229 -17.87 -0.57 12.17
CA SER I 229 -17.83 0.12 13.47
C SER I 229 -17.81 -0.85 14.66
N MET I 230 -18.28 -2.09 14.47
CA MET I 230 -18.20 -3.11 15.54
C MET I 230 -16.76 -3.41 15.93
N MET I 231 -15.90 -3.62 14.94
CA MET I 231 -14.52 -3.91 15.18
C MET I 231 -13.87 -2.72 15.81
N VAL I 232 -14.10 -1.52 15.27
CA VAL I 232 -13.43 -0.31 15.79
C VAL I 232 -13.86 -0.06 17.24
N TYR I 233 -15.12 -0.40 17.52
CA TYR I 233 -15.64 -0.23 18.86
C TYR I 233 -14.88 -1.12 19.84
N PHE I 234 -14.88 -2.41 19.61
CA PHE I 234 -14.01 -3.28 20.37
C PHE I 234 -12.65 -2.67 20.61
N LEU I 235 -11.86 -2.54 19.56
CA LEU I 235 -10.54 -1.99 19.74
C LEU I 235 -10.58 -0.72 20.61
N TRP I 236 -11.54 0.18 20.39
CA TRP I 236 -11.47 1.47 21.12
C TRP I 236 -11.98 1.45 22.53
N TRP I 237 -12.86 0.51 22.81
CA TRP I 237 -13.25 0.20 24.16
C TRP I 237 -12.08 -0.18 24.98
N PHE I 238 -11.27 -1.09 24.44
CA PHE I 238 -10.14 -1.63 25.18
C PHE I 238 -9.05 -0.61 25.34
N MET I 239 -8.96 0.31 24.41
CA MET I 239 -7.98 1.34 24.51
C MET I 239 -8.43 2.37 25.50
N GLY I 240 -9.73 2.46 25.71
CA GLY I 240 -10.26 3.36 26.73
C GLY I 240 -9.85 2.83 28.07
N ARG I 241 -9.93 1.50 28.21
CA ARG I 241 -9.37 0.79 29.36
C ARG I 241 -7.88 1.08 29.56
N TRP I 242 -7.04 0.86 28.53
CA TRP I 242 -5.61 1.13 28.64
C TRP I 242 -5.37 2.53 29.06
N TYR I 243 -6.04 3.48 28.47
CA TYR I 243 -5.85 4.87 28.86
C TYR I 243 -6.28 5.23 30.30
N SER I 244 -7.24 4.45 30.83
CA SER I 244 -7.71 4.54 32.22
C SER I 244 -6.79 3.85 33.21
N THR I 245 -5.65 3.34 32.74
CA THR I 245 -4.61 2.73 33.61
C THR I 245 -4.16 3.64 34.76
N THR I 246 -4.03 3.02 35.93
CA THR I 246 -3.52 3.70 37.13
C THR I 246 -2.16 3.14 37.55
N LYS I 247 -1.53 2.41 36.63
CA LYS I 247 -0.22 1.83 36.84
C LYS I 247 0.77 2.93 37.16
N VAL I 248 1.54 2.73 38.23
CA VAL I 248 2.71 3.56 38.54
C VAL I 248 3.96 2.74 38.23
N ILE I 249 4.84 3.30 37.41
CA ILE I 249 6.11 2.67 37.10
C ILE I 249 7.19 3.32 37.98
N ASP I 250 8.44 2.92 37.80
CA ASP I 250 9.48 3.27 38.76
C ASP I 250 10.63 4.13 38.24
N THR I 251 10.86 4.13 36.92
CA THR I 251 11.86 5.02 36.31
C THR I 251 11.61 5.44 34.87
N ILE I 252 12.42 6.39 34.41
CA ILE I 252 12.38 6.94 33.05
C ILE I 252 13.81 6.98 32.46
N ALA J 9 44.59 -16.09 47.16
CA ALA J 9 43.50 -17.05 46.84
C ALA J 9 42.13 -16.37 46.90
N VAL J 10 41.36 -16.48 45.80
CA VAL J 10 39.93 -16.10 45.73
C VAL J 10 39.16 -17.02 44.79
N GLY J 11 38.84 -18.22 45.28
CA GLY J 11 38.09 -19.25 44.53
C GLY J 11 36.93 -18.67 43.73
N PRO J 12 36.75 -19.13 42.46
CA PRO J 12 37.44 -20.24 41.79
C PRO J 12 38.78 -19.85 41.13
N PHE J 13 39.34 -18.70 41.54
CA PHE J 13 40.66 -18.29 41.09
C PHE J 13 41.73 -18.57 42.14
N ASN J 14 42.79 -19.24 41.71
CA ASN J 14 43.93 -19.50 42.57
C ASN J 14 44.51 -18.25 43.24
N SER J 15 44.79 -17.20 42.45
CA SER J 15 45.38 -15.95 42.95
C SER J 15 44.56 -14.72 42.62
N VAL J 16 44.96 -13.58 43.17
CA VAL J 16 44.40 -12.26 42.83
C VAL J 16 44.80 -11.83 41.41
N ALA J 17 45.99 -12.25 40.99
CA ALA J 17 46.44 -12.10 39.60
C ALA J 17 45.56 -12.91 38.64
N GLU J 18 45.31 -14.18 38.98
CA GLU J 18 44.43 -14.99 38.13
C GLU J 18 43.02 -14.42 38.00
N ALA J 19 42.51 -13.84 39.09
CA ALA J 19 41.22 -13.15 39.09
C ALA J 19 41.20 -11.97 38.13
N ALA J 20 42.05 -10.97 38.41
CA ALA J 20 42.05 -9.71 37.65
C ALA J 20 42.53 -9.91 36.23
N GLY J 21 43.46 -10.85 36.05
CA GLY J 21 43.86 -11.25 34.71
C GLY J 21 42.75 -11.86 33.90
N CYS J 22 41.89 -12.67 34.53
CA CYS J 22 40.77 -13.29 33.81
C CYS J 22 39.69 -12.29 33.42
N VAL J 23 39.25 -11.50 34.40
CA VAL J 23 38.37 -10.36 34.20
C VAL J 23 38.81 -9.51 33.00
N GLN J 24 40.07 -9.08 33.02
CA GLN J 24 40.58 -8.26 31.94
C GLN J 24 40.53 -8.93 30.56
N THR J 25 40.73 -10.24 30.44
CA THR J 25 40.67 -10.79 29.08
C THR J 25 39.25 -11.15 28.63
N VAL J 26 38.38 -11.53 29.56
CA VAL J 26 36.94 -11.65 29.23
C VAL J 26 36.27 -10.28 28.88
N ASP J 27 36.69 -9.19 29.55
CA ASP J 27 36.29 -7.85 29.16
C ASP J 27 36.57 -7.54 27.66
N TRP J 28 37.78 -7.87 27.19
CA TRP J 28 38.13 -7.71 25.80
C TRP J 28 37.29 -8.59 24.94
N MET J 29 37.13 -9.84 25.30
CA MET J 29 36.39 -10.73 24.40
C MET J 29 34.91 -10.36 24.28
N LEU J 30 34.39 -9.58 25.22
CA LEU J 30 32.97 -9.27 25.21
C LEU J 30 32.87 -8.11 24.27
N LEU J 31 33.61 -7.04 24.62
CA LEU J 31 33.67 -5.81 23.80
C LEU J 31 33.72 -6.15 22.33
N VAL J 32 34.66 -7.02 21.97
CA VAL J 32 34.93 -7.36 20.59
C VAL J 32 33.75 -8.12 20.03
N LEU J 33 33.40 -9.22 20.67
CA LEU J 33 32.32 -10.05 20.12
C LEU J 33 30.98 -9.28 19.99
N LEU J 34 30.74 -8.29 20.87
CA LEU J 34 29.53 -7.51 20.84
C LEU J 34 29.70 -6.42 19.80
N PHE J 35 30.94 -6.00 19.59
CA PHE J 35 31.17 -4.98 18.60
C PHE J 35 30.79 -5.47 17.22
N PHE J 36 30.84 -6.77 16.95
CA PHE J 36 30.37 -7.14 15.66
C PHE J 36 30.03 -8.57 15.37
N ALA J 37 28.78 -9.03 15.46
CA ALA J 37 27.70 -8.69 16.43
C ALA J 37 26.70 -7.62 16.06
N VAL J 38 26.70 -6.50 16.78
CA VAL J 38 25.76 -5.46 16.40
C VAL J 38 26.07 -4.96 14.97
N LEU J 39 27.36 -4.85 14.61
CA LEU J 39 27.75 -4.39 13.26
C LEU J 39 27.12 -5.28 12.17
N GLY J 40 27.28 -6.58 12.26
CA GLY J 40 26.67 -7.50 11.30
C GLY J 40 25.19 -7.26 11.18
N GLY J 41 24.52 -7.09 12.33
CA GLY J 41 23.06 -6.93 12.41
C GLY J 41 22.64 -5.56 11.92
N TYR J 42 23.39 -4.54 12.35
CA TYR J 42 23.17 -3.16 11.95
C TYR J 42 23.36 -2.95 10.47
N HIS J 43 24.45 -3.49 9.93
CA HIS J 43 24.79 -3.39 8.51
C HIS J 43 23.78 -4.01 7.62
N VAL J 44 23.48 -5.28 7.78
CA VAL J 44 22.44 -5.91 6.97
C VAL J 44 21.12 -5.12 6.98
N HIS J 45 20.69 -4.68 8.18
CA HIS J 45 19.41 -3.96 8.31
C HIS J 45 19.43 -2.68 7.55
N PHE J 46 20.51 -1.95 7.76
CA PHE J 46 20.69 -0.63 7.20
C PHE J 46 20.84 -0.70 5.71
N MET J 47 21.77 -1.53 5.27
CA MET J 47 22.04 -1.79 3.87
C MET J 47 20.77 -2.18 3.11
N LEU J 48 19.90 -2.96 3.72
CA LEU J 48 18.63 -3.36 3.08
C LEU J 48 17.62 -2.29 2.93
N THR J 49 17.56 -1.38 3.89
CA THR J 49 16.57 -0.27 3.88
C THR J 49 17.14 1.07 3.40
N ALA J 50 18.05 1.62 4.18
CA ALA J 50 18.75 2.85 3.82
C ALA J 50 19.88 2.67 2.78
N GLY J 51 19.96 1.46 2.22
CA GLY J 51 20.42 1.26 0.82
C GLY J 51 21.86 1.64 0.61
N ASP J 52 22.24 2.29 -0.49
CA ASP J 52 21.41 2.71 -1.64
C ASP J 52 21.35 4.20 -1.79
N TRP J 53 21.09 4.92 -0.71
CA TRP J 53 21.38 6.35 -0.61
C TRP J 53 22.70 6.44 0.02
N ASP J 54 23.14 5.37 0.66
CA ASP J 54 24.42 5.40 1.33
C ASP J 54 25.55 4.95 0.41
N PHE J 55 25.27 4.01 -0.48
CA PHE J 55 26.23 3.59 -1.46
C PHE J 55 26.69 4.71 -2.39
N TRP J 56 25.78 5.58 -2.84
CA TRP J 56 26.02 6.41 -4.07
C TRP J 56 26.00 7.89 -3.89
N VAL J 57 27.08 8.54 -4.28
CA VAL J 57 27.20 10.00 -4.16
C VAL J 57 26.04 10.72 -4.88
N ASP J 58 25.60 10.10 -6.00
CA ASP J 58 24.55 10.73 -6.78
C ASP J 58 23.13 10.44 -6.30
N TRP J 59 22.98 9.81 -5.12
CA TRP J 59 21.72 9.79 -4.40
C TRP J 59 21.71 10.66 -3.18
N LYS J 60 22.87 11.17 -2.77
CA LYS J 60 22.91 11.97 -1.55
C LYS J 60 22.31 13.36 -1.77
N ASP J 61 20.97 13.37 -1.84
CA ASP J 61 20.23 14.56 -2.26
C ASP J 61 19.93 15.44 -1.05
N ARG J 62 18.91 16.29 -1.14
CA ARG J 62 18.60 17.19 -0.05
C ARG J 62 17.35 16.77 0.67
N ARG J 63 16.61 15.81 0.11
CA ARG J 63 15.31 15.50 0.68
C ARG J 63 15.22 14.10 1.25
N MET J 64 15.41 13.10 0.39
CA MET J 64 15.25 11.71 0.75
C MET J 64 16.35 11.26 1.70
N TRP J 65 17.58 11.47 1.29
CA TRP J 65 18.75 11.06 2.03
C TRP J 65 18.81 11.55 3.48
N PRO J 66 18.76 12.88 3.72
CA PRO J 66 18.72 13.30 5.16
C PRO J 66 17.40 12.97 5.84
N THR J 67 16.58 12.11 5.22
CA THR J 67 15.35 11.69 5.84
C THR J 67 15.43 10.22 6.15
N VAL J 68 15.60 9.38 5.14
CA VAL J 68 15.62 7.96 5.39
C VAL J 68 16.83 7.54 6.21
N VAL J 69 17.95 8.25 6.10
CA VAL J 69 19.14 7.77 6.81
C VAL J 69 19.09 7.98 8.31
N PRO J 70 18.85 9.22 8.78
CA PRO J 70 18.70 9.39 10.24
C PRO J 70 17.65 8.46 10.84
N ILE J 71 16.50 8.34 10.19
CA ILE J 71 15.41 7.52 10.70
C ILE J 71 15.79 6.07 10.68
N LEU J 72 16.37 5.56 9.60
CA LEU J 72 16.76 4.16 9.63
C LEU J 72 18.03 3.93 10.42
N GLY J 73 18.83 4.98 10.59
CA GLY J 73 20.05 4.89 11.36
C GLY J 73 19.76 4.67 12.82
N VAL J 74 18.94 5.51 13.42
CA VAL J 74 18.75 5.55 14.87
C VAL J 74 18.38 4.19 15.50
N THR J 75 17.81 3.28 14.70
CA THR J 75 17.34 2.01 15.16
C THR J 75 18.36 1.33 16.05
N PHE J 76 19.48 0.85 15.52
CA PHE J 76 20.42 0.09 16.35
C PHE J 76 21.17 0.98 17.31
N CYS J 77 21.17 2.28 17.12
CA CYS J 77 21.80 3.11 18.14
C CYS J 77 20.91 3.10 19.38
N ALA J 78 19.60 3.10 19.16
CA ALA J 78 18.67 3.04 20.27
C ALA J 78 18.74 1.68 21.03
N ALA J 79 18.72 0.56 20.27
CA ALA J 79 18.81 -0.78 20.86
C ALA J 79 20.15 -0.96 21.57
N SER J 80 21.22 -0.46 20.96
CA SER J 80 22.53 -0.61 21.55
C SER J 80 22.61 0.21 22.84
N GLN J 81 22.01 1.40 22.90
CA GLN J 81 21.98 2.10 24.17
C GLN J 81 21.16 1.34 25.21
N ALA J 82 19.98 0.85 24.82
CA ALA J 82 19.19 0.05 25.76
C ALA J 82 20.10 -1.00 26.40
N PHE J 83 21.10 -1.45 25.65
CA PHE J 83 21.91 -2.52 26.17
C PHE J 83 23.03 -2.01 27.07
N TRP J 84 23.90 -1.15 26.57
CA TRP J 84 25.03 -0.68 27.36
C TRP J 84 24.60 0.07 28.57
N TRP J 85 23.54 0.84 28.47
CA TRP J 85 23.30 1.81 29.52
C TRP J 85 22.56 1.19 30.69
N VAL J 86 21.42 0.58 30.40
CA VAL J 86 20.62 -0.10 31.40
C VAL J 86 21.51 -1.05 32.22
N ASN J 87 22.10 -2.05 31.55
CA ASN J 87 22.96 -2.99 32.23
C ASN J 87 24.36 -2.59 32.75
N PHE J 88 25.03 -1.61 32.18
CA PHE J 88 26.38 -1.35 32.59
C PHE J 88 26.62 0.12 32.85
N ARG J 89 25.60 0.96 32.61
CA ARG J 89 25.73 2.40 32.77
C ARG J 89 26.90 2.98 31.94
N LEU J 90 27.22 2.27 30.85
CA LEU J 90 28.30 2.67 29.91
C LEU J 90 27.70 3.50 28.76
N PRO J 91 28.15 4.78 28.62
CA PRO J 91 27.51 5.79 27.80
C PRO J 91 28.00 5.79 26.35
N PHE J 92 28.19 4.61 25.78
CA PHE J 92 28.68 4.59 24.40
C PHE J 92 27.83 3.71 23.49
N GLY J 93 26.57 3.54 23.89
CA GLY J 93 25.62 2.73 23.10
C GLY J 93 25.54 3.16 21.63
N ALA J 94 25.28 4.45 21.41
CA ALA J 94 25.02 4.98 20.05
C ALA J 94 26.27 4.95 19.15
N VAL J 95 27.40 5.28 19.74
CA VAL J 95 28.68 5.37 19.05
C VAL J 95 29.21 3.93 18.79
N PHE J 96 29.00 3.06 19.76
CA PHE J 96 29.30 1.66 19.57
C PHE J 96 28.66 1.12 18.27
N ALA J 97 27.38 1.44 18.06
CA ALA J 97 26.65 0.98 16.87
C ALA J 97 27.02 1.74 15.60
N ALA J 98 27.05 3.07 15.69
CA ALA J 98 27.38 3.92 14.55
C ALA J 98 28.80 3.65 14.03
N LEU J 99 29.75 3.43 14.94
CA LEU J 99 31.14 3.20 14.54
C LEU J 99 31.26 1.84 13.87
N GLY J 100 30.49 0.90 14.40
CA GLY J 100 30.50 -0.44 13.87
C GLY J 100 30.15 -0.35 12.42
N LEU J 101 29.07 0.39 12.14
CA LEU J 101 28.55 0.52 10.79
C LEU J 101 29.56 1.22 9.86
N LEU J 102 30.03 2.38 10.30
CA LEU J 102 31.02 3.10 9.53
C LEU J 102 32.22 2.24 9.09
N ILE J 103 32.83 1.51 10.03
CA ILE J 103 33.91 0.58 9.72
C ILE J 103 33.49 -0.51 8.71
N GLY J 104 32.31 -1.07 8.85
CA GLY J 104 31.95 -2.21 8.02
C GLY J 104 31.66 -1.73 6.63
N GLU J 105 31.21 -0.48 6.54
CA GLU J 105 30.94 0.16 5.23
C GLU J 105 32.25 0.52 4.54
N TRP J 106 33.05 1.36 5.20
CA TRP J 106 34.38 1.72 4.76
C TRP J 106 35.25 0.58 4.37
N ILE J 107 35.42 -0.40 5.25
CA ILE J 107 36.12 -1.59 4.77
C ILE J 107 35.58 -2.07 3.43
N ASN J 108 34.27 -2.13 3.29
CA ASN J 108 33.69 -2.70 2.09
C ASN J 108 33.83 -1.82 0.86
N ARG J 109 33.55 -0.52 1.04
CA ARG J 109 33.64 0.45 -0.06
C ARG J 109 35.05 0.36 -0.60
N TYR J 110 36.03 0.33 0.32
CA TYR J 110 37.46 0.30 -0.03
C TYR J 110 37.86 -1.05 -0.59
N VAL J 111 37.71 -2.12 0.18
CA VAL J 111 38.20 -3.38 -0.28
C VAL J 111 37.44 -3.91 -1.50
N ASN J 112 36.13 -3.64 -1.57
CA ASN J 112 35.29 -4.25 -2.62
C ASN J 112 34.78 -3.29 -3.71
N PHE J 113 34.09 -2.22 -3.34
CA PHE J 113 33.52 -1.39 -4.39
C PHE J 113 34.67 -0.94 -5.25
N TRP J 114 35.75 -0.54 -4.60
CA TRP J 114 36.92 -0.03 -5.23
C TRP J 114 37.92 -1.12 -5.56
N GLY J 115 38.44 -1.80 -4.53
CA GLY J 115 39.45 -2.81 -4.73
C GLY J 115 39.00 -3.92 -5.68
N TRP J 116 37.71 -4.22 -5.68
CA TRP J 116 37.24 -5.33 -6.48
C TRP J 116 36.74 -4.78 -7.77
N THR J 117 35.84 -3.78 -7.74
CA THR J 117 35.12 -3.36 -8.97
C THR J 117 35.53 -1.99 -9.51
N TYR J 118 36.45 -1.35 -8.82
CA TYR J 118 37.06 -0.12 -9.32
C TYR J 118 36.15 1.09 -9.41
N PHE J 119 35.15 1.19 -8.57
CA PHE J 119 34.44 2.47 -8.47
C PHE J 119 35.28 3.46 -7.66
N PRO J 120 35.40 4.70 -8.08
CA PRO J 120 36.10 5.62 -7.19
C PRO J 120 35.43 5.79 -5.84
N ILE J 121 36.23 5.97 -4.80
CA ILE J 121 35.74 6.29 -3.46
C ILE J 121 34.87 7.57 -3.46
N SER J 122 34.95 8.39 -4.50
CA SER J 122 34.10 9.58 -4.51
C SER J 122 32.67 9.21 -4.92
N LEU J 123 32.52 8.16 -5.72
CA LEU J 123 31.21 7.59 -5.99
C LEU J 123 30.59 6.94 -4.73
N VAL J 124 31.38 6.16 -4.00
CA VAL J 124 30.85 5.16 -3.08
C VAL J 124 31.14 5.37 -1.60
N PHE J 125 31.64 6.53 -1.18
CA PHE J 125 31.75 6.77 0.27
C PHE J 125 30.43 6.78 1.06
N PRO J 126 30.42 6.24 2.32
CA PRO J 126 29.25 6.24 3.25
C PRO J 126 28.85 7.60 3.84
N SER J 127 27.64 7.66 4.40
CA SER J 127 27.11 8.86 5.10
C SER J 127 27.82 9.00 6.40
N ALA J 128 27.92 10.20 6.94
CA ALA J 128 28.58 10.33 8.27
C ALA J 128 27.62 10.34 9.45
N LEU J 129 27.80 9.41 10.39
CA LEU J 129 26.92 9.32 11.58
C LEU J 129 27.50 9.62 12.96
N ILE J 130 28.83 9.61 13.06
CA ILE J 130 29.45 9.67 14.36
C ILE J 130 29.06 10.89 15.17
N VAL J 131 29.03 12.06 14.57
CA VAL J 131 28.61 13.23 15.31
C VAL J 131 27.18 13.10 15.89
N PRO J 132 26.15 12.81 15.03
CA PRO J 132 24.81 12.54 15.61
C PRO J 132 24.80 11.49 16.76
N ALA J 133 25.58 10.40 16.58
CA ALA J 133 25.77 9.36 17.59
C ALA J 133 26.30 9.91 18.92
N ILE J 134 27.31 10.76 18.86
CA ILE J 134 27.79 11.41 20.06
C ILE J 134 26.70 12.22 20.80
N TRP J 135 26.07 13.16 20.11
CA TRP J 135 24.93 13.84 20.66
C TRP J 135 23.97 12.91 21.33
N LEU J 136 23.72 11.76 20.71
CA LEU J 136 22.73 10.82 21.23
C LEU J 136 23.19 10.27 22.54
N ASP J 137 24.48 9.89 22.56
CA ASP J 137 25.13 9.29 23.73
C ASP J 137 25.34 10.22 24.91
N VAL J 138 25.63 11.48 24.61
CA VAL J 138 25.86 12.41 25.69
C VAL J 138 24.55 12.85 26.30
N ILE J 139 23.51 12.97 25.50
CA ILE J 139 22.20 13.28 26.03
C ILE J 139 21.75 12.20 27.01
N LEU J 140 22.13 10.95 26.69
CA LEU J 140 21.80 9.84 27.61
C LEU J 140 22.66 9.87 28.87
N LEU J 141 23.90 10.36 28.75
CA LEU J 141 24.79 10.52 29.89
C LEU J 141 24.31 11.67 30.77
N LEU J 142 24.14 12.85 30.18
CA LEU J 142 23.78 14.05 30.96
C LEU J 142 22.43 13.91 31.67
N SER J 143 21.30 14.01 30.96
CA SER J 143 20.05 13.46 31.50
C SER J 143 20.39 12.00 31.69
N GLY J 144 19.70 11.31 32.58
CA GLY J 144 20.00 9.88 32.75
C GLY J 144 18.86 9.06 32.17
N SER J 145 18.09 9.70 31.28
CA SER J 145 16.76 9.21 30.91
C SER J 145 16.65 8.89 29.42
N TYR J 146 15.99 7.79 29.11
CA TYR J 146 15.82 7.42 27.72
C TYR J 146 14.63 8.13 27.11
N VAL J 147 13.74 8.61 27.99
CA VAL J 147 12.65 9.48 27.54
C VAL J 147 13.19 10.82 27.05
N ILE J 148 14.02 11.48 27.86
CA ILE J 148 14.71 12.66 27.33
C ILE J 148 15.53 12.40 26.06
N THR J 149 16.32 11.32 26.05
CA THR J 149 17.12 10.97 24.85
C THR J 149 16.20 10.80 23.65
N ALA J 150 15.14 10.01 23.84
CA ALA J 150 14.11 9.84 22.81
C ALA J 150 13.64 11.17 22.24
N VAL J 151 13.51 12.19 23.09
CA VAL J 151 13.05 13.51 22.61
C VAL J 151 14.16 14.41 22.08
N VAL J 152 15.01 14.94 22.96
CA VAL J 152 16.05 15.88 22.51
C VAL J 152 17.25 15.15 21.90
N GLY J 153 17.44 13.91 22.30
CA GLY J 153 18.58 13.19 21.82
C GLY J 153 18.33 12.96 20.36
N SER J 154 17.16 12.41 20.06
CA SER J 154 16.90 11.96 18.69
C SER J 154 16.58 13.13 17.73
N LEU J 155 16.13 14.25 18.30
CA LEU J 155 16.01 15.51 17.56
C LEU J 155 17.37 16.07 17.10
N GLY J 156 18.31 16.21 18.03
CA GLY J 156 19.66 16.62 17.66
C GLY J 156 20.23 15.66 16.61
N TRP J 157 19.92 14.38 16.77
CA TRP J 157 20.43 13.35 15.87
C TRP J 157 20.05 13.61 14.44
N GLY J 158 18.82 14.04 14.24
CA GLY J 158 18.30 14.32 12.91
C GLY J 158 18.80 15.65 12.39
N LEU J 159 18.76 16.70 13.21
CA LEU J 159 19.26 18.03 12.78
C LEU J 159 20.71 17.96 12.30
N LEU J 160 21.54 17.29 13.09
CA LEU J 160 22.98 17.26 12.83
C LEU J 160 23.42 16.37 11.67
N PHE J 161 22.48 15.70 11.01
CA PHE J 161 22.93 14.77 10.02
C PHE J 161 23.57 15.51 8.86
N TYR J 162 22.80 16.39 8.21
CA TYR J 162 23.29 17.08 7.02
C TYR J 162 24.52 17.97 7.29
N PRO J 163 24.52 18.75 8.39
CA PRO J 163 25.75 19.51 8.66
C PRO J 163 26.99 18.63 8.85
N ASN J 164 26.95 17.64 9.74
CA ASN J 164 28.10 16.71 9.88
C ASN J 164 28.50 15.95 8.59
N ASN J 165 27.62 15.92 7.59
CA ASN J 165 27.93 15.36 6.30
C ASN J 165 28.44 16.38 5.25
N TRP J 166 28.03 17.63 5.39
CA TRP J 166 28.32 18.72 4.41
C TRP J 166 29.73 18.77 3.96
N PRO J 167 30.70 18.83 4.91
CA PRO J 167 32.14 18.84 4.61
C PRO J 167 32.60 17.75 3.66
N ALA J 168 32.01 16.58 3.77
CA ALA J 168 32.36 15.50 2.87
C ALA J 168 31.66 15.65 1.53
N ILE J 169 30.53 16.39 1.51
CA ILE J 169 29.66 16.39 0.30
C ILE J 169 29.80 17.64 -0.59
N ALA J 170 30.13 18.77 0.02
CA ALA J 170 30.14 20.03 -0.68
C ALA J 170 31.00 20.04 -1.92
N ALA J 171 32.18 19.45 -1.89
CA ALA J 171 33.05 19.38 -3.09
C ALA J 171 32.29 18.88 -4.31
N PHE J 172 31.37 17.96 -4.11
CA PHE J 172 30.75 17.33 -5.28
C PHE J 172 29.54 18.06 -5.78
N HIS J 173 29.25 19.19 -5.15
CA HIS J 173 28.10 19.96 -5.52
C HIS J 173 28.48 21.18 -6.27
N GLN J 174 29.76 21.35 -6.49
CA GLN J 174 30.25 22.31 -7.47
C GLN J 174 29.65 21.98 -8.83
N ALA J 175 29.37 23.06 -9.58
CA ALA J 175 28.66 23.02 -10.83
C ALA J 175 29.61 22.83 -11.99
N THR J 176 29.17 22.14 -13.02
CA THR J 176 29.92 22.00 -14.27
C THR J 176 28.92 22.07 -15.45
N GLU J 177 29.33 22.63 -16.61
CA GLU J 177 28.47 22.58 -17.80
C GLU J 177 28.90 21.44 -18.67
N GLN J 178 27.97 20.57 -19.03
CA GLN J 178 28.30 19.48 -19.98
C GLN J 178 27.30 19.52 -21.07
N HIS J 179 27.77 19.50 -22.30
CA HIS J 179 26.94 19.60 -23.49
C HIS J 179 25.76 20.52 -23.35
N GLY J 180 26.02 21.67 -22.77
CA GLY J 180 24.99 22.70 -22.65
C GLY J 180 24.08 22.60 -21.46
N GLN J 181 24.25 21.55 -20.65
CA GLN J 181 23.46 21.27 -19.44
C GLN J 181 24.30 21.47 -18.23
N LEU J 182 23.69 22.05 -17.20
CA LEU J 182 24.29 22.06 -15.87
C LEU J 182 24.23 20.66 -15.21
N MET J 183 25.35 20.27 -14.58
CA MET J 183 25.45 19.06 -13.77
C MET J 183 26.26 19.40 -12.54
N THR J 184 26.02 18.69 -11.44
CA THR J 184 26.92 18.72 -10.29
C THR J 184 28.07 17.73 -10.59
N LEU J 185 29.19 17.92 -9.89
CA LEU J 185 30.27 16.92 -9.93
C LEU J 185 29.76 15.49 -9.60
N ALA J 186 28.94 15.46 -8.54
CA ALA J 186 28.30 14.25 -8.06
C ALA J 186 27.49 13.53 -9.14
N ASP J 187 26.71 14.28 -9.93
CA ASP J 187 25.94 13.71 -11.03
C ASP J 187 26.88 13.07 -12.05
N LEU J 188 27.98 13.76 -12.28
CA LEU J 188 28.91 13.44 -13.35
C LEU J 188 29.69 12.19 -12.99
N ILE J 189 30.13 12.14 -11.74
CA ILE J 189 30.85 10.97 -11.24
C ILE J 189 29.95 9.78 -11.48
N GLY J 190 28.73 9.87 -10.96
CA GLY J 190 27.71 8.87 -11.23
C GLY J 190 27.71 8.40 -12.67
N PHE J 191 27.71 9.39 -13.56
CA PHE J 191 27.51 9.25 -15.01
C PHE J 191 28.69 8.62 -15.73
N HIS J 192 29.89 9.10 -15.36
CA HIS J 192 31.16 8.62 -15.88
C HIS J 192 31.47 7.19 -15.59
N PHE J 193 31.42 6.81 -14.30
CA PHE J 193 31.82 5.48 -13.84
C PHE J 193 30.66 4.48 -13.89
N VAL J 194 30.43 3.94 -15.09
CA VAL J 194 29.25 3.14 -15.42
C VAL J 194 28.87 1.95 -14.51
N ARG J 195 27.71 2.13 -13.85
CA ARG J 195 27.03 1.05 -13.16
C ARG J 195 26.07 0.26 -14.08
N THR J 196 26.13 -1.06 -14.08
CA THR J 196 25.29 -1.83 -15.00
C THR J 196 23.81 -1.68 -14.74
N SER J 197 23.48 -1.34 -13.51
CA SER J 197 22.12 -1.49 -13.02
C SER J 197 21.71 -0.28 -12.22
N MET J 198 22.10 0.90 -12.67
CA MET J 198 21.71 2.09 -11.94
C MET J 198 21.18 3.19 -12.88
N PRO J 199 19.99 2.99 -13.50
CA PRO J 199 19.46 4.02 -14.42
C PRO J 199 19.11 5.28 -13.65
N GLU J 200 19.32 6.45 -14.25
CA GLU J 200 19.11 7.69 -13.49
C GLU J 200 17.70 7.72 -12.86
N TYR J 201 16.74 7.05 -13.48
CA TYR J 201 15.34 7.23 -13.08
C TYR J 201 15.00 6.62 -11.72
N ILE J 202 15.77 5.59 -11.36
CA ILE J 202 15.63 4.83 -10.12
C ILE J 202 15.95 5.62 -8.82
N ARG J 203 16.64 6.76 -8.95
CA ARG J 203 17.30 7.43 -7.84
C ARG J 203 16.46 7.66 -6.64
N MET J 204 15.33 8.32 -6.70
CA MET J 204 14.63 8.62 -5.41
C MET J 204 15.41 9.67 -4.65
N VAL J 205 15.52 10.80 -5.34
CA VAL J 205 16.13 12.01 -4.83
C VAL J 205 15.13 13.11 -5.14
N GLU J 206 15.25 14.25 -4.47
CA GLU J 206 14.38 15.38 -4.74
C GLU J 206 14.38 15.79 -6.21
N ARG J 207 13.19 15.97 -6.78
CA ARG J 207 13.01 16.34 -8.20
C ARG J 207 12.10 17.56 -8.39
N GLY J 208 11.74 18.20 -7.27
CA GLY J 208 10.97 19.46 -7.28
C GLY J 208 9.49 19.21 -7.04
N THR J 209 8.82 20.17 -6.41
CA THR J 209 7.35 20.09 -6.29
C THR J 209 6.72 21.47 -6.25
N LEU J 210 5.44 21.52 -6.60
CA LEU J 210 4.71 22.81 -6.53
C LEU J 210 4.34 23.18 -5.09
N ARG J 211 4.92 22.49 -4.12
CA ARG J 211 4.69 22.82 -2.72
C ARG J 211 5.92 23.12 -1.89
N THR J 212 7.10 23.02 -2.50
CA THR J 212 8.32 23.61 -1.92
C THR J 212 8.18 25.13 -2.01
N PHE J 213 8.47 25.80 -0.90
CA PHE J 213 8.32 27.25 -0.75
C PHE J 213 9.60 27.84 -0.10
N GLY J 214 10.64 28.00 -0.91
CA GLY J 214 12.01 28.15 -0.45
C GLY J 214 12.77 27.10 -1.27
N LYS J 215 14.08 26.89 -1.07
CA LYS J 215 15.01 27.46 -0.02
C LYS J 215 15.02 26.71 1.34
N ASP J 216 13.94 25.96 1.59
CA ASP J 216 13.69 25.31 2.87
C ASP J 216 13.88 23.77 2.83
N VAL J 217 14.30 23.20 1.70
CA VAL J 217 14.31 21.73 1.53
C VAL J 217 15.07 20.95 2.62
N VAL J 218 16.30 21.39 2.90
CA VAL J 218 17.13 20.69 3.88
C VAL J 218 16.59 20.84 5.31
N PRO J 219 16.41 22.09 5.82
CA PRO J 219 15.93 22.19 7.18
C PRO J 219 14.55 21.57 7.38
N VAL J 220 13.68 21.57 6.38
CA VAL J 220 12.43 20.81 6.64
C VAL J 220 12.74 19.32 6.78
N ALA J 221 13.54 18.74 5.88
CA ALA J 221 13.84 17.30 5.92
C ALA J 221 14.63 16.95 7.16
N ALA J 222 15.52 17.85 7.58
CA ALA J 222 16.26 17.70 8.84
C ALA J 222 15.34 17.54 10.04
N PHE J 223 14.41 18.49 10.22
CA PHE J 223 13.44 18.46 11.31
C PHE J 223 12.46 17.29 11.15
N PHE J 224 12.05 17.01 9.93
CA PHE J 224 11.21 15.85 9.74
C PHE J 224 11.91 14.58 10.25
N SER J 225 13.18 14.39 9.91
CA SER J 225 13.88 13.17 10.30
C SER J 225 14.00 13.15 11.81
N GLY J 226 14.35 14.30 12.39
CA GLY J 226 14.43 14.52 13.84
C GLY J 226 13.17 14.07 14.54
N PHE J 227 12.02 14.64 14.20
CA PHE J 227 10.76 14.25 14.84
C PHE J 227 10.40 12.78 14.65
N VAL J 228 10.55 12.25 13.43
CA VAL J 228 10.21 10.84 13.23
C VAL J 228 11.14 9.95 14.02
N SER J 229 12.41 10.34 14.14
CA SER J 229 13.38 9.53 14.86
C SER J 229 13.02 9.32 16.34
N MET J 230 12.19 10.20 16.90
CA MET J 230 11.71 10.08 18.27
C MET J 230 10.87 8.86 18.43
N MET J 231 9.98 8.60 17.49
CA MET J 231 9.17 7.41 17.57
C MET J 231 9.97 6.16 17.38
N VAL J 232 10.86 6.18 16.41
CA VAL J 232 11.64 4.98 16.07
C VAL J 232 12.56 4.66 17.24
N TYR J 233 13.07 5.69 17.92
CA TYR J 233 13.93 5.51 19.07
C TYR J 233 13.19 4.82 20.18
N PHE J 234 12.09 5.39 20.64
CA PHE J 234 11.20 4.65 21.53
C PHE J 234 11.04 3.21 21.15
N LEU J 235 10.45 2.95 19.99
CA LEU J 235 10.27 1.56 19.63
C LEU J 235 11.58 0.78 19.69
N TRP J 236 12.69 1.32 19.21
CA TRP J 236 13.95 0.52 19.27
C TRP J 236 14.65 0.40 20.61
N TRP J 237 14.46 1.37 21.50
CA TRP J 237 14.91 1.28 22.85
C TRP J 237 14.30 0.09 23.53
N PHE J 238 13.01 -0.12 23.32
CA PHE J 238 12.29 -1.18 23.99
C PHE J 238 12.53 -2.50 23.35
N MET J 239 12.95 -2.49 22.11
CA MET J 239 13.36 -3.73 21.49
C MET J 239 14.74 -4.13 21.93
N GLY J 240 15.56 -3.14 22.29
CA GLY J 240 16.86 -3.41 22.87
C GLY J 240 16.65 -4.18 24.17
N ARG J 241 15.70 -3.70 24.98
CA ARG J 241 15.25 -4.42 26.18
C ARG J 241 14.81 -5.83 25.88
N TRP J 242 13.87 -6.04 24.97
CA TRP J 242 13.42 -7.40 24.64
C TRP J 242 14.57 -8.25 24.21
N TYR J 243 15.46 -7.75 23.39
CA TYR J 243 16.61 -8.53 22.96
C TYR J 243 17.60 -8.90 24.10
N SER J 244 17.66 -8.05 25.11
CA SER J 244 18.45 -8.27 26.33
C SER J 244 17.80 -9.21 27.34
N THR J 245 16.72 -9.87 26.91
CA THR J 245 15.98 -10.80 27.77
C THR J 245 16.82 -11.99 28.21
N THR J 246 16.68 -12.37 29.48
CA THR J 246 17.38 -13.53 30.02
C THR J 246 16.37 -14.58 30.39
N LYS J 247 15.17 -14.48 29.86
CA LYS J 247 14.17 -15.49 30.09
C LYS J 247 14.67 -16.86 29.57
N VAL J 248 14.53 -17.89 30.42
CA VAL J 248 14.68 -19.31 30.01
C VAL J 248 13.27 -19.89 29.90
N ILE J 249 13.03 -20.58 28.78
CA ILE J 249 11.77 -21.26 28.57
C ILE J 249 12.02 -22.74 28.76
N ASP J 250 11.01 -23.56 28.54
CA ASP J 250 11.10 -24.97 28.92
C ASP J 250 11.05 -26.03 27.83
N THR J 251 10.42 -25.71 26.69
CA THR J 251 10.46 -26.63 25.54
C THR J 251 10.50 -25.96 24.18
N ILE J 252 10.62 -26.80 23.16
CA ILE J 252 10.60 -26.41 21.74
C ILE J 252 9.74 -27.41 20.94
N GLU K 16 -27.76 -43.64 35.32
CA GLU K 16 -28.87 -44.08 34.41
C GLU K 16 -28.25 -44.44 33.06
N SER K 17 -28.04 -43.41 32.22
CA SER K 17 -27.21 -43.49 31.01
C SER K 17 -26.34 -42.25 30.91
N VAL K 18 -25.02 -42.42 31.00
CA VAL K 18 -24.09 -41.30 30.82
C VAL K 18 -24.16 -40.81 29.36
N VAL K 19 -24.12 -41.76 28.43
CA VAL K 19 -24.21 -41.52 26.98
C VAL K 19 -25.62 -41.81 26.41
N ASP K 20 -26.39 -40.78 26.06
CA ASP K 20 -27.68 -40.97 25.39
C ASP K 20 -27.60 -40.95 23.84
N LEU K 21 -27.23 -39.80 23.27
CA LEU K 21 -27.00 -39.60 21.80
C LEU K 21 -28.25 -39.32 20.95
N ARG K 22 -29.42 -39.64 21.49
CA ARG K 22 -30.64 -39.46 20.71
C ARG K 22 -30.74 -38.00 20.24
N GLY K 23 -30.42 -37.08 21.16
CA GLY K 23 -30.43 -35.65 20.88
C GLY K 23 -29.54 -35.25 19.71
N MET K 24 -28.30 -35.73 19.73
CA MET K 24 -27.39 -35.56 18.62
C MET K 24 -28.02 -36.05 17.32
N TRP K 25 -28.34 -37.34 17.23
CA TRP K 25 -29.01 -37.89 16.06
C TRP K 25 -30.13 -37.02 15.58
N ILE K 26 -31.02 -36.64 16.49
CA ILE K 26 -32.14 -35.77 16.15
C ILE K 26 -31.62 -34.55 15.37
N GLY K 27 -30.70 -33.79 15.98
CA GLY K 27 -30.08 -32.62 15.33
C GLY K 27 -29.37 -32.90 14.01
N LEU K 28 -28.48 -33.89 13.99
CA LEU K 28 -27.81 -34.31 12.75
C LEU K 28 -28.77 -34.65 11.62
N VAL K 29 -29.73 -35.51 11.91
CA VAL K 29 -30.76 -35.83 10.95
C VAL K 29 -31.48 -34.53 10.52
N LEU K 30 -32.07 -33.82 11.48
CA LEU K 30 -32.83 -32.59 11.22
C LEU K 30 -32.05 -31.48 10.53
N LEU K 31 -30.76 -31.71 10.28
CA LEU K 31 -29.93 -30.69 9.72
C LEU K 31 -29.55 -31.10 8.31
N ASN K 32 -28.74 -32.17 8.20
CA ASN K 32 -28.42 -32.79 6.91
C ASN K 32 -29.63 -32.94 5.99
N VAL K 33 -30.76 -33.32 6.56
CA VAL K 33 -32.01 -33.41 5.81
C VAL K 33 -32.44 -32.03 5.33
N PHE K 34 -32.45 -31.06 6.24
CA PHE K 34 -32.93 -29.74 5.88
C PHE K 34 -32.08 -29.13 4.76
N TYR K 35 -30.76 -29.22 4.89
CA TYR K 35 -29.90 -28.66 3.87
C TYR K 35 -30.01 -29.38 2.55
N LEU K 36 -30.16 -30.71 2.62
CA LEU K 36 -30.41 -31.54 1.44
C LEU K 36 -31.64 -31.07 0.63
N ILE K 37 -32.75 -30.86 1.33
CA ILE K 37 -33.88 -30.16 0.74
C ILE K 37 -33.40 -28.86 0.06
N VAL K 38 -32.77 -27.97 0.84
CA VAL K 38 -32.35 -26.65 0.35
C VAL K 38 -31.46 -26.74 -0.87
N ARG K 39 -30.47 -27.62 -0.85
CA ARG K 39 -29.61 -27.79 -2.01
C ARG K 39 -30.39 -28.25 -3.22
N ILE K 40 -31.22 -29.26 -3.03
CA ILE K 40 -32.11 -29.81 -4.08
C ILE K 40 -33.07 -28.72 -4.60
N TYR K 41 -33.69 -27.98 -3.69
CA TYR K 41 -34.58 -26.90 -4.05
C TYR K 41 -33.87 -25.83 -4.88
N GLU K 42 -32.61 -25.54 -4.57
CA GLU K 42 -31.84 -24.55 -5.32
C GLU K 42 -31.34 -25.07 -6.70
N GLN K 43 -31.20 -26.38 -6.81
CA GLN K 43 -31.02 -27.01 -8.12
C GLN K 43 -32.23 -26.69 -8.97
N VAL K 44 -33.42 -26.85 -8.38
CA VAL K 44 -34.70 -26.62 -9.08
C VAL K 44 -34.97 -25.13 -9.35
N PHE K 45 -35.06 -24.30 -8.30
CA PHE K 45 -35.39 -22.88 -8.48
C PHE K 45 -34.16 -21.98 -8.58
N GLY K 46 -33.01 -22.60 -8.76
CA GLY K 46 -31.81 -21.84 -9.11
C GLY K 46 -31.94 -21.42 -10.55
N TRP K 47 -31.86 -22.42 -11.44
CA TRP K 47 -32.12 -22.24 -12.86
C TRP K 47 -33.57 -22.05 -13.15
N ARG K 48 -33.89 -20.88 -13.68
CA ARG K 48 -35.27 -20.51 -14.01
C ARG K 48 -36.03 -20.27 -12.71
N ALA K 49 -35.86 -19.06 -12.18
CA ALA K 49 -36.43 -18.54 -10.91
C ALA K 49 -35.43 -17.60 -10.21
N GLY K 50 -34.15 -17.96 -10.25
CA GLY K 50 -33.11 -17.22 -9.56
C GLY K 50 -32.05 -16.54 -10.43
N LEU K 51 -32.39 -16.24 -11.67
CA LEU K 51 -31.44 -15.58 -12.56
C LEU K 51 -31.81 -14.12 -12.81
N ASP K 52 -33.10 -13.80 -12.84
CA ASP K 52 -33.52 -12.40 -12.90
C ASP K 52 -34.15 -12.00 -11.59
N SER K 53 -33.48 -11.08 -10.89
CA SER K 53 -33.95 -10.65 -9.58
C SER K 53 -34.98 -9.53 -9.67
N PHE K 54 -35.26 -9.10 -10.90
CA PHE K 54 -36.30 -8.10 -11.17
C PHE K 54 -37.63 -8.73 -11.59
N ALA K 55 -37.60 -10.04 -11.89
CA ALA K 55 -38.81 -10.83 -12.20
C ALA K 55 -39.65 -11.12 -10.94
N PRO K 56 -40.99 -11.25 -11.07
CA PRO K 56 -41.81 -11.56 -9.88
C PRO K 56 -41.68 -13.02 -9.38
N GLU K 57 -41.07 -13.90 -10.19
CA GLU K 57 -40.75 -15.28 -9.77
C GLU K 57 -39.59 -15.30 -8.78
N PHE K 58 -38.84 -14.21 -8.71
CA PHE K 58 -37.76 -14.11 -7.75
C PHE K 58 -38.35 -13.88 -6.36
N GLN K 59 -39.39 -13.05 -6.30
CA GLN K 59 -40.08 -12.75 -5.03
C GLN K 59 -40.73 -13.99 -4.44
N THR K 60 -41.33 -14.80 -5.31
CA THR K 60 -42.14 -15.91 -4.84
C THR K 60 -41.28 -17.12 -4.48
N TYR K 61 -40.07 -17.22 -5.02
CA TYR K 61 -39.20 -18.38 -4.74
C TYR K 61 -37.94 -18.12 -3.93
N TRP K 62 -37.45 -16.89 -3.94
CA TRP K 62 -36.20 -16.57 -3.25
C TRP K 62 -36.31 -15.51 -2.19
N MET K 63 -37.06 -14.45 -2.48
CA MET K 63 -37.25 -13.39 -1.49
C MET K 63 -38.25 -13.79 -0.40
N SER K 64 -38.97 -14.88 -0.64
CA SER K 64 -39.87 -15.42 0.36
C SER K 64 -39.00 -15.98 1.49
N ILE K 65 -38.01 -16.79 1.10
CA ILE K 65 -37.02 -17.38 2.00
C ILE K 65 -36.30 -16.33 2.88
N LEU K 66 -35.82 -15.25 2.27
CA LEU K 66 -35.10 -14.22 3.01
C LEU K 66 -35.97 -13.57 4.06
N TRP K 67 -37.20 -13.24 3.69
CA TRP K 67 -38.16 -12.62 4.62
C TRP K 67 -38.63 -13.55 5.72
N THR K 68 -38.65 -14.85 5.45
CA THR K 68 -38.99 -15.87 6.42
C THR K 68 -37.87 -16.12 7.44
N GLU K 69 -36.69 -16.47 6.92
CA GLU K 69 -35.62 -17.04 7.73
C GLU K 69 -35.08 -16.07 8.78
N ILE K 70 -34.82 -14.83 8.39
CA ILE K 70 -34.24 -13.86 9.33
C ILE K 70 -35.07 -13.69 10.62
N PRO K 71 -36.37 -13.31 10.52
CA PRO K 71 -37.13 -13.21 11.78
C PRO K 71 -37.23 -14.54 12.52
N LEU K 72 -37.42 -15.63 11.77
CA LEU K 72 -37.49 -16.99 12.31
C LEU K 72 -36.19 -17.42 13.02
N GLU K 73 -35.04 -17.02 12.47
CA GLU K 73 -33.73 -17.32 13.08
C GLU K 73 -33.46 -16.52 14.34
N LEU K 74 -33.89 -15.28 14.36
CA LEU K 74 -33.72 -14.40 15.51
C LEU K 74 -34.60 -14.84 16.70
N VAL K 75 -35.72 -15.48 16.37
CA VAL K 75 -36.59 -15.99 17.42
C VAL K 75 -36.07 -17.33 17.94
N SER K 76 -35.62 -18.21 17.05
CA SER K 76 -34.95 -19.45 17.45
C SER K 76 -33.78 -19.19 18.39
N GLY K 77 -32.96 -18.21 18.01
CA GLY K 77 -31.77 -17.82 18.77
C GLY K 77 -32.07 -17.37 20.18
N LEU K 78 -32.93 -16.36 20.32
CA LEU K 78 -33.33 -15.91 21.65
C LEU K 78 -34.15 -16.96 22.38
N GLY K 79 -34.89 -17.76 21.61
CA GLY K 79 -35.71 -18.82 22.20
C GLY K 79 -34.79 -19.80 22.90
N LEU K 80 -33.93 -20.43 22.10
CA LEU K 80 -32.92 -21.39 22.60
C LEU K 80 -32.13 -20.84 23.78
N ALA K 81 -31.83 -19.54 23.71
CA ALA K 81 -31.13 -18.82 24.76
C ALA K 81 -31.92 -18.81 26.05
N GLY K 82 -33.03 -18.05 26.09
CA GLY K 82 -33.90 -17.94 27.26
C GLY K 82 -34.28 -19.27 27.88
N TYR K 83 -34.68 -20.24 27.06
CA TYR K 83 -35.08 -21.54 27.57
C TYR K 83 -33.97 -22.16 28.39
N LEU K 84 -32.76 -22.13 27.86
CA LEU K 84 -31.63 -22.74 28.55
C LEU K 84 -31.17 -22.00 29.80
N TRP K 85 -31.33 -20.69 29.81
CA TRP K 85 -31.12 -19.93 31.04
C TRP K 85 -32.14 -20.28 32.09
N LYS K 86 -33.42 -20.35 31.67
CA LYS K 86 -34.51 -20.73 32.58
C LYS K 86 -34.36 -22.12 33.19
N THR K 87 -34.08 -23.12 32.36
CA THR K 87 -33.88 -24.48 32.86
C THR K 87 -32.46 -24.72 33.39
N ARG K 88 -31.74 -23.62 33.63
CA ARG K 88 -30.40 -23.69 34.24
C ARG K 88 -30.45 -24.34 35.62
N ASP K 89 -29.49 -25.22 35.85
CA ASP K 89 -29.27 -25.81 37.18
C ASP K 89 -28.89 -24.74 38.22
N ARG K 90 -29.88 -24.36 39.04
CA ARG K 90 -29.72 -23.30 40.06
C ARG K 90 -28.74 -23.65 41.18
N ASN K 91 -28.39 -24.93 41.27
CA ASN K 91 -27.47 -25.41 42.28
C ASN K 91 -26.44 -26.33 41.61
N VAL K 92 -25.62 -25.71 40.75
CA VAL K 92 -24.76 -26.44 39.82
C VAL K 92 -23.52 -27.05 40.44
N ASP K 93 -23.05 -26.49 41.54
CA ASP K 93 -21.86 -27.02 42.23
C ASP K 93 -22.13 -28.39 42.90
N ALA K 94 -23.38 -28.64 43.25
CA ALA K 94 -23.77 -29.90 43.86
C ALA K 94 -23.72 -31.07 42.89
N VAL K 95 -23.82 -30.82 41.58
CA VAL K 95 -23.78 -31.90 40.54
C VAL K 95 -22.77 -32.99 40.90
N THR K 96 -23.19 -34.24 40.80
CA THR K 96 -22.35 -35.41 41.08
C THR K 96 -21.50 -35.82 39.87
N PRO K 97 -20.35 -36.47 40.10
CA PRO K 97 -19.52 -37.01 39.02
C PRO K 97 -20.23 -37.77 37.90
N ARG K 98 -21.32 -38.48 38.18
CA ARG K 98 -22.00 -39.17 37.10
C ARG K 98 -22.88 -38.20 36.32
N GLU K 99 -23.49 -37.26 37.03
CA GLU K 99 -24.35 -36.27 36.41
C GLU K 99 -23.53 -35.25 35.60
N GLU K 100 -22.35 -34.88 36.11
CA GLU K 100 -21.48 -34.03 35.34
C GLU K 100 -20.99 -34.76 34.08
N MET K 101 -20.50 -35.99 34.24
CA MET K 101 -20.07 -36.79 33.09
C MET K 101 -21.13 -36.94 32.01
N ARG K 102 -22.39 -37.02 32.43
CA ARG K 102 -23.47 -37.02 31.48
C ARG K 102 -23.52 -35.66 30.75
N ARG K 103 -23.57 -34.58 31.52
CA ARG K 103 -23.66 -33.21 30.97
C ARG K 103 -22.52 -32.83 30.00
N LEU K 104 -21.29 -33.19 30.33
CA LEU K 104 -20.17 -33.11 29.37
C LEU K 104 -20.45 -33.87 28.04
N VAL K 105 -20.93 -35.10 28.15
CA VAL K 105 -21.29 -35.83 26.96
C VAL K 105 -22.42 -35.16 26.15
N VAL K 106 -23.39 -34.53 26.81
CA VAL K 106 -24.38 -33.72 26.08
C VAL K 106 -23.70 -32.49 25.43
N LEU K 107 -22.76 -31.88 26.14
CA LEU K 107 -22.05 -30.75 25.56
C LEU K 107 -21.24 -31.16 24.32
N VAL K 108 -20.56 -32.30 24.37
CA VAL K 108 -19.87 -32.79 23.17
C VAL K 108 -20.87 -33.02 22.04
N GLN K 109 -22.08 -33.46 22.37
CA GLN K 109 -23.12 -33.60 21.36
C GLN K 109 -23.44 -32.27 20.67
N TRP K 110 -23.84 -31.27 21.47
CA TRP K 110 -23.99 -29.88 21.01
C TRP K 110 -22.90 -29.46 20.09
N LEU K 111 -21.65 -29.80 20.44
CA LEU K 111 -20.56 -29.38 19.62
C LEU K 111 -20.51 -30.18 18.35
N VAL K 112 -20.89 -31.45 18.39
CA VAL K 112 -20.81 -32.23 17.15
C VAL K 112 -21.74 -31.64 16.12
N VAL K 113 -22.92 -31.22 16.58
CA VAL K 113 -23.87 -30.50 15.74
C VAL K 113 -23.32 -29.16 15.24
N TYR K 114 -22.76 -28.36 16.15
CA TYR K 114 -21.97 -27.18 15.76
C TYR K 114 -20.92 -27.44 14.66
N GLY K 115 -20.16 -28.54 14.76
CA GLY K 115 -19.24 -28.92 13.69
C GLY K 115 -19.95 -29.08 12.36
N ILE K 116 -21.08 -29.78 12.35
CA ILE K 116 -21.78 -29.99 11.09
C ILE K 116 -22.37 -28.68 10.51
N ALA K 117 -22.97 -27.87 11.37
CA ALA K 117 -23.49 -26.57 10.97
C ALA K 117 -22.40 -25.65 10.40
N ILE K 118 -21.21 -25.69 10.99
CA ILE K 118 -20.02 -25.03 10.48
C ILE K 118 -19.61 -25.61 9.14
N TYR K 119 -19.65 -26.93 8.96
CA TYR K 119 -19.32 -27.49 7.66
C TYR K 119 -20.22 -26.96 6.55
N TRP K 120 -21.52 -26.90 6.82
CA TRP K 120 -22.45 -26.43 5.79
C TRP K 120 -22.31 -24.97 5.54
N GLY K 121 -22.41 -24.16 6.60
CA GLY K 121 -22.28 -22.71 6.51
C GLY K 121 -20.97 -22.24 5.92
N ALA K 122 -19.87 -22.76 6.45
CA ALA K 122 -18.55 -22.24 6.14
C ALA K 122 -17.83 -22.95 5.01
N SER K 123 -18.20 -24.19 4.69
CA SER K 123 -17.62 -24.79 3.49
C SER K 123 -18.58 -24.86 2.33
N PHE K 124 -19.60 -25.71 2.46
CA PHE K 124 -20.55 -26.00 1.38
C PHE K 124 -21.22 -24.78 0.71
N PHE K 125 -22.03 -24.02 1.45
CA PHE K 125 -22.71 -22.88 0.89
C PHE K 125 -21.83 -21.66 0.64
N THR K 126 -20.60 -21.72 1.13
CA THR K 126 -19.69 -20.61 1.01
C THR K 126 -18.91 -20.73 -0.29
N GLU K 127 -18.39 -21.92 -0.55
CA GLU K 127 -17.64 -22.14 -1.78
C GLU K 127 -18.62 -22.30 -2.93
N GLN K 128 -19.88 -22.58 -2.61
CA GLN K 128 -20.91 -22.68 -3.61
C GLN K 128 -21.15 -21.32 -4.26
N ASP K 129 -21.17 -20.27 -3.45
CA ASP K 129 -21.34 -18.91 -3.93
C ASP K 129 -20.27 -18.53 -4.93
N GLY K 130 -19.07 -19.10 -4.78
CA GLY K 130 -17.99 -18.92 -5.77
C GLY K 130 -18.38 -19.27 -7.20
N THR K 131 -19.16 -20.35 -7.37
CA THR K 131 -19.60 -20.85 -8.68
C THR K 131 -20.84 -20.16 -9.23
N TRP K 132 -21.75 -19.76 -8.35
CA TRP K 132 -22.88 -18.89 -8.74
C TRP K 132 -22.45 -17.52 -9.24
N HIS K 133 -21.30 -17.02 -8.79
CA HIS K 133 -20.78 -15.75 -9.28
C HIS K 133 -20.37 -15.83 -10.73
N MET K 134 -19.96 -17.01 -11.18
CA MET K 134 -19.61 -17.27 -12.58
C MET K 134 -20.82 -17.63 -13.47
N THR K 135 -22.03 -17.41 -12.93
CA THR K 135 -23.29 -17.81 -13.53
C THR K 135 -24.25 -16.60 -13.53
N VAL K 136 -23.84 -15.50 -12.93
CA VAL K 136 -24.65 -14.27 -12.98
C VAL K 136 -23.78 -13.02 -13.00
N ILE K 137 -24.40 -11.88 -13.30
CA ILE K 137 -23.76 -10.57 -13.17
C ILE K 137 -24.45 -9.74 -12.05
N ARG K 138 -25.48 -10.35 -11.44
CA ARG K 138 -26.09 -9.90 -10.19
C ARG K 138 -26.96 -8.63 -10.30
N ASP K 139 -28.26 -8.78 -10.05
CA ASP K 139 -29.20 -7.67 -9.97
C ASP K 139 -29.23 -7.02 -8.57
N THR K 140 -28.66 -7.72 -7.58
CA THR K 140 -28.64 -7.30 -6.16
C THR K 140 -27.61 -8.14 -5.37
N ASP K 141 -27.54 -7.95 -4.04
CA ASP K 141 -26.74 -8.84 -3.16
C ASP K 141 -27.59 -9.93 -2.46
N PHE K 142 -28.91 -9.86 -2.63
CA PHE K 142 -29.79 -10.98 -2.35
C PHE K 142 -29.91 -11.85 -3.62
N THR K 143 -28.86 -12.60 -3.94
CA THR K 143 -28.95 -13.64 -4.96
C THR K 143 -29.44 -14.92 -4.26
N PRO K 144 -29.71 -16.01 -5.03
CA PRO K 144 -30.07 -17.28 -4.37
C PRO K 144 -29.04 -17.65 -3.31
N SER K 145 -27.77 -17.71 -3.73
CA SER K 145 -26.68 -18.20 -2.89
C SER K 145 -26.43 -17.38 -1.61
N HIS K 146 -26.41 -16.06 -1.74
CA HIS K 146 -26.35 -15.19 -0.59
C HIS K 146 -27.51 -15.34 0.35
N ILE K 147 -28.69 -15.65 -0.19
CA ILE K 147 -29.86 -15.84 0.65
C ILE K 147 -29.62 -17.06 1.55
N ILE K 148 -29.11 -18.14 0.95
CA ILE K 148 -28.78 -19.36 1.68
C ILE K 148 -27.57 -19.14 2.57
N GLU K 149 -26.46 -18.71 1.97
CA GLU K 149 -25.19 -18.56 2.68
C GLU K 149 -25.32 -17.52 3.80
N PHE K 150 -25.27 -16.25 3.48
CA PHE K 150 -25.19 -15.31 4.59
C PHE K 150 -26.40 -15.32 5.50
N TYR K 151 -27.57 -15.60 4.96
CA TYR K 151 -28.77 -15.31 5.72
C TYR K 151 -29.45 -16.56 6.29
N MET K 152 -28.89 -17.72 5.99
CA MET K 152 -29.45 -18.94 6.54
C MET K 152 -28.34 -19.78 7.15
N SER K 153 -27.57 -20.46 6.32
CA SER K 153 -26.53 -21.37 6.83
C SER K 153 -25.65 -20.72 7.90
N TYR K 154 -25.34 -19.43 7.76
CA TYR K 154 -24.54 -18.71 8.75
C TYR K 154 -25.27 -18.40 10.03
N PRO K 155 -26.45 -17.76 9.95
CA PRO K 155 -27.19 -17.62 11.20
C PRO K 155 -27.47 -18.96 11.91
N ILE K 156 -27.63 -20.03 11.14
CA ILE K 156 -27.97 -21.32 11.73
C ILE K 156 -26.85 -21.79 12.60
N TYR K 157 -25.64 -21.89 12.05
CA TYR K 157 -24.52 -22.32 12.86
C TYR K 157 -24.27 -21.32 14.00
N SER K 158 -24.71 -20.08 13.83
CA SER K 158 -24.51 -19.09 14.87
C SER K 158 -25.38 -19.36 16.07
N VAL K 159 -26.64 -19.71 15.80
CA VAL K 159 -27.58 -20.07 16.84
C VAL K 159 -27.07 -21.29 17.61
N ILE K 160 -26.63 -22.31 16.89
CA ILE K 160 -26.12 -23.52 17.53
C ILE K 160 -24.90 -23.28 18.44
N ALA K 161 -24.00 -22.39 18.01
CA ALA K 161 -22.86 -21.99 18.82
C ALA K 161 -23.34 -21.34 20.11
N VAL K 162 -24.31 -20.44 20.01
CA VAL K 162 -24.88 -19.86 21.20
C VAL K 162 -25.49 -20.95 22.12
N GLY K 163 -26.10 -21.97 21.52
CA GLY K 163 -26.80 -23.03 22.26
C GLY K 163 -25.79 -23.78 23.07
N ALA K 164 -24.78 -24.34 22.39
CA ALA K 164 -23.68 -25.02 23.06
C ALA K 164 -23.13 -24.14 24.20
N PHE K 165 -22.83 -22.89 23.90
CA PHE K 165 -22.31 -22.02 24.92
C PHE K 165 -23.19 -21.96 26.15
N PHE K 166 -24.50 -21.87 25.95
CA PHE K 166 -25.42 -21.70 27.08
C PHE K 166 -25.71 -23.00 27.83
N TYR K 167 -25.64 -24.09 27.09
CA TYR K 167 -25.78 -25.36 27.72
C TYR K 167 -24.69 -25.47 28.78
N ALA K 168 -23.42 -25.43 28.33
CA ALA K 168 -22.30 -25.43 29.24
C ALA K 168 -22.43 -24.34 30.36
N LYS K 169 -22.73 -23.11 30.00
CA LYS K 169 -22.90 -22.09 31.03
C LYS K 169 -23.88 -22.51 32.13
N THR K 170 -24.94 -23.21 31.75
CA THR K 170 -26.07 -23.46 32.67
C THR K 170 -26.15 -24.90 33.21
N ARG K 171 -25.16 -25.73 32.86
CA ARG K 171 -25.16 -27.12 33.27
C ARG K 171 -23.82 -27.59 33.81
N ILE K 172 -22.76 -26.86 33.57
CA ILE K 172 -21.45 -27.34 33.98
C ILE K 172 -20.74 -26.29 34.82
N PRO K 173 -20.31 -26.66 36.04
CA PRO K 173 -19.79 -25.69 37.03
C PRO K 173 -18.53 -24.94 36.55
N TYR K 174 -17.64 -25.67 35.89
CA TYR K 174 -16.52 -25.05 35.22
C TYR K 174 -16.97 -23.86 34.37
N PHE K 175 -18.00 -24.07 33.54
CA PHE K 175 -18.50 -23.04 32.63
C PHE K 175 -19.49 -22.10 33.31
N ALA K 176 -19.91 -22.46 34.53
CA ALA K 176 -20.99 -21.77 35.20
C ALA K 176 -20.53 -20.46 35.83
N HIS K 177 -19.32 -20.45 36.35
CA HIS K 177 -18.75 -19.21 36.89
C HIS K 177 -17.50 -18.84 36.16
N GLY K 178 -17.48 -17.56 35.77
CA GLY K 178 -16.53 -17.05 34.80
C GLY K 178 -17.03 -17.41 33.41
N TYR K 179 -16.27 -16.99 32.40
CA TYR K 179 -16.59 -17.32 31.02
C TYR K 179 -15.40 -17.95 30.39
N SER K 180 -15.59 -19.11 29.80
CA SER K 180 -14.51 -19.72 29.05
C SER K 180 -14.17 -18.77 27.90
N LEU K 181 -12.88 -18.41 27.82
CA LEU K 181 -12.48 -17.46 26.78
C LEU K 181 -12.64 -18.09 25.38
N ALA K 182 -12.08 -19.30 25.20
CA ALA K 182 -12.22 -20.02 23.96
C ALA K 182 -13.66 -20.21 23.53
N PHE K 183 -14.57 -20.45 24.47
CA PHE K 183 -16.01 -20.53 24.15
C PHE K 183 -16.59 -19.17 23.77
N LEU K 184 -16.15 -18.14 24.46
CA LEU K 184 -16.67 -16.82 24.22
C LEU K 184 -16.42 -16.35 22.78
N ILE K 185 -15.18 -16.51 22.38
CA ILE K 185 -14.74 -16.35 21.01
C ILE K 185 -15.53 -17.24 20.05
N VAL K 186 -15.87 -18.46 20.46
CA VAL K 186 -16.55 -19.40 19.58
C VAL K 186 -17.96 -18.97 19.29
N ALA K 187 -18.61 -18.38 20.30
CA ALA K 187 -20.02 -18.00 20.18
C ALA K 187 -20.23 -16.57 19.66
N ILE K 188 -19.22 -15.72 19.84
CA ILE K 188 -19.31 -14.33 19.34
C ILE K 188 -18.48 -14.06 18.09
N GLY K 189 -17.44 -14.86 17.90
CA GLY K 189 -16.73 -14.94 16.62
C GLY K 189 -17.68 -14.74 15.47
N PRO K 190 -18.63 -15.69 15.27
CA PRO K 190 -19.72 -15.60 14.28
C PRO K 190 -20.19 -14.17 13.89
N PHE K 191 -20.42 -13.30 14.86
CA PHE K 191 -20.96 -11.97 14.57
C PHE K 191 -19.92 -10.99 14.01
N MET K 192 -18.70 -11.46 13.79
CA MET K 192 -17.65 -10.67 13.15
C MET K 192 -17.14 -11.37 11.88
N ILE K 193 -17.81 -12.45 11.48
CA ILE K 193 -17.58 -13.08 10.17
C ILE K 193 -18.31 -12.29 9.09
N ILE K 194 -19.31 -11.51 9.49
CA ILE K 194 -19.99 -10.62 8.56
C ILE K 194 -19.08 -9.52 7.92
N PRO K 195 -18.08 -8.96 8.67
CA PRO K 195 -16.95 -8.28 7.96
C PRO K 195 -16.01 -9.23 7.17
N ASN K 196 -15.43 -8.71 6.09
CA ASN K 196 -14.72 -9.52 5.08
C ASN K 196 -15.61 -10.68 4.57
N VAL K 197 -16.38 -10.57 3.49
CA VAL K 197 -16.54 -9.41 2.60
C VAL K 197 -17.74 -8.55 3.09
N GLY K 198 -17.63 -7.22 2.97
CA GLY K 198 -16.49 -6.54 2.32
C GLY K 198 -16.85 -5.87 1.01
N TRP K 226 -9.84 -12.45 11.91
CA TRP K 226 -9.71 -13.59 12.81
C TRP K 226 -10.49 -14.79 12.43
N MET K 227 -10.08 -15.93 12.97
CA MET K 227 -10.82 -17.16 12.74
C MET K 227 -11.16 -17.88 14.05
N ALA K 228 -12.34 -18.48 14.09
CA ALA K 228 -12.82 -19.19 15.26
C ALA K 228 -12.40 -20.69 15.21
N LEU K 229 -11.12 -20.90 15.51
CA LEU K 229 -10.52 -22.16 15.93
C LEU K 229 -10.50 -22.21 17.44
N GLY K 230 -11.40 -21.44 18.07
CA GLY K 230 -11.54 -21.40 19.52
C GLY K 230 -12.21 -22.63 20.10
N VAL K 231 -12.48 -23.60 19.23
CA VAL K 231 -13.02 -24.88 19.63
C VAL K 231 -11.90 -25.74 20.20
N PHE K 232 -10.68 -25.40 19.78
CA PHE K 232 -9.48 -25.98 20.36
C PHE K 232 -9.49 -25.94 21.88
N GLY K 233 -9.75 -24.76 22.44
CA GLY K 233 -9.67 -24.50 23.87
C GLY K 233 -10.84 -25.08 24.61
N VAL K 234 -12.02 -24.96 24.01
CA VAL K 234 -13.21 -25.62 24.52
C VAL K 234 -13.04 -27.15 24.63
N VAL K 235 -12.53 -27.86 23.62
CA VAL K 235 -12.39 -29.31 23.86
C VAL K 235 -11.35 -29.56 24.93
N LEU K 236 -10.30 -28.75 24.98
CA LEU K 236 -9.31 -28.97 26.04
C LEU K 236 -9.93 -28.75 27.39
N GLN K 237 -10.80 -27.75 27.52
CA GLN K 237 -11.52 -27.55 28.77
C GLN K 237 -12.44 -28.72 29.11
N ILE K 238 -13.19 -29.21 28.14
CA ILE K 238 -13.92 -30.46 28.33
C ILE K 238 -12.96 -31.58 28.73
N LEU K 239 -11.87 -31.77 28.00
CA LEU K 239 -10.95 -32.85 28.32
C LEU K 239 -10.34 -32.81 29.72
N MET K 240 -10.21 -31.62 30.28
CA MET K 240 -9.71 -31.43 31.63
C MET K 240 -10.70 -31.97 32.62
N ARG K 241 -11.98 -31.64 32.42
CA ARG K 241 -13.02 -32.12 33.29
C ARG K 241 -13.09 -33.64 33.29
N ILE K 242 -13.12 -34.23 32.10
CA ILE K 242 -13.08 -35.69 31.97
C ILE K 242 -11.94 -36.29 32.79
N HIS K 243 -10.74 -35.75 32.62
CA HIS K 243 -9.53 -36.25 33.30
C HIS K 243 -9.69 -36.30 34.80
N ALA K 244 -10.29 -35.25 35.36
CA ALA K 244 -10.48 -35.13 36.79
C ALA K 244 -11.58 -36.07 37.29
N LEU K 245 -12.70 -36.14 36.56
CA LEU K 245 -13.82 -37.00 36.94
C LEU K 245 -13.54 -38.50 36.87
N VAL K 246 -12.60 -38.91 36.03
CA VAL K 246 -12.13 -40.27 36.05
C VAL K 246 -11.18 -40.33 37.24
N GLY K 247 -11.39 -41.30 38.13
CA GLY K 247 -10.54 -41.43 39.31
C GLY K 247 -9.07 -41.68 38.95
N LYS K 248 -8.19 -41.54 39.94
CA LYS K 248 -6.80 -41.97 39.80
C LYS K 248 -6.77 -43.41 39.25
N GLU K 249 -7.89 -44.10 39.40
CA GLU K 249 -7.98 -45.51 39.03
C GLU K 249 -8.30 -45.70 37.57
N GLY K 250 -9.45 -45.19 37.13
CA GLY K 250 -9.78 -45.11 35.70
C GLY K 250 -8.63 -44.51 34.90
N VAL K 251 -8.04 -43.47 35.46
CA VAL K 251 -6.90 -42.78 34.85
C VAL K 251 -5.68 -43.69 34.73
N LYS K 252 -4.64 -43.33 35.49
CA LYS K 252 -3.32 -43.99 35.50
C LYS K 252 -3.41 -45.49 35.24
N LEU K 253 -4.32 -46.16 35.94
CA LEU K 253 -4.44 -47.60 35.80
C LEU K 253 -5.20 -47.98 34.52
N LEU K 254 -6.51 -47.78 34.51
CA LEU K 254 -7.37 -48.47 33.55
C LEU K 254 -7.08 -48.16 32.09
N THR K 255 -7.11 -46.88 31.71
CA THR K 255 -6.78 -46.46 30.35
C THR K 255 -5.26 -46.38 30.15
N GLU K 256 -4.53 -46.55 31.24
CA GLU K 256 -3.06 -46.65 31.23
C GLU K 256 -2.42 -45.30 31.01
N GLU L 16 -7.83 24.95 57.11
CA GLU L 16 -7.90 26.37 56.68
C GLU L 16 -9.03 26.54 55.65
N SER L 17 -8.70 26.31 54.37
CA SER L 17 -9.65 26.13 53.26
C SER L 17 -9.14 24.96 52.40
N VAL L 18 -9.97 23.92 52.21
CA VAL L 18 -9.57 22.80 51.35
C VAL L 18 -9.67 23.19 49.85
N VAL L 19 -10.73 23.95 49.55
CA VAL L 19 -10.99 24.51 48.21
C VAL L 19 -10.73 26.02 48.20
N ASP L 20 -9.69 26.46 47.50
CA ASP L 20 -9.42 27.89 47.34
C ASP L 20 -10.03 28.40 46.02
N LEU L 21 -9.54 27.88 44.89
CA LEU L 21 -10.01 28.24 43.51
C LEU L 21 -9.51 29.54 42.89
N ARG L 22 -8.96 30.44 43.68
CA ARG L 22 -8.46 31.71 43.14
C ARG L 22 -7.37 31.47 42.07
N GLY L 23 -6.53 30.47 42.31
CA GLY L 23 -5.50 30.09 41.32
C GLY L 23 -6.09 29.70 39.98
N MET L 24 -7.17 28.93 40.00
CA MET L 24 -7.82 28.48 38.79
C MET L 24 -8.42 29.64 38.01
N TRP L 25 -9.26 30.43 38.68
CA TRP L 25 -9.78 31.66 38.11
C TRP L 25 -8.69 32.46 37.46
N ILE L 26 -7.67 32.84 38.23
CA ILE L 26 -6.53 33.55 37.66
C ILE L 26 -6.14 32.95 36.31
N GLY L 27 -5.77 31.66 36.28
CA GLY L 27 -5.37 30.94 35.05
C GLY L 27 -6.41 30.96 33.94
N LEU L 28 -7.64 30.54 34.24
CA LEU L 28 -8.76 30.61 33.31
C LEU L 28 -8.99 31.99 32.68
N VAL L 29 -9.08 33.01 33.53
CA VAL L 29 -9.16 34.40 33.07
C VAL L 29 -7.94 34.76 32.22
N LEU L 30 -6.73 34.55 32.75
CA LEU L 30 -5.48 34.88 32.03
C LEU L 30 -5.26 34.15 30.71
N LEU L 31 -6.07 33.14 30.44
CA LEU L 31 -5.89 32.35 29.23
C LEU L 31 -6.95 32.74 28.21
N ASN L 32 -8.22 32.54 28.56
CA ASN L 32 -9.34 32.95 27.74
C ASN L 32 -9.17 34.35 27.20
N VAL L 33 -8.88 35.28 28.12
CA VAL L 33 -8.50 36.66 27.74
C VAL L 33 -7.35 36.72 26.71
N PHE L 34 -6.20 36.12 27.03
CA PHE L 34 -5.05 36.12 26.13
C PHE L 34 -5.42 35.62 24.73
N TYR L 35 -6.12 34.49 24.66
CA TYR L 35 -6.48 33.93 23.36
C TYR L 35 -7.50 34.76 22.63
N LEU L 36 -8.37 35.42 23.38
CA LEU L 36 -9.34 36.31 22.78
C LEU L 36 -8.58 37.44 22.10
N ILE L 37 -7.67 38.06 22.82
CA ILE L 37 -6.79 39.04 22.21
C ILE L 37 -6.21 38.47 20.92
N VAL L 38 -5.59 37.30 21.01
CA VAL L 38 -4.93 36.65 19.86
C VAL L 38 -5.86 36.45 18.66
N ARG L 39 -7.05 35.92 18.94
CA ARG L 39 -8.06 35.70 17.93
C ARG L 39 -8.56 37.02 17.31
N ILE L 40 -8.92 37.98 18.15
CA ILE L 40 -9.29 39.33 17.72
C ILE L 40 -8.16 39.91 16.88
N TYR L 41 -6.93 39.81 17.38
CA TYR L 41 -5.76 40.32 16.67
C TYR L 41 -5.65 39.66 15.29
N GLU L 42 -5.88 38.37 15.18
CA GLU L 42 -5.72 37.74 13.87
C GLU L 42 -6.86 38.06 12.89
N GLN L 43 -8.02 38.45 13.42
CA GLN L 43 -9.09 39.05 12.60
C GLN L 43 -8.51 40.29 11.91
N VAL L 44 -7.95 41.19 12.71
CA VAL L 44 -7.36 42.45 12.25
C VAL L 44 -6.16 42.27 11.29
N PHE L 45 -5.09 41.63 11.74
CA PHE L 45 -3.87 41.56 10.95
C PHE L 45 -3.76 40.29 10.11
N GLY L 46 -4.83 39.50 10.09
CA GLY L 46 -4.87 38.30 9.24
C GLY L 46 -5.08 38.76 7.82
N TRP L 47 -6.20 39.46 7.62
CA TRP L 47 -6.47 40.18 6.37
C TRP L 47 -5.72 41.46 6.27
N ARG L 48 -4.85 41.54 5.27
CA ARG L 48 -3.99 42.70 5.06
C ARG L 48 -2.97 42.72 6.19
N ALA L 49 -1.93 41.89 6.01
CA ALA L 49 -0.75 41.70 6.91
C ALA L 49 -0.20 40.27 6.77
N GLY L 50 -1.12 39.29 6.75
CA GLY L 50 -0.75 37.89 6.75
C GLY L 50 -1.12 37.10 5.51
N LEU L 51 -1.13 37.77 4.35
CA LEU L 51 -1.44 37.09 3.09
C LEU L 51 -0.19 36.97 2.22
N ASP L 52 0.69 37.97 2.29
CA ASP L 52 1.98 37.89 1.62
C ASP L 52 3.11 37.79 2.63
N SER L 53 3.72 36.60 2.70
CA SER L 53 4.77 36.36 3.68
C SER L 53 6.13 36.91 3.23
N PHE L 54 6.15 37.44 2.00
CA PHE L 54 7.35 38.08 1.45
C PHE L 54 7.35 39.60 1.63
N ALA L 55 6.22 40.15 2.05
CA ALA L 55 6.09 41.58 2.36
C ALA L 55 6.72 41.88 3.72
N PRO L 56 7.19 43.13 3.93
CA PRO L 56 7.78 43.47 5.23
C PRO L 56 6.77 43.64 6.39
N GLU L 57 5.49 43.76 6.07
CA GLU L 57 4.44 43.81 7.08
C GLU L 57 4.25 42.44 7.74
N PHE L 58 4.71 41.38 7.07
CA PHE L 58 4.60 40.06 7.63
C PHE L 58 5.57 39.93 8.78
N GLN L 59 6.78 40.47 8.55
CA GLN L 59 7.84 40.50 9.56
C GLN L 59 7.40 41.24 10.81
N THR L 60 6.73 42.37 10.62
CA THR L 60 6.40 43.23 11.73
C THR L 60 5.14 42.77 12.50
N TYR L 61 4.27 41.99 11.87
CA TYR L 61 3.03 41.57 12.54
C TYR L 61 2.87 40.07 12.82
N TRP L 62 3.66 39.23 12.16
CA TRP L 62 3.55 37.79 12.36
C TRP L 62 4.82 37.10 12.76
N MET L 63 5.93 37.44 12.14
CA MET L 63 7.22 36.86 12.47
C MET L 63 7.78 37.42 13.77
N SER L 64 7.22 38.54 14.23
CA SER L 64 7.58 39.11 15.55
C SER L 64 7.08 38.17 16.64
N ILE L 65 5.88 37.64 16.45
CA ILE L 65 5.24 36.74 17.40
C ILE L 65 6.00 35.43 17.47
N LEU L 66 6.32 34.84 16.31
CA LEU L 66 7.06 33.59 16.27
C LEU L 66 8.36 33.71 17.05
N TRP L 67 9.14 34.75 16.76
CA TRP L 67 10.43 34.98 17.42
C TRP L 67 10.34 35.29 18.90
N THR L 68 9.25 35.91 19.32
CA THR L 68 8.97 36.19 20.73
C THR L 68 8.60 34.93 21.51
N GLU L 69 7.59 34.23 21.00
CA GLU L 69 6.88 33.22 21.77
C GLU L 69 7.74 31.99 22.06
N ILE L 70 8.47 31.50 21.07
CA ILE L 70 9.26 30.27 21.24
C ILE L 70 10.31 30.36 22.38
N PRO L 71 11.22 31.36 22.35
CA PRO L 71 12.11 31.52 23.52
C PRO L 71 11.35 31.76 24.82
N LEU L 72 10.34 32.62 24.76
CA LEU L 72 9.50 32.92 25.91
C LEU L 72 8.80 31.66 26.46
N GLU L 73 8.37 30.76 25.59
CA GLU L 73 7.68 29.53 26.03
C GLU L 73 8.63 28.55 26.69
N LEU L 74 9.82 28.43 26.09
CA LEU L 74 10.87 27.54 26.59
C LEU L 74 11.38 27.97 27.98
N VAL L 75 11.41 29.28 28.22
CA VAL L 75 11.79 29.81 29.52
C VAL L 75 10.68 29.61 30.56
N SER L 76 9.44 29.95 30.23
CA SER L 76 8.28 29.62 31.10
C SER L 76 8.17 28.14 31.47
N GLY L 77 8.54 27.26 30.55
CA GLY L 77 8.42 25.81 30.73
C GLY L 77 9.44 25.29 31.73
N LEU L 78 10.70 25.69 31.57
CA LEU L 78 11.77 25.32 32.50
C LEU L 78 11.64 26.09 33.81
N GLY L 79 11.20 27.33 33.73
CA GLY L 79 10.90 28.12 34.92
C GLY L 79 9.89 27.39 35.79
N LEU L 80 8.70 27.18 35.25
CA LEU L 80 7.62 26.48 35.95
C LEU L 80 8.09 25.15 36.53
N ALA L 81 8.92 24.44 35.77
CA ALA L 81 9.49 23.18 36.20
C ALA L 81 10.40 23.36 37.43
N GLY L 82 11.54 24.04 37.27
CA GLY L 82 12.48 24.27 38.35
C GLY L 82 11.81 24.79 39.61
N TYR L 83 11.08 25.91 39.51
CA TYR L 83 10.36 26.43 40.65
C TYR L 83 9.65 25.33 41.45
N LEU L 84 8.89 24.50 40.76
CA LEU L 84 8.08 23.49 41.43
C LEU L 84 8.88 22.33 42.03
N TRP L 85 10.01 22.04 41.43
CA TRP L 85 10.94 21.11 42.03
C TRP L 85 11.53 21.72 43.27
N LYS L 86 11.99 22.96 43.17
CA LYS L 86 12.60 23.64 44.33
C LYS L 86 11.65 23.83 45.50
N THR L 87 10.43 24.28 45.24
CA THR L 87 9.48 24.35 46.33
C THR L 87 8.80 23.01 46.59
N ARG L 88 9.41 21.92 46.13
CA ARG L 88 8.83 20.59 46.40
C ARG L 88 8.80 20.35 47.89
N ASP L 89 7.77 19.64 48.35
CA ASP L 89 7.66 19.18 49.74
C ASP L 89 8.69 18.07 50.08
N ARG L 90 9.71 18.44 50.84
CA ARG L 90 10.88 17.57 51.10
C ARG L 90 10.57 16.42 52.03
N ASN L 91 9.47 16.54 52.75
CA ASN L 91 9.01 15.50 53.67
C ASN L 91 7.55 15.12 53.35
N VAL L 92 7.35 14.52 52.17
CA VAL L 92 6.02 14.48 51.54
C VAL L 92 5.08 13.42 52.14
N ASP L 93 5.65 12.44 52.82
CA ASP L 93 4.85 11.35 53.39
C ASP L 93 4.22 11.79 54.69
N ALA L 94 4.78 12.85 55.28
CA ALA L 94 4.26 13.43 56.51
C ALA L 94 2.94 14.17 56.31
N VAL L 95 2.66 14.59 55.07
CA VAL L 95 1.40 15.30 54.74
C VAL L 95 0.14 14.71 55.43
N THR L 96 -0.66 15.58 56.06
CA THR L 96 -1.90 15.18 56.74
C THR L 96 -3.10 15.11 55.80
N PRO L 97 -4.10 14.24 56.09
CA PRO L 97 -5.32 14.12 55.28
C PRO L 97 -6.00 15.44 54.81
N ARG L 98 -5.95 16.50 55.61
CA ARG L 98 -6.56 17.77 55.20
C ARG L 98 -5.65 18.53 54.26
N GLU L 99 -4.35 18.43 54.50
CA GLU L 99 -3.36 19.04 53.61
C GLU L 99 -3.26 18.32 52.26
N GLU L 100 -3.41 16.99 52.26
CA GLU L 100 -3.41 16.23 51.02
C GLU L 100 -4.65 16.61 50.25
N MET L 101 -5.80 16.55 50.91
CA MET L 101 -7.05 16.88 50.27
C MET L 101 -6.99 18.23 49.58
N ARG L 102 -6.32 19.19 50.21
CA ARG L 102 -6.20 20.51 49.63
C ARG L 102 -5.37 20.44 48.36
N ARG L 103 -4.19 19.81 48.44
CA ARG L 103 -3.27 19.69 47.32
C ARG L 103 -3.91 18.96 46.12
N LEU L 104 -4.70 17.92 46.39
CA LEU L 104 -5.47 17.24 45.35
C LEU L 104 -6.41 18.21 44.65
N VAL L 105 -7.06 19.06 45.42
CA VAL L 105 -7.96 20.02 44.83
C VAL L 105 -7.19 21.09 44.02
N VAL L 106 -5.97 21.41 44.44
CA VAL L 106 -5.12 22.25 43.62
C VAL L 106 -4.71 21.48 42.36
N LEU L 107 -4.49 20.18 42.49
CA LEU L 107 -4.11 19.39 41.30
C LEU L 107 -5.25 19.38 40.28
N VAL L 108 -6.48 19.20 40.75
CA VAL L 108 -7.63 19.29 39.87
C VAL L 108 -7.73 20.71 39.25
N GLN L 109 -7.29 21.73 39.99
CA GLN L 109 -7.30 23.06 39.39
C GLN L 109 -6.37 23.15 38.21
N TRP L 110 -5.14 22.66 38.40
CA TRP L 110 -4.17 22.58 37.31
C TRP L 110 -4.76 21.86 36.16
N LEU L 111 -5.48 20.79 36.42
CA LEU L 111 -5.98 20.01 35.32
C LEU L 111 -7.09 20.71 34.60
N VAL L 112 -7.95 21.42 35.33
CA VAL L 112 -8.99 22.24 34.69
C VAL L 112 -8.38 23.19 33.65
N VAL L 113 -7.40 23.99 34.06
CA VAL L 113 -6.61 24.81 33.14
C VAL L 113 -6.04 23.99 31.97
N TYR L 114 -5.28 22.93 32.26
CA TYR L 114 -4.98 21.97 31.19
C TYR L 114 -6.12 21.72 30.16
N GLY L 115 -7.34 21.47 30.63
CA GLY L 115 -8.46 21.15 29.73
C GLY L 115 -8.78 22.31 28.78
N ILE L 116 -8.89 23.51 29.35
CA ILE L 116 -9.08 24.71 28.57
C ILE L 116 -7.94 24.94 27.56
N ALA L 117 -6.68 24.85 27.99
CA ALA L 117 -5.53 24.95 27.06
C ALA L 117 -5.48 23.88 25.96
N ILE L 118 -5.97 22.67 26.27
CA ILE L 118 -6.19 21.61 25.28
C ILE L 118 -7.30 22.05 24.33
N TYR L 119 -8.43 22.54 24.86
CA TYR L 119 -9.51 23.04 24.01
C TYR L 119 -9.03 24.05 22.94
N TRP L 120 -8.26 25.05 23.36
CA TRP L 120 -7.81 26.07 22.42
C TRP L 120 -6.81 25.53 21.47
N GLY L 121 -5.78 24.86 22.00
CA GLY L 121 -4.70 24.33 21.16
C GLY L 121 -5.09 23.24 20.16
N ALA L 122 -5.90 22.28 20.61
CA ALA L 122 -6.25 21.10 19.81
C ALA L 122 -7.63 21.18 19.19
N SER L 123 -8.50 22.04 19.69
CA SER L 123 -9.73 22.26 18.95
C SER L 123 -9.69 23.55 18.12
N PHE L 124 -9.67 24.70 18.80
CA PHE L 124 -9.91 26.00 18.19
C PHE L 124 -8.89 26.45 17.15
N PHE L 125 -7.62 26.49 17.52
CA PHE L 125 -6.59 26.93 16.59
C PHE L 125 -6.12 25.81 15.67
N THR L 126 -6.57 24.60 15.91
CA THR L 126 -6.21 23.51 15.03
C THR L 126 -7.19 23.40 13.89
N GLU L 127 -8.48 23.54 14.20
CA GLU L 127 -9.45 23.43 13.12
C GLU L 127 -9.57 24.75 12.38
N GLN L 128 -8.98 25.79 12.97
CA GLN L 128 -9.01 27.11 12.39
C GLN L 128 -8.10 27.06 11.19
N ASP L 129 -6.92 26.48 11.35
CA ASP L 129 -5.97 26.31 10.25
C ASP L 129 -6.60 25.64 9.02
N GLY L 130 -7.59 24.78 9.24
CA GLY L 130 -8.34 24.13 8.16
C GLY L 130 -8.96 25.11 7.18
N THR L 131 -9.43 26.25 7.74
CA THR L 131 -10.07 27.36 6.98
C THR L 131 -9.09 28.37 6.36
N TRP L 132 -7.99 28.66 7.06
CA TRP L 132 -6.93 29.44 6.49
C TRP L 132 -6.25 28.81 5.29
N HIS L 133 -6.23 27.47 5.22
CA HIS L 133 -5.65 26.78 4.07
C HIS L 133 -6.46 27.02 2.82
N MET L 134 -7.73 27.35 3.02
CA MET L 134 -8.66 27.64 1.92
C MET L 134 -8.67 29.14 1.52
N THR L 135 -7.74 29.89 2.10
CA THR L 135 -7.67 31.34 1.98
C THR L 135 -6.28 31.77 1.56
N VAL L 136 -5.34 30.83 1.49
CA VAL L 136 -4.02 31.09 0.93
C VAL L 136 -3.53 29.91 0.12
N ILE L 137 -2.45 30.13 -0.61
CA ILE L 137 -1.67 29.05 -1.27
C ILE L 137 -0.26 28.91 -0.62
N ARG L 138 0.01 29.78 0.37
CA ARG L 138 1.15 29.65 1.31
C ARG L 138 2.57 29.99 0.77
N ASP L 139 3.17 31.05 1.31
CA ASP L 139 4.55 31.46 0.97
C ASP L 139 5.61 30.70 1.81
N THR L 140 5.14 30.03 2.87
CA THR L 140 5.99 29.33 3.87
C THR L 140 5.10 28.40 4.77
N ASP L 141 5.69 27.78 5.80
CA ASP L 141 4.90 27.06 6.80
C ASP L 141 4.71 27.90 8.07
N PHE L 142 5.36 29.06 8.13
CA PHE L 142 5.05 30.05 9.12
C PHE L 142 3.96 30.98 8.56
N THR L 143 2.73 30.46 8.42
CA THR L 143 1.54 31.29 8.14
C THR L 143 1.01 31.88 9.47
N PRO L 144 0.03 32.82 9.44
CA PRO L 144 -0.54 33.30 10.71
C PRO L 144 -1.11 32.19 11.57
N SER L 145 -1.87 31.28 10.97
CA SER L 145 -2.49 30.20 11.70
C SER L 145 -1.45 29.24 12.34
N HIS L 146 -0.43 28.82 11.59
CA HIS L 146 0.64 27.97 12.09
C HIS L 146 1.42 28.58 13.19
N ILE L 147 1.77 29.86 13.04
CA ILE L 147 2.38 30.64 14.13
C ILE L 147 1.57 30.54 15.45
N ILE L 148 0.26 30.63 15.37
CA ILE L 148 -0.57 30.54 16.58
C ILE L 148 -0.74 29.11 16.99
N GLU L 149 -1.14 28.26 16.03
CA GLU L 149 -1.42 26.84 16.29
C GLU L 149 -0.18 26.06 16.78
N PHE L 150 0.78 25.81 15.91
CA PHE L 150 1.88 24.96 16.29
C PHE L 150 2.78 25.60 17.30
N TYR L 151 3.04 26.89 17.15
CA TYR L 151 4.13 27.52 17.88
C TYR L 151 3.65 28.34 19.05
N MET L 152 2.35 28.32 19.32
CA MET L 152 1.86 29.04 20.47
C MET L 152 0.94 28.16 21.29
N SER L 153 -0.34 28.06 20.91
CA SER L 153 -1.34 27.30 21.68
C SER L 153 -0.84 25.90 22.07
N TYR L 154 -0.12 25.25 21.17
CA TYR L 154 0.40 23.91 21.44
C TYR L 154 1.47 23.95 22.52
N PRO L 155 2.62 24.60 22.29
CA PRO L 155 3.51 24.79 23.40
C PRO L 155 2.82 25.25 24.71
N ILE L 156 1.84 26.14 24.65
CA ILE L 156 1.20 26.58 25.89
C ILE L 156 0.54 25.43 26.66
N TYR L 157 -0.27 24.62 26.02
CA TYR L 157 -0.91 23.55 26.77
C TYR L 157 0.12 22.50 27.20
N SER L 158 1.23 22.42 26.47
CA SER L 158 2.35 21.54 26.81
C SER L 158 3.03 21.98 28.10
N VAL L 159 3.33 23.27 28.22
CA VAL L 159 3.81 23.87 29.47
C VAL L 159 2.88 23.55 30.62
N ILE L 160 1.58 23.72 30.43
CA ILE L 160 0.65 23.50 31.54
C ILE L 160 0.64 22.04 32.01
N ALA L 161 0.59 21.13 31.04
CA ALA L 161 0.67 19.67 31.27
C ALA L 161 1.83 19.31 32.19
N VAL L 162 3.02 19.82 31.85
CA VAL L 162 4.23 19.69 32.66
C VAL L 162 4.04 20.30 34.06
N GLY L 163 3.46 21.50 34.13
CA GLY L 163 3.19 22.12 35.41
C GLY L 163 2.42 21.16 36.29
N ALA L 164 1.24 20.75 35.83
CA ALA L 164 0.37 19.87 36.59
C ALA L 164 1.04 18.54 37.00
N PHE L 165 1.95 18.03 36.16
CA PHE L 165 2.71 16.81 36.40
C PHE L 165 3.69 16.97 37.53
N PHE L 166 4.41 18.09 37.51
CA PHE L 166 5.35 18.40 38.56
C PHE L 166 4.66 18.77 39.83
N TYR L 167 3.52 19.43 39.74
CA TYR L 167 2.79 19.74 40.96
C TYR L 167 2.51 18.45 41.70
N ALA L 168 1.87 17.51 41.02
CA ALA L 168 1.60 16.19 41.56
C ALA L 168 2.87 15.52 42.10
N LYS L 169 3.92 15.49 41.29
CA LYS L 169 5.20 14.91 41.68
C LYS L 169 5.77 15.50 42.96
N THR L 170 5.63 16.82 43.12
CA THR L 170 6.29 17.48 44.23
C THR L 170 5.38 17.79 45.43
N ARG L 171 4.11 17.39 45.38
CA ARG L 171 3.21 17.69 46.49
C ARG L 171 2.34 16.51 46.93
N ILE L 172 2.28 15.46 46.15
CA ILE L 172 1.38 14.38 46.50
C ILE L 172 2.17 13.07 46.55
N PRO L 173 2.09 12.33 47.70
CA PRO L 173 2.98 11.20 47.93
C PRO L 173 2.83 10.19 46.83
N TYR L 174 1.59 9.76 46.60
CA TYR L 174 1.31 8.85 45.50
C TYR L 174 2.08 9.21 44.21
N PHE L 175 2.14 10.51 43.90
CA PHE L 175 2.83 10.97 42.69
C PHE L 175 4.33 11.20 42.88
N ALA L 176 4.71 11.31 44.17
CA ALA L 176 6.08 11.63 44.51
C ALA L 176 6.94 10.41 44.25
N HIS L 177 6.47 9.23 44.59
CA HIS L 177 7.31 8.08 44.29
C HIS L 177 6.80 7.13 43.25
N GLY L 178 7.68 6.93 42.27
CA GLY L 178 7.31 6.32 41.03
C GLY L 178 6.80 7.39 40.06
N TYR L 179 6.45 6.95 38.85
CA TYR L 179 5.81 7.85 37.90
C TYR L 179 4.48 7.25 37.51
N SER L 180 3.43 8.06 37.65
CA SER L 180 2.13 7.64 37.20
C SER L 180 2.30 7.49 35.67
N LEU L 181 1.90 6.36 35.12
CA LEU L 181 2.09 6.13 33.69
C LEU L 181 1.22 7.12 32.89
N ALA L 182 -0.07 7.12 33.24
CA ALA L 182 -1.04 8.02 32.62
C ALA L 182 -0.42 9.42 32.57
N PHE L 183 0.05 9.93 33.71
CA PHE L 183 0.53 11.30 33.79
C PHE L 183 1.78 11.55 32.98
N LEU L 184 2.65 10.57 32.95
CA LEU L 184 3.80 10.62 32.05
C LEU L 184 3.41 10.76 30.58
N ILE L 185 2.52 9.87 30.14
CA ILE L 185 1.97 9.91 28.79
C ILE L 185 1.28 11.25 28.51
N VAL L 186 0.51 11.76 29.47
CA VAL L 186 -0.14 13.07 29.36
C VAL L 186 0.88 14.18 29.17
N ALA L 187 1.98 14.14 29.90
CA ALA L 187 2.90 15.26 29.93
C ALA L 187 4.00 15.17 28.88
N ILE L 188 4.20 13.98 28.33
CA ILE L 188 5.17 13.78 27.25
C ILE L 188 4.51 13.51 25.92
N GLY L 189 3.40 12.78 25.93
CA GLY L 189 2.49 12.79 24.79
C GLY L 189 2.63 14.02 23.88
N PRO L 190 2.30 15.24 24.39
CA PRO L 190 2.45 16.48 23.67
C PRO L 190 3.62 16.53 22.68
N PHE L 191 4.81 16.13 23.11
CA PHE L 191 6.01 16.23 22.28
C PHE L 191 6.10 15.18 21.16
N MET L 192 5.02 14.42 20.97
CA MET L 192 4.88 13.48 19.84
C MET L 192 3.57 13.75 19.10
N ILE L 193 2.96 14.90 19.39
CA ILE L 193 1.87 15.42 18.55
C ILE L 193 2.44 16.16 17.33
N ILE L 194 3.70 16.59 17.43
CA ILE L 194 4.34 17.26 16.31
C ILE L 194 4.52 16.36 15.06
N PRO L 195 4.78 15.02 15.23
CA PRO L 195 4.51 14.10 14.09
C PRO L 195 3.03 13.95 13.73
N ASN L 196 2.77 13.66 12.46
CA ASN L 196 1.42 13.73 11.87
C ASN L 196 0.79 15.15 11.96
N TRP L 226 -0.93 8.03 18.18
CA TRP L 226 -1.51 7.94 19.51
C TRP L 226 -2.16 9.19 19.93
N MET L 227 -3.06 9.06 20.91
CA MET L 227 -3.68 10.21 21.51
C MET L 227 -3.56 10.20 23.04
N ALA L 228 -3.49 11.40 23.61
CA ALA L 228 -3.40 11.60 25.05
C ALA L 228 -4.81 11.82 25.75
N LEU L 229 -5.62 10.76 25.73
CA LEU L 229 -6.66 10.51 26.72
C LEU L 229 -6.07 9.86 27.99
N GLY L 230 -4.80 10.13 28.28
CA GLY L 230 -4.18 9.72 29.54
C GLY L 230 -4.73 10.44 30.78
N VAL L 231 -5.65 11.38 30.58
CA VAL L 231 -6.30 12.09 31.69
C VAL L 231 -7.31 11.18 32.39
N PHE L 232 -7.78 10.18 31.66
CA PHE L 232 -8.62 9.15 32.25
C PHE L 232 -7.95 8.53 33.48
N GLY L 233 -6.74 8.01 33.30
CA GLY L 233 -5.99 7.35 34.35
C GLY L 233 -5.51 8.28 35.44
N VAL L 234 -5.24 9.53 35.10
CA VAL L 234 -4.90 10.51 36.13
C VAL L 234 -6.10 10.83 36.98
N VAL L 235 -7.29 11.05 36.40
CA VAL L 235 -8.40 11.35 37.32
C VAL L 235 -8.79 10.14 38.18
N LEU L 236 -8.56 8.92 37.68
CA LEU L 236 -8.84 7.76 38.50
C LEU L 236 -7.82 7.71 39.65
N GLN L 237 -6.61 8.18 39.40
CA GLN L 237 -5.61 8.18 40.46
C GLN L 237 -6.04 9.20 41.52
N ILE L 238 -6.41 10.39 41.08
CA ILE L 238 -6.99 11.40 41.98
C ILE L 238 -8.21 10.86 42.74
N LEU L 239 -9.03 10.08 42.07
CA LEU L 239 -10.24 9.63 42.71
C LEU L 239 -10.00 8.58 43.78
N MET L 240 -8.96 7.75 43.59
CA MET L 240 -8.53 6.74 44.57
C MET L 240 -8.11 7.43 45.85
N ARG L 241 -7.23 8.42 45.74
CA ARG L 241 -6.80 9.19 46.92
C ARG L 241 -7.95 9.86 47.66
N ILE L 242 -8.83 10.55 46.95
CA ILE L 242 -10.04 11.07 47.57
C ILE L 242 -10.84 9.96 48.27
N HIS L 243 -11.02 8.80 47.64
CA HIS L 243 -11.76 7.70 48.27
C HIS L 243 -11.15 7.33 49.61
N ALA L 244 -9.83 7.19 49.63
CA ALA L 244 -9.12 6.80 50.82
C ALA L 244 -9.13 7.89 51.89
N LEU L 245 -8.98 9.14 51.49
CA LEU L 245 -8.93 10.25 52.45
C LEU L 245 -10.27 10.59 53.08
N VAL L 246 -11.33 10.10 52.50
CA VAL L 246 -12.64 10.18 53.14
C VAL L 246 -12.78 8.93 54.02
N GLY L 247 -13.15 9.13 55.28
CA GLY L 247 -13.19 8.01 56.23
C GLY L 247 -14.20 6.98 55.77
N LYS L 248 -14.17 5.79 56.37
CA LYS L 248 -15.25 4.81 56.18
C LYS L 248 -16.62 5.49 56.43
N GLU L 249 -16.58 6.62 57.15
CA GLU L 249 -17.76 7.38 57.54
C GLU L 249 -18.26 8.33 56.44
N GLY L 250 -17.43 9.31 56.06
CA GLY L 250 -17.68 10.09 54.85
C GLY L 250 -18.17 9.20 53.71
N VAL L 251 -17.44 8.12 53.45
CA VAL L 251 -17.70 7.17 52.36
C VAL L 251 -19.06 6.47 52.54
N LYS L 252 -19.00 5.18 52.89
CA LYS L 252 -20.17 4.27 52.97
C LYS L 252 -21.40 4.96 53.56
N LEU L 253 -21.19 5.72 54.63
CA LEU L 253 -22.27 6.40 55.28
C LEU L 253 -22.68 7.67 54.53
N LEU L 254 -21.86 8.72 54.60
CA LEU L 254 -22.35 10.08 54.32
C LEU L 254 -22.79 10.37 52.89
N THR L 255 -21.92 10.15 51.92
CA THR L 255 -22.29 10.23 50.52
C THR L 255 -23.09 8.99 50.06
N GLU L 256 -23.18 7.98 50.94
CA GLU L 256 -23.92 6.73 50.71
C GLU L 256 -23.19 5.87 49.67
CU CU M . 22.48 -10.20 -4.51
C48 PGT N . 18.69 -32.45 21.84
C47 PGT N . 19.87 -32.36 20.83
C46 PGT N . 20.37 -33.78 20.32
C45 PGT N . 20.66 -33.75 18.77
C44 PGT N . 22.13 -33.97 18.48
C43 PGT N . 22.73 -32.97 17.47
C42 PGT N . 23.59 -31.92 18.26
C41 PGT N . 23.57 -30.45 17.68
C40 PGT N . 24.85 -29.46 17.78
C39 PGT N . 25.94 -29.60 18.94
C38 PGT N . 27.13 -28.56 18.89
C37 PGT N . 27.62 -28.13 20.34
C36 PGT N . 29.01 -27.39 20.46
C35 PGT N . 29.54 -27.14 21.96
C34 PGT N . 30.76 -27.96 22.59
C33 PGT N . 32.22 -27.43 22.30
C32 PGT N . 33.32 -28.57 22.47
C31 PGT N . 34.65 -28.31 21.71
O31 PGT N . 34.88 -28.89 20.63
O2 PGT N . 35.45 -27.18 22.08
C2 PGT N . 36.62 -27.45 22.77
C1 PGT N . 36.41 -28.39 23.99
O3P PGT N . 36.19 -27.75 25.24
P PGT N . 35.64 -28.55 26.53
O1P PGT N . 35.51 -27.49 27.59
O2P PGT N . 34.36 -29.33 26.26
O4P PGT N . 36.69 -29.63 27.09
C4 PGT N . 38.12 -29.43 26.98
C5 PGT N . 38.88 -30.74 27.25
O5 PGT N . 38.40 -31.79 26.46
C6 PGT N . 38.68 -31.08 28.72
O6 PGT N . 39.98 -31.09 29.33
C3 PGT N . 37.25 -26.11 23.18
O3 PGT N . 36.43 -25.04 22.77
C11 PGT N . 37.07 -23.87 22.19
O11 PGT N . 37.99 -23.30 22.76
C12 PGT N . 36.19 -22.98 21.22
C13 PGT N . 36.88 -21.57 20.99
C14 PGT N . 36.14 -20.82 19.83
C15 PGT N . 36.24 -21.61 18.47
C16 PGT N . 35.40 -22.87 18.47
C17 PGT N . 34.85 -23.12 17.02
C18 PGT N . 35.97 -22.95 15.96
C19 PGT N . 35.35 -22.95 14.51
C20 PGT N . 36.45 -22.38 13.57
C21 PGT N . 35.97 -22.11 12.09
C22 PGT N . 35.98 -23.40 11.19
C23 PGT N . 34.61 -23.51 10.38
C24 PGT N . 33.72 -24.71 10.84
C25 PGT N . 32.23 -24.56 10.42
C26 PGT N . 31.97 -24.95 8.92
CU CU O . -30.42 -11.28 -20.25
CU CU P . -1.50 37.90 -5.56
CU CU Q . 28.78 -9.30 -23.26
CU CU R . -21.25 -13.25 -3.07
C48 PGT S . -34.32 -25.80 18.97
C47 PGT S . -34.32 -24.45 18.18
C46 PGT S . -34.87 -23.28 19.07
C45 PGT S . -36.44 -23.38 19.25
C44 PGT S . -37.09 -22.04 19.51
C43 PGT S . -37.26 -21.71 21.01
C42 PGT S . -37.63 -22.93 21.90
C41 PGT S . -36.41 -23.42 22.72
C40 PGT S . -36.34 -25.00 22.70
C39 PGT S . -35.18 -25.52 23.59
C38 PGT S . -34.90 -27.00 23.25
C37 PGT S . -33.41 -27.17 22.82
C36 PGT S . -32.74 -28.34 23.59
C35 PGT S . -32.35 -27.89 25.05
C34 PGT S . -32.98 -28.93 26.04
C33 PGT S . -32.01 -29.37 27.16
C32 PGT S . -30.56 -29.34 26.59
C31 PGT S . -30.41 -30.58 25.71
O31 PGT S . -30.47 -30.45 24.48
O2 PGT S . -29.81 -31.76 26.25
C2 PGT S . -30.71 -32.78 26.55
C1 PGT S . -30.67 -33.09 28.06
O3P PGT S . -31.19 -31.95 28.75
P PGT S . -30.51 -31.46 30.10
O1P PGT S . -29.39 -32.43 30.37
O2P PGT S . -29.97 -30.07 29.98
O4P PGT S . -31.58 -31.46 31.30
C4 PGT S . -31.18 -30.91 32.58
C5 PGT S . -32.02 -29.67 32.96
O5 PGT S . -31.35 -28.95 33.95
C6 PGT S . -33.41 -30.11 33.46
O6 PGT S . -34.40 -29.09 33.20
C3 PGT S . -30.41 -34.00 25.67
O3 PGT S . -29.18 -33.82 24.96
C11 PGT S . -29.25 -33.40 23.57
O11 PGT S . -29.38 -34.28 22.75
C12 PGT S . -28.38 -32.16 23.17
C13 PGT S . -28.84 -31.60 21.76
C14 PGT S . -27.86 -32.15 20.67
C15 PGT S . -27.36 -30.96 19.78
C16 PGT S . -28.38 -30.65 18.71
C17 PGT S . -28.89 -29.19 18.88
C18 PGT S . -30.35 -29.08 18.38
C19 PGT S . -30.41 -29.07 16.79
C20 PGT S . -31.08 -27.76 16.31
C21 PGT S . -31.38 -27.85 14.77
C22 PGT S . -32.21 -26.60 14.31
C23 PGT S . -32.19 -26.50 12.74
C24 PGT S . -33.29 -27.41 12.08
C25 PGT S . -33.46 -27.11 10.58
C26 PGT S . -34.35 -25.83 10.39
CU CU T . -1.17 23.78 8.17
C48 PGT U . 10.44 42.30 36.59
C47 PGT U . 9.47 41.15 36.26
C46 PGT U . 10.24 39.79 36.21
C45 PGT U . 9.24 38.58 36.01
C44 PGT U . 9.74 37.34 36.72
C43 PGT U . 8.78 36.16 36.45
C42 PGT U . 9.42 35.14 35.46
C41 PGT U . 8.55 33.86 35.33
C40 PGT U . 9.30 32.57 35.87
C39 PGT U . 8.34 31.36 36.07
C38 PGT U . 8.19 30.96 37.57
C37 PGT U . 7.04 29.91 37.78
C36 PGT U . 6.09 30.27 38.96
C35 PGT U . 4.75 29.42 38.96
C34 PGT U . 4.17 29.21 40.42
C33 PGT U . 2.91 28.28 40.46
C32 PGT U . 2.16 28.34 41.84
C31 PGT U . 1.61 26.97 42.33
O31 PGT U . 2.23 25.94 42.04
O2 PGT U . 0.21 26.79 42.61
C2 PGT U . -0.34 27.25 43.82
C1 PGT U . -0.35 26.20 44.95
O3P PGT U . 0.93 25.99 45.55
P PGT U . 1.15 25.06 46.86
O1P PGT U . -0.16 24.32 47.14
O2P PGT U . 2.27 24.04 46.77
O4P PGT U . 1.57 26.15 47.97
C4 PGT U . 1.11 26.10 49.33
C5 PGT U . 0.34 27.38 49.66
O5 PGT U . 1.14 28.49 49.46
C6 PGT U . -0.13 27.34 51.12
O6 PGT U . -1.22 26.40 51.30
C3 PGT U . -1.77 27.54 43.44
O3 PGT U . -2.08 26.68 42.36
C11 PGT U . -3.30 26.90 41.65
O11 PGT U . -4.33 26.39 42.06
C12 PGT U . -3.20 27.29 40.13
C13 PGT U . -4.07 26.35 39.19
C14 PGT U . -4.08 26.97 37.75
C15 PGT U . -2.61 27.03 37.17
C16 PGT U . -2.54 28.15 36.15
C17 PGT U . -1.13 28.20 35.48
C18 PGT U . -0.89 29.55 34.71
C19 PGT U . -1.93 29.80 33.52
C20 PGT U . -1.41 30.84 32.48
C21 PGT U . -0.57 30.15 31.32
C22 PGT U . 0.30 31.14 30.49
C23 PGT U . -0.59 32.02 29.50
C24 PGT U . -1.12 33.33 30.17
C25 PGT U . -1.16 34.49 29.16
C26 PGT U . 0.31 35.00 28.97
C48 PGT V . 13.02 23.37 20.30
C47 PGT V . 12.32 22.08 20.81
C46 PGT V . 12.17 22.08 22.39
C45 PGT V . 11.82 20.66 23.02
C44 PGT V . 11.98 20.72 24.53
C43 PGT V . 11.09 19.68 25.25
C42 PGT V . 11.67 19.31 26.65
C41 PGT V . 10.69 18.38 27.42
C40 PGT V . 11.21 16.89 27.49
C39 PGT V . 10.02 15.95 27.83
C38 PGT V . 10.15 15.37 29.28
C37 PGT V . 9.23 16.12 30.30
C36 PGT V . 8.78 15.27 31.52
C35 PGT V . 9.99 14.52 32.19
C34 PGT V . 9.53 13.68 33.45
C33 PGT V . 9.73 14.53 34.72
C32 PGT V . 11.23 14.56 35.14
C31 PGT V . 11.32 14.17 36.62
O31 PGT V . 10.99 13.02 36.96
O2 PGT V . 11.54 15.19 37.62
C2 PGT V . 12.71 15.03 38.36
C1 PGT V . 12.47 13.98 39.43
O3P PGT V . 13.61 13.88 40.24
P PGT V . 13.82 12.58 41.13
O1P PGT V . 13.82 11.37 40.23
O2P PGT V . 15.10 12.72 41.89
O4P PGT V . 12.62 12.41 42.19
C4 PGT V . 12.37 11.10 42.71
C5 PGT V . 11.03 10.66 42.15
O5 PGT V . 10.05 11.41 42.80
C6 PGT V . 10.80 9.16 42.35
O6 PGT V . 11.34 8.45 41.23
C3 PGT V . 13.10 16.33 39.08
O3 PGT V . 14.25 16.99 38.58
C11 PGT V . 13.95 18.00 37.61
O11 PGT V . 13.76 17.66 36.45
C12 PGT V . 13.81 19.52 37.99
C13 PGT V . 12.90 20.33 36.97
C14 PGT V . 13.74 21.11 35.90
C15 PGT V . 14.10 20.22 34.64
C16 PGT V . 13.12 20.36 33.48
C17 PGT V . 12.82 19.00 32.76
C18 PGT V . 11.33 18.92 32.36
C19 PGT V . 11.09 19.65 30.97
C20 PGT V . 10.16 20.88 31.13
C21 PGT V . 10.44 21.98 30.03
C22 PGT V . 9.16 22.27 29.18
C23 PGT V . 9.47 23.28 27.98
C24 PGT V . 8.21 23.48 27.07
C25 PGT V . 8.34 24.70 26.12
C26 PGT V . 8.15 24.29 24.61
#